data_6X97
#
_entry.id   6X97
#
loop_
_entity.id
_entity.type
_entity.pdbx_description
1 polymer 'BG505 HIV-1 Env gp120'
2 polymer 'BG505 HIV-1 Env gp41'
3 polymer 'monoclonal antibody 11A fragment antigen binding heavy chain'
4 polymer 'monoclonal antibody 11A kappa chain'
5 branched 2-acetamido-2-deoxy-beta-D-glucopyranose-(1-4)-2-acetamido-2-deoxy-beta-D-glucopyranose
6 branched beta-D-mannopyranose-(1-4)-2-acetamido-2-deoxy-beta-D-glucopyranose-(1-4)-2-acetamido-2-deoxy-beta-D-glucopyranose
7 non-polymer 2-acetamido-2-deoxy-beta-D-glucopyranose
#
loop_
_entity_poly.entity_id
_entity_poly.type
_entity_poly.pdbx_seq_one_letter_code
_entity_poly.pdbx_strand_id
1 'polypeptide(L)'
;MDAMKRGLCCVLLLCGAVFVSPSQEIHARFRRGARAENLWVTVYYGVPVWKDAETTLFCASDAKAYETEKHNVWATHACV
PTDPNPQEIHLENVTEEFNMWKNNMVEQMHTDIISLWDQSLKPCVKLTPLCVTLQCTNVTNNITDDMRGELKNCSFNMTT
ELRDKKQKVYSLFYRLDVVQINENQGNRSNNSNKEYRLINCNTSAITQACPKVSFEPIPIHYCAPAGFAILKCKDKKFNG
TGPCPSVSTVQCTHGIKPVVSTQLLLNGSLAEEEVMIRSENITNNAKNILVQFNTPVQINCTRPNNNTRKSIRIGPGQAF
YATGDIIGDIRQAHCNVSKATWNETLGKVVKQLRKHFGNNTIIRFANSSGGDLEVTTHSFNCGGEFFYCNTSGLFNSTWI
SNTSVQGSNSTGSNDSITLPCRIKQIINMWQRIGQAMYAPPIQGVIRCVSNITGLILTRDGGSTNSTTETFRPGGGDMRD
NWRSELYKYKVVKIEPLGVAPTRCKRRVVGRRRRRR
;
A,C,G
2 'polypeptide(L)'
;AVGIGAVFLGFLGAAGSTMGAASMTLTVQARNLLSGIVQQQSNLLRAPEAQQHLLKLTVWGIKQLQARVLAVERYLRDQQ
LLGIWGCSGKLICCTNVPWNSSWSNRNLSEIWDNMTWLQWDKEISNYTQIIYGLLEESQNQQEKNEQDLLALD
;
B,D,I
3 'polypeptide(L)'
;MYRMQLLSCIALSLALVTNSQLVESGGGLVKPGTSLSLTCKASGFDFSDNYYICWVRQAPGKGLEWIGCIFTQNVRTYYA
NWAKGRFTISKTSSTTVTLQMTSLTVADTATYFCARFSDTGPDYGLGNLWGPGSLVTVSSGQPKAPSVFPLAPCCGDTPS
STVTLGCLVKGYLPEPVTVTWNSGTLTNGVRTFPSVRQSSGLYSLSSVVSVTSSSQPVTCNVAHPATNTKVDKTVAPSTC
SKPTC
;
H,E,J
4 'polypeptide(L)'
;MYRMQLLSCIALSLALVTNSDIVMTQTPASVEAAVGGTVTIKCQASQRIGSHVSWYQQKPGQRPKLLIYGASNLESGVPS
RFSGSGSGTQFTLTISDLECADAATYYCQATYDPYTGGSYGAGFGGGTAVVVKGDPVAPSVLIFPPAADQVATGTVTIVC
VANKYFPDVTVTWEVDGTTQTTGIENSKTPQNSADCTYNLSSTLTLTSTQYNSHKEYTCKVTQGTTSVVQSFNRGDC
;
L,F,K
#
loop_
_chem_comp.id
_chem_comp.type
_chem_comp.name
_chem_comp.formula
BMA D-saccharide, beta linking beta-D-mannopyranose 'C6 H12 O6'
NAG D-saccharide, beta linking 2-acetamido-2-deoxy-beta-D-glucopyranose 'C8 H15 N O6'
#
# COMPACT_ATOMS: atom_id res chain seq x y z
N LEU A 39 2.39 21.66 -42.00
CA LEU A 39 3.03 21.48 -40.71
C LEU A 39 2.68 20.10 -40.19
N TRP A 40 3.42 19.64 -39.16
CA TRP A 40 3.34 18.30 -38.54
C TRP A 40 3.20 18.37 -37.04
N VAL A 41 2.63 17.31 -36.47
CA VAL A 41 2.49 17.21 -35.04
C VAL A 41 3.83 16.88 -34.39
N THR A 42 4.20 17.70 -33.41
CA THR A 42 5.38 17.45 -32.61
C THR A 42 4.96 17.34 -31.16
N VAL A 43 5.43 16.28 -30.55
CA VAL A 43 5.12 15.94 -29.18
C VAL A 43 6.18 16.50 -28.26
N TYR A 44 5.73 17.16 -27.20
CA TYR A 44 6.65 17.72 -26.23
C TYR A 44 6.38 17.18 -24.84
N TYR A 45 7.44 16.79 -24.16
CA TYR A 45 7.31 16.25 -22.82
C TYR A 45 8.04 17.05 -21.79
N GLY A 46 7.32 17.41 -20.73
CA GLY A 46 7.85 18.23 -19.68
C GLY A 46 7.32 19.64 -19.87
N VAL A 47 6.18 19.77 -20.52
CA VAL A 47 5.64 21.09 -20.76
C VAL A 47 5.10 21.65 -19.44
N PRO A 48 5.27 22.93 -19.15
CA PRO A 48 4.84 23.60 -17.94
C PRO A 48 3.36 23.91 -17.89
N VAL A 49 2.56 22.87 -17.86
CA VAL A 49 1.11 23.00 -17.87
C VAL A 49 0.46 22.37 -16.66
N TRP A 50 -0.49 23.08 -16.06
CA TRP A 50 -1.19 22.55 -14.91
C TRP A 50 -2.68 22.78 -14.99
N LYS A 51 -3.39 21.90 -14.29
CA LYS A 51 -4.85 21.94 -14.19
C LYS A 51 -5.29 21.73 -12.74
N ASP A 52 -6.48 22.18 -12.38
CA ASP A 52 -6.94 22.00 -11.00
C ASP A 52 -7.04 20.52 -10.62
N ALA A 53 -6.67 20.19 -9.38
CA ALA A 53 -6.74 18.79 -8.97
C ALA A 53 -6.97 18.55 -7.50
N GLU A 54 -7.51 17.39 -7.17
CA GLU A 54 -7.66 17.02 -5.78
C GLU A 54 -6.93 15.71 -5.50
N THR A 55 -5.97 15.76 -4.61
CA THR A 55 -5.16 14.61 -4.24
C THR A 55 -5.10 14.64 -2.76
N THR A 56 -4.61 13.58 -2.15
CA THR A 56 -4.36 13.67 -0.75
C THR A 56 -3.04 14.35 -0.60
N LEU A 57 -2.79 14.94 0.56
CA LEU A 57 -1.50 15.55 0.83
C LEU A 57 -0.72 14.84 1.94
N PHE A 58 0.59 14.92 1.83
CA PHE A 58 1.53 14.37 2.81
C PHE A 58 1.69 15.30 3.98
N CYS A 59 1.94 14.75 5.20
CA CYS A 59 2.34 15.54 6.37
C CYS A 59 3.85 15.57 6.46
N ALA A 60 4.36 16.77 6.66
CA ALA A 60 5.76 16.99 6.89
C ALA A 60 5.91 17.83 8.16
N SER A 61 7.03 17.63 8.91
CA SER A 61 7.35 18.34 10.17
C SER A 61 8.75 17.96 10.68
N HIS A 71 5.26 13.11 23.62
CA HIS A 71 4.53 12.87 22.39
C HIS A 71 3.28 13.79 22.36
N ASN A 72 2.99 14.40 21.18
CA ASN A 72 1.83 15.28 20.92
C ASN A 72 0.72 14.63 20.10
N VAL A 73 -0.51 14.90 20.54
CA VAL A 73 -1.75 14.32 20.00
C VAL A 73 -1.93 14.52 18.50
N TRP A 74 -1.45 15.64 17.95
CA TRP A 74 -1.56 15.94 16.54
C TRP A 74 -0.25 15.85 15.84
N ALA A 75 0.84 16.14 16.55
CA ALA A 75 2.13 16.17 15.89
C ALA A 75 2.38 14.82 15.29
N THR A 76 1.92 13.76 15.98
CA THR A 76 1.97 12.36 15.55
C THR A 76 3.38 11.75 15.65
N HIS A 77 4.36 12.51 15.15
CA HIS A 77 5.77 12.15 15.10
C HIS A 77 5.99 11.01 14.14
N ALA A 78 5.22 11.04 13.05
CA ALA A 78 5.34 10.10 11.92
C ALA A 78 5.19 10.84 10.57
N CYS A 79 5.65 12.10 10.50
CA CYS A 79 5.61 13.00 9.35
C CYS A 79 6.98 13.00 8.70
N VAL A 80 7.00 13.35 7.44
CA VAL A 80 8.22 13.43 6.68
C VAL A 80 9.00 14.64 7.18
N PRO A 81 10.28 14.56 7.52
CA PRO A 81 11.02 15.71 7.94
C PRO A 81 10.94 16.76 6.84
N THR A 82 10.80 18.02 7.22
CA THR A 82 10.71 19.07 6.21
C THR A 82 12.04 19.37 5.59
N ASP A 83 11.97 20.07 4.47
CA ASP A 83 13.13 20.57 3.77
C ASP A 83 13.65 21.79 4.51
N PRO A 84 14.89 21.80 5.06
CA PRO A 84 15.45 22.92 5.78
C PRO A 84 15.66 24.14 4.88
N ASN A 85 15.69 23.92 3.56
CA ASN A 85 15.89 25.01 2.63
C ASN A 85 14.90 24.89 1.47
N PRO A 86 13.59 25.06 1.72
CA PRO A 86 12.52 24.81 0.79
C PRO A 86 12.58 25.84 -0.31
N GLN A 87 12.13 25.46 -1.48
CA GLN A 87 12.13 26.40 -2.58
C GLN A 87 10.78 27.00 -2.81
N GLU A 88 10.81 28.22 -3.34
CA GLU A 88 9.63 28.93 -3.77
C GLU A 88 9.96 29.51 -5.13
N ILE A 89 9.16 29.17 -6.11
CA ILE A 89 9.44 29.60 -7.45
C ILE A 89 8.43 30.57 -7.99
N HIS A 90 8.87 31.77 -8.25
CA HIS A 90 7.95 32.79 -8.73
C HIS A 90 7.54 32.58 -10.16
N LEU A 91 6.25 32.80 -10.46
CA LEU A 91 5.80 32.67 -11.84
C LEU A 91 5.45 34.02 -12.47
N GLU A 92 6.34 34.52 -13.29
CA GLU A 92 6.17 35.80 -13.92
C GLU A 92 5.03 35.72 -14.93
N ASN A 93 4.22 36.78 -15.05
CA ASN A 93 3.10 36.93 -16.00
C ASN A 93 1.98 35.86 -15.81
N VAL A 94 1.91 35.16 -14.64
CA VAL A 94 0.86 34.17 -14.34
C VAL A 94 -0.21 34.71 -13.43
N THR A 95 -1.42 34.67 -13.93
CA THR A 95 -2.58 35.07 -13.17
C THR A 95 -3.35 33.80 -12.97
N GLU A 96 -3.77 33.53 -11.75
CA GLU A 96 -4.50 32.30 -11.50
C GLU A 96 -5.62 32.54 -10.52
N GLU A 97 -6.68 31.75 -10.63
CA GLU A 97 -7.87 31.87 -9.80
C GLU A 97 -7.94 30.93 -8.62
N PHE A 98 -8.16 31.53 -7.46
CA PHE A 98 -8.25 30.85 -6.18
C PHE A 98 -9.63 31.04 -5.57
N ASN A 99 -10.07 30.08 -4.75
CA ASN A 99 -11.35 30.20 -4.06
C ASN A 99 -11.27 29.51 -2.70
N MET A 100 -11.14 30.29 -1.65
CA MET A 100 -10.93 29.74 -0.32
C MET A 100 -12.13 29.02 0.24
N TRP A 101 -13.30 29.23 -0.35
CA TRP A 101 -14.51 28.65 0.19
C TRP A 101 -14.77 27.28 -0.41
N LYS A 102 -14.01 26.93 -1.44
CA LYS A 102 -14.23 25.68 -2.17
C LYS A 102 -12.94 24.88 -2.20
N ASN A 103 -12.04 25.24 -1.31
CA ASN A 103 -10.71 24.68 -1.22
C ASN A 103 -10.69 23.37 -0.45
N ASN A 104 -10.41 22.26 -1.13
CA ASN A 104 -10.49 20.95 -0.50
C ASN A 104 -9.36 20.67 0.48
N MET A 105 -8.41 21.58 0.58
CA MET A 105 -7.34 21.42 1.53
C MET A 105 -7.91 21.61 2.92
N VAL A 106 -9.03 22.35 3.00
CA VAL A 106 -9.67 22.65 4.26
C VAL A 106 -10.31 21.37 4.74
N GLU A 107 -10.96 20.67 3.83
CA GLU A 107 -11.62 19.43 4.16
C GLU A 107 -10.60 18.39 4.58
N GLN A 108 -9.42 18.35 3.95
CA GLN A 108 -8.46 17.37 4.40
C GLN A 108 -7.92 17.71 5.77
N MET A 109 -7.70 18.99 6.06
CA MET A 109 -7.20 19.29 7.38
C MET A 109 -8.19 18.85 8.43
N HIS A 110 -9.46 19.09 8.15
CA HIS A 110 -10.51 18.75 9.08
C HIS A 110 -10.60 17.25 9.28
N THR A 111 -10.61 16.50 8.20
CA THR A 111 -10.74 15.07 8.33
C THR A 111 -9.54 14.48 9.04
N ASP A 112 -8.32 14.92 8.71
CA ASP A 112 -7.19 14.30 9.34
C ASP A 112 -7.10 14.66 10.80
N ILE A 113 -7.42 15.89 11.18
CA ILE A 113 -7.24 16.22 12.57
C ILE A 113 -8.23 15.45 13.42
N ILE A 114 -9.44 15.22 12.91
CA ILE A 114 -10.40 14.45 13.67
C ILE A 114 -9.94 13.02 13.79
N SER A 115 -9.45 12.43 12.69
CA SER A 115 -9.00 11.06 12.76
C SER A 115 -7.86 10.92 13.73
N LEU A 116 -6.94 11.88 13.77
CA LEU A 116 -5.83 11.82 14.69
C LEU A 116 -6.30 11.94 16.11
N TRP A 117 -7.26 12.81 16.36
CA TRP A 117 -7.76 12.98 17.71
C TRP A 117 -8.13 11.62 18.27
N ASP A 118 -8.88 10.86 17.49
CA ASP A 118 -9.24 9.54 17.98
C ASP A 118 -8.10 8.54 17.94
N GLN A 119 -7.25 8.55 16.93
CA GLN A 119 -6.22 7.54 16.92
C GLN A 119 -5.30 7.70 18.13
N SER A 120 -5.04 8.94 18.51
CA SER A 120 -4.19 9.27 19.65
C SER A 120 -4.86 9.06 21.01
N LEU A 121 -6.16 9.40 21.16
CA LEU A 121 -6.78 9.25 22.46
C LEU A 121 -7.57 7.97 22.66
N LYS A 122 -7.84 7.22 21.61
CA LYS A 122 -8.55 5.96 21.76
C LYS A 122 -7.93 4.99 22.77
N PRO A 123 -6.62 4.64 22.73
CA PRO A 123 -6.01 3.68 23.64
C PRO A 123 -5.69 4.27 25.02
N CYS A 124 -6.74 4.67 25.76
CA CYS A 124 -6.69 5.33 27.07
C CYS A 124 -7.75 4.74 27.99
N VAL A 125 -7.66 5.08 29.27
CA VAL A 125 -8.58 4.60 30.29
C VAL A 125 -9.99 5.14 30.16
N LYS A 126 -10.95 4.24 30.21
CA LYS A 126 -12.35 4.61 30.13
C LYS A 126 -12.84 4.99 31.50
N LEU A 127 -13.77 5.91 31.58
CA LEU A 127 -14.30 6.32 32.86
C LEU A 127 -15.71 5.86 33.14
N THR A 128 -16.18 4.84 32.44
CA THR A 128 -17.52 4.33 32.65
C THR A 128 -17.91 4.19 34.12
N PRO A 129 -17.06 3.65 35.03
CA PRO A 129 -17.35 3.46 36.44
C PRO A 129 -17.72 4.75 37.18
N LEU A 130 -17.44 5.92 36.62
CA LEU A 130 -17.81 7.15 37.31
C LEU A 130 -19.27 7.58 37.10
N CYS A 131 -20.05 6.89 36.23
CA CYS A 131 -21.46 7.17 35.97
C CYS A 131 -22.30 6.50 37.05
N VAL A 132 -22.12 7.04 38.24
CA VAL A 132 -22.71 6.54 39.46
C VAL A 132 -23.36 7.70 40.16
N THR A 133 -24.40 7.44 40.92
CA THR A 133 -24.97 8.56 41.64
C THR A 133 -23.90 9.14 42.54
N LEU A 134 -23.69 10.45 42.49
CA LEU A 134 -22.72 11.11 43.33
C LEU A 134 -23.43 11.81 44.46
N GLN A 135 -22.84 11.82 45.65
CA GLN A 135 -23.40 12.64 46.72
C GLN A 135 -22.52 13.85 46.62
N CYS A 136 -23.04 15.12 46.58
CA CYS A 136 -22.14 16.25 46.32
C CYS A 136 -22.67 17.57 46.87
N THR A 137 -21.78 18.32 47.52
CA THR A 137 -22.09 19.63 48.11
C THR A 137 -21.09 20.71 47.65
N ASN A 138 -21.42 22.01 47.83
CA ASN A 138 -20.61 23.17 47.43
C ASN A 138 -19.28 23.28 48.21
N VAL A 139 -18.21 23.76 47.51
CA VAL A 139 -16.91 24.08 48.11
C VAL A 139 -17.00 25.49 48.63
N THR A 140 -16.88 25.65 49.94
CA THR A 140 -17.00 26.95 50.56
C THR A 140 -15.82 27.34 51.45
N ASN A 141 -14.85 26.46 51.64
CA ASN A 141 -13.80 26.68 52.64
C ASN A 141 -12.92 27.91 52.49
N ASN A 142 -12.60 28.30 51.28
CA ASN A 142 -11.75 29.46 51.08
C ASN A 142 -11.96 30.04 49.70
N ILE A 143 -13.10 30.66 49.48
CA ILE A 143 -13.43 31.09 48.14
C ILE A 143 -13.79 32.55 48.07
N THR A 144 -13.66 33.13 46.88
CA THR A 144 -14.15 34.48 46.68
C THR A 144 -15.60 34.45 46.23
N ASP A 145 -16.22 35.62 46.15
CA ASP A 145 -17.63 35.71 45.77
C ASP A 145 -17.92 35.24 44.37
N ASP A 146 -16.99 35.47 43.48
CA ASP A 146 -17.12 35.14 42.07
C ASP A 146 -17.16 33.64 41.84
N MET A 147 -16.67 32.87 42.82
CA MET A 147 -16.60 31.44 42.75
C MET A 147 -17.67 30.73 43.56
N ARG A 148 -18.66 31.45 44.08
CA ARG A 148 -19.64 30.73 44.86
C ARG A 148 -20.48 29.90 43.95
N GLY A 149 -20.56 28.62 44.25
CA GLY A 149 -21.33 27.68 43.47
C GLY A 149 -20.57 27.15 42.24
N GLU A 150 -19.34 27.61 42.03
CA GLU A 150 -18.56 27.20 40.87
C GLU A 150 -17.98 25.80 41.02
N LEU A 151 -17.57 25.44 42.24
CA LEU A 151 -16.97 24.14 42.47
C LEU A 151 -17.78 23.36 43.46
N LYS A 152 -17.84 22.04 43.25
CA LYS A 152 -18.52 21.17 44.20
C LYS A 152 -17.64 19.98 44.60
N ASN A 153 -17.73 19.57 45.87
CA ASN A 153 -17.02 18.44 46.48
C ASN A 153 -17.92 17.21 46.47
N CYS A 154 -17.68 16.29 45.50
CA CYS A 154 -18.48 15.11 45.26
C CYS A 154 -17.76 13.89 45.79
N SER A 155 -18.55 12.94 46.29
CA SER A 155 -17.98 11.69 46.75
C SER A 155 -18.86 10.54 46.31
N PHE A 156 -18.22 9.42 46.09
CA PHE A 156 -18.91 8.26 45.56
C PHE A 156 -18.26 6.91 45.86
N ASN A 157 -19.05 5.83 45.70
CA ASN A 157 -18.65 4.44 45.84
C ASN A 157 -18.16 3.90 44.49
N MET A 158 -16.84 3.61 44.36
CA MET A 158 -16.19 3.15 43.10
C MET A 158 -15.40 1.87 43.25
N THR A 159 -15.31 1.11 42.16
CA THR A 159 -14.56 -0.13 42.06
C THR A 159 -13.08 0.03 42.38
N THR A 160 -12.54 -0.90 43.14
CA THR A 160 -11.12 -0.94 43.50
C THR A 160 -10.41 -1.95 42.63
N GLU A 161 -9.12 -2.18 42.89
CA GLU A 161 -8.35 -3.13 42.09
C GLU A 161 -9.06 -4.48 42.08
N LEU A 162 -9.70 -4.84 43.18
CA LEU A 162 -10.43 -6.08 43.22
C LEU A 162 -11.88 -5.75 42.91
N ARG A 163 -12.52 -6.61 42.13
CA ARG A 163 -13.91 -6.35 41.79
C ARG A 163 -14.89 -6.58 42.91
N ASP A 164 -14.50 -7.28 43.96
CA ASP A 164 -15.40 -7.48 45.08
C ASP A 164 -15.27 -6.40 46.14
N LYS A 165 -14.45 -5.37 45.89
CA LYS A 165 -14.31 -4.31 46.87
C LYS A 165 -14.55 -2.94 46.28
N LYS A 166 -15.11 -2.07 47.11
CA LYS A 166 -15.38 -0.68 46.75
C LYS A 166 -14.57 0.26 47.61
N GLN A 167 -14.34 1.45 47.11
CA GLN A 167 -13.67 2.49 47.84
C GLN A 167 -14.49 3.76 47.80
N LYS A 168 -14.40 4.55 48.86
CA LYS A 168 -15.09 5.82 48.89
C LYS A 168 -14.08 6.90 48.56
N VAL A 169 -14.33 7.59 47.48
CA VAL A 169 -13.39 8.60 47.02
C VAL A 169 -14.07 9.90 46.77
N TYR A 170 -13.30 10.97 46.62
CA TYR A 170 -13.90 12.25 46.30
C TYR A 170 -13.08 12.98 45.26
N SER A 171 -13.73 13.92 44.60
CA SER A 171 -13.12 14.78 43.60
C SER A 171 -13.87 16.10 43.56
N LEU A 172 -13.16 17.19 43.27
CA LEU A 172 -13.83 18.47 43.14
C LEU A 172 -14.14 18.69 41.67
N PHE A 173 -15.40 18.89 41.36
CA PHE A 173 -15.86 19.07 40.00
C PHE A 173 -16.30 20.48 39.74
N TYR A 174 -16.15 20.90 38.52
CA TYR A 174 -16.63 22.20 38.12
C TYR A 174 -18.12 22.09 37.92
N ARG A 175 -18.86 23.12 38.23
CA ARG A 175 -20.30 23.12 38.06
C ARG A 175 -20.75 22.71 36.69
N LEU A 176 -19.99 23.07 35.66
CA LEU A 176 -20.36 22.80 34.29
C LEU A 176 -20.30 21.34 33.89
N ASP A 177 -19.74 20.47 34.75
CA ASP A 177 -19.65 19.05 34.48
C ASP A 177 -20.68 18.17 35.20
N VAL A 178 -21.60 18.76 35.99
CA VAL A 178 -22.58 17.89 36.67
C VAL A 178 -24.03 18.30 36.45
N VAL A 179 -24.93 17.34 36.66
CA VAL A 179 -26.37 17.55 36.55
C VAL A 179 -27.06 17.21 37.84
N GLN A 180 -27.89 18.10 38.34
CA GLN A 180 -28.59 17.74 39.56
C GLN A 180 -29.73 16.78 39.18
N ILE A 181 -29.87 15.66 39.92
CA ILE A 181 -30.90 14.63 39.72
C ILE A 181 -32.16 15.11 40.44
N LYS A 194 -29.00 16.72 46.90
CA LYS A 194 -27.55 16.52 46.91
C LYS A 194 -27.05 15.40 45.96
N GLU A 195 -27.94 14.81 45.11
CA GLU A 195 -27.59 13.73 44.16
C GLU A 195 -27.33 14.24 42.76
N TYR A 196 -26.14 13.93 42.25
CA TYR A 196 -25.68 14.38 40.95
C TYR A 196 -25.21 13.29 40.01
N ARG A 197 -25.36 13.56 38.72
CA ARG A 197 -24.87 12.73 37.65
C ARG A 197 -23.83 13.47 36.86
N LEU A 198 -22.87 12.77 36.27
CA LEU A 198 -21.95 13.51 35.41
C LEU A 198 -22.61 13.80 34.08
N ILE A 199 -22.23 14.93 33.50
CA ILE A 199 -22.75 15.26 32.19
C ILE A 199 -22.28 14.27 31.19
N ASN A 200 -23.21 13.91 30.34
CA ASN A 200 -23.14 12.91 29.29
C ASN A 200 -23.20 11.44 29.70
N CYS A 201 -23.46 11.07 30.98
CA CYS A 201 -23.64 9.64 31.34
C CYS A 201 -24.97 9.11 30.79
N ASN A 202 -25.82 10.01 30.37
CA ASN A 202 -27.07 9.65 29.72
C ASN A 202 -27.01 9.77 28.18
N THR A 203 -25.85 10.19 27.58
CA THR A 203 -25.67 10.49 26.15
C THR A 203 -24.54 9.72 25.47
N SER A 204 -23.36 9.69 26.09
CA SER A 204 -22.16 9.12 25.48
C SER A 204 -21.16 8.52 26.46
N ALA A 205 -20.30 7.65 25.97
CA ALA A 205 -19.25 7.11 26.83
C ALA A 205 -18.19 8.18 27.06
N ILE A 206 -17.63 8.21 28.26
CA ILE A 206 -16.58 9.17 28.58
C ILE A 206 -15.23 8.48 28.74
N THR A 207 -14.23 8.90 27.96
CA THR A 207 -12.88 8.32 28.05
C THR A 207 -11.92 9.40 28.49
N GLN A 208 -11.05 9.16 29.48
CA GLN A 208 -10.15 10.25 29.83
C GLN A 208 -9.03 10.29 28.85
N ALA A 209 -8.49 11.47 28.62
CA ALA A 209 -7.32 11.57 27.79
C ALA A 209 -6.14 11.03 28.58
N CYS A 210 -5.17 10.39 27.89
CA CYS A 210 -3.91 9.93 28.47
C CYS A 210 -3.09 11.15 28.93
N PRO A 211 -2.62 11.17 30.19
CA PRO A 211 -1.93 12.28 30.85
C PRO A 211 -0.59 12.64 30.23
N LYS A 212 -0.03 11.75 29.43
CA LYS A 212 1.26 12.00 28.81
C LYS A 212 1.13 12.64 27.44
N VAL A 213 -0.09 12.80 26.96
CA VAL A 213 -0.30 13.34 25.63
C VAL A 213 -0.42 14.85 25.64
N SER A 214 0.41 15.51 24.85
CA SER A 214 0.35 16.96 24.78
C SER A 214 -0.69 17.45 23.78
N PHE A 215 -1.35 18.55 24.11
CA PHE A 215 -2.33 19.16 23.22
C PHE A 215 -1.82 20.43 22.56
N GLU A 216 -0.52 20.66 22.66
CA GLU A 216 0.09 21.84 22.06
C GLU A 216 -0.14 21.82 20.54
N PRO A 217 -0.56 22.92 19.93
CA PRO A 217 -0.79 23.05 18.51
C PRO A 217 0.49 23.20 17.72
N ILE A 218 1.26 22.13 17.66
CA ILE A 218 2.52 22.06 16.93
C ILE A 218 2.20 22.09 15.44
N PRO A 219 2.80 22.98 14.64
CA PRO A 219 2.51 23.15 13.24
C PRO A 219 2.92 22.01 12.37
N ILE A 220 2.17 21.83 11.31
CA ILE A 220 2.47 20.84 10.30
C ILE A 220 2.49 21.49 8.93
N HIS A 221 3.12 20.83 7.97
CA HIS A 221 3.16 21.33 6.61
C HIS A 221 2.49 20.32 5.71
N TYR A 222 1.75 20.76 4.70
CA TYR A 222 1.19 19.81 3.76
C TYR A 222 2.05 19.82 2.52
N CYS A 223 2.34 18.64 1.93
CA CYS A 223 3.19 18.52 0.74
C CYS A 223 2.49 17.73 -0.37
N ALA A 224 2.60 18.22 -1.59
CA ALA A 224 2.02 17.52 -2.72
C ALA A 224 2.90 16.31 -3.09
N PRO A 225 2.34 15.21 -3.63
CA PRO A 225 3.04 14.07 -4.21
C PRO A 225 3.75 14.48 -5.48
N ALA A 226 4.77 13.74 -5.89
CA ALA A 226 5.42 14.09 -7.16
C ALA A 226 4.37 14.00 -8.25
N GLY A 227 4.46 14.89 -9.23
CA GLY A 227 3.46 14.95 -10.30
C GLY A 227 2.42 16.03 -10.01
N PHE A 228 2.46 16.57 -8.79
CA PHE A 228 1.57 17.60 -8.31
C PHE A 228 2.33 18.75 -7.67
N ALA A 229 1.68 19.89 -7.57
CA ALA A 229 2.29 21.06 -6.96
C ALA A 229 1.26 21.91 -6.28
N ILE A 230 1.70 22.77 -5.36
CA ILE A 230 0.78 23.64 -4.71
C ILE A 230 1.07 25.08 -5.12
N LEU A 231 0.05 25.78 -5.57
CA LEU A 231 0.28 27.15 -5.95
C LEU A 231 -0.13 28.05 -4.81
N LYS A 232 0.70 29.05 -4.57
CA LYS A 232 0.46 30.00 -3.51
C LYS A 232 0.15 31.37 -4.09
N CYS A 233 -0.90 32.06 -3.57
CA CYS A 233 -1.28 33.40 -4.01
C CYS A 233 -0.62 34.44 -3.11
N LYS A 234 0.45 35.02 -3.62
CA LYS A 234 1.24 35.97 -2.89
C LYS A 234 0.73 37.33 -3.21
N ASP A 235 -0.45 37.64 -2.74
CA ASP A 235 -1.02 38.89 -3.15
C ASP A 235 -1.67 39.61 -2.00
N LYS A 236 -1.13 40.77 -1.69
CA LYS A 236 -1.61 41.53 -0.57
C LYS A 236 -2.93 42.05 -1.01
N LYS A 237 -3.85 42.18 -0.08
CA LYS A 237 -5.19 42.66 -0.36
C LYS A 237 -6.02 41.71 -1.20
N PHE A 238 -5.58 40.47 -1.35
CA PHE A 238 -6.40 39.48 -2.01
C PHE A 238 -7.48 38.96 -1.06
N ASN A 239 -8.78 39.03 -1.50
CA ASN A 239 -9.92 38.56 -0.73
C ASN A 239 -10.10 37.05 -0.97
N GLY A 240 -11.19 36.43 -0.50
CA GLY A 240 -11.38 34.98 -0.57
C GLY A 240 -11.41 34.37 -1.98
N THR A 241 -11.89 35.12 -2.96
CA THR A 241 -11.98 34.56 -4.30
C THR A 241 -11.48 35.44 -5.42
N GLY A 242 -11.23 34.78 -6.54
CA GLY A 242 -10.92 35.46 -7.78
C GLY A 242 -9.47 35.30 -8.17
N PRO A 243 -9.09 35.85 -9.31
CA PRO A 243 -7.77 35.81 -9.87
C PRO A 243 -6.85 36.69 -9.08
N CYS A 244 -5.55 36.36 -9.04
CA CYS A 244 -4.51 37.21 -8.49
C CYS A 244 -3.33 37.09 -9.45
N PRO A 245 -2.60 38.20 -9.70
CA PRO A 245 -1.46 38.30 -10.58
C PRO A 245 -0.13 37.90 -9.98
N SER A 246 -0.14 37.40 -8.76
CA SER A 246 1.09 37.05 -8.11
C SER A 246 1.02 35.66 -7.55
N VAL A 247 1.67 34.74 -8.23
CA VAL A 247 1.60 33.35 -7.89
C VAL A 247 2.98 32.75 -7.86
N SER A 248 3.20 31.85 -6.93
CA SER A 248 4.45 31.12 -6.88
C SER A 248 4.18 29.65 -6.63
N THR A 249 5.11 28.82 -7.03
CA THR A 249 4.97 27.39 -6.84
C THR A 249 5.80 26.90 -5.70
N VAL A 250 5.18 26.10 -4.86
CA VAL A 250 5.86 25.50 -3.74
C VAL A 250 5.53 24.02 -3.75
N GLN A 251 6.34 23.21 -3.08
CA GLN A 251 5.97 21.81 -2.95
C GLN A 251 5.18 21.55 -1.63
N CYS A 252 5.51 22.32 -0.57
CA CYS A 252 4.96 22.24 0.79
C CYS A 252 4.42 23.60 1.20
N THR A 253 3.38 23.58 2.04
CA THR A 253 2.78 24.78 2.59
C THR A 253 3.61 25.28 3.75
N HIS A 254 3.29 26.49 4.21
CA HIS A 254 3.91 27.08 5.38
C HIS A 254 3.39 26.23 6.53
N GLY A 255 4.03 26.31 7.69
CA GLY A 255 3.51 25.49 8.77
C GLY A 255 2.24 26.08 9.33
N ILE A 256 1.23 25.25 9.53
CA ILE A 256 -0.01 25.72 10.10
C ILE A 256 -0.25 25.10 11.43
N LYS A 257 -0.45 25.94 12.43
CA LYS A 257 -0.71 25.44 13.75
C LYS A 257 -2.17 25.04 13.85
N PRO A 258 -2.50 23.80 14.26
CA PRO A 258 -3.84 23.29 14.41
C PRO A 258 -4.43 23.82 15.68
N VAL A 259 -4.67 25.11 15.71
CA VAL A 259 -5.19 25.76 16.87
C VAL A 259 -6.68 25.59 16.85
N VAL A 260 -7.26 25.23 17.98
CA VAL A 260 -8.68 25.06 18.05
C VAL A 260 -9.31 26.11 18.93
N SER A 261 -10.17 26.94 18.35
CA SER A 261 -10.83 28.00 19.09
C SER A 261 -12.11 28.42 18.41
N THR A 262 -12.89 29.19 19.14
CA THR A 262 -14.12 29.79 18.60
C THR A 262 -14.11 31.27 18.87
N GLN A 263 -14.83 32.04 18.05
CA GLN A 263 -15.01 33.50 18.16
C GLN A 263 -13.74 34.30 17.85
N LEU A 264 -12.67 34.06 18.59
CA LEU A 264 -11.42 34.76 18.31
C LEU A 264 -10.39 33.72 17.87
N LEU A 265 -9.80 34.00 16.71
CA LEU A 265 -8.79 33.16 16.14
C LEU A 265 -7.48 33.50 16.80
N LEU A 266 -6.80 32.48 17.31
CA LEU A 266 -5.54 32.69 17.98
C LEU A 266 -4.38 32.04 17.24
N ASN A 267 -3.19 32.67 17.34
CA ASN A 267 -1.87 32.22 16.87
C ASN A 267 -1.83 31.87 15.37
N GLY A 268 -2.54 32.63 14.50
CA GLY A 268 -2.56 32.44 13.05
C GLY A 268 -1.60 33.42 12.40
N SER A 269 -1.74 33.54 11.09
CA SER A 269 -0.93 34.43 10.30
C SER A 269 -1.52 35.81 10.35
N LEU A 270 -0.72 36.82 10.12
CA LEU A 270 -1.23 38.19 10.02
C LEU A 270 -1.31 38.66 8.60
N ALA A 271 -2.20 39.60 8.36
CA ALA A 271 -2.31 40.27 7.08
C ALA A 271 -1.12 41.20 6.99
N GLU A 272 -0.62 41.51 5.80
CA GLU A 272 0.53 42.41 5.78
C GLU A 272 0.25 43.88 5.53
N GLU A 273 -0.83 44.22 4.82
CA GLU A 273 -1.10 45.64 4.55
C GLU A 273 -2.35 46.19 5.21
N GLU A 274 -3.40 45.43 5.32
CA GLU A 274 -4.59 45.99 5.91
C GLU A 274 -5.40 44.91 6.53
N VAL A 275 -6.30 45.27 7.41
CA VAL A 275 -7.12 44.23 7.96
C VAL A 275 -7.95 43.68 6.83
N MET A 276 -7.94 42.37 6.69
CA MET A 276 -8.67 41.78 5.60
C MET A 276 -10.00 41.26 6.01
N ILE A 277 -10.99 41.54 5.20
CA ILE A 277 -12.31 41.04 5.48
C ILE A 277 -12.70 40.08 4.40
N ARG A 278 -12.78 38.81 4.73
CA ARG A 278 -13.08 37.85 3.72
C ARG A 278 -14.35 37.10 4.01
N SER A 279 -15.24 37.09 3.07
CA SER A 279 -16.48 36.37 3.24
C SER A 279 -17.03 35.98 1.92
N GLU A 280 -17.91 35.01 1.92
CA GLU A 280 -18.64 34.67 0.73
C GLU A 280 -19.80 35.63 0.72
N ASN A 281 -20.10 36.24 -0.43
CA ASN A 281 -21.24 37.16 -0.63
C ASN A 281 -21.19 38.54 0.04
N ILE A 282 -20.96 38.58 1.35
CA ILE A 282 -20.95 39.76 2.22
C ILE A 282 -22.34 40.25 2.53
N THR A 283 -23.13 40.48 1.47
CA THR A 283 -24.49 40.99 1.57
C THR A 283 -25.45 39.93 2.09
N ASN A 284 -25.06 38.68 1.96
CA ASN A 284 -25.82 37.56 2.47
C ASN A 284 -25.42 37.40 3.93
N ASN A 285 -26.35 37.62 4.85
CA ASN A 285 -25.99 37.64 6.26
C ASN A 285 -25.99 36.26 6.89
N ALA A 286 -26.15 35.22 6.08
CA ALA A 286 -26.10 33.87 6.57
C ALA A 286 -24.67 33.35 6.58
N LYS A 287 -23.73 34.12 6.04
CA LYS A 287 -22.35 33.66 5.97
C LYS A 287 -21.47 34.29 7.02
N ASN A 288 -20.41 33.58 7.41
CA ASN A 288 -19.44 34.11 8.35
C ASN A 288 -18.45 35.03 7.67
N ILE A 289 -18.01 36.03 8.42
CA ILE A 289 -17.00 36.95 7.98
C ILE A 289 -15.71 36.67 8.72
N LEU A 290 -14.65 36.41 7.99
CA LEU A 290 -13.39 36.13 8.62
C LEU A 290 -12.56 37.40 8.58
N VAL A 291 -12.20 37.93 9.74
CA VAL A 291 -11.46 39.17 9.75
C VAL A 291 -10.04 38.90 10.19
N GLN A 292 -9.08 39.19 9.32
CA GLN A 292 -7.68 38.95 9.63
C GLN A 292 -6.97 40.23 9.97
N PHE A 293 -6.43 40.30 11.16
CA PHE A 293 -5.77 41.49 11.63
C PHE A 293 -4.41 41.61 10.98
N ASN A 294 -3.90 42.84 10.81
CA ASN A 294 -2.54 42.98 10.33
C ASN A 294 -1.55 43.21 11.47
N THR A 295 -2.05 43.20 12.69
CA THR A 295 -1.24 43.35 13.89
C THR A 295 -1.81 42.38 14.90
N PRO A 296 -1.05 41.80 15.81
CA PRO A 296 -1.55 40.92 16.85
C PRO A 296 -2.15 41.73 17.96
N VAL A 297 -3.07 41.15 18.70
CA VAL A 297 -3.49 41.75 19.96
C VAL A 297 -3.10 40.77 21.05
N GLN A 298 -2.32 41.19 22.02
CA GLN A 298 -1.90 40.20 22.98
C GLN A 298 -2.95 40.00 24.07
N ILE A 299 -3.25 38.72 24.32
CA ILE A 299 -4.20 38.28 25.34
C ILE A 299 -3.50 37.32 26.35
N ASN A 300 -3.61 37.63 27.66
CA ASN A 300 -3.01 36.88 28.78
C ASN A 300 -4.08 36.16 29.61
N CYS A 301 -4.13 34.82 29.54
CA CYS A 301 -5.13 33.99 30.21
C CYS A 301 -4.51 33.24 31.40
N THR A 302 -5.29 33.11 32.46
CA THR A 302 -4.81 32.39 33.61
C THR A 302 -5.85 31.61 34.39
N ARG A 303 -5.35 30.58 35.04
CA ARG A 303 -6.06 29.73 35.97
C ARG A 303 -5.29 29.76 37.27
N PRO A 304 -5.58 30.72 38.17
CA PRO A 304 -4.82 31.08 39.36
C PRO A 304 -4.76 30.10 40.54
N ASN A 305 -5.65 29.12 40.58
CA ASN A 305 -5.73 28.21 41.73
C ASN A 305 -4.63 27.18 41.65
N ASN A 306 -3.93 26.88 42.75
CA ASN A 306 -2.90 25.88 42.67
C ASN A 306 -3.48 24.51 42.91
N ASN A 307 -3.63 23.73 41.84
CA ASN A 307 -4.29 22.45 41.97
C ASN A 307 -3.37 21.30 42.25
N THR A 308 -3.96 20.26 42.82
CA THR A 308 -3.29 19.02 43.04
C THR A 308 -4.19 17.99 42.39
N ARG A 309 -3.70 16.78 42.20
CA ARG A 309 -4.50 15.73 41.61
C ARG A 309 -4.25 14.41 42.29
N LYS A 310 -5.19 13.49 42.13
CA LYS A 310 -5.08 12.17 42.74
C LYS A 310 -5.20 11.06 41.70
N SER A 311 -4.46 9.98 41.90
CA SER A 311 -4.59 8.84 41.02
C SER A 311 -5.36 7.75 41.71
N ILE A 312 -6.54 7.44 41.20
CA ILE A 312 -7.39 6.46 41.84
C ILE A 312 -7.53 5.22 41.00
N ARG A 313 -7.12 4.08 41.53
CA ARG A 313 -7.24 2.86 40.74
C ARG A 313 -8.70 2.56 40.54
N ILE A 314 -9.10 2.20 39.32
CA ILE A 314 -10.50 1.89 39.05
C ILE A 314 -10.68 0.44 38.67
N GLY A 315 -9.61 -0.31 38.82
CA GLY A 315 -9.56 -1.71 38.48
C GLY A 315 -8.17 -2.01 37.96
N PRO A 316 -7.86 -3.26 37.66
CA PRO A 316 -6.56 -3.69 37.23
C PRO A 316 -6.10 -2.97 36.00
N GLY A 317 -4.92 -2.39 36.08
CA GLY A 317 -4.29 -1.71 34.96
C GLY A 317 -4.81 -0.31 34.65
N GLN A 318 -5.76 0.20 35.42
CA GLN A 318 -6.30 1.51 35.08
C GLN A 318 -6.46 2.45 36.25
N ALA A 319 -6.32 3.73 36.00
CA ALA A 319 -6.58 4.71 37.05
C ALA A 319 -7.17 5.96 36.48
N PHE A 320 -7.99 6.56 37.29
CA PHE A 320 -8.69 7.80 37.06
C PHE A 320 -7.96 8.97 37.62
N TYR A 321 -7.86 10.04 36.86
CA TYR A 321 -7.26 11.22 37.44
C TYR A 321 -8.33 12.13 37.96
N ALA A 322 -8.36 12.20 39.26
CA ALA A 322 -9.34 12.95 40.01
C ALA A 322 -8.71 14.23 40.35
N THR A 323 -9.50 15.23 40.64
CA THR A 323 -8.88 16.46 41.05
C THR A 323 -8.55 16.27 42.51
N GLY A 324 -7.67 17.07 43.02
CA GLY A 324 -7.31 16.99 44.42
C GLY A 324 -7.83 18.17 45.16
N ASP A 325 -7.04 18.62 46.10
CA ASP A 325 -7.39 19.71 46.97
C ASP A 325 -6.79 20.97 46.35
N ILE A 326 -7.31 22.13 46.71
CA ILE A 326 -6.75 23.37 46.20
C ILE A 326 -5.89 24.08 47.22
N ILE A 327 -4.71 24.45 46.77
CA ILE A 327 -3.72 25.17 47.54
C ILE A 327 -3.94 26.66 47.35
N GLY A 328 -4.08 27.36 48.47
CA GLY A 328 -4.32 28.78 48.46
C GLY A 328 -5.81 29.01 48.32
N ASP A 329 -6.18 30.26 48.12
CA ASP A 329 -7.57 30.65 47.98
C ASP A 329 -8.08 30.35 46.58
N ILE A 330 -9.39 30.22 46.44
CA ILE A 330 -10.00 29.93 45.17
C ILE A 330 -10.55 31.17 44.46
N ARG A 331 -10.02 31.40 43.27
CA ARG A 331 -10.32 32.55 42.43
C ARG A 331 -10.82 32.14 41.06
N GLN A 332 -11.48 33.06 40.37
CA GLN A 332 -11.99 32.79 39.03
C GLN A 332 -10.95 32.96 37.94
N ALA A 333 -10.97 32.06 36.97
CA ALA A 333 -10.09 32.12 35.81
C ALA A 333 -10.49 33.32 34.98
N HIS A 334 -9.51 33.90 34.31
CA HIS A 334 -9.81 35.08 33.49
C HIS A 334 -8.76 35.34 32.42
N CYS A 335 -9.12 36.19 31.41
CA CYS A 335 -8.20 36.65 30.35
C CYS A 335 -8.16 38.19 30.31
N ASN A 336 -6.96 38.72 30.16
CA ASN A 336 -6.69 40.15 30.06
C ASN A 336 -6.26 40.56 28.65
N VAL A 337 -7.09 41.36 27.95
CA VAL A 337 -6.81 41.87 26.59
C VAL A 337 -6.34 43.29 26.71
N SER A 338 -5.16 43.63 26.18
CA SER A 338 -4.71 45.02 26.38
C SER A 338 -5.79 45.95 25.84
N LYS A 339 -6.20 46.96 26.63
CA LYS A 339 -7.32 47.77 26.19
C LYS A 339 -7.06 48.71 25.05
N ALA A 340 -5.97 49.47 25.09
CA ALA A 340 -5.78 50.41 24.01
C ALA A 340 -5.55 49.67 22.70
N THR A 341 -4.85 48.54 22.78
CA THR A 341 -4.53 47.79 21.58
C THR A 341 -5.82 47.28 20.98
N TRP A 342 -6.70 46.75 21.81
CA TRP A 342 -7.96 46.26 21.30
C TRP A 342 -8.78 47.36 20.62
N ASN A 343 -8.86 48.59 21.22
CA ASN A 343 -9.64 49.71 20.69
C ASN A 343 -9.13 50.15 19.31
N GLU A 344 -7.78 50.19 19.10
CA GLU A 344 -7.17 50.54 17.80
C GLU A 344 -7.46 49.45 16.78
N THR A 345 -7.40 48.21 17.23
CA THR A 345 -7.63 47.09 16.34
C THR A 345 -9.04 47.14 15.81
N LEU A 346 -10.02 47.37 16.66
CA LEU A 346 -11.36 47.41 16.12
C LEU A 346 -11.55 48.64 15.26
N GLY A 347 -10.92 49.76 15.59
CA GLY A 347 -11.11 50.91 14.73
C GLY A 347 -10.68 50.58 13.31
N LYS A 348 -9.57 49.83 13.16
CA LYS A 348 -9.13 49.41 11.84
C LYS A 348 -10.13 48.47 11.18
N VAL A 349 -10.74 47.57 11.96
CA VAL A 349 -11.70 46.64 11.39
C VAL A 349 -12.88 47.42 10.85
N VAL A 350 -13.32 48.41 11.59
CA VAL A 350 -14.44 49.22 11.17
C VAL A 350 -14.16 50.01 9.94
N LYS A 351 -12.99 50.65 9.84
CA LYS A 351 -12.73 51.41 8.65
C LYS A 351 -12.80 50.52 7.43
N GLN A 352 -12.29 49.28 7.54
CA GLN A 352 -12.38 48.37 6.42
C GLN A 352 -13.80 47.87 6.19
N LEU A 353 -14.58 47.62 7.25
CA LEU A 353 -15.94 47.14 7.03
C LEU A 353 -16.76 48.13 6.26
N ARG A 354 -16.56 49.41 6.52
CA ARG A 354 -17.34 50.45 5.85
C ARG A 354 -17.21 50.41 4.34
N LYS A 355 -16.14 49.84 3.80
CA LYS A 355 -16.00 49.80 2.35
C LYS A 355 -17.15 49.06 1.67
N HIS A 356 -17.80 48.14 2.40
CA HIS A 356 -18.89 47.37 1.86
C HIS A 356 -20.27 47.80 2.36
N PHE A 357 -20.30 48.74 3.32
CA PHE A 357 -21.56 49.10 3.96
C PHE A 357 -21.93 50.58 3.88
N GLY A 358 -20.98 51.44 3.53
CA GLY A 358 -21.17 52.88 3.45
C GLY A 358 -20.26 53.65 4.41
N ASN A 359 -19.72 54.75 3.92
CA ASN A 359 -18.74 55.56 4.65
C ASN A 359 -19.30 56.24 5.89
N ASN A 360 -20.60 56.41 5.94
CA ASN A 360 -21.26 57.04 7.05
C ASN A 360 -22.25 56.10 7.71
N THR A 361 -22.05 54.80 7.52
CA THR A 361 -22.90 53.78 8.10
C THR A 361 -22.41 53.44 9.48
N ILE A 362 -23.34 53.31 10.41
CA ILE A 362 -22.97 53.00 11.78
C ILE A 362 -22.68 51.53 11.94
N ILE A 363 -21.53 51.23 12.51
CA ILE A 363 -21.17 49.85 12.76
C ILE A 363 -21.17 49.53 14.22
N ARG A 364 -22.14 48.73 14.62
CA ARG A 364 -22.34 48.35 15.99
C ARG A 364 -21.85 46.96 16.29
N PHE A 365 -21.12 46.81 17.38
CA PHE A 365 -20.65 45.51 17.83
C PHE A 365 -21.35 45.09 19.11
N ALA A 366 -21.98 43.92 19.02
CA ALA A 366 -22.72 43.27 20.11
C ALA A 366 -21.91 42.08 20.63
N ASN A 367 -22.18 41.63 21.89
CA ASN A 367 -21.44 40.56 22.56
C ASN A 367 -21.62 39.17 21.91
N SER A 368 -22.85 38.65 21.81
CA SER A 368 -23.15 37.35 21.19
C SER A 368 -24.63 37.11 21.02
N SER A 369 -24.93 36.10 20.23
CA SER A 369 -26.26 35.56 20.06
C SER A 369 -26.50 34.61 21.21
N GLY A 370 -27.72 34.14 21.42
CA GLY A 370 -27.90 33.15 22.47
C GLY A 370 -27.41 31.81 21.95
N GLY A 371 -27.11 30.87 22.84
CA GLY A 371 -26.63 29.56 22.41
C GLY A 371 -25.87 28.87 23.53
N ASP A 372 -25.22 27.78 23.19
CA ASP A 372 -24.47 26.97 24.16
C ASP A 372 -23.09 27.56 24.37
N LEU A 373 -22.27 26.97 25.23
CA LEU A 373 -20.95 27.58 25.49
C LEU A 373 -20.09 27.62 24.26
N GLU A 374 -20.20 26.61 23.42
CA GLU A 374 -19.42 26.49 22.22
C GLU A 374 -19.72 27.61 21.20
N VAL A 375 -20.80 28.32 21.42
CA VAL A 375 -21.28 29.40 20.59
C VAL A 375 -21.07 30.77 21.25
N THR A 376 -21.47 30.89 22.52
CA THR A 376 -21.49 32.17 23.19
C THR A 376 -20.22 32.56 23.89
N THR A 377 -19.34 31.62 24.18
CA THR A 377 -18.11 31.97 24.83
C THR A 377 -16.93 31.68 23.94
N HIS A 378 -15.81 32.26 24.27
CA HIS A 378 -14.61 31.99 23.54
C HIS A 378 -14.12 30.64 23.92
N SER A 379 -13.74 29.84 22.94
CA SER A 379 -13.22 28.51 23.26
C SER A 379 -11.72 28.55 23.18
N PHE A 380 -11.09 28.25 24.31
CA PHE A 380 -9.65 28.32 24.44
C PHE A 380 -9.04 27.08 25.07
N ASN A 381 -8.12 26.46 24.36
CA ASN A 381 -7.47 25.24 24.85
C ASN A 381 -5.99 25.49 25.07
N CYS A 382 -5.53 25.56 26.34
CA CYS A 382 -4.13 25.89 26.65
C CYS A 382 -3.66 25.12 27.88
N GLY A 383 -2.57 24.41 27.70
CA GLY A 383 -1.94 23.60 28.73
C GLY A 383 -2.62 22.24 28.79
N GLY A 384 -3.68 22.11 28.00
CA GLY A 384 -4.52 20.93 27.99
C GLY A 384 -5.78 21.23 28.79
N GLU A 385 -5.87 22.44 29.35
CA GLU A 385 -7.06 22.84 30.11
C GLU A 385 -8.06 23.47 29.14
N PHE A 386 -9.34 23.29 29.41
CA PHE A 386 -10.38 23.84 28.53
C PHE A 386 -11.19 24.97 29.13
N PHE A 387 -11.01 26.14 28.54
CA PHE A 387 -11.62 27.37 28.97
C PHE A 387 -12.75 27.83 28.07
N TYR A 388 -13.78 28.40 28.68
CA TYR A 388 -14.96 28.97 28.05
C TYR A 388 -15.17 30.41 28.57
N CYS A 389 -14.57 31.40 27.87
CA CYS A 389 -14.46 32.80 28.36
C CYS A 389 -15.62 33.68 27.89
N ASN A 390 -16.03 34.57 28.80
CA ASN A 390 -17.19 35.45 28.67
C ASN A 390 -17.26 36.22 27.34
N THR A 391 -16.13 36.78 26.85
CA THR A 391 -16.01 37.57 25.59
C THR A 391 -17.10 38.61 25.40
N SER A 392 -17.26 39.43 26.41
CA SER A 392 -18.25 40.48 26.38
C SER A 392 -17.62 41.68 27.00
N GLY A 393 -17.74 42.79 26.32
CA GLY A 393 -17.08 44.02 26.68
C GLY A 393 -16.03 44.30 25.63
N LEU A 394 -15.67 43.26 24.87
CA LEU A 394 -14.74 43.46 23.78
C LEU A 394 -15.54 43.97 22.58
N PHE A 395 -16.80 43.56 22.53
CA PHE A 395 -17.70 43.91 21.45
C PHE A 395 -18.90 44.65 22.05
N ASN A 396 -18.71 45.97 22.27
CA ASN A 396 -19.65 46.86 22.98
C ASN A 396 -19.47 48.32 22.52
N SER A 397 -19.76 48.63 21.21
CA SER A 397 -19.57 50.00 20.63
C SER A 397 -20.32 50.27 19.33
N THR A 398 -20.43 51.57 18.96
CA THR A 398 -21.08 51.99 17.69
C THR A 398 -20.20 52.70 16.65
N TRP A 399 -19.05 53.18 17.06
CA TRP A 399 -18.08 53.89 16.20
C TRP A 399 -18.48 55.17 15.44
N ILE A 400 -19.63 55.80 15.80
CA ILE A 400 -20.10 57.11 15.27
C ILE A 400 -20.86 57.77 16.41
N ASP A 415 -4.44 50.12 30.80
CA ASP A 415 -5.39 49.20 31.39
C ASP A 415 -5.68 48.04 30.43
N SER A 416 -6.53 47.08 30.88
CA SER A 416 -6.92 45.88 30.14
C SER A 416 -8.37 45.58 30.38
N ILE A 417 -8.93 44.82 29.46
CA ILE A 417 -10.29 44.37 29.59
C ILE A 417 -10.22 43.01 30.22
N THR A 418 -10.89 42.84 31.35
CA THR A 418 -10.87 41.55 32.00
C THR A 418 -12.11 40.78 31.64
N LEU A 419 -11.89 39.59 31.13
CA LEU A 419 -12.93 38.70 30.72
C LEU A 419 -13.02 37.55 31.71
N PRO A 420 -14.08 37.42 32.51
CA PRO A 420 -14.28 36.33 33.44
C PRO A 420 -14.28 35.11 32.56
N CYS A 421 -13.79 33.96 33.05
CA CYS A 421 -13.74 32.74 32.25
C CYS A 421 -14.02 31.48 33.08
N ARG A 422 -14.76 30.54 32.47
CA ARG A 422 -15.14 29.30 33.12
C ARG A 422 -14.30 28.13 32.64
N ILE A 423 -14.20 27.10 33.45
CA ILE A 423 -13.47 25.88 33.10
C ILE A 423 -14.35 24.65 33.11
N LYS A 424 -14.23 23.82 32.09
CA LYS A 424 -15.04 22.61 31.97
C LYS A 424 -14.15 21.40 31.62
N GLN A 425 -14.35 20.26 32.30
CA GLN A 425 -13.53 19.08 32.02
C GLN A 425 -14.15 18.06 31.06
N ILE A 426 -15.48 18.02 30.92
CA ILE A 426 -16.04 17.01 30.01
C ILE A 426 -16.26 17.67 28.68
N ILE A 427 -15.54 17.19 27.69
CA ILE A 427 -15.50 17.79 26.39
C ILE A 427 -16.16 17.02 25.27
N ASN A 428 -17.01 17.72 24.54
CA ASN A 428 -17.68 17.18 23.36
C ASN A 428 -17.27 18.17 22.31
N MET A 429 -16.42 17.75 21.37
CA MET A 429 -15.89 18.76 20.46
C MET A 429 -16.21 18.54 18.99
N TRP A 430 -15.40 17.77 18.27
CA TRP A 430 -15.66 17.61 16.85
C TRP A 430 -16.80 16.66 16.56
N GLN A 431 -16.93 15.65 17.39
CA GLN A 431 -18.00 14.70 17.27
C GLN A 431 -18.93 15.19 18.33
N ARG A 432 -19.97 15.89 17.90
CA ARG A 432 -20.79 16.60 18.86
C ARG A 432 -21.55 15.67 19.80
N ILE A 433 -21.98 14.53 19.30
CA ILE A 433 -22.69 13.57 20.13
C ILE A 433 -22.12 12.18 19.94
N GLY A 434 -22.34 11.33 20.93
CA GLY A 434 -21.96 9.93 20.88
C GLY A 434 -20.59 9.63 21.48
N GLN A 435 -19.82 10.68 21.74
CA GLN A 435 -18.48 10.54 22.30
C GLN A 435 -18.12 11.72 23.20
N ALA A 436 -17.49 11.43 24.34
CA ALA A 436 -17.01 12.48 25.21
C ALA A 436 -15.62 12.16 25.72
N MET A 437 -14.86 13.21 25.99
CA MET A 437 -13.52 13.05 26.52
C MET A 437 -13.38 13.78 27.85
N TYR A 438 -12.64 13.20 28.77
CA TYR A 438 -12.42 13.85 30.04
C TYR A 438 -11.03 14.41 30.15
N ALA A 439 -10.96 15.70 30.39
CA ALA A 439 -9.68 16.36 30.51
C ALA A 439 -9.20 16.19 31.94
N PRO A 440 -8.06 15.52 32.19
CA PRO A 440 -7.57 15.28 33.51
C PRO A 440 -7.10 16.60 34.02
N PRO A 441 -7.04 16.81 35.32
CA PRO A 441 -6.53 18.00 35.96
C PRO A 441 -5.06 18.14 35.79
N ILE A 442 -4.63 19.38 35.83
CA ILE A 442 -3.25 19.78 35.76
C ILE A 442 -2.87 20.43 37.08
N GLN A 443 -1.83 19.92 37.69
CA GLN A 443 -1.39 20.44 38.97
C GLN A 443 -0.68 21.77 38.79
N GLY A 444 -0.72 22.59 39.82
CA GLY A 444 -0.06 23.89 39.76
C GLY A 444 -1.00 24.93 39.18
N VAL A 445 -0.41 26.00 38.65
CA VAL A 445 -1.10 27.18 38.14
C VAL A 445 -0.77 27.41 36.68
N ILE A 446 -1.78 27.74 35.86
CA ILE A 446 -1.51 27.96 34.43
C ILE A 446 -1.56 29.42 34.00
N ARG A 447 -0.53 29.83 33.31
CA ARG A 447 -0.45 31.16 32.71
C ARG A 447 -0.14 30.91 31.24
N CYS A 448 -0.93 31.53 30.33
CA CYS A 448 -0.83 31.33 28.88
C CYS A 448 -0.98 32.65 28.12
N VAL A 449 -0.04 32.91 27.23
CA VAL A 449 -0.10 34.14 26.45
C VAL A 449 -0.22 33.83 24.99
N SER A 450 -1.26 34.38 24.37
CA SER A 450 -1.56 34.13 22.97
C SER A 450 -1.71 35.41 22.15
N ASN A 451 -1.58 35.29 20.81
CA ASN A 451 -1.79 36.34 19.81
C ASN A 451 -3.20 36.25 19.21
N ILE A 452 -4.05 37.30 19.33
CA ILE A 452 -5.36 37.31 18.65
C ILE A 452 -5.00 37.77 17.27
N THR A 453 -5.31 36.96 16.27
CA THR A 453 -4.93 37.25 14.91
C THR A 453 -6.15 37.53 14.06
N GLY A 454 -7.33 37.23 14.57
CA GLY A 454 -8.52 37.52 13.78
C GLY A 454 -9.81 37.18 14.47
N LEU A 455 -10.90 37.61 13.86
CA LEU A 455 -12.23 37.42 14.40
C LEU A 455 -13.16 36.62 13.52
N ILE A 456 -14.11 35.93 14.11
CA ILE A 456 -15.19 35.37 13.33
C ILE A 456 -16.40 36.20 13.63
N LEU A 457 -16.91 36.89 12.64
CA LEU A 457 -18.06 37.75 12.86
C LEU A 457 -19.24 37.37 12.00
N THR A 458 -20.43 37.64 12.49
CA THR A 458 -21.60 37.50 11.67
C THR A 458 -22.29 38.83 11.68
N ARG A 459 -23.15 39.04 10.70
CA ARG A 459 -23.87 40.29 10.59
C ARG A 459 -25.37 40.01 10.76
N ASP A 460 -26.10 40.95 11.36
CA ASP A 460 -27.54 40.92 11.60
C ASP A 460 -28.24 41.71 10.49
N THR A 467 -29.11 52.16 7.86
CA THR A 467 -28.52 53.18 8.71
C THR A 467 -27.41 52.58 9.61
N THR A 468 -27.73 51.46 10.31
CA THR A 468 -26.83 50.75 11.23
C THR A 468 -26.76 49.28 10.92
N GLU A 469 -25.55 48.76 10.85
CA GLU A 469 -25.31 47.36 10.69
C GLU A 469 -24.85 46.85 12.03
N THR A 470 -25.29 45.66 12.43
CA THR A 470 -24.83 45.09 13.69
C THR A 470 -24.08 43.81 13.43
N PHE A 471 -22.92 43.74 14.05
CA PHE A 471 -22.02 42.62 13.96
C PHE A 471 -21.81 42.03 15.32
N ARG A 472 -21.56 40.74 15.37
CA ARG A 472 -21.25 40.12 16.63
C ARG A 472 -20.39 38.89 16.41
N PRO A 473 -19.64 38.41 17.39
CA PRO A 473 -18.87 37.20 17.33
C PRO A 473 -19.71 36.04 16.93
N GLY A 474 -19.18 35.24 16.05
CA GLY A 474 -19.83 34.05 15.56
C GLY A 474 -19.04 32.82 15.92
N GLY A 475 -19.35 31.75 15.23
CA GLY A 475 -18.71 30.49 15.47
C GLY A 475 -19.24 29.53 14.44
N GLY A 476 -18.87 28.28 14.55
CA GLY A 476 -19.28 27.30 13.56
C GLY A 476 -18.30 26.17 13.60
N ASP A 477 -18.29 25.36 12.55
CA ASP A 477 -17.37 24.26 12.56
C ASP A 477 -15.99 24.81 12.36
N MET A 478 -15.00 24.04 12.73
CA MET A 478 -13.60 24.44 12.64
C MET A 478 -13.10 24.72 11.25
N ARG A 479 -13.79 24.21 10.27
CA ARG A 479 -13.39 24.44 8.91
C ARG A 479 -13.31 25.95 8.60
N ASP A 480 -14.15 26.78 9.21
CA ASP A 480 -14.09 28.20 8.90
C ASP A 480 -12.93 28.90 9.57
N ASN A 481 -12.29 28.23 10.51
CA ASN A 481 -11.17 28.83 11.17
C ASN A 481 -9.92 28.39 10.46
N TRP A 482 -9.87 27.13 10.06
CA TRP A 482 -8.71 26.59 9.39
C TRP A 482 -8.56 27.07 7.99
N ARG A 483 -9.65 27.44 7.36
CA ARG A 483 -9.52 27.93 6.02
C ARG A 483 -8.80 29.28 6.01
N SER A 484 -8.71 29.97 7.16
CA SER A 484 -8.09 31.28 7.17
C SER A 484 -6.58 31.19 7.01
N GLU A 485 -6.02 29.98 7.16
CA GLU A 485 -4.59 29.77 6.98
C GLU A 485 -4.26 29.13 5.63
N LEU A 486 -5.31 28.69 4.92
CA LEU A 486 -5.19 27.98 3.65
C LEU A 486 -5.76 28.73 2.48
N TYR A 487 -6.13 29.97 2.67
CA TYR A 487 -6.77 30.78 1.63
C TYR A 487 -5.78 31.09 0.52
N LYS A 488 -4.52 30.95 0.84
CA LYS A 488 -3.47 31.23 -0.09
C LYS A 488 -3.11 30.05 -0.94
N TYR A 489 -3.65 28.85 -0.67
CA TYR A 489 -3.18 27.70 -1.44
C TYR A 489 -4.18 26.98 -2.31
N LYS A 490 -3.67 26.48 -3.44
CA LYS A 490 -4.46 25.65 -4.33
C LYS A 490 -3.67 24.43 -4.81
N VAL A 491 -4.31 23.28 -4.91
CA VAL A 491 -3.62 22.11 -5.43
C VAL A 491 -3.88 21.92 -6.90
N VAL A 492 -2.81 21.74 -7.66
CA VAL A 492 -2.92 21.52 -9.09
C VAL A 492 -2.13 20.28 -9.48
N LYS A 493 -2.44 19.74 -10.66
CA LYS A 493 -1.74 18.60 -11.20
C LYS A 493 -0.97 19.04 -12.39
N ILE A 494 0.12 18.36 -12.65
CA ILE A 494 0.95 18.68 -13.78
C ILE A 494 0.65 17.73 -14.91
N GLU A 495 0.45 18.32 -16.09
CA GLU A 495 0.15 17.59 -17.31
C GLU A 495 1.25 17.88 -18.31
N PRO A 496 2.38 17.15 -18.22
CA PRO A 496 3.62 17.39 -18.92
C PRO A 496 3.60 16.98 -20.37
N LEU A 497 2.57 16.29 -20.84
CA LEU A 497 2.63 15.81 -22.19
C LEU A 497 1.60 16.50 -23.07
N GLY A 498 2.05 17.06 -24.20
CA GLY A 498 1.13 17.73 -25.12
C GLY A 498 1.77 17.99 -26.50
N VAL A 499 1.00 18.59 -27.41
CA VAL A 499 1.46 18.81 -28.79
C VAL A 499 1.29 20.23 -29.32
N ALA A 500 2.02 20.52 -30.41
CA ALA A 500 1.90 21.78 -31.16
C ALA A 500 2.38 21.54 -32.61
N PRO A 501 1.89 22.29 -33.63
CA PRO A 501 2.36 22.23 -35.00
C PRO A 501 3.72 22.84 -35.16
N THR A 502 4.58 22.17 -35.91
CA THR A 502 5.91 22.68 -36.21
C THR A 502 6.35 22.43 -37.65
N ARG A 503 7.35 23.19 -38.09
CA ARG A 503 7.92 22.93 -39.42
C ARG A 503 9.07 21.89 -39.39
N CYS A 504 8.72 20.62 -39.12
CA CYS A 504 9.61 19.45 -39.10
C CYS A 504 8.77 18.22 -39.39
N LYS A 505 9.42 17.09 -39.64
CA LYS A 505 8.66 15.86 -39.82
C LYS A 505 9.58 14.66 -39.60
N ARG A 506 8.98 13.48 -39.31
CA ARG A 506 9.68 12.20 -39.20
C ARG A 506 9.86 11.60 -40.60
N PHE B 11 9.68 25.11 -9.73
CA PHE B 11 10.32 24.40 -10.82
C PHE B 11 9.55 24.53 -12.17
N LEU B 12 8.30 25.05 -12.13
CA LEU B 12 7.40 25.23 -13.26
C LEU B 12 7.73 26.46 -14.07
N GLY B 13 7.41 26.36 -15.33
CA GLY B 13 7.57 27.41 -16.30
C GLY B 13 6.21 28.01 -16.60
N ALA B 14 6.01 28.37 -17.87
CA ALA B 14 4.82 29.07 -18.38
C ALA B 14 4.70 30.42 -17.71
N ALA B 15 5.83 30.87 -17.21
CA ALA B 15 6.00 32.13 -16.54
C ALA B 15 6.26 33.21 -17.54
N GLY B 16 5.28 33.45 -18.41
CA GLY B 16 5.40 34.44 -19.47
C GLY B 16 6.20 33.86 -20.62
N SER B 17 6.53 32.60 -20.47
CA SER B 17 7.33 31.88 -21.40
C SER B 17 6.46 31.29 -22.48
N THR B 18 6.70 31.78 -23.68
CA THR B 18 5.96 31.39 -24.82
C THR B 18 6.43 30.03 -25.20
N MET B 19 5.70 29.37 -26.06
CA MET B 19 6.09 28.02 -26.37
C MET B 19 7.51 27.88 -26.84
N GLY B 20 8.02 28.84 -27.62
CA GLY B 20 9.40 28.68 -28.08
C GLY B 20 10.36 28.52 -26.88
N ALA B 21 10.38 29.51 -26.00
CA ALA B 21 11.25 29.46 -24.83
C ALA B 21 10.91 28.31 -23.88
N ALA B 22 9.62 28.01 -23.75
CA ALA B 22 9.15 26.98 -22.85
C ALA B 22 9.61 25.61 -23.26
N SER B 23 9.78 25.39 -24.56
CA SER B 23 10.19 24.09 -25.06
C SER B 23 11.61 23.76 -24.64
N MET B 24 12.36 24.75 -24.17
CA MET B 24 13.74 24.52 -23.77
C MET B 24 13.92 24.20 -22.27
N THR B 25 12.83 24.20 -21.46
CA THR B 25 12.93 24.00 -20.00
C THR B 25 12.40 22.65 -19.54
N LEU B 26 12.16 21.80 -20.51
CA LEU B 26 11.51 20.51 -20.36
C LEU B 26 12.24 19.55 -19.42
N THR B 27 13.56 19.72 -19.22
CA THR B 27 14.30 18.82 -18.33
C THR B 27 13.96 19.06 -16.88
N VAL B 28 13.39 20.20 -16.57
CA VAL B 28 13.05 20.49 -15.21
C VAL B 28 11.68 19.97 -14.89
N GLN B 29 10.73 20.31 -15.75
CA GLN B 29 9.38 19.89 -15.43
C GLN B 29 9.23 18.39 -15.56
N ALA B 30 10.05 17.76 -16.40
CA ALA B 30 10.02 16.32 -16.61
C ALA B 30 10.56 15.53 -15.40
N ARG B 31 11.25 16.17 -14.46
CA ARG B 31 11.84 15.45 -13.33
C ARG B 31 11.03 15.53 -12.07
N ASN B 32 10.19 16.54 -11.98
CA ASN B 32 9.42 16.78 -10.77
C ASN B 32 8.09 16.03 -10.81
N LEU B 33 7.99 15.16 -11.82
CA LEU B 33 6.91 14.25 -12.02
C LEU B 33 7.15 12.98 -11.23
N LEU B 34 8.42 12.64 -11.01
CA LEU B 34 8.76 11.42 -10.27
C LEU B 34 9.31 11.73 -8.86
N SER B 35 10.13 12.84 -8.72
CA SER B 35 10.79 13.34 -7.49
C SER B 35 10.35 12.71 -6.16
N LEU B 57 0.35 1.98 10.20
CA LEU B 57 -1.04 2.24 9.81
C LEU B 57 -1.65 3.45 10.58
N THR B 58 -0.85 4.53 10.69
CA THR B 58 -1.26 5.80 11.29
C THR B 58 -1.99 6.64 10.26
N VAL B 59 -2.66 7.68 10.73
CA VAL B 59 -3.38 8.56 9.80
C VAL B 59 -2.44 9.14 8.76
N TRP B 60 -1.26 9.52 9.19
CA TRP B 60 -0.27 10.08 8.29
C TRP B 60 0.79 9.09 7.89
N GLY B 61 0.45 7.82 7.98
CA GLY B 61 1.26 6.68 7.59
C GLY B 61 0.69 6.09 6.33
N ILE B 62 -0.54 5.55 6.43
CA ILE B 62 -1.13 4.90 5.26
C ILE B 62 -1.29 5.87 4.11
N LYS B 63 -1.52 7.13 4.41
CA LYS B 63 -1.65 8.13 3.38
C LYS B 63 -0.37 8.30 2.57
N GLN B 64 0.80 8.09 3.17
CA GLN B 64 2.03 8.27 2.43
C GLN B 64 2.19 7.12 1.46
N LEU B 65 1.74 5.94 1.86
CA LEU B 65 1.88 4.79 0.98
C LEU B 65 0.99 4.98 -0.22
N GLN B 66 -0.22 5.47 0.01
CA GLN B 66 -1.15 5.67 -1.07
C GLN B 66 -0.65 6.75 -2.01
N ALA B 67 -0.07 7.82 -1.46
CA ALA B 67 0.45 8.90 -2.27
C ALA B 67 1.64 8.46 -3.13
N ARG B 68 2.52 7.60 -2.60
CA ARG B 68 3.64 7.14 -3.40
C ARG B 68 3.15 6.33 -4.59
N VAL B 69 2.13 5.51 -4.37
CA VAL B 69 1.61 4.72 -5.46
C VAL B 69 1.02 5.63 -6.53
N LEU B 70 0.29 6.67 -6.14
CA LEU B 70 -0.27 7.59 -7.12
C LEU B 70 0.80 8.27 -7.95
N ALA B 71 1.88 8.72 -7.31
CA ALA B 71 2.91 9.40 -8.08
C ALA B 71 3.51 8.47 -9.14
N VAL B 72 3.69 7.19 -8.78
CA VAL B 72 4.21 6.23 -9.74
C VAL B 72 3.26 6.01 -10.88
N GLU B 73 1.99 5.86 -10.56
CA GLU B 73 1.00 5.62 -11.59
C GLU B 73 0.99 6.72 -12.64
N ARG B 74 1.01 7.98 -12.22
CA ARG B 74 0.97 9.04 -13.22
C ARG B 74 2.22 9.03 -14.09
N TYR B 75 3.37 8.80 -13.48
CA TYR B 75 4.60 8.77 -14.23
C TYR B 75 4.54 7.73 -15.33
N LEU B 76 4.11 6.52 -14.97
CA LEU B 76 4.08 5.45 -15.95
C LEU B 76 3.07 5.69 -17.05
N ARG B 77 1.92 6.30 -16.76
CA ARG B 77 0.96 6.51 -17.83
C ARG B 77 1.56 7.41 -18.93
N ASP B 78 2.30 8.45 -18.54
CA ASP B 78 2.88 9.30 -19.57
C ASP B 78 3.99 8.59 -20.32
N GLN B 79 4.75 7.77 -19.61
CA GLN B 79 5.82 7.06 -20.29
C GLN B 79 5.25 6.06 -21.28
N GLN B 80 4.12 5.44 -20.96
CA GLN B 80 3.54 4.49 -21.88
C GLN B 80 3.13 5.18 -23.17
N LEU B 81 2.55 6.39 -23.08
CA LEU B 81 2.18 7.08 -24.30
C LEU B 81 3.39 7.45 -25.13
N LEU B 82 4.47 7.89 -24.50
CA LEU B 82 5.64 8.24 -25.27
C LEU B 82 6.18 6.99 -25.95
N GLY B 83 6.12 5.86 -25.27
CA GLY B 83 6.60 4.63 -25.84
C GLY B 83 5.82 4.23 -27.09
N ILE B 84 4.49 4.19 -26.99
CA ILE B 84 3.67 3.73 -28.10
C ILE B 84 3.75 4.68 -29.31
N TRP B 85 4.02 5.96 -29.10
CA TRP B 85 4.17 6.94 -30.19
C TRP B 85 5.60 7.01 -30.74
N GLY B 86 6.54 6.27 -30.15
CA GLY B 86 7.93 6.33 -30.57
C GLY B 86 8.72 7.59 -30.10
N CYS B 87 8.27 8.23 -28.97
CA CYS B 87 8.81 9.45 -28.39
C CYS B 87 9.57 9.14 -27.10
N SER B 88 9.79 7.87 -26.83
CA SER B 88 10.48 7.48 -25.62
C SER B 88 11.90 7.98 -25.66
N GLY B 89 12.35 8.53 -24.54
CA GLY B 89 13.72 9.00 -24.42
C GLY B 89 13.91 10.41 -24.98
N LYS B 90 12.84 11.04 -25.47
CA LYS B 90 12.99 12.36 -26.05
C LYS B 90 12.12 13.38 -25.35
N LEU B 91 12.56 14.64 -25.38
CA LEU B 91 11.76 15.74 -24.86
C LEU B 91 11.01 16.39 -26.01
N ILE B 92 11.62 16.37 -27.20
CA ILE B 92 11.04 16.93 -28.40
C ILE B 92 10.98 15.79 -29.44
N CYS B 93 9.77 15.45 -29.95
CA CYS B 93 9.52 14.34 -30.87
C CYS B 93 8.69 14.70 -32.13
N CYS B 94 9.36 14.75 -33.29
CA CYS B 94 8.66 15.06 -34.54
C CYS B 94 8.07 13.72 -34.99
N THR B 95 6.83 13.72 -35.48
CA THR B 95 6.19 12.46 -35.88
C THR B 95 5.71 12.46 -37.34
N ASN B 96 5.01 11.37 -37.72
CA ASN B 96 4.47 11.21 -39.07
C ASN B 96 3.03 11.70 -39.20
N VAL B 97 2.48 12.33 -38.17
CA VAL B 97 1.12 12.80 -38.27
C VAL B 97 1.14 14.26 -38.74
N PRO B 98 0.52 14.61 -39.87
CA PRO B 98 0.46 15.94 -40.41
C PRO B 98 -0.48 16.73 -39.54
N TRP B 99 -0.30 18.03 -39.48
CA TRP B 99 -1.21 18.83 -38.70
C TRP B 99 -2.45 19.08 -39.53
N ASN B 100 -3.60 18.80 -38.96
CA ASN B 100 -4.87 19.03 -39.62
C ASN B 100 -5.30 20.43 -39.26
N SER B 101 -5.54 21.27 -40.25
CA SER B 101 -5.87 22.66 -40.01
C SER B 101 -7.16 22.85 -39.21
N SER B 102 -7.99 21.82 -39.11
CA SER B 102 -9.24 21.89 -38.36
C SER B 102 -8.97 21.99 -36.86
N TRP B 103 -7.73 21.73 -36.47
CA TRP B 103 -7.28 21.75 -35.10
C TRP B 103 -6.84 23.13 -34.63
N SER B 104 -6.65 24.10 -35.54
CA SER B 104 -6.17 25.40 -35.09
C SER B 104 -6.50 26.53 -36.05
N ASN B 105 -6.43 27.76 -35.56
CA ASN B 105 -6.66 28.94 -36.38
C ASN B 105 -5.48 29.89 -36.43
N ARG B 106 -4.28 29.35 -36.17
CA ARG B 106 -3.05 30.15 -36.13
C ARG B 106 -1.85 29.50 -36.80
N ASN B 107 -0.97 30.36 -37.30
CA ASN B 107 0.30 30.00 -37.91
C ASN B 107 1.34 29.66 -36.85
N LEU B 108 2.37 28.88 -37.20
CA LEU B 108 3.36 28.57 -36.18
C LEU B 108 4.07 29.86 -35.76
N SER B 109 4.17 30.83 -36.68
CA SER B 109 4.84 32.10 -36.42
C SER B 109 4.07 32.96 -35.44
N GLU B 110 2.82 32.60 -35.17
CA GLU B 110 2.03 33.34 -34.23
C GLU B 110 2.02 32.66 -32.87
N ILE B 111 1.94 31.33 -32.86
CA ILE B 111 1.81 30.66 -31.57
C ILE B 111 3.13 30.46 -30.85
N TRP B 112 4.21 30.17 -31.57
CA TRP B 112 5.46 29.90 -30.87
C TRP B 112 6.04 31.15 -30.25
N ASP B 113 5.77 32.30 -30.85
CA ASP B 113 6.25 33.57 -30.33
C ASP B 113 5.28 34.33 -29.43
N ASN B 114 3.95 34.22 -29.63
CA ASN B 114 3.06 35.01 -28.79
C ASN B 114 2.29 34.24 -27.72
N MET B 115 2.20 32.91 -27.77
CA MET B 115 1.40 32.21 -26.78
C MET B 115 2.18 31.47 -25.73
N THR B 116 1.67 31.55 -24.51
CA THR B 116 2.19 30.88 -23.34
C THR B 116 1.88 29.42 -23.54
N TRP B 117 2.79 28.52 -23.18
CA TRP B 117 2.48 27.09 -23.40
C TRP B 117 1.09 26.77 -22.83
N LEU B 118 0.83 27.27 -21.65
CA LEU B 118 -0.41 27.03 -20.94
C LEU B 118 -1.64 27.47 -21.75
N GLN B 119 -1.55 28.59 -22.48
CA GLN B 119 -2.66 29.09 -23.25
C GLN B 119 -2.93 28.18 -24.42
N TRP B 120 -1.84 27.73 -25.02
CA TRP B 120 -1.92 26.84 -26.16
C TRP B 120 -2.60 25.54 -25.82
N ASP B 121 -2.20 24.96 -24.69
CA ASP B 121 -2.75 23.69 -24.30
C ASP B 121 -4.25 23.82 -24.10
N LYS B 122 -4.70 24.94 -23.54
CA LYS B 122 -6.13 25.09 -23.37
C LYS B 122 -6.85 25.24 -24.71
N GLU B 123 -6.27 25.99 -25.65
CA GLU B 123 -6.93 26.25 -26.92
C GLU B 123 -7.19 25.01 -27.78
N ILE B 124 -6.30 24.03 -27.74
CA ILE B 124 -6.52 22.84 -28.56
C ILE B 124 -6.84 21.61 -27.71
N SER B 125 -7.31 21.80 -26.50
CA SER B 125 -7.54 20.68 -25.61
C SER B 125 -8.56 19.68 -26.11
N ASN B 126 -9.53 20.11 -26.91
CA ASN B 126 -10.57 19.21 -27.35
C ASN B 126 -10.18 18.32 -28.51
N TYR B 127 -8.95 18.40 -28.96
CA TYR B 127 -8.48 17.56 -30.05
C TYR B 127 -7.45 16.55 -29.55
N THR B 128 -7.22 16.50 -28.23
CA THR B 128 -6.14 15.67 -27.70
C THR B 128 -6.25 14.21 -28.11
N GLN B 129 -7.45 13.68 -28.00
CA GLN B 129 -7.73 12.29 -28.27
C GLN B 129 -7.64 11.93 -29.75
N ILE B 130 -7.70 12.93 -30.61
CA ILE B 130 -7.65 12.68 -32.04
C ILE B 130 -6.21 12.52 -32.37
N ILE B 131 -5.43 13.45 -31.88
CA ILE B 131 -4.04 13.45 -32.18
C ILE B 131 -3.40 12.21 -31.62
N TYR B 132 -3.73 11.84 -30.39
CA TYR B 132 -3.09 10.67 -29.82
C TYR B 132 -3.42 9.41 -30.60
N GLY B 133 -4.67 9.23 -31.06
CA GLY B 133 -4.96 8.02 -31.82
C GLY B 133 -4.16 7.98 -33.13
N LEU B 134 -4.01 9.13 -33.78
CA LEU B 134 -3.25 9.20 -35.02
C LEU B 134 -1.80 8.87 -34.80
N LEU B 135 -1.26 9.33 -33.67
CA LEU B 135 0.14 9.08 -33.38
C LEU B 135 0.41 7.60 -33.19
N GLU B 136 -0.52 6.85 -32.59
CA GLU B 136 -0.30 5.42 -32.42
C GLU B 136 -0.26 4.66 -33.77
N GLU B 137 -1.16 5.05 -34.69
CA GLU B 137 -1.24 4.38 -36.01
C GLU B 137 -0.01 4.67 -36.85
N SER B 138 0.52 5.86 -36.66
CA SER B 138 1.69 6.38 -37.33
C SER B 138 2.95 5.63 -36.95
N GLN B 139 2.86 4.81 -35.91
CA GLN B 139 3.98 3.99 -35.53
C GLN B 139 3.69 2.55 -35.88
N ASN B 140 2.60 2.02 -35.35
CA ASN B 140 2.31 0.61 -35.55
C ASN B 140 2.30 0.22 -37.00
N GLN B 141 1.66 1.02 -37.84
CA GLN B 141 1.64 0.67 -39.21
C GLN B 141 2.83 1.25 -39.92
N GLN B 142 2.96 2.56 -39.88
CA GLN B 142 3.95 3.17 -40.75
C GLN B 142 5.42 2.83 -40.45
N GLU B 143 5.76 2.65 -39.18
CA GLU B 143 7.15 2.38 -38.80
C GLU B 143 7.41 0.91 -38.48
N LYS B 144 6.40 0.05 -38.56
CA LYS B 144 6.62 -1.33 -38.15
C LYS B 144 5.99 -2.35 -39.08
N ASN B 145 4.67 -2.33 -39.23
CA ASN B 145 4.03 -3.34 -40.08
C ASN B 145 4.54 -3.18 -41.50
N GLU B 146 4.82 -1.93 -41.88
CA GLU B 146 5.34 -1.60 -43.21
C GLU B 146 6.87 -1.66 -43.32
N GLN B 147 7.56 -1.94 -42.22
CA GLN B 147 9.02 -2.01 -42.23
C GLN B 147 9.59 -3.44 -42.11
N ASP B 148 8.85 -4.35 -41.40
CA ASP B 148 9.17 -5.76 -41.12
C ASP B 148 9.41 -6.56 -42.42
N GLN C 21 1.92 68.78 3.84
CA GLN C 21 1.99 68.47 5.26
C GLN C 21 3.28 67.71 5.64
N LEU C 22 3.88 66.91 4.73
CA LEU C 22 5.13 66.20 5.01
C LEU C 22 6.31 67.14 4.89
N VAL C 23 7.11 67.17 5.92
CA VAL C 23 8.26 68.05 5.91
C VAL C 23 9.56 67.34 6.20
N GLU C 24 10.46 67.35 5.24
CA GLU C 24 11.77 66.74 5.37
C GLU C 24 12.77 67.62 6.09
N SER C 25 13.67 66.97 6.80
CA SER C 25 14.80 67.61 7.47
C SER C 25 15.99 66.68 7.57
N GLY C 26 17.07 67.17 8.18
CA GLY C 26 18.29 66.37 8.37
C GLY C 26 19.25 66.42 7.18
N GLY C 27 18.98 67.27 6.21
CA GLY C 27 19.82 67.37 5.02
C GLY C 27 20.99 68.32 5.26
N GLY C 28 21.68 68.68 4.19
CA GLY C 28 22.86 69.53 4.30
C GLY C 28 24.06 68.90 3.57
N LEU C 29 25.20 69.54 3.71
CA LEU C 29 26.44 69.09 3.10
C LEU C 29 27.22 68.21 4.05
N VAL C 30 27.57 67.02 3.60
CA VAL C 30 28.29 66.08 4.41
C VAL C 30 29.54 65.60 3.67
N LYS C 31 30.47 65.01 4.39
CA LYS C 31 31.68 64.53 3.75
C LYS C 31 31.52 63.10 3.21
N PRO C 32 32.17 62.75 2.10
CA PRO C 32 32.17 61.41 1.55
C PRO C 32 32.67 60.44 2.58
N GLY C 33 32.04 59.27 2.63
CA GLY C 33 32.43 58.22 3.55
C GLY C 33 31.62 58.19 4.85
N THR C 34 30.81 59.22 5.10
CA THR C 34 30.03 59.24 6.34
C THR C 34 28.66 58.60 6.18
N SER C 35 27.90 58.60 7.27
CA SER C 35 26.53 58.07 7.33
C SER C 35 25.57 59.25 7.46
N LEU C 36 24.28 59.02 7.22
CA LEU C 36 23.32 60.13 7.33
C LEU C 36 21.90 59.72 7.62
N SER C 37 21.27 60.35 8.61
CA SER C 37 19.88 60.03 8.86
C SER C 37 18.97 61.20 8.50
N LEU C 38 18.06 60.97 7.56
CA LEU C 38 17.11 61.99 7.15
C LEU C 38 15.80 61.65 7.78
N THR C 39 15.03 62.64 8.15
CA THR C 39 13.73 62.36 8.73
C THR C 39 12.68 63.25 8.12
N CYS C 40 11.39 62.91 8.32
CA CYS C 40 10.27 63.79 7.99
C CYS C 40 9.12 63.54 8.94
N LYS C 41 8.27 64.54 9.04
CA LYS C 41 7.11 64.47 9.90
C LYS C 41 5.85 64.81 9.18
N ALA C 42 4.73 64.25 9.62
CA ALA C 42 3.46 64.62 9.00
C ALA C 42 2.72 65.63 9.85
N SER C 43 2.70 66.87 9.41
CA SER C 43 2.07 67.87 10.22
C SER C 43 0.58 67.75 10.06
N GLY C 44 -0.11 67.44 11.16
CA GLY C 44 -1.54 67.24 11.11
C GLY C 44 -1.96 65.78 11.01
N PHE C 45 -1.02 64.85 10.82
CA PHE C 45 -1.47 63.47 10.70
C PHE C 45 -0.76 62.48 11.58
N ASP C 46 -1.54 61.54 12.05
CA ASP C 46 -0.98 60.39 12.72
C ASP C 46 -0.68 59.43 11.59
N PHE C 47 0.37 58.62 11.68
CA PHE C 47 0.58 57.67 10.59
C PHE C 47 -0.10 56.34 10.83
N SER C 48 -0.88 56.20 11.90
CA SER C 48 -1.55 54.93 12.19
C SER C 48 -2.84 54.78 11.38
N ASP C 49 -2.66 54.66 10.08
CA ASP C 49 -3.70 54.56 9.08
C ASP C 49 -3.15 53.71 7.95
N ASN C 50 -3.91 53.47 6.91
CA ASN C 50 -3.44 52.56 5.87
C ASN C 50 -2.50 53.27 4.91
N TYR C 51 -1.30 53.56 5.36
CA TYR C 51 -0.39 54.31 4.51
C TYR C 51 0.96 53.70 4.24
N TYR C 52 1.44 53.96 3.05
CA TYR C 52 2.84 53.74 2.76
C TYR C 52 3.55 55.05 2.69
N ILE C 53 4.70 55.12 3.33
CA ILE C 53 5.52 56.32 3.21
C ILE C 53 6.75 55.85 2.44
N CYS C 54 7.07 56.50 1.30
CA CYS C 54 8.16 56.08 0.42
C CYS C 54 9.18 57.19 0.26
N TRP C 55 10.42 56.77 0.13
CA TRP C 55 11.50 57.69 -0.14
C TRP C 55 11.92 57.58 -1.59
N VAL C 56 11.97 58.75 -2.22
CA VAL C 56 12.29 58.95 -3.63
C VAL C 56 13.44 59.94 -3.80
N ARG C 57 14.38 59.56 -4.65
CA ARG C 57 15.55 60.38 -4.90
C ARG C 57 15.55 61.06 -6.26
N GLN C 58 16.12 62.26 -6.33
CA GLN C 58 16.30 62.90 -7.62
C GLN C 58 17.58 63.70 -7.75
N ALA C 59 18.58 63.15 -8.42
CA ALA C 59 19.83 63.86 -8.60
C ALA C 59 19.51 65.01 -9.55
N PRO C 60 20.16 66.18 -9.48
CA PRO C 60 19.91 67.25 -10.39
C PRO C 60 20.09 66.78 -11.81
N GLY C 61 19.14 67.13 -12.68
CA GLY C 61 19.19 66.78 -14.09
C GLY C 61 18.67 65.38 -14.39
N LYS C 62 18.30 64.63 -13.36
CA LYS C 62 17.83 63.26 -13.51
C LYS C 62 16.36 63.14 -13.17
N GLY C 63 15.79 62.00 -13.51
CA GLY C 63 14.40 61.75 -13.19
C GLY C 63 14.28 61.22 -11.76
N LEU C 64 13.08 60.83 -11.39
CA LEU C 64 12.79 60.34 -10.05
C LEU C 64 13.14 58.86 -9.95
N GLU C 65 13.80 58.48 -8.85
CA GLU C 65 14.23 57.12 -8.56
C GLU C 65 13.70 56.59 -7.22
N TRP C 66 13.18 55.38 -7.23
CA TRP C 66 12.64 54.81 -6.00
C TRP C 66 13.75 54.27 -5.09
N ILE C 67 13.72 54.59 -3.77
CA ILE C 67 14.70 54.03 -2.82
C ILE C 67 14.11 52.88 -2.03
N GLY C 68 12.92 53.11 -1.48
CA GLY C 68 12.24 52.11 -0.65
C GLY C 68 10.99 52.69 0.03
N CYS C 69 10.16 51.80 0.64
CA CYS C 69 8.89 52.12 1.31
C CYS C 69 8.71 51.40 2.64
N ILE C 70 8.03 52.09 3.55
CA ILE C 70 7.62 51.54 4.83
C ILE C 70 6.12 51.57 5.00
N PHE C 71 5.55 50.44 5.42
CA PHE C 71 4.13 50.41 5.68
C PHE C 71 4.02 50.77 7.14
N THR C 72 3.18 51.73 7.50
CA THR C 72 3.15 52.21 8.86
C THR C 72 2.29 51.53 9.93
N GLN C 73 1.30 50.71 9.60
CA GLN C 73 0.52 50.11 10.71
C GLN C 73 1.25 48.90 11.25
N ASN C 74 1.92 48.24 10.36
CA ASN C 74 2.67 47.05 10.59
C ASN C 74 3.98 47.34 9.97
N VAL C 75 4.98 47.59 10.77
CA VAL C 75 6.15 48.04 10.10
C VAL C 75 6.86 46.96 9.40
N ARG C 76 6.80 47.11 8.10
CA ARG C 76 7.39 46.23 7.12
C ARG C 76 7.97 47.11 6.05
N THR C 77 9.12 46.73 5.51
CA THR C 77 9.71 47.56 4.48
C THR C 77 10.06 46.83 3.21
N TYR C 78 10.17 47.61 2.15
CA TYR C 78 10.54 47.16 0.83
C TYR C 78 11.61 48.07 0.27
N TYR C 79 12.58 47.51 -0.46
CA TYR C 79 13.64 48.36 -1.00
C TYR C 79 13.89 48.16 -2.46
N ALA C 80 14.38 49.20 -3.11
CA ALA C 80 14.83 49.12 -4.47
C ALA C 80 16.05 48.23 -4.46
N ASN C 81 16.27 47.41 -5.47
CA ASN C 81 17.42 46.54 -5.39
C ASN C 81 18.76 47.28 -5.24
N TRP C 82 18.90 48.42 -5.90
CA TRP C 82 20.14 49.19 -5.86
C TRP C 82 20.44 49.76 -4.48
N ALA C 83 19.40 49.90 -3.68
CA ALA C 83 19.47 50.50 -2.37
C ALA C 83 19.78 49.47 -1.27
N LYS C 84 19.80 48.19 -1.60
CA LYS C 84 19.97 47.24 -0.52
C LYS C 84 21.35 47.31 0.09
N GLY C 85 21.38 47.42 1.42
CA GLY C 85 22.61 47.49 2.20
C GLY C 85 23.14 48.92 2.28
N ARG C 86 22.48 49.83 1.57
CA ARG C 86 22.89 51.20 1.52
C ARG C 86 21.88 52.06 2.24
N PHE C 87 20.63 51.65 2.19
CA PHE C 87 19.58 52.39 2.84
C PHE C 87 18.77 51.47 3.70
N THR C 88 18.30 51.98 4.82
CA THR C 88 17.34 51.30 5.66
C THR C 88 16.22 52.29 5.97
N ILE C 89 15.03 51.79 6.23
CA ILE C 89 13.90 52.64 6.57
C ILE C 89 13.26 52.17 7.85
N SER C 90 12.89 53.10 8.71
CA SER C 90 12.22 52.75 9.95
C SER C 90 11.26 53.84 10.40
N LYS C 91 10.38 53.50 11.33
CA LYS C 91 9.43 54.44 11.88
C LYS C 91 9.86 54.69 13.30
N THR C 92 9.64 55.91 13.80
CA THR C 92 10.01 56.19 15.18
C THR C 92 8.77 56.66 15.95
N SER C 93 8.52 57.94 15.92
CA SER C 93 7.37 58.52 16.61
C SER C 93 6.15 58.23 15.77
N SER C 94 4.96 58.32 16.34
CA SER C 94 3.75 58.02 15.57
C SER C 94 3.51 58.96 14.40
N THR C 95 4.16 60.11 14.43
CA THR C 95 4.06 61.13 13.40
C THR C 95 5.33 61.28 12.57
N THR C 96 6.37 60.47 12.80
CA THR C 96 7.61 60.66 12.01
C THR C 96 8.23 59.36 11.49
N VAL C 97 8.98 59.50 10.40
CA VAL C 97 9.74 58.38 9.83
C VAL C 97 11.17 58.79 9.52
N THR C 98 12.03 57.79 9.35
CA THR C 98 13.42 58.05 8.99
C THR C 98 13.99 57.14 7.91
N LEU C 99 14.92 57.72 7.14
CA LEU C 99 15.71 57.06 6.11
C LEU C 99 17.16 57.14 6.50
N GLN C 100 17.80 56.00 6.67
CA GLN C 100 19.19 56.04 7.06
C GLN C 100 20.11 55.51 6.00
N MET C 101 21.11 56.30 5.68
CA MET C 101 22.12 55.93 4.71
C MET C 101 23.22 55.27 5.51
N THR C 102 23.73 54.13 5.03
CA THR C 102 24.76 53.42 5.76
C THR C 102 26.15 53.95 5.44
N SER C 103 26.26 54.56 4.27
CA SER C 103 27.47 55.22 3.81
C SER C 103 27.03 56.17 2.71
N LEU C 104 27.78 57.24 2.50
CA LEU C 104 27.49 58.11 1.38
C LEU C 104 28.64 58.32 0.42
N THR C 105 28.30 58.42 -0.86
CA THR C 105 29.32 58.78 -1.84
C THR C 105 28.92 60.00 -2.64
N VAL C 106 29.80 60.47 -3.48
CA VAL C 106 29.53 61.69 -4.24
C VAL C 106 28.38 61.53 -5.22
N ALA C 107 28.18 60.30 -5.67
CA ALA C 107 27.12 59.96 -6.59
C ALA C 107 25.74 60.03 -5.94
N ASP C 108 25.69 60.17 -4.62
CA ASP C 108 24.44 60.21 -3.90
C ASP C 108 23.96 61.63 -3.70
N THR C 109 24.65 62.62 -4.28
CA THR C 109 24.12 63.97 -4.16
C THR C 109 22.79 63.97 -4.88
N ALA C 110 21.77 64.40 -4.17
CA ALA C 110 20.43 64.40 -4.74
C ALA C 110 19.43 65.09 -3.85
N THR C 111 18.27 65.39 -4.42
CA THR C 111 17.15 65.83 -3.64
C THR C 111 16.49 64.58 -3.09
N TYR C 112 16.14 64.57 -1.83
CA TYR C 112 15.43 63.44 -1.27
C TYR C 112 14.05 63.89 -0.84
N PHE C 113 13.05 63.08 -1.14
CA PHE C 113 11.68 63.37 -0.78
C PHE C 113 11.05 62.20 -0.05
N CYS C 114 10.11 62.46 0.90
CA CYS C 114 9.25 61.41 1.44
C CYS C 114 7.89 61.73 0.87
N ALA C 115 7.10 60.71 0.66
CA ALA C 115 5.76 60.94 0.17
C ALA C 115 4.81 59.90 0.68
N ARG C 116 3.55 60.29 0.82
CA ARG C 116 2.54 59.39 1.27
C ARG C 116 1.69 58.90 0.14
N PHE C 117 1.53 57.60 0.14
CA PHE C 117 0.75 56.85 -0.80
C PHE C 117 -0.48 56.27 -0.13
N SER C 118 -1.62 56.87 -0.41
CA SER C 118 -2.86 56.48 0.22
C SER C 118 -3.55 55.33 -0.52
N ASP C 119 -4.55 54.79 0.15
CA ASP C 119 -5.36 53.63 -0.23
C ASP C 119 -6.53 53.82 -1.21
N THR C 120 -6.39 53.38 -2.47
CA THR C 120 -7.50 53.45 -3.42
C THR C 120 -7.81 52.08 -3.99
N GLY C 121 -8.99 51.56 -3.72
CA GLY C 121 -9.32 50.24 -4.23
C GLY C 121 -8.23 49.22 -3.85
N PRO C 122 -7.64 48.50 -4.83
CA PRO C 122 -6.61 47.48 -4.73
C PRO C 122 -5.17 48.02 -4.76
N ASP C 123 -5.01 49.34 -4.72
CA ASP C 123 -3.75 49.97 -5.00
C ASP C 123 -3.30 51.13 -4.10
N TYR C 124 -2.20 50.99 -3.32
CA TYR C 124 -1.80 52.17 -2.52
C TYR C 124 -0.97 53.05 -3.44
N GLY C 125 -1.64 53.62 -4.41
CA GLY C 125 -1.04 54.39 -5.47
C GLY C 125 -1.35 55.86 -5.39
N LEU C 126 -2.02 56.31 -4.34
CA LEU C 126 -2.39 57.71 -4.31
C LEU C 126 -1.26 58.52 -3.78
N GLY C 127 -0.21 58.63 -4.57
CA GLY C 127 1.01 59.32 -4.21
C GLY C 127 0.79 60.80 -4.39
N ASN C 128 -0.11 61.35 -3.59
CA ASN C 128 -0.44 62.73 -3.77
C ASN C 128 0.10 63.64 -2.71
N LEU C 129 0.70 63.12 -1.65
CA LEU C 129 1.27 64.02 -0.66
C LEU C 129 2.76 63.91 -0.66
N TRP C 130 3.42 64.90 -1.21
CA TRP C 130 4.87 64.89 -1.29
C TRP C 130 5.35 66.04 -0.47
N GLY C 131 6.47 65.90 0.20
CA GLY C 131 7.00 67.04 0.89
C GLY C 131 7.79 67.84 -0.12
N PRO C 132 8.31 69.02 0.24
CA PRO C 132 9.14 69.85 -0.60
C PRO C 132 10.49 69.21 -0.86
N GLY C 133 10.89 68.29 0.01
CA GLY C 133 12.14 67.61 -0.12
C GLY C 133 13.25 68.38 0.56
N SER C 134 14.41 67.76 0.63
CA SER C 134 15.58 68.35 1.23
C SER C 134 16.76 67.95 0.40
N LEU C 135 17.85 68.70 0.49
CA LEU C 135 19.00 68.32 -0.31
C LEU C 135 20.10 67.70 0.50
N VAL C 136 20.74 66.69 -0.09
CA VAL C 136 21.93 66.11 0.49
C VAL C 136 23.04 66.26 -0.51
N THR C 137 24.11 66.88 -0.09
CA THR C 137 25.25 67.09 -0.98
C THR C 137 26.43 66.36 -0.35
N VAL C 138 27.22 65.61 -1.17
CA VAL C 138 28.35 64.82 -0.66
C VAL C 138 29.60 65.22 -1.44
N ILE D 22 11.34 47.83 -10.00
CA ILE D 22 11.97 46.77 -10.82
C ILE D 22 11.17 46.43 -12.11
N VAL D 23 10.18 47.28 -12.49
CA VAL D 23 9.25 47.07 -13.61
C VAL D 23 9.29 48.06 -14.80
N MET D 24 9.26 49.36 -14.56
CA MET D 24 9.00 50.29 -15.68
C MET D 24 10.18 50.84 -16.47
N THR D 25 9.91 51.12 -17.75
CA THR D 25 10.77 51.84 -18.69
C THR D 25 9.92 52.85 -19.45
N GLN D 26 10.52 53.94 -19.91
CA GLN D 26 9.80 54.98 -20.68
C GLN D 26 10.59 55.37 -21.90
N THR D 27 9.92 55.54 -23.05
CA THR D 27 10.68 55.78 -24.27
C THR D 27 10.69 57.10 -25.10
N PRO D 28 9.71 58.03 -25.05
CA PRO D 28 9.69 59.20 -25.92
C PRO D 28 10.80 60.23 -25.75
N ALA D 29 11.44 60.30 -24.58
CA ALA D 29 12.57 61.21 -24.29
C ALA D 29 12.27 62.72 -24.33
N SER D 30 11.83 63.23 -25.49
CA SER D 30 11.53 64.65 -25.66
C SER D 30 10.47 64.92 -26.73
N VAL D 31 9.51 65.80 -26.43
CA VAL D 31 8.49 66.13 -27.42
C VAL D 31 8.16 67.62 -27.41
N GLU D 32 7.99 68.20 -28.58
CA GLU D 32 7.63 69.60 -28.69
C GLU D 32 6.26 69.75 -29.33
N ALA D 33 5.49 70.71 -28.83
CA ALA D 33 4.18 70.97 -29.43
C ALA D 33 3.80 72.44 -29.39
N ALA D 34 2.93 72.81 -30.31
CA ALA D 34 2.37 74.13 -30.38
C ALA D 34 1.30 74.29 -29.33
N VAL D 35 1.02 75.52 -28.96
CA VAL D 35 -0.01 75.77 -27.99
C VAL D 35 -1.33 75.33 -28.61
N GLY D 36 -2.10 74.55 -27.87
CA GLY D 36 -3.38 74.01 -28.29
C GLY D 36 -3.24 72.64 -28.95
N GLY D 37 -2.01 72.14 -29.09
CA GLY D 37 -1.77 70.86 -29.72
C GLY D 37 -1.88 69.69 -28.76
N THR D 38 -1.48 68.51 -29.22
CA THR D 38 -1.55 67.30 -28.41
C THR D 38 -0.26 66.50 -28.49
N VAL D 39 0.17 65.97 -27.36
CA VAL D 39 1.31 65.06 -27.35
C VAL D 39 0.95 63.82 -26.62
N THR D 40 1.66 62.75 -26.90
CA THR D 40 1.48 61.53 -26.15
C THR D 40 2.80 61.01 -25.72
N ILE D 41 2.82 60.30 -24.61
CA ILE D 41 4.00 59.63 -24.15
C ILE D 41 3.66 58.18 -23.85
N LYS D 42 4.66 57.31 -23.86
CA LYS D 42 4.42 55.90 -23.58
C LYS D 42 5.48 55.24 -22.68
N CYS D 43 5.01 54.34 -21.78
CA CYS D 43 5.76 53.51 -20.86
C CYS D 43 5.47 52.04 -21.07
N GLN D 44 6.43 51.21 -20.72
CA GLN D 44 6.23 49.78 -20.78
C GLN D 44 6.65 49.12 -19.49
N ALA D 45 6.01 48.01 -19.19
CA ALA D 45 6.40 47.23 -18.02
C ALA D 45 7.12 45.98 -18.47
N SER D 46 8.13 45.58 -17.72
CA SER D 46 8.85 44.35 -18.00
C SER D 46 8.11 43.13 -17.48
N GLN D 47 7.11 43.36 -16.66
CA GLN D 47 6.31 42.31 -16.07
C GLN D 47 4.86 42.76 -16.17
N ARG D 48 3.92 41.84 -16.34
CA ARG D 48 2.54 42.33 -16.38
C ARG D 48 2.11 42.84 -15.03
N ILE D 49 1.53 44.04 -15.02
CA ILE D 49 1.05 44.68 -13.80
C ILE D 49 -0.40 45.14 -13.84
N GLY D 50 -1.25 44.46 -14.58
CA GLY D 50 -2.66 44.85 -14.59
C GLY D 50 -2.84 46.27 -15.08
N SER D 51 -3.51 47.09 -14.28
CA SER D 51 -3.79 48.49 -14.57
C SER D 51 -3.06 49.38 -13.56
N HIS D 52 -2.10 48.80 -12.85
CA HIS D 52 -1.39 49.47 -11.78
C HIS D 52 -0.26 50.42 -12.19
N VAL D 53 -0.63 51.45 -12.94
CA VAL D 53 0.34 52.48 -13.34
C VAL D 53 -0.15 53.87 -13.06
N SER D 54 0.63 54.61 -12.29
CA SER D 54 0.25 55.98 -11.96
C SER D 54 1.10 56.90 -12.79
N TRP D 55 0.66 58.15 -12.92
CA TRP D 55 1.43 59.14 -13.68
C TRP D 55 1.61 60.43 -12.90
N TYR D 56 2.79 61.02 -13.06
CA TYR D 56 3.13 62.28 -12.39
C TYR D 56 3.59 63.37 -13.31
N GLN D 57 3.33 64.61 -12.90
CA GLN D 57 3.79 65.81 -13.57
C GLN D 57 4.73 66.62 -12.71
N GLN D 58 5.99 66.75 -13.11
CA GLN D 58 6.92 67.52 -12.31
C GLN D 58 7.40 68.78 -12.99
N LYS D 59 7.04 69.91 -12.43
CA LYS D 59 7.45 71.17 -13.02
C LYS D 59 8.85 71.45 -12.46
N PRO D 60 9.71 72.19 -13.16
CA PRO D 60 11.04 72.50 -12.69
C PRO D 60 11.02 73.20 -11.35
N GLY D 61 11.86 72.74 -10.44
CA GLY D 61 11.96 73.36 -9.13
C GLY D 61 10.87 72.94 -8.13
N GLN D 62 10.01 72.01 -8.51
CA GLN D 62 8.92 71.63 -7.62
C GLN D 62 8.83 70.13 -7.35
N ARG D 63 8.24 69.79 -6.20
CA ARG D 63 7.92 68.42 -5.88
C ARG D 63 6.87 68.00 -6.90
N PRO D 64 6.76 66.73 -7.30
CA PRO D 64 5.84 66.26 -8.29
C PRO D 64 4.38 66.28 -7.85
N LYS D 65 3.50 66.45 -8.84
CA LYS D 65 2.05 66.38 -8.67
C LYS D 65 1.46 65.10 -9.26
N LEU D 66 0.53 64.50 -8.55
CA LEU D 66 -0.09 63.30 -9.10
C LEU D 66 -1.18 63.66 -10.09
N LEU D 67 -1.16 63.02 -11.26
CA LEU D 67 -2.22 63.26 -12.22
C LEU D 67 -3.18 62.10 -12.30
N ILE D 68 -2.58 60.92 -12.35
CA ILE D 68 -3.31 59.67 -12.56
C ILE D 68 -3.03 58.62 -11.50
N TYR D 69 -4.09 58.01 -10.99
CA TYR D 69 -4.00 56.96 -9.97
C TYR D 69 -3.61 55.62 -10.54
N GLY D 70 -4.42 55.15 -11.49
CA GLY D 70 -4.22 53.88 -12.16
C GLY D 70 -4.28 54.16 -13.63
N ALA D 71 -4.25 53.14 -14.47
CA ALA D 71 -4.20 53.44 -15.88
C ALA D 71 -5.35 54.30 -16.39
N SER D 72 -6.56 54.15 -15.86
CA SER D 72 -7.72 54.92 -16.35
C SER D 72 -8.33 55.96 -15.39
N ASN D 73 -7.69 56.29 -14.29
CA ASN D 73 -8.35 57.19 -13.31
C ASN D 73 -7.62 58.48 -12.92
N LEU D 74 -8.24 59.63 -13.22
CA LEU D 74 -7.63 60.92 -12.88
C LEU D 74 -7.90 61.31 -11.45
N GLU D 75 -6.98 62.05 -10.87
CA GLU D 75 -7.20 62.63 -9.56
C GLU D 75 -8.08 63.86 -9.67
N SER D 76 -8.97 64.06 -8.70
CA SER D 76 -9.80 65.24 -8.74
C SER D 76 -8.90 66.47 -8.73
N GLY D 77 -9.25 67.46 -9.53
CA GLY D 77 -8.48 68.69 -9.62
C GLY D 77 -7.57 68.66 -10.85
N VAL D 78 -7.44 67.50 -11.48
CA VAL D 78 -6.65 67.36 -12.68
C VAL D 78 -7.51 67.73 -13.88
N PRO D 79 -7.08 68.66 -14.74
CA PRO D 79 -7.81 69.10 -15.89
C PRO D 79 -8.17 67.91 -16.77
N SER D 80 -9.35 67.96 -17.36
CA SER D 80 -9.94 66.90 -18.21
C SER D 80 -9.17 66.65 -19.49
N ARG D 81 -8.27 67.56 -19.82
CA ARG D 81 -7.41 67.44 -21.00
C ARG D 81 -6.37 66.34 -20.80
N PHE D 82 -6.14 65.91 -19.55
CA PHE D 82 -5.22 64.83 -19.30
C PHE D 82 -6.01 63.55 -19.28
N SER D 83 -5.56 62.55 -20.01
CA SER D 83 -6.26 61.28 -20.00
C SER D 83 -5.31 60.17 -20.37
N GLY D 84 -5.68 58.93 -20.11
CA GLY D 84 -4.80 57.84 -20.50
C GLY D 84 -5.47 56.50 -20.34
N SER D 85 -4.70 55.47 -20.67
CA SER D 85 -5.16 54.10 -20.65
C SER D 85 -4.00 53.14 -20.67
N GLY D 86 -4.29 51.86 -20.49
CA GLY D 86 -3.26 50.85 -20.62
C GLY D 86 -3.55 49.64 -19.78
N SER D 87 -2.85 48.57 -20.09
CA SER D 87 -2.97 47.32 -19.36
C SER D 87 -1.80 46.37 -19.59
N GLY D 88 -1.59 45.48 -18.65
CA GLY D 88 -0.58 44.46 -18.87
C GLY D 88 0.76 45.14 -18.84
N THR D 89 1.37 45.25 -20.01
CA THR D 89 2.65 45.90 -20.10
C THR D 89 2.67 47.18 -20.93
N GLN D 90 1.55 47.59 -21.52
CA GLN D 90 1.56 48.77 -22.39
C GLN D 90 0.74 49.93 -21.83
N PHE D 91 1.40 51.06 -21.49
CA PHE D 91 0.67 52.18 -20.89
C PHE D 91 0.95 53.54 -21.53
N THR D 92 -0.11 54.34 -21.75
CA THR D 92 0.09 55.67 -22.34
C THR D 92 -0.64 56.81 -21.64
N LEU D 93 -0.10 58.01 -21.89
CA LEU D 93 -0.68 59.28 -21.43
C LEU D 93 -0.84 60.25 -22.58
N THR D 94 -2.04 60.78 -22.71
CA THR D 94 -2.35 61.76 -23.74
C THR D 94 -2.61 63.10 -23.10
N ILE D 95 -1.93 64.12 -23.59
CA ILE D 95 -2.18 65.43 -23.04
C ILE D 95 -2.68 66.33 -24.16
N SER D 96 -3.96 66.63 -24.15
CA SER D 96 -4.56 67.43 -25.22
C SER D 96 -4.67 68.87 -24.83
N ASP D 97 -5.00 69.74 -25.80
CA ASP D 97 -5.22 71.15 -25.53
C ASP D 97 -4.09 71.73 -24.73
N LEU D 98 -2.87 71.45 -25.13
CA LEU D 98 -1.74 71.90 -24.36
C LEU D 98 -1.74 73.40 -24.15
N GLU D 99 -1.57 73.77 -22.91
CA GLU D 99 -1.54 75.16 -22.53
C GLU D 99 -0.14 75.73 -22.69
N CYS D 100 -0.07 77.02 -22.96
CA CYS D 100 1.21 77.65 -23.12
C CYS D 100 2.00 77.55 -21.85
N ALA D 101 3.27 77.18 -22.00
CA ALA D 101 4.21 77.03 -20.91
C ALA D 101 3.84 75.92 -19.92
N ASP D 102 2.99 74.96 -20.31
CA ASP D 102 2.73 73.81 -19.46
C ASP D 102 3.80 72.79 -19.72
N ALA D 103 5.01 73.13 -19.33
CA ALA D 103 6.17 72.31 -19.54
C ALA D 103 6.40 71.49 -18.32
N ALA D 104 6.74 70.23 -18.53
CA ALA D 104 6.99 69.35 -17.39
C ALA D 104 7.65 68.07 -17.79
N THR D 105 8.22 67.43 -16.79
CA THR D 105 8.74 66.10 -16.99
C THR D 105 7.69 65.15 -16.50
N TYR D 106 7.32 64.18 -17.30
CA TYR D 106 6.32 63.26 -16.86
C TYR D 106 6.97 61.92 -16.53
N TYR D 107 6.36 61.25 -15.56
CA TYR D 107 6.86 59.98 -15.08
C TYR D 107 5.80 58.90 -14.92
N CYS D 108 6.23 57.62 -14.98
CA CYS D 108 5.43 56.43 -14.70
C CYS D 108 5.93 55.75 -13.45
N GLN D 109 4.99 55.23 -12.70
CA GLN D 109 5.32 54.43 -11.55
C GLN D 109 4.52 53.16 -11.52
N ALA D 110 5.21 52.07 -11.24
CA ALA D 110 4.51 50.81 -11.08
C ALA D 110 4.01 50.86 -9.68
N THR D 111 2.74 50.61 -9.48
CA THR D 111 2.20 50.66 -8.14
C THR D 111 1.98 49.27 -7.62
N TYR D 112 2.38 48.30 -8.41
CA TYR D 112 2.22 46.93 -8.01
C TYR D 112 3.49 46.19 -8.20
N ASP D 113 3.92 45.48 -7.17
CA ASP D 113 5.12 44.70 -7.21
C ASP D 113 4.71 43.24 -7.42
N PRO D 114 4.89 42.67 -8.60
CA PRO D 114 4.44 41.34 -8.97
C PRO D 114 5.26 40.26 -8.33
N TYR D 115 6.37 40.62 -7.66
CA TYR D 115 7.25 39.65 -7.07
C TYR D 115 6.93 39.48 -5.60
N THR D 116 6.71 40.58 -4.90
CA THR D 116 6.43 40.51 -3.48
C THR D 116 4.94 40.48 -3.20
N GLY D 117 4.13 40.92 -4.17
CA GLY D 117 2.70 40.96 -4.02
C GLY D 117 2.20 42.22 -3.38
N GLY D 118 3.11 43.11 -2.99
CA GLY D 118 2.66 44.31 -2.34
C GLY D 118 2.05 45.22 -3.36
N SER D 119 1.30 46.20 -2.91
CA SER D 119 0.70 47.11 -3.86
C SER D 119 0.97 48.53 -3.43
N TYR D 120 2.14 49.01 -3.79
CA TYR D 120 2.68 50.29 -3.36
C TYR D 120 3.65 50.77 -4.43
N GLY D 121 4.04 52.04 -4.42
CA GLY D 121 5.00 52.45 -5.44
C GLY D 121 6.23 51.56 -5.34
N ALA D 122 6.58 50.90 -6.43
CA ALA D 122 7.69 49.96 -6.44
C ALA D 122 8.44 49.99 -7.74
N GLY D 123 9.17 51.03 -7.96
CA GLY D 123 9.88 51.23 -9.22
C GLY D 123 9.29 52.44 -9.88
N PHE D 124 10.17 53.29 -10.35
CA PHE D 124 9.75 54.55 -10.90
C PHE D 124 10.72 54.88 -12.03
N GLY D 125 10.28 55.57 -13.04
CA GLY D 125 11.20 56.02 -14.06
C GLY D 125 10.51 56.94 -15.04
N GLY D 126 11.26 57.51 -15.97
CA GLY D 126 10.60 58.45 -16.87
C GLY D 126 11.56 59.41 -17.52
N GLY D 127 11.04 60.59 -17.86
CA GLY D 127 11.73 61.63 -18.59
C GLY D 127 11.07 61.85 -19.93
N THR D 128 10.41 63.00 -20.08
CA THR D 128 9.70 63.35 -21.31
C THR D 128 10.02 64.71 -21.89
N ALA D 129 10.56 65.63 -21.11
CA ALA D 129 10.81 66.97 -21.60
C ALA D 129 9.65 67.52 -22.45
N VAL D 130 8.43 67.61 -21.90
CA VAL D 130 7.40 68.12 -22.77
C VAL D 130 7.52 69.62 -22.75
N VAL D 131 7.71 70.22 -23.92
CA VAL D 131 7.84 71.66 -24.00
C VAL D 131 6.78 72.23 -24.96
N VAL D 132 6.15 73.38 -24.60
CA VAL D 132 5.07 74.00 -25.38
C VAL D 132 5.28 75.52 -25.40
N LEU E 39 39.45 12.57 -22.90
CA LEU E 39 38.54 11.48 -22.60
C LEU E 39 37.16 12.07 -22.36
N TRP E 40 36.12 11.20 -22.37
CA TRP E 40 34.69 11.53 -22.25
C TRP E 40 34.00 10.71 -21.18
N VAL E 41 32.91 11.25 -20.67
CA VAL E 41 32.11 10.56 -19.69
C VAL E 41 31.29 9.46 -20.34
N THR E 42 31.41 8.26 -19.80
CA THR E 42 30.61 7.13 -20.22
C THR E 42 29.85 6.62 -19.02
N VAL E 43 28.56 6.45 -19.24
CA VAL E 43 27.62 6.02 -18.23
C VAL E 43 27.46 4.52 -18.29
N TYR E 44 27.54 3.88 -17.13
CA TYR E 44 27.37 2.45 -17.05
C TYR E 44 26.25 2.08 -16.12
N TYR E 45 25.41 1.16 -16.56
CA TYR E 45 24.28 0.73 -15.75
C TYR E 45 24.31 -0.74 -15.44
N GLY E 46 24.18 -1.04 -14.16
CA GLY E 46 24.26 -2.40 -13.67
C GLY E 46 25.63 -2.61 -13.06
N VAL E 47 26.25 -1.54 -12.60
CA VAL E 47 27.57 -1.68 -12.03
C VAL E 47 27.45 -2.34 -10.66
N PRO E 48 28.36 -3.23 -10.28
CA PRO E 48 28.37 -3.97 -9.04
C PRO E 48 28.84 -3.17 -7.84
N VAL E 49 28.07 -2.17 -7.49
CA VAL E 49 28.41 -1.27 -6.39
C VAL E 49 27.36 -1.24 -5.31
N TRP E 50 27.80 -1.30 -4.06
CA TRP E 50 26.87 -1.26 -2.96
C TRP E 50 27.33 -0.34 -1.85
N LYS E 51 26.35 0.14 -1.10
CA LYS E 51 26.55 1.02 0.04
C LYS E 51 25.69 0.58 1.23
N ASP E 52 26.09 0.94 2.44
CA ASP E 52 25.30 0.53 3.60
C ASP E 52 23.87 1.07 3.55
N ALA E 53 22.89 0.26 3.99
CA ALA E 53 21.51 0.74 3.94
C ALA E 53 20.60 0.14 4.99
N GLU E 54 19.53 0.87 5.31
CA GLU E 54 18.53 0.32 6.20
C GLU E 54 17.17 0.31 5.51
N THR E 55 16.60 -0.87 5.38
CA THR E 55 15.31 -1.07 4.73
C THR E 55 14.57 -1.99 5.63
N THR E 56 13.29 -2.16 5.39
CA THR E 56 12.61 -3.18 6.12
C THR E 56 12.90 -4.47 5.41
N LEU E 57 12.77 -5.58 6.11
CA LEU E 57 12.94 -6.89 5.48
C LEU E 57 11.65 -7.70 5.43
N PHE E 58 11.56 -8.55 4.42
CA PHE E 58 10.45 -9.47 4.21
C PHE E 58 10.61 -10.72 5.06
N CYS E 59 9.49 -11.32 5.51
CA CYS E 59 9.49 -12.64 6.15
C CYS E 59 9.23 -13.71 5.11
N ALA E 60 10.06 -14.72 5.15
CA ALA E 60 9.91 -15.89 4.32
C ALA E 60 9.94 -17.12 5.23
N SER E 61 9.21 -18.20 4.83
CA SER E 61 9.12 -19.49 5.56
C SER E 61 8.32 -20.53 4.76
N HIS E 71 -1.87 -23.44 14.29
CA HIS E 71 -1.32 -22.13 13.99
C HIS E 71 -0.34 -21.72 15.13
N ASN E 72 0.83 -21.15 14.74
CA ASN E 72 1.88 -20.66 15.65
C ASN E 72 1.93 -19.13 15.78
N VAL E 73 2.12 -18.69 17.03
CA VAL E 73 2.11 -17.29 17.45
C VAL E 73 3.06 -16.39 16.68
N TRP E 74 4.22 -16.92 16.27
CA TRP E 74 5.23 -16.17 15.54
C TRP E 74 5.29 -16.59 14.11
N ALA E 75 5.01 -17.86 13.83
CA ALA E 75 5.16 -18.33 12.47
C ALA E 75 4.30 -17.51 11.57
N THR E 76 3.13 -17.10 12.09
CA THR E 76 2.16 -16.23 11.43
C THR E 76 1.37 -16.92 10.31
N HIS E 77 2.11 -17.64 9.46
CA HIS E 77 1.62 -18.37 8.31
C HIS E 77 1.11 -17.42 7.25
N ALA E 78 1.81 -16.29 7.13
CA ALA E 78 1.59 -15.26 6.11
C ALA E 78 2.92 -14.73 5.54
N CYS E 79 3.95 -15.59 5.47
CA CYS E 79 5.30 -15.32 5.00
C CYS E 79 5.42 -15.85 3.58
N VAL E 80 6.36 -15.29 2.86
CA VAL E 80 6.62 -15.69 1.50
C VAL E 80 7.27 -17.08 1.54
N PRO E 81 6.84 -18.08 0.81
CA PRO E 81 7.47 -19.37 0.80
C PRO E 81 8.94 -19.17 0.43
N THR E 82 9.83 -19.89 1.08
CA THR E 82 11.24 -19.74 0.77
C THR E 82 11.61 -20.41 -0.52
N ASP E 83 12.79 -20.05 -1.01
CA ASP E 83 13.39 -20.63 -2.18
C ASP E 83 13.95 -21.99 -1.79
N PRO E 84 13.49 -23.12 -2.35
CA PRO E 84 13.97 -24.45 -2.03
C PRO E 84 15.43 -24.65 -2.45
N ASN E 85 15.92 -23.80 -3.35
CA ASN E 85 17.29 -23.90 -3.83
C ASN E 85 17.94 -22.52 -3.86
N PRO E 86 18.16 -21.88 -2.70
CA PRO E 86 18.60 -20.52 -2.56
C PRO E 86 20.01 -20.40 -3.04
N GLN E 87 20.36 -19.24 -3.55
CA GLN E 87 21.71 -19.05 -4.01
C GLN E 87 22.56 -18.31 -3.01
N GLU E 88 23.85 -18.60 -3.06
CA GLU E 88 24.85 -17.92 -2.29
C GLU E 88 25.99 -17.62 -3.24
N ILE E 89 26.33 -16.36 -3.36
CA ILE E 89 27.33 -15.97 -4.31
C ILE E 89 28.59 -15.45 -3.67
N HIS E 90 29.67 -16.15 -3.85
CA HIS E 90 30.92 -15.75 -3.23
C HIS E 90 31.55 -14.55 -3.88
N LEU E 91 32.08 -13.63 -3.07
CA LEU E 91 32.75 -12.48 -3.65
C LEU E 91 34.26 -12.51 -3.45
N GLU E 92 34.96 -12.86 -4.50
CA GLU E 92 36.41 -12.98 -4.45
C GLU E 92 37.03 -11.60 -4.27
N ASN E 93 38.12 -11.51 -3.48
CA ASN E 93 38.89 -10.28 -3.23
C ASN E 93 38.07 -9.15 -2.55
N VAL E 94 36.89 -9.46 -1.94
CA VAL E 94 36.07 -8.46 -1.22
C VAL E 94 36.22 -8.54 0.27
N THR E 95 36.63 -7.43 0.84
CA THR E 95 36.77 -7.30 2.27
C THR E 95 35.71 -6.30 2.65
N GLU E 96 34.92 -6.62 3.65
CA GLU E 96 33.86 -5.70 4.04
C GLU E 96 33.75 -5.64 5.55
N GLU E 97 33.29 -4.49 6.06
CA GLU E 97 33.16 -4.26 7.50
C GLU E 97 31.76 -4.45 8.06
N PHE E 98 31.72 -5.27 9.10
CA PHE E 98 30.51 -5.63 9.80
C PHE E 98 30.56 -5.15 11.25
N ASN E 99 29.40 -4.89 11.85
CA ASN E 99 29.34 -4.51 13.25
C ASN E 99 28.06 -5.01 13.89
N MET E 100 28.16 -6.09 14.65
CA MET E 100 26.97 -6.75 15.20
C MET E 100 26.26 -5.93 16.25
N TRP E 101 26.93 -4.91 16.79
CA TRP E 101 26.35 -4.15 17.88
C TRP E 101 25.55 -2.98 17.35
N LYS E 102 25.65 -2.71 16.05
CA LYS E 102 25.01 -1.55 15.45
C LYS E 102 24.16 -2.00 14.29
N ASN E 103 23.85 -3.29 14.28
CA ASN E 103 23.13 -3.96 13.21
C ASN E 103 21.63 -3.79 13.37
N ASN E 104 21.00 -3.06 12.46
CA ASN E 104 19.58 -2.74 12.59
C ASN E 104 18.66 -3.92 12.30
N MET E 105 19.24 -5.04 11.90
CA MET E 105 18.44 -6.23 11.66
C MET E 105 17.99 -6.75 13.02
N VAL E 106 18.74 -6.41 14.07
CA VAL E 106 18.44 -6.86 15.40
C VAL E 106 17.22 -6.12 15.87
N GLU E 107 17.19 -4.82 15.59
CA GLU E 107 16.08 -4.00 15.98
C GLU E 107 14.83 -4.41 15.23
N GLN E 108 14.94 -4.80 13.96
CA GLN E 108 13.73 -5.23 13.30
C GLN E 108 13.23 -6.55 13.85
N MET E 109 14.12 -7.47 14.19
CA MET E 109 13.62 -8.72 14.73
C MET E 109 12.86 -8.46 16.00
N HIS E 110 13.41 -7.58 16.83
CA HIS E 110 12.81 -7.26 18.10
C HIS E 110 11.46 -6.59 17.93
N THR E 111 11.38 -5.60 17.06
CA THR E 111 10.12 -4.92 16.88
C THR E 111 9.07 -5.85 16.31
N ASP E 112 9.43 -6.67 15.31
CA ASP E 112 8.40 -7.49 14.73
C ASP E 112 7.95 -8.57 15.66
N ILE E 113 8.84 -9.16 16.45
CA ILE E 113 8.37 -10.24 17.27
C ILE E 113 7.44 -9.72 18.35
N ILE E 114 7.70 -8.52 18.86
CA ILE E 114 6.82 -7.96 19.85
C ILE E 114 5.47 -7.64 19.23
N SER E 115 5.46 -7.05 18.04
CA SER E 115 4.20 -6.73 17.41
C SER E 115 3.40 -8.00 17.14
N LEU E 116 4.06 -9.08 16.74
CA LEU E 116 3.35 -10.32 16.49
C LEU E 116 2.80 -10.89 17.76
N TRP E 117 3.56 -10.81 18.84
CA TRP E 117 3.08 -11.35 20.10
C TRP E 117 1.71 -10.78 20.38
N ASP E 118 1.57 -9.47 20.26
CA ASP E 118 0.28 -8.90 20.50
C ASP E 118 -0.73 -9.15 19.39
N GLN E 119 -0.33 -9.12 18.13
CA GLN E 119 -1.34 -9.32 17.12
C GLN E 119 -1.97 -10.71 17.24
N SER E 120 -1.16 -11.69 17.61
CA SER E 120 -1.60 -13.06 17.78
C SER E 120 -2.37 -13.32 19.08
N LEU E 121 -1.95 -12.72 20.21
CA LEU E 121 -2.64 -12.99 21.46
C LEU E 121 -3.72 -11.97 21.84
N LYS E 122 -3.77 -10.83 21.19
CA LYS E 122 -4.79 -9.85 21.49
C LYS E 122 -6.23 -10.38 21.44
N PRO E 123 -6.70 -11.06 20.36
CA PRO E 123 -8.08 -11.54 20.25
C PRO E 123 -8.34 -12.83 21.03
N CYS E 124 -8.21 -12.76 22.37
CA CYS E 124 -8.34 -13.87 23.32
C CYS E 124 -9.14 -13.41 24.54
N VAL E 125 -9.53 -14.39 25.36
CA VAL E 125 -10.31 -14.15 26.57
C VAL E 125 -9.57 -13.40 27.65
N LYS E 126 -10.20 -12.36 28.17
CA LYS E 126 -9.62 -11.58 29.24
C LYS E 126 -9.94 -12.23 30.55
N LEU E 127 -9.05 -12.11 31.52
CA LEU E 127 -9.30 -12.69 32.81
C LEU E 127 -9.61 -11.70 33.92
N THR E 128 -10.03 -10.50 33.56
CA THR E 128 -10.35 -9.49 34.56
C THR E 128 -11.17 -10.03 35.74
N PRO E 129 -12.22 -10.86 35.55
CA PRO E 129 -13.06 -11.39 36.61
C PRO E 129 -12.30 -12.20 37.67
N LEU E 130 -11.06 -12.61 37.40
CA LEU E 130 -10.32 -13.35 38.41
C LEU E 130 -9.62 -12.47 39.46
N CYS E 131 -9.64 -11.12 39.32
CA CYS E 131 -9.04 -10.18 40.25
C CYS E 131 -10.04 -9.94 41.39
N VAL E 132 -10.22 -11.00 42.15
CA VAL E 132 -11.17 -11.09 43.22
C VAL E 132 -10.46 -11.62 44.42
N THR E 133 -10.89 -11.25 45.61
CA THR E 133 -10.23 -11.83 46.76
C THR E 133 -10.37 -13.33 46.68
N LEU E 134 -9.26 -14.05 46.83
CA LEU E 134 -9.30 -15.50 46.80
C LEU E 134 -9.18 -16.02 48.21
N GLN E 135 -9.87 -17.10 48.53
CA GLN E 135 -9.64 -17.75 49.82
C GLN E 135 -8.70 -18.85 49.41
N CYS E 136 -7.53 -19.08 50.08
CA CYS E 136 -6.58 -20.07 49.54
C CYS E 136 -5.67 -20.65 50.60
N THR E 137 -5.50 -21.99 50.55
CA THR E 137 -4.65 -22.75 51.47
C THR E 137 -3.67 -23.64 50.71
N ASN E 138 -2.61 -24.15 51.39
CA ASN E 138 -1.54 -25.01 50.82
C ASN E 138 -2.06 -26.39 50.37
N VAL E 139 -1.47 -26.91 49.26
CA VAL E 139 -1.71 -28.28 48.76
C VAL E 139 -0.77 -29.20 49.51
N THR E 140 -1.33 -30.11 50.28
CA THR E 140 -0.53 -31.01 51.09
C THR E 140 -0.83 -32.49 50.88
N ASN E 141 -1.84 -32.82 50.06
CA ASN E 141 -2.32 -34.21 49.98
C ASN E 141 -1.34 -35.28 49.55
N ASN E 142 -0.44 -34.98 48.64
CA ASN E 142 0.51 -35.97 48.17
C ASN E 142 1.73 -35.30 47.60
N ILE E 143 2.55 -34.73 48.46
CA ILE E 143 3.65 -33.93 47.95
C ILE E 143 4.99 -34.34 48.55
N THR E 144 6.05 -34.01 47.84
CA THR E 144 7.37 -34.21 48.41
C THR E 144 7.81 -32.98 49.18
N ASP E 145 8.94 -33.08 49.87
CA ASP E 145 9.43 -31.97 50.70
C ASP E 145 9.80 -30.74 49.91
N ASP E 146 10.30 -30.95 48.72
CA ASP E 146 10.76 -29.88 47.84
C ASP E 146 9.61 -29.01 47.36
N MET E 147 8.40 -29.54 47.43
CA MET E 147 7.21 -28.87 46.97
C MET E 147 6.36 -28.29 48.10
N ARG E 148 6.86 -28.29 49.33
CA ARG E 148 6.00 -27.76 50.36
C ARG E 148 5.90 -26.27 50.20
N GLY E 149 4.67 -25.79 50.13
CA GLY E 149 4.40 -24.37 49.97
C GLY E 149 4.47 -23.91 48.51
N GLU E 150 4.78 -24.82 47.59
CA GLU E 150 4.90 -24.46 46.18
C GLU E 150 3.56 -24.27 45.50
N LEU E 151 2.56 -25.07 45.88
CA LEU E 151 1.25 -24.99 45.26
C LEU E 151 0.20 -24.66 46.29
N LYS E 152 -0.79 -23.87 45.87
CA LYS E 152 -1.90 -23.56 46.76
C LYS E 152 -3.25 -23.81 46.07
N ASN E 153 -4.24 -24.29 46.83
CA ASN E 153 -5.61 -24.58 46.42
C ASN E 153 -6.51 -23.39 46.77
N CYS E 154 -6.83 -22.56 45.75
CA CYS E 154 -7.57 -21.32 45.89
C CYS E 154 -8.98 -21.53 45.41
N SER E 155 -9.92 -20.85 46.06
CA SER E 155 -11.30 -20.89 45.63
C SER E 155 -11.91 -19.51 45.70
N PHE E 156 -12.84 -19.28 44.82
CA PHE E 156 -13.44 -17.96 44.71
C PHE E 156 -14.83 -17.93 44.08
N ASN E 157 -15.54 -16.79 44.30
CA ASN E 157 -16.86 -16.47 43.74
C ASN E 157 -16.69 -15.76 42.40
N MET E 158 -17.07 -16.40 41.28
CA MET E 158 -16.91 -15.89 39.90
C MET E 158 -18.21 -15.89 39.08
N THR E 159 -18.29 -14.95 38.14
CA THR E 159 -19.41 -14.79 37.22
C THR E 159 -19.66 -16.05 36.38
N THR E 160 -20.93 -16.40 36.22
CA THR E 160 -21.37 -17.53 35.40
C THR E 160 -21.88 -17.00 34.08
N GLU E 161 -22.42 -17.89 33.24
CA GLU E 161 -22.92 -17.50 31.93
C GLU E 161 -23.94 -16.37 32.11
N LEU E 162 -24.72 -16.43 33.18
CA LEU E 162 -25.67 -15.37 33.45
C LEU E 162 -25.02 -14.39 34.39
N ARG E 163 -25.23 -13.11 34.16
CA ARG E 163 -24.63 -12.11 35.02
C ARG E 163 -25.25 -12.00 36.40
N ASP E 164 -26.43 -12.56 36.60
CA ASP E 164 -27.04 -12.52 37.92
C ASP E 164 -26.68 -13.72 38.77
N LYS E 165 -25.82 -14.62 38.26
CA LYS E 165 -25.44 -15.78 39.04
C LYS E 165 -23.94 -15.93 39.18
N LYS E 166 -23.54 -16.46 40.33
CA LYS E 166 -22.15 -16.73 40.65
C LYS E 166 -21.93 -18.21 40.83
N GLN E 167 -20.69 -18.63 40.64
CA GLN E 167 -20.29 -20.00 40.87
C GLN E 167 -19.08 -20.03 41.76
N LYS E 168 -18.97 -21.09 42.55
CA LYS E 168 -17.81 -21.25 43.39
C LYS E 168 -16.89 -22.24 42.71
N VAL E 169 -15.71 -21.78 42.38
CA VAL E 169 -14.77 -22.61 41.65
C VAL E 169 -13.42 -22.63 42.32
N TYR E 170 -12.57 -23.56 41.92
CA TYR E 170 -11.23 -23.58 42.48
C TYR E 170 -10.21 -23.86 41.40
N SER E 171 -8.97 -23.50 41.70
CA SER E 171 -7.83 -23.73 40.83
C SER E 171 -6.58 -23.85 41.68
N LEU E 172 -5.62 -24.66 41.24
CA LEU E 172 -4.37 -24.75 41.97
C LEU E 172 -3.38 -23.81 41.33
N PHE E 173 -2.86 -22.88 42.11
CA PHE E 173 -1.94 -21.87 41.63
C PHE E 173 -0.55 -22.10 42.14
N TYR E 174 0.41 -21.69 41.36
CA TYR E 174 1.79 -21.77 41.79
C TYR E 174 2.02 -20.60 42.72
N ARG E 175 2.86 -20.79 43.72
CA ARG E 175 3.16 -19.74 44.67
C ARG E 175 3.59 -18.44 44.03
N LEU E 176 4.31 -18.52 42.92
CA LEU E 176 4.85 -17.35 42.26
C LEU E 176 3.80 -16.46 41.60
N ASP E 177 2.55 -16.92 41.52
CA ASP E 177 1.47 -16.15 40.93
C ASP E 177 0.52 -15.47 41.93
N VAL E 178 0.75 -15.59 43.24
CA VAL E 178 -0.19 -14.93 44.17
C VAL E 178 0.50 -14.04 45.20
N VAL E 179 -0.27 -13.12 45.76
CA VAL E 179 0.19 -12.21 46.79
C VAL E 179 -0.66 -12.33 48.04
N GLN E 180 -0.03 -12.51 49.18
CA GLN E 180 -0.85 -12.58 50.38
C GLN E 180 -1.29 -11.15 50.74
N ILE E 181 -2.59 -10.95 51.03
CA ILE E 181 -3.20 -9.67 51.41
C ILE E 181 -2.97 -9.48 52.91
N LYS E 194 -5.41 -16.10 55.06
CA LYS E 194 -5.82 -16.97 53.95
C LYS E 194 -6.35 -16.21 52.71
N GLU E 195 -6.28 -14.85 52.67
CA GLU E 195 -6.75 -14.02 51.56
C GLU E 195 -5.64 -13.61 50.61
N TYR E 196 -5.83 -13.96 49.33
CA TYR E 196 -4.85 -13.71 48.29
C TYR E 196 -5.37 -12.96 47.08
N ARG E 197 -4.45 -12.24 46.44
CA ARG E 197 -4.69 -11.54 45.20
C ARG E 197 -3.82 -12.12 44.12
N LEU E 198 -4.24 -12.09 42.87
CA LEU E 198 -3.33 -12.54 41.83
C LEU E 198 -2.30 -11.48 41.55
N ILE E 199 -1.11 -11.90 41.19
CA ILE E 199 -0.08 -10.97 40.82
C ILE E 199 -0.48 -10.23 39.59
N ASN E 200 -0.20 -8.94 39.66
CA ASN E 200 -0.51 -7.92 38.69
C ASN E 200 -1.95 -7.41 38.63
N CYS E 201 -2.89 -7.80 39.54
CA CYS E 201 -4.25 -7.21 39.55
C CYS E 201 -4.21 -5.76 40.04
N ASN E 202 -3.09 -5.40 40.63
CA ASN E 202 -2.87 -4.02 41.05
C ASN E 202 -1.99 -3.21 40.06
N THR E 203 -1.50 -3.83 38.94
CA THR E 203 -0.55 -3.25 37.97
C THR E 203 -1.03 -3.25 36.52
N SER E 204 -1.56 -4.37 36.04
CA SER E 204 -1.91 -4.54 34.64
C SER E 204 -3.07 -5.48 34.36
N ALA E 205 -3.70 -5.35 33.21
CA ALA E 205 -4.75 -6.28 32.85
C ALA E 205 -4.13 -7.63 32.48
N ILE E 206 -4.81 -8.72 32.83
CA ILE E 206 -4.33 -10.05 32.50
C ILE E 206 -5.21 -10.70 31.43
N THR E 207 -4.60 -11.11 30.32
CA THR E 207 -5.36 -11.78 29.23
C THR E 207 -4.81 -13.19 29.07
N GLN E 208 -5.66 -14.21 28.99
CA GLN E 208 -5.06 -15.53 28.83
C GLN E 208 -4.70 -15.72 27.39
N ALA E 209 -3.67 -16.50 27.15
CA ALA E 209 -3.35 -16.84 25.79
C ALA E 209 -4.38 -17.82 25.29
N CYS E 210 -4.72 -17.76 23.98
CA CYS E 210 -5.61 -18.69 23.31
C CYS E 210 -4.94 -20.10 23.29
N PRO E 211 -5.64 -21.15 23.74
CA PRO E 211 -5.15 -22.51 23.93
C PRO E 211 -4.74 -23.22 22.65
N LYS E 212 -5.16 -22.69 21.51
CA LYS E 212 -4.84 -23.30 20.23
C LYS E 212 -3.58 -22.72 19.62
N VAL E 213 -3.00 -21.71 20.26
CA VAL E 213 -1.83 -21.06 19.70
C VAL E 213 -0.55 -21.70 20.17
N SER E 214 0.29 -22.09 19.23
CA SER E 214 1.56 -22.71 19.59
C SER E 214 2.63 -21.68 19.84
N PHE E 215 3.51 -21.96 20.81
CA PHE E 215 4.63 -21.08 21.12
C PHE E 215 5.95 -21.63 20.64
N GLU E 216 5.90 -22.66 19.80
CA GLU E 216 7.11 -23.27 19.27
C GLU E 216 7.91 -22.23 18.47
N PRO E 217 9.22 -22.12 18.67
CA PRO E 217 10.09 -21.20 17.97
C PRO E 217 10.42 -21.67 16.57
N ILE E 218 9.43 -21.62 15.70
CA ILE E 218 9.55 -22.00 14.30
C ILE E 218 10.39 -20.94 13.61
N PRO E 219 11.46 -21.29 12.87
CA PRO E 219 12.37 -20.36 12.25
C PRO E 219 11.78 -19.59 11.12
N ILE E 220 12.29 -18.39 10.95
CA ILE E 220 11.93 -17.53 9.85
C ILE E 220 13.17 -17.05 9.13
N HIS E 221 13.01 -16.60 7.90
CA HIS E 221 14.13 -16.07 7.14
C HIS E 221 13.84 -14.62 6.81
N TYR E 222 14.84 -13.77 6.83
CA TYR E 222 14.61 -12.39 6.41
C TYR E 222 15.12 -12.24 4.99
N CYS E 223 14.38 -11.53 4.12
CA CYS E 223 14.76 -11.34 2.72
C CYS E 223 14.76 -9.86 2.33
N ALA E 224 15.79 -9.45 1.60
CA ALA E 224 15.87 -8.08 1.14
C ALA E 224 14.90 -7.86 -0.04
N PRO E 225 14.33 -6.66 -0.25
CA PRO E 225 13.56 -6.24 -1.41
C PRO E 225 14.45 -6.16 -2.63
N ALA E 226 13.88 -6.26 -3.82
CA ALA E 226 14.72 -6.11 -5.02
C ALA E 226 15.36 -4.74 -4.96
N GLY E 227 16.61 -4.64 -5.42
CA GLY E 227 17.37 -3.40 -5.33
C GLY E 227 18.29 -3.39 -4.12
N PHE E 228 18.11 -4.39 -3.25
CA PHE E 228 18.88 -4.57 -2.04
C PHE E 228 19.40 -5.99 -1.91
N ALA E 229 20.41 -6.16 -1.08
CA ALA E 229 20.99 -7.47 -0.86
C ALA E 229 21.52 -7.60 0.54
N ILE E 230 21.70 -8.82 1.00
CA ILE E 230 22.25 -9.01 2.31
C ILE E 230 23.63 -9.64 2.19
N LEU E 231 24.61 -9.04 2.84
CA LEU E 231 25.93 -9.63 2.76
C LEU E 231 26.17 -10.45 4.00
N LYS E 232 26.75 -11.61 3.80
CA LYS E 232 27.05 -12.52 4.87
C LYS E 232 28.56 -12.63 5.08
N CYS E 233 29.04 -12.57 6.35
CA CYS E 233 30.45 -12.70 6.68
C CYS E 233 30.78 -14.15 7.02
N LYS E 234 31.35 -14.83 6.05
CA LYS E 234 31.66 -16.24 6.18
C LYS E 234 33.05 -16.37 6.68
N ASP E 235 33.25 -16.00 7.92
CA ASP E 235 34.61 -15.98 8.39
C ASP E 235 34.73 -16.57 9.78
N LYS E 236 35.46 -17.65 9.86
CA LYS E 236 35.61 -18.34 11.11
C LYS E 236 36.47 -17.46 11.93
N LYS E 237 36.25 -17.46 13.22
CA LYS E 237 37.01 -16.65 14.16
C LYS E 237 36.77 -15.15 14.00
N PHE E 238 35.73 -14.77 13.27
CA PHE E 238 35.37 -13.37 13.22
C PHE E 238 34.61 -12.96 14.48
N ASN E 239 35.09 -11.89 15.17
CA ASN E 239 34.48 -11.35 16.39
C ASN E 239 33.35 -10.38 15.99
N GLY E 240 32.76 -9.65 16.94
CA GLY E 240 31.60 -8.79 16.66
C GLY E 240 31.81 -7.65 15.65
N THR E 241 33.02 -7.12 15.57
CA THR E 241 33.24 -6.02 14.65
C THR E 241 34.48 -6.11 13.79
N GLY E 242 34.46 -5.32 12.73
CA GLY E 242 35.63 -5.12 11.90
C GLY E 242 35.46 -5.78 10.54
N PRO E 243 36.46 -5.63 9.68
CA PRO E 243 36.50 -6.14 8.35
C PRO E 243 36.70 -7.64 8.40
N CYS E 244 36.20 -8.36 7.38
CA CYS E 244 36.47 -9.77 7.17
C CYS E 244 36.68 -9.94 5.66
N PRO E 245 37.62 -10.79 5.25
CA PRO E 245 37.99 -11.09 3.88
C PRO E 245 37.13 -12.12 3.18
N SER E 246 36.09 -12.58 3.84
CA SER E 246 35.26 -13.61 3.25
C SER E 246 33.82 -13.23 3.32
N VAL E 247 33.29 -12.83 2.18
CA VAL E 247 31.95 -12.31 2.10
C VAL E 247 31.21 -12.96 0.96
N SER E 248 29.93 -13.22 1.16
CA SER E 248 29.10 -13.73 0.10
C SER E 248 27.78 -12.99 0.09
N THR E 249 27.13 -12.98 -1.06
CA THR E 249 25.86 -12.31 -1.19
C THR E 249 24.72 -13.30 -1.20
N VAL E 250 23.72 -13.00 -0.41
CA VAL E 250 22.53 -13.81 -0.35
C VAL E 250 21.33 -12.89 -0.49
N GLN E 251 20.18 -13.43 -0.85
CA GLN E 251 18.99 -12.58 -0.84
C GLN E 251 18.22 -12.71 0.49
N CYS E 252 18.28 -13.91 1.12
CA CYS E 252 17.60 -14.30 2.36
C CYS E 252 18.61 -14.83 3.36
N THR E 253 18.33 -14.62 4.64
CA THR E 253 19.17 -15.13 5.73
C THR E 253 18.86 -16.58 5.97
N HIS E 254 19.69 -17.20 6.80
CA HIS E 254 19.49 -18.58 7.23
C HIS E 254 18.27 -18.51 8.13
N GLY E 255 17.64 -19.64 8.41
CA GLY E 255 16.48 -19.54 9.27
C GLY E 255 16.89 -19.30 10.71
N ILE E 256 16.24 -18.36 11.36
CA ILE E 256 16.54 -18.09 12.75
C ILE E 256 15.37 -18.41 13.61
N LYS E 257 15.60 -19.27 14.60
CA LYS E 257 14.53 -19.62 15.50
C LYS E 257 14.37 -18.53 16.54
N PRO E 258 13.18 -17.96 16.74
CA PRO E 258 12.87 -16.92 17.69
C PRO E 258 12.76 -17.52 19.06
N VAL E 259 13.87 -18.00 19.56
CA VAL E 259 13.91 -18.63 20.85
C VAL E 259 14.00 -17.56 21.89
N VAL E 260 13.21 -17.67 22.93
CA VAL E 260 13.26 -16.68 23.98
C VAL E 260 13.79 -17.28 25.26
N SER E 261 14.92 -16.77 25.74
CA SER E 261 15.54 -17.27 26.95
C SER E 261 16.44 -16.23 27.56
N THR E 262 16.84 -16.50 28.79
CA THR E 262 17.81 -15.67 29.50
C THR E 262 18.92 -16.53 30.03
N GLN E 263 20.11 -15.94 30.23
CA GLN E 263 21.31 -16.58 30.80
C GLN E 263 21.95 -17.62 29.86
N LEU E 264 21.20 -18.64 29.49
CA LEU E 264 21.73 -19.64 28.56
C LEU E 264 20.93 -19.57 27.26
N LEU E 265 21.66 -19.42 26.17
CA LEU E 265 21.08 -19.35 24.86
C LEU E 265 20.83 -20.76 24.40
N LEU E 266 19.60 -21.01 23.97
CA LEU E 266 19.24 -22.35 23.52
C LEU E 266 18.89 -22.38 22.03
N ASN E 267 19.18 -23.52 21.38
CA ASN E 267 18.84 -23.90 20.01
C ASN E 267 19.31 -22.88 18.94
N GLY E 268 20.51 -22.27 19.10
CA GLY E 268 21.10 -21.33 18.15
C GLY E 268 22.11 -22.04 17.28
N SER E 269 22.90 -21.25 16.59
CA SER E 269 23.93 -21.76 15.71
C SER E 269 25.16 -22.04 16.52
N LEU E 270 26.01 -22.92 16.04
CA LEU E 270 27.29 -23.16 16.69
C LEU E 270 28.42 -22.52 15.96
N ALA E 271 29.48 -22.23 16.70
CA ALA E 271 30.73 -21.74 16.15
C ALA E 271 31.38 -22.90 15.45
N GLU E 272 32.16 -22.70 14.40
CA GLU E 272 32.75 -23.88 13.76
C GLU E 272 34.17 -24.24 14.18
N GLU E 273 34.99 -23.29 14.61
CA GLU E 273 36.37 -23.61 14.98
C GLU E 273 36.70 -23.44 16.46
N GLU E 274 36.15 -22.45 17.11
CA GLU E 274 36.51 -22.27 18.50
C GLU E 274 35.41 -21.58 19.21
N VAL E 275 35.41 -21.66 20.52
CA VAL E 275 34.37 -20.95 21.22
C VAL E 275 34.61 -19.49 20.97
N MET E 276 33.58 -18.80 20.55
CA MET E 276 33.75 -17.39 20.26
C MET E 276 33.31 -16.51 21.36
N ILE E 277 34.12 -15.52 21.65
CA ILE E 277 33.75 -14.57 22.67
C ILE E 277 33.56 -13.22 22.04
N ARG E 278 32.34 -12.77 22.00
CA ARG E 278 32.09 -11.52 21.33
C ARG E 278 31.49 -10.50 22.26
N SER E 279 32.11 -9.35 22.32
CA SER E 279 31.61 -8.30 23.17
C SER E 279 32.05 -6.98 22.64
N GLU E 280 31.37 -5.94 23.05
CA GLU E 280 31.80 -4.61 22.74
C GLU E 280 32.80 -4.29 23.83
N ASN E 281 33.95 -3.71 23.48
CA ASN E 281 35.01 -3.28 24.41
C ASN E 281 35.82 -4.36 25.15
N ILE E 282 35.14 -5.29 25.81
CA ILE E 282 35.69 -6.37 26.65
C ILE E 282 36.17 -5.85 27.99
N THR E 283 37.02 -4.83 27.95
CA THR E 283 37.61 -4.24 29.14
C THR E 283 36.61 -3.40 29.92
N ASN E 284 35.55 -2.99 29.23
CA ASN E 284 34.47 -2.25 29.84
C ASN E 284 33.52 -3.29 30.43
N ASN E 285 33.39 -3.32 31.74
CA ASN E 285 32.62 -4.39 32.37
C ASN E 285 31.13 -4.09 32.44
N ALA E 286 30.70 -3.01 31.78
CA ALA E 286 29.29 -2.69 31.72
C ALA E 286 28.63 -3.40 30.55
N LYS E 287 29.40 -4.07 29.70
CA LYS E 287 28.83 -4.72 28.53
C LYS E 287 28.70 -6.22 28.71
N ASN E 288 27.73 -6.80 28.00
CA ASN E 288 27.55 -8.24 28.01
C ASN E 288 28.53 -8.94 27.08
N ILE E 289 28.91 -10.14 27.48
CA ILE E 289 29.75 -10.99 26.69
C ILE E 289 28.94 -12.13 26.14
N LEU E 290 28.93 -12.28 24.83
CA LEU E 290 28.17 -13.35 24.23
C LEU E 290 29.13 -14.48 23.90
N VAL E 291 28.93 -15.63 24.51
CA VAL E 291 29.86 -16.73 24.28
C VAL E 291 29.19 -17.80 23.45
N GLN E 292 29.73 -18.05 22.27
CA GLN E 292 29.14 -19.04 21.37
C GLN E 292 29.94 -20.33 21.38
N PHE E 293 29.30 -21.41 21.75
CA PHE E 293 29.96 -22.69 21.86
C PHE E 293 30.18 -23.26 20.48
N ASN E 294 31.23 -24.08 20.30
CA ASN E 294 31.37 -24.76 19.03
C ASN E 294 30.84 -26.19 19.09
N THR E 295 30.28 -26.56 20.22
CA THR E 295 29.67 -27.87 20.42
C THR E 295 28.42 -27.62 21.24
N PRO E 296 27.33 -28.37 21.10
CA PRO E 296 26.15 -28.23 21.91
C PRO E 296 26.35 -28.88 23.25
N VAL E 297 25.62 -28.41 24.25
CA VAL E 297 25.56 -29.16 25.51
C VAL E 297 24.11 -29.57 25.67
N GLN E 298 23.85 -30.85 25.80
CA GLN E 298 22.45 -31.23 25.86
C GLN E 298 21.89 -31.07 27.27
N ILE E 299 20.73 -30.41 27.34
CA ILE E 299 19.97 -30.16 28.56
C ILE E 299 18.54 -30.76 28.45
N ASN E 300 18.14 -31.60 29.43
CA ASN E 300 16.84 -32.29 29.51
C ASN E 300 15.99 -31.73 30.64
N CYS E 301 14.89 -31.01 30.30
CA CYS E 301 13.99 -30.36 31.25
C CYS E 301 12.67 -31.08 31.37
N THR E 302 12.14 -31.13 32.58
CA THR E 302 10.86 -31.78 32.77
C THR E 302 9.97 -31.18 33.84
N ARG E 303 8.68 -31.39 33.63
CA ARG E 303 7.61 -31.06 34.53
C ARG E 303 6.83 -32.34 34.79
N PRO E 304 7.22 -33.12 35.81
CA PRO E 304 6.80 -34.49 36.09
C PRO E 304 5.36 -34.75 36.54
N ASN E 305 4.65 -33.72 36.98
CA ASN E 305 3.31 -33.91 37.54
C ASN E 305 2.31 -34.10 36.43
N ASN E 306 1.39 -35.05 36.54
CA ASN E 306 0.42 -35.21 35.48
C ASN E 306 -0.78 -34.31 35.71
N ASN E 307 -0.85 -33.23 34.96
CA ASN E 307 -1.90 -32.26 35.21
C ASN E 307 -3.16 -32.48 34.42
N THR E 308 -4.24 -31.94 34.96
CA THR E 308 -5.51 -31.91 34.30
C THR E 308 -5.89 -30.46 34.30
N ARG E 309 -6.90 -30.09 33.51
CA ARG E 309 -7.36 -28.72 33.47
C ARG E 309 -8.86 -28.66 33.39
N LYS E 310 -9.41 -27.51 33.75
CA LYS E 310 -10.85 -27.30 33.73
C LYS E 310 -11.23 -26.10 32.89
N SER E 311 -12.36 -26.18 32.20
CA SER E 311 -12.85 -25.03 31.46
C SER E 311 -14.01 -24.41 32.19
N ILE E 312 -13.82 -23.19 32.66
CA ILE E 312 -14.84 -22.55 33.44
C ILE E 312 -15.45 -21.36 32.71
N ARG E 313 -16.75 -21.40 32.46
CA ARG E 313 -17.35 -20.29 31.74
C ARG E 313 -17.27 -19.06 32.62
N ILE E 314 -16.88 -17.93 32.06
CA ILE E 314 -16.79 -16.69 32.84
C ILE E 314 -17.80 -15.67 32.36
N GLY E 315 -18.67 -16.10 31.49
CA GLY E 315 -19.69 -15.27 30.89
C GLY E 315 -19.89 -15.74 29.47
N PRO E 316 -20.84 -15.17 28.74
CA PRO E 316 -21.18 -15.58 27.41
C PRO E 316 -20.01 -15.52 26.47
N GLY E 317 -19.75 -16.61 25.80
CA GLY E 317 -18.71 -16.69 24.80
C GLY E 317 -17.28 -16.84 25.33
N GLN E 318 -17.09 -16.91 26.64
CA GLN E 318 -15.73 -16.96 27.15
C GLN E 318 -15.51 -17.99 28.24
N ALA E 319 -14.32 -18.56 28.30
CA ALA E 319 -14.00 -19.45 29.39
C ALA E 319 -12.56 -19.33 29.77
N PHE E 320 -12.34 -19.54 31.04
CA PHE E 320 -11.06 -19.53 31.71
C PHE E 320 -10.48 -20.91 31.82
N TYR E 321 -9.19 -21.04 31.53
CA TYR E 321 -8.60 -22.33 31.75
C TYR E 321 -7.92 -22.36 33.08
N ALA E 322 -8.53 -23.11 33.95
CA ALA E 322 -8.14 -23.27 35.32
C ALA E 322 -7.32 -24.49 35.40
N THR E 323 -6.50 -24.61 36.42
CA THR E 323 -5.77 -25.85 36.52
C THR E 323 -6.73 -26.82 37.15
N GLY E 324 -6.45 -28.09 37.02
CA GLY E 324 -7.29 -29.09 37.62
C GLY E 324 -6.59 -29.75 38.76
N ASP E 325 -6.83 -31.02 38.89
CA ASP E 325 -6.30 -31.82 39.96
C ASP E 325 -5.01 -32.46 39.44
N ILE E 326 -4.13 -32.87 40.34
CA ILE E 326 -2.91 -33.54 39.91
C ILE E 326 -2.96 -35.03 40.10
N ILE E 327 -2.60 -35.73 39.04
CA ILE E 327 -2.54 -37.16 38.98
C ILE E 327 -1.15 -37.62 39.39
N GLY E 328 -1.12 -38.52 40.37
CA GLY E 328 0.12 -39.02 40.90
C GLY E 328 0.62 -38.08 41.96
N ASP E 329 1.84 -38.31 42.41
CA ASP E 329 2.45 -37.48 43.44
C ASP E 329 2.99 -36.19 42.85
N ILE E 330 3.17 -35.19 43.70
CA ILE E 330 3.67 -33.91 43.28
C ILE E 330 5.16 -33.72 43.54
N ARG E 331 5.89 -33.49 42.45
CA ARG E 331 7.33 -33.36 42.43
C ARG E 331 7.77 -32.02 41.83
N GLN E 332 9.00 -31.63 42.11
CA GLN E 332 9.54 -30.38 41.58
C GLN E 332 10.08 -30.52 40.16
N ALA E 333 9.81 -29.50 39.34
CA ALA E 333 10.32 -29.44 37.98
C ALA E 333 11.82 -29.27 38.04
N HIS E 334 12.52 -29.79 37.05
CA HIS E 334 13.97 -29.69 37.04
C HIS E 334 14.58 -29.88 35.66
N CYS E 335 15.86 -29.46 35.49
CA CYS E 335 16.66 -29.67 34.27
C CYS E 335 17.97 -30.41 34.59
N ASN E 336 18.31 -31.36 33.74
CA ASN E 336 19.53 -32.16 33.83
C ASN E 336 20.52 -31.81 32.73
N VAL E 337 21.69 -31.25 33.10
CA VAL E 337 22.77 -30.88 32.16
C VAL E 337 23.84 -31.94 32.25
N SER E 338 24.21 -32.56 31.13
CA SER E 338 25.21 -33.63 31.27
C SER E 338 26.44 -33.06 31.95
N LYS E 339 26.95 -33.72 33.00
CA LYS E 339 28.04 -33.11 33.75
C LYS E 339 29.38 -33.08 33.06
N ALA E 340 29.83 -34.18 32.48
CA ALA E 340 31.14 -34.12 31.89
C ALA E 340 31.15 -33.16 30.71
N THR E 341 30.05 -33.13 29.96
CA THR E 341 29.99 -32.28 28.80
C THR E 341 30.07 -30.84 29.24
N TRP E 342 29.33 -30.49 30.27
CA TRP E 342 29.38 -29.13 30.75
C TRP E 342 30.78 -28.71 31.20
N ASN E 343 31.51 -29.59 31.95
CA ASN E 343 32.86 -29.30 32.45
C ASN E 343 33.87 -29.05 31.32
N GLU E 344 33.79 -29.83 30.20
CA GLU E 344 34.65 -29.64 29.03
C GLU E 344 34.31 -28.35 28.33
N THR E 345 33.01 -28.05 28.26
CA THR E 345 32.57 -26.85 27.59
C THR E 345 33.09 -25.64 28.30
N LEU E 346 33.00 -25.60 29.61
CA LEU E 346 33.53 -24.42 30.26
C LEU E 346 35.03 -24.38 30.16
N GLY E 347 35.72 -25.52 30.19
CA GLY E 347 37.16 -25.45 30.08
C GLY E 347 37.54 -24.73 28.78
N LYS E 348 36.81 -25.02 27.69
CA LYS E 348 37.07 -24.35 26.42
C LYS E 348 36.76 -22.85 26.51
N VAL E 349 35.70 -22.49 27.22
CA VAL E 349 35.35 -21.08 27.34
C VAL E 349 36.47 -20.35 28.05
N VAL E 350 37.01 -20.96 29.10
CA VAL E 350 38.08 -20.37 29.86
C VAL E 350 39.34 -20.21 29.07
N LYS E 351 39.73 -21.22 28.31
CA LYS E 351 40.95 -21.07 27.55
C LYS E 351 40.83 -19.89 26.61
N GLN E 352 39.66 -19.70 26.00
CA GLN E 352 39.48 -18.56 25.13
C GLN E 352 39.38 -17.25 25.90
N LEU E 353 38.75 -17.23 27.09
CA LEU E 353 38.68 -15.98 27.83
C LEU E 353 40.04 -15.46 28.19
N ARG E 354 40.95 -16.35 28.52
CA ARG E 354 42.29 -15.94 28.93
C ARG E 354 43.01 -15.12 27.87
N LYS E 355 42.65 -15.25 26.60
CA LYS E 355 43.34 -14.47 25.58
C LYS E 355 43.23 -12.97 25.81
N HIS E 356 42.19 -12.54 26.52
CA HIS E 356 41.99 -11.13 26.79
C HIS E 356 42.31 -10.73 28.23
N PHE E 357 42.60 -11.70 29.08
CA PHE E 357 42.79 -11.41 30.51
C PHE E 357 44.13 -11.82 31.09
N GLY E 358 44.88 -12.66 30.38
CA GLY E 358 46.18 -13.18 30.84
C GLY E 358 46.19 -14.70 30.96
N ASN E 359 47.29 -15.29 30.53
CA ASN E 359 47.46 -16.74 30.47
C ASN E 359 47.47 -17.43 31.83
N ASN E 360 47.80 -16.67 32.86
CA ASN E 360 47.86 -17.19 34.21
C ASN E 360 46.88 -16.47 35.11
N THR E 361 45.85 -15.87 34.53
CA THR E 361 44.82 -15.16 35.27
C THR E 361 43.75 -16.13 35.70
N ILE E 362 43.30 -15.99 36.93
CA ILE E 362 42.28 -16.89 37.45
C ILE E 362 40.92 -16.48 36.97
N ILE E 363 40.19 -17.43 36.41
CA ILE E 363 38.85 -17.15 35.96
C ILE E 363 37.83 -17.85 36.81
N ARG E 364 37.09 -17.06 37.56
CA ARG E 364 36.10 -17.54 38.49
C ARG E 364 34.69 -17.38 37.97
N PHE E 365 33.90 -18.42 38.09
CA PHE E 365 32.50 -18.37 37.71
C PHE E 365 31.60 -18.45 38.92
N ALA E 366 30.74 -17.44 39.04
CA ALA E 366 29.76 -17.27 40.11
C ALA E 366 28.36 -17.54 39.55
N ASN E 367 27.38 -17.89 40.43
CA ASN E 367 26.01 -18.25 40.04
C ASN E 367 25.21 -17.10 39.42
N SER E 368 25.01 -15.98 40.13
CA SER E 368 24.27 -14.80 39.65
C SER E 368 24.39 -13.61 40.56
N SER E 369 23.99 -12.47 40.03
CA SER E 369 23.83 -11.24 40.77
C SER E 369 22.48 -11.31 41.44
N GLY E 370 22.16 -10.40 42.34
CA GLY E 370 20.82 -10.42 42.90
C GLY E 370 19.87 -9.80 41.87
N GLY E 371 18.58 -10.07 41.99
CA GLY E 371 17.62 -9.52 41.04
C GLY E 371 16.34 -10.33 41.02
N ASP E 372 15.49 -10.06 40.05
CA ASP E 372 14.21 -10.73 39.92
C ASP E 372 14.37 -12.05 39.18
N LEU E 373 13.30 -12.81 38.97
CA LEU E 373 13.48 -14.11 38.32
C LEU E 373 14.01 -13.99 36.92
N GLU E 374 13.61 -12.95 36.23
CA GLU E 374 14.00 -12.71 34.86
C GLU E 374 15.51 -12.45 34.71
N VAL E 375 16.17 -12.19 35.83
CA VAL E 375 17.58 -11.92 35.92
C VAL E 375 18.36 -13.08 36.52
N THR E 376 17.88 -13.62 37.65
CA THR E 376 18.63 -14.60 38.41
C THR E 376 18.39 -16.03 38.01
N THR E 377 17.31 -16.33 37.31
CA THR E 377 17.08 -17.70 36.90
C THR E 377 17.11 -17.81 35.40
N HIS E 378 17.25 -19.03 34.93
CA HIS E 378 17.21 -19.26 33.52
C HIS E 378 15.80 -19.16 33.06
N SER E 379 15.57 -18.47 31.97
CA SER E 379 14.21 -18.37 31.46
C SER E 379 14.05 -19.33 30.32
N PHE E 380 13.11 -20.25 30.49
CA PHE E 380 12.88 -21.32 29.54
C PHE E 380 11.42 -21.49 29.17
N ASN E 381 11.11 -21.39 27.90
CA ASN E 381 9.73 -21.53 27.43
C ASN E 381 9.60 -22.76 26.55
N CYS E 382 8.93 -23.83 27.02
CA CYS E 382 8.83 -25.09 26.28
C CYS E 382 7.49 -25.74 26.52
N GLY E 383 6.80 -26.03 25.42
CA GLY E 383 5.49 -26.66 25.41
C GLY E 383 4.42 -25.59 25.61
N GLY E 384 4.87 -24.38 25.85
CA GLY E 384 4.02 -23.25 26.17
C GLY E 384 4.06 -23.03 27.68
N GLU E 385 4.81 -23.88 28.40
CA GLU E 385 4.95 -23.72 29.85
C GLU E 385 6.12 -22.79 30.13
N PHE E 386 6.04 -22.02 31.20
CA PHE E 386 7.11 -21.08 31.55
C PHE E 386 7.89 -21.44 32.80
N PHE E 387 9.16 -21.76 32.59
CA PHE E 387 10.06 -22.21 33.61
C PHE E 387 11.10 -21.14 33.99
N TYR E 388 11.42 -21.10 35.27
CA TYR E 388 12.41 -20.22 35.88
C TYR E 388 13.39 -21.06 36.72
N CYS E 389 14.50 -21.54 36.08
CA CYS E 389 15.40 -22.54 36.65
C CYS E 389 16.57 -21.93 37.43
N ASN E 390 16.91 -22.62 38.52
CA ASN E 390 17.91 -22.19 39.51
C ASN E 390 19.25 -21.73 38.92
N THR E 391 19.80 -22.46 37.92
CA THR E 391 21.08 -22.18 37.23
C THR E 391 22.24 -21.86 38.16
N SER E 392 22.44 -22.72 39.12
CA SER E 392 23.49 -22.55 40.09
C SER E 392 24.09 -23.90 40.31
N GLY E 393 25.39 -23.94 40.25
CA GLY E 393 26.15 -25.17 40.30
C GLY E 393 26.76 -25.39 38.93
N LEU E 394 26.21 -24.70 37.93
CA LEU E 394 26.79 -24.76 36.61
C LEU E 394 27.96 -23.79 36.57
N PHE E 395 27.84 -22.72 37.36
CA PHE E 395 28.83 -21.66 37.43
C PHE E 395 29.34 -21.59 38.87
N ASN E 396 30.32 -22.46 39.20
CA ASN E 396 30.84 -22.67 40.55
C ASN E 396 32.28 -23.21 40.50
N SER E 397 33.25 -22.41 39.95
CA SER E 397 34.68 -22.85 39.79
C SER E 397 35.70 -21.72 39.59
N THR E 398 37.00 -22.05 39.76
CA THR E 398 38.11 -21.10 39.54
C THR E 398 39.10 -21.39 38.41
N TRP E 399 39.11 -22.64 37.94
CA TRP E 399 40.00 -23.11 36.86
C TRP E 399 41.55 -23.01 37.00
N ILE E 400 42.07 -22.76 38.22
CA ILE E 400 43.51 -22.76 38.56
C ILE E 400 43.60 -23.24 40.00
N ASP E 415 27.22 -38.82 35.12
CA ASP E 415 26.28 -38.10 35.96
C ASP E 415 25.83 -36.79 35.28
N SER E 416 24.92 -36.04 35.95
CA SER E 416 24.36 -34.78 35.48
C SER E 416 24.20 -33.82 36.61
N ILE E 417 24.13 -32.55 36.27
CA ILE E 417 23.89 -31.52 37.23
C ILE E 417 22.40 -31.28 37.24
N THR E 418 21.79 -31.40 38.40
CA THR E 418 20.36 -31.20 38.47
C THR E 418 20.09 -29.80 38.97
N LEU E 419 19.32 -29.09 38.20
CA LEU E 419 18.93 -27.74 38.48
C LEU E 419 17.46 -27.71 38.88
N PRO E 420 17.12 -27.41 40.14
CA PRO E 420 15.75 -27.31 40.60
C PRO E 420 15.17 -26.21 39.75
N CYS E 421 13.87 -26.28 39.40
CA CYS E 421 13.24 -25.26 38.56
C CYS E 421 11.81 -24.95 38.99
N ARG E 422 11.44 -23.67 38.92
CA ARG E 422 10.11 -23.21 39.29
C ARG E 422 9.25 -22.93 38.08
N ILE E 423 7.93 -22.97 38.26
CA ILE E 423 6.97 -22.67 37.20
C ILE E 423 6.07 -21.51 37.55
N LYS E 424 5.87 -20.60 36.61
CA LYS E 424 5.04 -19.42 36.83
C LYS E 424 4.06 -19.23 35.66
N GLN E 425 2.78 -18.96 35.95
CA GLN E 425 1.80 -18.77 34.89
C GLN E 425 1.53 -17.32 34.48
N ILE E 426 1.77 -16.34 35.36
CA ILE E 426 1.47 -14.96 34.95
C ILE E 426 2.75 -14.36 34.43
N ILE E 427 2.74 -14.03 33.16
CA ILE E 427 3.91 -13.58 32.46
C ILE E 427 3.93 -12.12 32.05
N ASN E 428 5.02 -11.47 32.38
CA ASN E 428 5.28 -10.09 32.00
C ASN E 428 6.59 -10.22 31.27
N MET E 429 6.59 -10.02 29.96
CA MET E 429 7.82 -10.34 29.24
C MET E 429 8.44 -9.16 28.49
N TRP E 430 8.04 -8.92 27.26
CA TRP E 430 8.66 -7.84 26.50
C TRP E 430 8.19 -6.47 26.93
N GLN E 431 6.93 -6.39 27.30
CA GLN E 431 6.36 -5.16 27.77
C GLN E 431 6.38 -5.39 29.25
N ARG E 432 7.35 -4.79 29.91
CA ARG E 432 7.58 -5.14 31.29
C ARG E 432 6.43 -4.75 32.21
N ILE E 433 5.80 -3.62 31.94
CA ILE E 433 4.68 -3.20 32.74
C ILE E 433 3.51 -2.80 31.86
N GLY E 434 2.32 -2.83 32.44
CA GLY E 434 1.10 -2.37 31.78
C GLY E 434 0.33 -3.49 31.07
N GLN E 435 0.96 -4.65 30.94
CA GLN E 435 0.35 -5.79 30.27
C GLN E 435 0.81 -7.11 30.86
N ALA E 436 -0.10 -8.05 31.05
CA ALA E 436 0.25 -9.38 31.51
C ALA E 436 -0.49 -10.44 30.72
N MET E 437 0.14 -11.61 30.60
CA MET E 437 -0.47 -12.71 29.92
C MET E 437 -0.56 -13.93 30.82
N TYR E 438 -1.64 -14.66 30.72
CA TYR E 438 -1.77 -15.86 31.52
C TYR E 438 -1.58 -17.11 30.70
N ALA E 439 -0.62 -17.92 31.12
CA ALA E 439 -0.33 -19.14 30.42
C ALA E 439 -1.28 -20.21 30.93
N PRO E 440 -2.15 -20.78 30.09
CA PRO E 440 -3.11 -21.75 30.50
C PRO E 440 -2.32 -23.00 30.81
N PRO E 441 -2.82 -23.89 31.63
CA PRO E 441 -2.23 -25.17 31.95
C PRO E 441 -2.25 -26.10 30.80
N ILE E 442 -1.28 -27.01 30.82
CA ILE E 442 -1.13 -28.06 29.86
C ILE E 442 -1.32 -29.39 30.58
N GLN E 443 -2.22 -30.19 30.07
CA GLN E 443 -2.50 -31.47 30.69
C GLN E 443 -1.41 -32.47 30.38
N GLY E 444 -1.24 -33.44 31.26
CA GLY E 444 -0.21 -34.45 31.06
C GLY E 444 1.11 -33.98 31.64
N VAL E 445 2.19 -34.57 31.14
CA VAL E 445 3.56 -34.38 31.62
C VAL E 445 4.46 -33.86 30.51
N ILE E 446 5.31 -32.88 30.81
CA ILE E 446 6.19 -32.33 29.77
C ILE E 446 7.64 -32.73 29.90
N ARG E 447 8.18 -33.22 28.80
CA ARG E 447 9.60 -33.55 28.69
C ARG E 447 10.10 -32.78 27.48
N CYS E 448 11.21 -32.02 27.63
CA CYS E 448 11.77 -31.15 26.61
C CYS E 448 13.30 -31.24 26.56
N VAL E 449 13.83 -31.46 25.37
CA VAL E 449 15.28 -31.56 25.22
C VAL E 449 15.78 -30.47 24.32
N SER E 450 16.72 -29.69 24.82
CA SER E 450 17.27 -28.57 24.09
C SER E 450 18.80 -28.60 24.01
N ASN E 451 19.37 -27.83 23.04
CA ASN E 451 20.80 -27.62 22.83
C ASN E 451 21.24 -26.30 23.45
N ILE E 452 22.21 -26.30 24.42
CA ILE E 452 22.77 -25.04 24.95
C ILE E 452 23.81 -24.71 23.93
N THR E 453 23.68 -23.53 23.33
CA THR E 453 24.58 -23.12 22.27
C THR E 453 25.44 -21.96 22.70
N GLY E 454 25.10 -21.33 23.81
CA GLY E 454 25.94 -20.23 24.25
C GLY E 454 25.50 -19.61 25.55
N LEU E 455 26.33 -18.74 26.07
CA LEU E 455 26.12 -18.09 27.35
C LEU E 455 26.04 -16.58 27.28
N ILE E 456 25.30 -15.98 28.18
CA ILE E 456 25.38 -14.55 28.33
C ILE E 456 26.12 -14.31 29.62
N LEU E 457 27.30 -13.74 29.55
CA LEU E 457 28.10 -13.51 30.74
C LEU E 457 28.40 -12.05 30.98
N THR E 458 28.55 -11.68 32.22
CA THR E 458 29.04 -10.36 32.54
C THR E 458 30.27 -10.55 33.37
N ARG E 459 31.08 -9.51 33.44
CA ARG E 459 32.30 -9.56 34.21
C ARG E 459 32.21 -8.53 35.35
N ASP E 460 32.81 -8.86 36.50
CA ASP E 460 32.90 -8.03 37.70
C ASP E 460 34.24 -7.29 37.71
N THR E 467 44.54 -10.15 39.27
CA THR E 467 44.88 -11.52 39.64
C THR E 467 43.74 -12.50 39.23
N THR E 468 42.48 -12.17 39.63
CA THR E 468 41.27 -12.95 39.38
C THR E 468 40.18 -12.12 38.76
N GLU E 469 39.60 -12.63 37.71
CA GLU E 469 38.45 -12.02 37.08
C GLU E 469 37.25 -12.87 37.47
N THR E 470 36.12 -12.24 37.74
CA THR E 470 34.93 -13.01 38.06
C THR E 470 33.85 -12.75 37.03
N PHE E 471 33.30 -13.84 36.55
CA PHE E 471 32.26 -13.84 35.56
C PHE E 471 31.02 -14.50 36.11
N ARG E 472 29.87 -14.08 35.63
CA ARG E 472 28.65 -14.72 36.05
C ARG E 472 27.60 -14.58 34.97
N PRO E 473 26.57 -15.42 34.93
CA PRO E 473 25.46 -15.31 34.02
C PRO E 473 24.82 -13.97 34.10
N GLY E 474 24.51 -13.43 32.96
CA GLY E 474 23.86 -12.15 32.84
C GLY E 474 22.52 -12.30 32.17
N GLY E 475 22.01 -11.19 31.70
CA GLY E 475 20.71 -11.14 31.06
C GLY E 475 20.53 -9.74 30.57
N GLY E 476 19.35 -9.45 30.05
CA GLY E 476 19.10 -8.14 29.49
C GLY E 476 17.98 -8.28 28.52
N ASP E 477 17.83 -7.29 27.65
CA ASP E 477 16.75 -7.37 26.70
C ASP E 477 17.11 -8.43 25.70
N MET E 478 16.10 -8.94 25.01
CA MET E 478 16.28 -10.00 24.03
C MET E 478 17.14 -9.64 22.85
N ARG E 479 17.33 -8.39 22.61
CA ARG E 479 18.15 -7.97 21.52
C ARG E 479 19.57 -8.55 21.64
N ASP E 480 20.09 -8.75 22.85
CA ASP E 480 21.44 -9.29 22.95
C ASP E 480 21.50 -10.78 22.70
N ASN E 481 20.36 -11.42 22.66
CA ASN E 481 20.35 -12.84 22.40
C ASN E 481 20.14 -13.03 20.92
N TRP E 482 19.28 -12.22 20.33
CA TRP E 482 18.99 -12.35 18.91
C TRP E 482 20.10 -11.87 18.04
N ARG E 483 20.90 -10.95 18.54
CA ARG E 483 21.98 -10.49 17.72
C ARG E 483 23.00 -11.60 17.52
N SER E 484 23.00 -12.66 18.35
CA SER E 484 24.00 -13.71 18.22
C SER E 484 23.76 -14.56 16.98
N GLU E 485 22.58 -14.44 16.37
CA GLU E 485 22.27 -15.18 15.16
C GLU E 485 22.37 -14.31 13.90
N LEU E 486 22.52 -13.00 14.11
CA LEU E 486 22.56 -12.00 13.05
C LEU E 486 23.88 -11.29 12.91
N TYR E 487 24.89 -11.76 13.62
CA TYR E 487 26.21 -11.11 13.62
C TYR E 487 26.89 -11.26 12.28
N LYS E 488 26.41 -12.21 11.52
CA LYS E 488 26.96 -12.50 10.23
C LYS E 488 26.33 -11.68 9.13
N TYR E 489 25.27 -10.91 9.41
CA TYR E 489 24.63 -10.23 8.29
C TYR E 489 24.62 -8.71 8.30
N LYS E 490 24.70 -8.15 7.09
CA LYS E 490 24.57 -6.72 6.90
C LYS E 490 23.67 -6.39 5.71
N VAL E 491 22.85 -5.36 5.84
CA VAL E 491 22.01 -4.97 4.71
C VAL E 491 22.66 -3.84 3.93
N VAL E 492 22.72 -4.02 2.62
CA VAL E 492 23.29 -3.01 1.74
C VAL E 492 22.32 -2.72 0.60
N LYS E 493 22.51 -1.57 -0.04
CA LYS E 493 21.72 -1.19 -1.18
C LYS E 493 22.58 -1.20 -2.39
N ILE E 494 21.97 -1.45 -3.52
CA ILE E 494 22.69 -1.49 -4.77
C ILE E 494 22.51 -0.18 -5.50
N GLU E 495 23.64 0.36 -5.95
CA GLU E 495 23.71 1.61 -6.67
C GLU E 495 24.28 1.34 -8.05
N PRO E 496 23.45 0.88 -9.01
CA PRO E 496 23.82 0.36 -10.29
C PRO E 496 24.22 1.41 -11.30
N LEU E 497 24.04 2.68 -11.00
CA LEU E 497 24.31 3.67 -12.02
C LEU E 497 25.51 4.53 -11.65
N GLY E 498 26.49 4.62 -12.56
CA GLY E 498 27.68 5.44 -12.30
C GLY E 498 28.50 5.70 -13.57
N VAL E 499 29.60 6.45 -13.43
CA VAL E 499 30.42 6.85 -14.59
C VAL E 499 31.91 6.60 -14.45
N ALA E 500 32.61 6.61 -15.59
CA ALA E 500 34.07 6.53 -15.67
C ALA E 500 34.54 7.16 -17.00
N PRO E 501 35.77 7.72 -17.09
CA PRO E 501 36.35 8.24 -18.32
C PRO E 501 36.74 7.15 -19.27
N THR E 502 36.42 7.33 -20.54
CA THR E 502 36.79 6.39 -21.58
C THR E 502 37.26 7.05 -22.88
N ARG E 503 37.96 6.30 -23.71
CA ARG E 503 38.34 6.82 -25.02
C ARG E 503 37.26 6.53 -26.11
N CYS E 504 36.11 7.21 -26.00
CA CYS E 504 34.97 7.17 -26.93
C CYS E 504 34.21 8.47 -26.80
N LYS E 505 33.29 8.72 -27.71
CA LYS E 505 32.46 9.90 -27.58
C LYS E 505 31.19 9.75 -28.40
N ARG E 506 30.14 10.53 -28.07
CA ARG E 506 28.89 10.61 -28.84
C ARG E 506 29.08 11.61 -30.00
N PHE F 11 24.68 -12.66 -7.03
CA PHE F 11 24.53 -12.11 -8.37
C PHE F 11 25.45 -10.88 -8.63
N LEU F 12 26.07 -10.32 -7.56
CA LEU F 12 26.95 -9.15 -7.56
C LEU F 12 28.34 -9.49 -8.01
N GLY F 13 28.97 -8.49 -8.59
CA GLY F 13 30.32 -8.53 -9.06
C GLY F 13 31.19 -7.75 -8.11
N ALA F 14 32.18 -7.06 -8.67
CA ALA F 14 33.22 -6.31 -7.94
C ALA F 14 34.03 -7.27 -7.10
N ALA F 15 33.97 -8.52 -7.50
CA ALA F 15 34.67 -9.61 -6.89
C ALA F 15 36.06 -9.72 -7.44
N GLY F 16 36.85 -8.67 -7.22
CA GLY F 16 38.22 -8.61 -7.73
C GLY F 16 38.20 -8.19 -9.18
N SER F 17 37.00 -7.89 -9.65
CA SER F 17 36.75 -7.54 -11.00
C SER F 17 36.93 -6.06 -11.19
N THR F 18 37.93 -5.75 -12.00
CA THR F 18 38.29 -4.40 -12.27
C THR F 18 37.27 -3.86 -13.20
N MET F 19 37.27 -2.57 -13.36
CA MET F 19 36.23 -2.00 -14.18
C MET F 19 36.13 -2.60 -15.56
N GLY F 20 37.25 -2.94 -16.19
CA GLY F 20 37.14 -3.50 -17.53
C GLY F 20 36.25 -4.74 -17.52
N ALA F 21 36.63 -5.75 -16.73
CA ALA F 21 35.85 -6.98 -16.64
C ALA F 21 34.44 -6.75 -16.08
N ALA F 22 34.32 -5.85 -15.13
CA ALA F 22 33.07 -5.57 -14.46
C ALA F 22 32.05 -4.99 -15.40
N SER F 23 32.50 -4.22 -16.40
CA SER F 23 31.60 -3.59 -17.34
C SER F 23 30.88 -4.61 -18.20
N MET F 24 31.36 -5.86 -18.21
CA MET F 24 30.75 -6.89 -19.02
C MET F 24 29.68 -7.73 -18.29
N THR F 25 29.43 -7.48 -16.98
CA THR F 25 28.50 -8.31 -16.18
C THR F 25 27.21 -7.58 -15.84
N LEU F 26 27.02 -6.45 -16.49
CA LEU F 26 25.97 -5.50 -16.23
C LEU F 26 24.55 -6.08 -16.42
N THR F 27 24.39 -7.14 -17.21
CA THR F 27 23.06 -7.72 -17.42
C THR F 27 22.56 -8.45 -16.19
N VAL F 28 23.47 -8.79 -15.30
CA VAL F 28 23.06 -9.51 -14.12
C VAL F 28 22.68 -8.53 -13.03
N GLN F 29 23.54 -7.57 -12.79
CA GLN F 29 23.25 -6.67 -11.71
C GLN F 29 22.07 -5.77 -12.05
N ALA F 30 21.84 -5.53 -13.34
CA ALA F 30 20.74 -4.70 -13.80
C ALA F 30 19.37 -5.38 -13.64
N ARG F 31 19.32 -6.70 -13.40
CA ARG F 31 18.03 -7.41 -13.30
C ARG F 31 17.58 -7.64 -11.88
N ASN F 32 18.52 -7.61 -10.95
CA ASN F 32 18.23 -7.92 -9.56
C ASN F 32 17.81 -6.67 -8.80
N LEU F 33 17.61 -5.61 -9.58
CA LEU F 33 17.11 -4.33 -9.14
C LEU F 33 15.60 -4.35 -9.13
N LEU F 34 15.00 -5.16 -10.01
CA LEU F 34 13.54 -5.23 -10.09
C LEU F 34 13.00 -6.57 -9.53
N SER F 35 13.72 -7.71 -9.77
CA SER F 35 13.43 -9.11 -9.35
C SER F 35 12.27 -9.29 -8.35
N LEU F 57 -3.61 -7.11 6.67
CA LEU F 57 -2.98 -6.08 7.52
C LEU F 57 -2.25 -6.71 8.75
N THR F 58 -1.52 -7.81 8.50
CA THR F 58 -0.70 -8.49 9.49
C THR F 58 0.65 -7.81 9.59
N VAL F 59 1.40 -8.14 10.63
CA VAL F 59 2.73 -7.54 10.80
C VAL F 59 3.60 -7.83 9.59
N TRP F 60 3.52 -9.03 9.09
CA TRP F 60 4.30 -9.44 7.93
C TRP F 60 3.50 -9.44 6.64
N GLY F 61 2.44 -8.66 6.65
CA GLY F 61 1.56 -8.43 5.53
C GLY F 61 1.78 -7.03 4.99
N ILE F 62 1.47 -6.03 5.82
CA ILE F 62 1.61 -4.64 5.37
C ILE F 62 3.05 -4.33 5.00
N LYS F 63 4.00 -4.95 5.67
CA LYS F 63 5.39 -4.73 5.36
C LYS F 63 5.75 -5.19 3.95
N GLN F 64 5.07 -6.22 3.41
CA GLN F 64 5.42 -6.68 2.09
C GLN F 64 4.92 -5.68 1.07
N LEU F 65 3.79 -5.05 1.37
CA LEU F 65 3.25 -4.09 0.42
C LEU F 65 4.16 -2.89 0.37
N GLN F 66 4.64 -2.46 1.52
CA GLN F 66 5.51 -1.31 1.57
C GLN F 66 6.84 -1.61 0.88
N ALA F 67 7.36 -2.82 1.07
CA ALA F 67 8.60 -3.20 0.44
C ALA F 67 8.50 -3.29 -1.08
N ARG F 68 7.36 -3.76 -1.61
CA ARG F 68 7.20 -3.82 -3.05
C ARG F 68 7.21 -2.43 -3.64
N VAL F 69 6.57 -1.48 -2.96
CA VAL F 69 6.53 -0.13 -3.46
C VAL F 69 7.94 0.46 -3.48
N LEU F 70 8.73 0.21 -2.44
CA LEU F 70 10.10 0.71 -2.41
C LEU F 70 10.93 0.17 -3.56
N ALA F 71 10.81 -1.13 -3.84
CA ALA F 71 11.62 -1.69 -4.91
C ALA F 71 11.29 -1.02 -6.25
N VAL F 72 10.00 -0.74 -6.48
CA VAL F 72 9.60 -0.07 -7.70
C VAL F 72 10.14 1.32 -7.77
N GLU F 73 10.05 2.05 -6.68
CA GLU F 73 10.53 3.41 -6.66
C GLU F 73 12.00 3.51 -7.04
N ARG F 74 12.84 2.64 -6.48
CA ARG F 74 14.26 2.75 -6.82
C ARG F 74 14.50 2.44 -8.29
N TYR F 75 13.82 1.44 -8.80
CA TYR F 75 13.98 1.07 -10.19
C TYR F 75 13.68 2.26 -11.09
N LEU F 76 12.54 2.90 -10.86
CA LEU F 76 12.15 3.99 -11.71
C LEU F 76 13.06 5.19 -11.61
N ARG F 77 13.61 5.50 -10.43
CA ARG F 77 14.49 6.65 -10.36
C ARG F 77 15.72 6.46 -11.26
N ASP F 78 16.28 5.26 -11.30
CA ASP F 78 17.44 5.06 -12.17
C ASP F 78 17.05 5.11 -13.63
N GLN F 79 15.87 4.58 -13.95
CA GLN F 79 15.46 4.62 -15.34
C GLN F 79 15.21 6.03 -15.80
N GLN F 80 14.70 6.89 -14.91
CA GLN F 80 14.46 8.26 -15.31
C GLN F 80 15.77 8.96 -15.64
N LEU F 81 16.83 8.71 -14.87
CA LEU F 81 18.10 9.34 -15.19
C LEU F 81 18.66 8.84 -16.51
N LEU F 82 18.53 7.56 -16.79
CA LEU F 82 19.04 7.07 -18.06
C LEU F 82 18.25 7.70 -19.19
N GLY F 83 16.95 7.88 -19.00
CA GLY F 83 16.13 8.48 -20.01
C GLY F 83 16.55 9.91 -20.33
N ILE F 84 16.68 10.74 -19.30
CA ILE F 84 16.99 12.15 -19.52
C ILE F 84 18.40 12.35 -20.11
N TRP F 85 19.33 11.44 -19.85
CA TRP F 85 20.68 11.52 -20.41
C TRP F 85 20.82 10.87 -21.78
N GLY F 86 19.74 10.25 -22.28
CA GLY F 86 19.79 9.53 -23.56
C GLY F 86 20.48 8.15 -23.53
N CYS F 87 20.51 7.49 -22.33
CA CYS F 87 21.16 6.21 -22.06
C CYS F 87 20.11 5.11 -21.87
N SER F 88 18.87 5.42 -22.18
CA SER F 88 17.82 4.44 -22.02
C SER F 88 18.04 3.29 -22.97
N GLY F 89 17.86 2.08 -22.46
CA GLY F 89 17.99 0.88 -23.27
C GLY F 89 19.43 0.40 -23.42
N LYS F 90 20.38 1.09 -22.78
CA LYS F 90 21.77 0.71 -22.93
C LYS F 90 22.41 0.39 -21.59
N LEU F 91 23.40 -0.48 -21.63
CA LEU F 91 24.20 -0.78 -20.45
C LEU F 91 25.45 0.08 -20.46
N ILE F 92 25.95 0.37 -21.66
CA ILE F 92 27.13 1.20 -21.85
C ILE F 92 26.71 2.38 -22.74
N CYS F 93 26.88 3.64 -22.25
CA CYS F 93 26.45 4.86 -22.93
C CYS F 93 27.54 5.96 -23.03
N CYS F 94 28.07 6.17 -24.24
CA CYS F 94 29.08 7.21 -24.44
C CYS F 94 28.27 8.51 -24.61
N THR F 95 28.72 9.61 -24.02
CA THR F 95 27.95 10.87 -24.12
C THR F 95 28.77 12.04 -24.68
N ASN F 96 28.17 13.24 -24.67
CA ASN F 96 28.80 14.45 -25.17
C ASN F 96 29.51 15.24 -24.07
N VAL F 97 29.59 14.72 -22.87
CA VAL F 97 30.27 15.45 -21.81
C VAL F 97 31.72 15.01 -21.76
N PRO F 98 32.70 15.91 -21.93
CA PRO F 98 34.11 15.63 -21.89
C PRO F 98 34.48 15.36 -20.47
N TRP F 99 35.51 14.60 -20.24
CA TRP F 99 35.93 14.37 -18.88
C TRP F 99 36.77 15.55 -18.43
N ASN F 100 36.40 16.11 -17.30
CA ASN F 100 37.14 17.22 -16.72
C ASN F 100 38.21 16.62 -15.83
N SER F 101 39.46 16.97 -16.07
CA SER F 101 40.57 16.38 -15.33
C SER F 101 40.52 16.68 -13.83
N SER F 102 39.72 17.67 -13.41
CA SER F 102 39.59 18.02 -12.00
C SER F 102 38.87 16.92 -11.22
N TRP F 103 38.25 15.99 -11.96
CA TRP F 103 37.50 14.89 -11.42
C TRP F 103 38.36 13.66 -11.10
N SER F 104 39.61 13.61 -11.57
CA SER F 104 40.40 12.41 -11.33
C SER F 104 41.90 12.66 -11.40
N ASN F 105 42.68 11.74 -10.85
CA ASN F 105 44.13 11.82 -10.90
C ASN F 105 44.76 10.60 -11.57
N ARG F 106 44.00 9.92 -12.41
CA ARG F 106 44.46 8.71 -13.10
C ARG F 106 44.06 8.62 -14.56
N ASN F 107 44.91 7.91 -15.32
CA ASN F 107 44.72 7.59 -16.72
C ASN F 107 43.72 6.46 -16.90
N LEU F 108 43.09 6.35 -18.07
CA LEU F 108 42.15 5.25 -18.23
C LEU F 108 42.91 3.93 -18.17
N SER F 109 44.19 3.93 -18.58
CA SER F 109 45.02 2.74 -18.60
C SER F 109 45.37 2.27 -17.20
N GLU F 110 45.11 3.10 -16.20
CA GLU F 110 45.38 2.74 -14.84
C GLU F 110 44.10 2.27 -14.15
N ILE F 111 43.00 2.95 -14.41
CA ILE F 111 41.79 2.61 -13.66
C ILE F 111 41.05 1.40 -14.23
N TRP F 112 41.00 1.25 -15.56
CA TRP F 112 40.22 0.15 -16.09
C TRP F 112 40.87 -1.20 -15.82
N ASP F 113 42.18 -1.21 -15.72
CA ASP F 113 42.91 -2.43 -15.42
C ASP F 113 43.25 -2.68 -13.95
N ASN F 114 43.47 -1.64 -13.14
CA ASN F 114 43.84 -1.90 -11.75
C ASN F 114 42.77 -1.67 -10.69
N MET F 115 41.68 -0.94 -11.00
CA MET F 115 40.71 -0.64 -9.95
C MET F 115 39.42 -1.42 -10.05
N THR F 116 38.95 -1.84 -8.89
CA THR F 116 37.69 -2.55 -8.69
C THR F 116 36.61 -1.53 -8.96
N TRP F 117 35.53 -1.91 -9.62
CA TRP F 117 34.48 -0.90 -9.89
C TRP F 117 34.13 -0.16 -8.59
N LEU F 118 33.99 -0.92 -7.52
CA LEU F 118 33.62 -0.39 -6.22
C LEU F 118 34.60 0.68 -5.72
N GLN F 119 35.90 0.50 -5.97
CA GLN F 119 36.90 1.46 -5.51
C GLN F 119 36.76 2.74 -6.28
N TRP F 120 36.52 2.60 -7.58
CA TRP F 120 36.38 3.74 -8.46
C TRP F 120 35.21 4.59 -8.07
N ASP F 121 34.08 3.96 -7.79
CA ASP F 121 32.89 4.70 -7.45
C ASP F 121 33.13 5.51 -6.19
N LYS F 122 33.86 4.95 -5.22
CA LYS F 122 34.12 5.71 -4.03
C LYS F 122 35.05 6.91 -4.31
N GLU F 123 36.08 6.71 -5.14
CA GLU F 123 37.05 7.77 -5.39
C GLU F 123 36.49 9.02 -6.06
N ILE F 124 35.50 8.88 -6.93
CA ILE F 124 34.94 10.07 -7.58
C ILE F 124 33.52 10.37 -7.12
N SER F 125 33.13 9.88 -5.95
CA SER F 125 31.76 10.05 -5.51
C SER F 125 31.33 11.49 -5.32
N ASN F 126 32.26 12.38 -5.01
CA ASN F 126 31.89 13.76 -4.74
C ASN F 126 31.68 14.61 -5.98
N TYR F 127 31.78 14.01 -7.15
CA TYR F 127 31.55 14.73 -8.39
C TYR F 127 30.29 14.24 -9.08
N THR F 128 29.54 13.35 -8.43
CA THR F 128 28.39 12.72 -9.09
C THR F 128 27.38 13.72 -9.63
N GLN F 129 27.07 14.70 -8.82
CA GLN F 129 26.07 15.71 -9.12
C GLN F 129 26.51 16.69 -10.21
N ILE F 130 27.82 16.74 -10.46
CA ILE F 130 28.33 17.67 -11.46
C ILE F 130 28.14 16.98 -12.77
N ILE F 131 28.54 15.74 -12.80
CA ILE F 131 28.49 15.00 -14.01
C ILE F 131 27.05 14.83 -14.44
N TYR F 132 26.16 14.51 -13.51
CA TYR F 132 24.79 14.32 -13.90
C TYR F 132 24.18 15.60 -14.47
N GLY F 133 24.44 16.77 -13.88
CA GLY F 133 23.86 17.98 -14.45
C GLY F 133 24.37 18.23 -15.88
N LEU F 134 25.66 17.95 -16.11
CA LEU F 134 26.23 18.16 -17.44
C LEU F 134 25.61 17.22 -18.45
N LEU F 135 25.34 15.99 -18.02
CA LEU F 135 24.76 15.01 -18.92
C LEU F 135 23.37 15.43 -19.37
N GLU F 136 22.58 16.05 -18.50
CA GLU F 136 21.24 16.49 -18.90
C GLU F 136 21.30 17.61 -19.96
N GLU F 137 22.23 18.55 -19.79
CA GLU F 137 22.36 19.69 -20.73
C GLU F 137 22.83 19.22 -22.10
N SER F 138 23.67 18.20 -22.07
CA SER F 138 24.27 17.57 -23.23
C SER F 138 23.24 16.88 -24.10
N GLN F 139 22.02 16.72 -23.59
CA GLN F 139 20.97 16.15 -24.37
C GLN F 139 19.98 17.23 -24.73
N ASN F 140 19.42 17.89 -23.73
CA ASN F 140 18.38 18.86 -23.99
C ASN F 140 18.80 19.90 -25.00
N GLN F 141 20.00 20.43 -24.86
CA GLN F 141 20.41 21.42 -25.79
C GLN F 141 21.08 20.77 -26.97
N GLN F 142 22.15 20.04 -26.71
CA GLN F 142 22.95 19.60 -27.84
C GLN F 142 22.29 18.62 -28.81
N GLU F 143 21.43 17.73 -28.31
CA GLU F 143 20.80 16.74 -29.15
C GLU F 143 19.36 17.06 -29.51
N LYS F 144 18.82 18.19 -29.03
CA LYS F 144 17.41 18.47 -29.28
C LYS F 144 17.11 19.91 -29.66
N ASN F 145 17.42 20.85 -28.77
CA ASN F 145 17.10 22.25 -29.09
C ASN F 145 17.89 22.66 -30.32
N GLU F 146 19.09 22.10 -30.46
CA GLU F 146 19.97 22.38 -31.60
C GLU F 146 19.74 21.46 -32.80
N GLN F 147 18.84 20.50 -32.68
CA GLN F 147 18.56 19.57 -33.78
C GLN F 147 17.19 19.81 -34.48
N ASP F 148 16.18 20.31 -33.72
CA ASP F 148 14.80 20.60 -34.12
C ASP F 148 14.75 21.59 -35.32
N GLN G 21 55.80 -36.19 18.05
CA GLN G 21 54.79 -36.92 18.82
C GLN G 21 53.76 -37.64 17.92
N LEU G 22 53.46 -37.11 16.71
CA LEU G 22 52.52 -37.77 15.79
C LEU G 22 53.19 -38.91 15.08
N VAL G 23 52.56 -40.07 15.15
CA VAL G 23 53.13 -41.24 14.51
C VAL G 23 52.18 -41.92 13.57
N GLU G 24 52.55 -41.97 12.31
CA GLU G 24 51.76 -42.61 11.27
C GLU G 24 51.97 -44.12 11.21
N SER G 25 50.92 -44.82 10.83
CA SER G 25 50.94 -46.25 10.58
C SER G 25 49.91 -46.66 9.54
N GLY G 26 49.84 -47.96 9.25
CA GLY G 26 48.88 -48.49 8.28
C GLY G 26 49.38 -48.46 6.83
N GLY G 27 50.66 -48.12 6.64
CA GLY G 27 51.22 -48.02 5.29
C GLY G 27 51.70 -49.38 4.82
N GLY G 28 52.46 -49.40 3.72
CA GLY G 28 52.93 -50.63 3.13
C GLY G 28 52.59 -50.71 1.64
N LEU G 29 52.88 -51.85 1.05
CA LEU G 29 52.62 -52.09 -0.36
C LEU G 29 51.26 -52.74 -0.55
N VAL G 30 50.43 -52.14 -1.39
CA VAL G 30 49.10 -52.65 -1.65
C VAL G 30 48.90 -52.81 -3.14
N LYS G 31 47.88 -53.56 -3.52
CA LYS G 31 47.62 -53.76 -4.93
C LYS G 31 46.72 -52.66 -5.51
N PRO G 32 46.88 -52.27 -6.78
CA PRO G 32 46.03 -51.32 -7.45
C PRO G 32 44.61 -51.79 -7.41
N GLY G 33 43.69 -50.84 -7.21
CA GLY G 33 42.27 -51.13 -7.17
C GLY G 33 41.72 -51.34 -5.76
N THR G 34 42.58 -51.45 -4.76
CA THR G 34 42.08 -51.66 -3.40
C THR G 34 41.83 -50.37 -2.65
N SER G 35 41.39 -50.50 -1.40
CA SER G 35 41.12 -49.39 -0.49
C SER G 35 42.21 -49.37 0.59
N LEU G 36 42.34 -48.27 1.33
CA LEU G 36 43.37 -48.24 2.38
C LEU G 36 43.09 -47.27 3.51
N SER G 37 43.22 -47.74 4.75
CA SER G 37 43.04 -46.81 5.85
C SER G 37 44.35 -46.56 6.58
N LEU G 38 44.78 -45.29 6.60
CA LEU G 38 46.00 -44.92 7.29
C LEU G 38 45.59 -44.25 8.57
N THR G 39 46.36 -44.43 9.61
CA THR G 39 46.02 -43.78 10.86
C THR G 39 47.26 -43.16 11.47
N CYS G 40 47.07 -42.26 12.47
CA CYS G 40 48.15 -41.75 13.29
C CYS G 40 47.63 -41.41 14.68
N LYS G 41 48.56 -41.40 15.62
CA LYS G 41 48.24 -41.10 16.99
C LYS G 41 49.09 -40.01 17.54
N ALA G 42 48.57 -39.26 18.51
CA ALA G 42 49.39 -38.23 19.14
C ALA G 42 49.93 -38.72 20.47
N SER G 43 51.20 -39.04 20.52
CA SER G 43 51.73 -39.58 21.74
C SER G 43 51.94 -38.44 22.71
N GLY G 44 51.23 -38.49 23.83
CA GLY G 44 51.31 -37.42 24.80
C GLY G 44 50.19 -36.37 24.69
N PHE G 45 49.37 -36.45 23.64
CA PHE G 45 48.32 -35.43 23.55
C PHE G 45 46.93 -35.93 23.35
N ASP G 46 46.01 -35.25 23.98
CA ASP G 46 44.60 -35.46 23.71
C ASP G 46 44.34 -34.55 22.53
N PHE G 47 43.44 -34.90 21.62
CA PHE G 47 43.16 -33.96 20.54
C PHE G 47 42.03 -33.01 20.86
N SER G 48 41.47 -33.06 22.07
CA SER G 48 40.37 -32.18 22.44
C SER G 48 40.86 -30.79 22.84
N ASP G 49 41.39 -30.09 21.86
CA ASP G 49 41.98 -28.77 21.97
C ASP G 49 41.76 -28.08 20.64
N ASN G 50 42.21 -26.86 20.48
CA ASN G 50 41.90 -26.14 19.25
C ASN G 50 42.84 -26.52 18.13
N TYR G 51 42.68 -27.71 17.61
CA TYR G 51 43.60 -28.17 16.59
C TYR G 51 43.02 -28.62 15.28
N TYR G 52 43.77 -28.38 14.23
CA TYR G 52 43.51 -29.02 12.97
C TYR G 52 44.54 -30.08 12.72
N ILE G 53 44.09 -31.24 12.30
CA ILE G 53 45.04 -32.28 11.91
C ILE G 53 44.85 -32.42 10.41
N CYS G 54 45.93 -32.27 9.62
CA CYS G 54 45.85 -32.30 8.16
C CYS G 54 46.72 -33.40 7.58
N TRP G 55 46.24 -33.94 6.49
CA TRP G 55 46.97 -34.94 5.75
C TRP G 55 47.57 -34.30 4.50
N VAL G 56 48.87 -34.54 4.35
CA VAL G 56 49.71 -34.02 3.28
C VAL G 56 50.45 -35.14 2.57
N ARG G 57 50.43 -35.10 1.25
CA ARG G 57 51.06 -36.11 0.44
C ARG G 57 52.34 -35.64 -0.25
N GLN G 58 53.29 -36.55 -0.42
CA GLN G 58 54.47 -36.22 -1.22
C GLN G 58 55.00 -37.37 -2.03
N ALA G 59 54.73 -37.38 -3.34
CA ALA G 59 55.23 -38.44 -4.19
C ALA G 59 56.73 -38.22 -4.27
N PRO G 60 57.58 -39.24 -4.41
CA PRO G 60 59.01 -39.05 -4.53
C PRO G 60 59.31 -38.13 -5.68
N GLY G 61 60.19 -37.16 -5.44
CA GLY G 61 60.61 -36.21 -6.46
C GLY G 61 59.66 -35.02 -6.61
N LYS G 62 58.56 -35.02 -5.87
CA LYS G 62 57.55 -33.98 -5.96
C LYS G 62 57.51 -33.15 -4.69
N GLY G 63 56.81 -32.02 -4.77
CA GLY G 63 56.65 -31.18 -3.61
C GLY G 63 55.48 -31.68 -2.76
N LEU G 64 55.16 -30.92 -1.73
CA LEU G 64 54.10 -31.28 -0.80
C LEU G 64 52.74 -30.86 -1.37
N GLU G 65 51.76 -31.75 -1.24
CA GLU G 65 50.39 -31.56 -1.72
C GLU G 65 49.34 -31.73 -0.62
N TRP G 66 48.41 -30.81 -0.53
CA TRP G 66 47.38 -30.91 0.50
C TRP G 66 46.28 -31.91 0.12
N ILE G 67 45.88 -32.81 1.06
CA ILE G 67 44.76 -33.74 0.80
C ILE G 67 43.48 -33.26 1.44
N GLY G 68 43.58 -32.91 2.72
CA GLY G 68 42.42 -32.48 3.50
C GLY G 68 42.75 -32.31 4.99
N CYS G 69 41.81 -31.70 5.76
CA CYS G 69 41.95 -31.41 7.20
C CYS G 69 40.69 -31.72 7.99
N ILE G 70 40.90 -32.12 9.24
CA ILE G 70 39.85 -32.33 10.22
C ILE G 70 40.01 -31.45 11.43
N PHE G 71 38.94 -30.79 11.83
CA PHE G 71 39.00 -29.99 13.04
C PHE G 71 38.57 -30.94 14.13
N THR G 72 39.34 -31.05 15.21
CA THR G 72 39.04 -32.06 16.20
C THR G 72 38.06 -31.79 17.35
N GLN G 73 37.69 -30.55 17.67
CA GLN G 73 36.73 -30.38 18.79
C GLN G 73 35.32 -30.61 18.30
N ASN G 74 35.12 -30.23 17.07
CA ASN G 74 33.87 -30.28 16.38
C ASN G 74 34.23 -30.92 15.09
N VAL G 75 33.88 -32.18 14.93
CA VAL G 75 34.42 -32.78 13.75
C VAL G 75 33.75 -32.32 12.52
N ARG G 76 34.56 -31.60 11.79
CA ARG G 76 34.22 -31.00 10.51
C ARG G 76 35.43 -31.17 9.63
N THR G 77 35.21 -31.44 8.35
CA THR G 77 36.35 -31.62 7.47
C THR G 77 36.32 -30.77 6.23
N TYR G 78 37.51 -30.60 5.67
CA TYR G 78 37.74 -29.85 4.46
C TYR G 78 38.63 -30.66 3.54
N TYR G 79 38.38 -30.62 2.23
CA TYR G 79 39.22 -31.40 1.32
C TYR G 79 39.75 -30.62 0.17
N ALA G 80 40.89 -31.07 -0.34
CA ALA G 80 41.44 -30.53 -1.56
C ALA G 80 40.50 -30.92 -2.67
N ASN G 81 40.30 -30.09 -3.67
CA ASN G 81 39.34 -30.49 -4.68
C ASN G 81 39.68 -31.80 -5.39
N TRP G 82 40.96 -32.05 -5.62
CA TRP G 82 41.39 -33.25 -6.32
C TRP G 82 41.12 -34.53 -5.53
N ALA G 83 40.99 -34.38 -4.22
CA ALA G 83 40.81 -35.48 -3.30
C ALA G 83 39.33 -35.83 -3.09
N LYS G 84 38.41 -35.04 -3.63
CA LYS G 84 37.04 -35.32 -3.30
C LYS G 84 36.57 -36.63 -3.91
N GLY G 85 35.97 -37.47 -3.07
CA GLY G 85 35.45 -38.77 -3.46
C GLY G 85 36.52 -39.85 -3.45
N ARG G 86 37.75 -39.43 -3.19
CA ARG G 86 38.88 -40.33 -3.18
C ARG G 86 39.39 -40.48 -1.78
N PHE G 87 39.26 -39.43 -0.99
CA PHE G 87 39.73 -39.48 0.38
C PHE G 87 38.62 -39.00 1.29
N THR G 88 38.56 -39.60 2.47
CA THR G 88 37.70 -39.13 3.54
C THR G 88 38.55 -39.03 4.79
N ILE G 89 38.18 -38.16 5.72
CA ILE G 89 38.91 -38.02 6.97
C ILE G 89 37.95 -38.11 8.13
N SER G 90 38.34 -38.81 9.18
CA SER G 90 37.53 -38.93 10.37
C SER G 90 38.37 -39.07 11.63
N LYS G 91 37.74 -38.87 12.77
CA LYS G 91 38.40 -39.01 14.06
C LYS G 91 37.82 -40.24 14.70
N THR G 92 38.61 -40.97 15.47
CA THR G 92 38.09 -42.14 16.15
C THR G 92 38.28 -42.00 17.66
N SER G 93 39.43 -42.43 18.14
CA SER G 93 39.74 -42.35 19.56
C SER G 93 40.11 -40.91 19.85
N SER G 94 40.09 -40.50 21.12
CA SER G 94 40.41 -39.11 21.44
C SER G 94 41.84 -38.72 21.11
N THR G 95 42.70 -39.71 20.94
CA THR G 95 44.10 -39.53 20.62
C THR G 95 44.47 -39.96 19.20
N THR G 96 43.49 -40.39 18.37
CA THR G 96 43.87 -40.84 17.02
C THR G 96 42.94 -40.34 15.91
N VAL G 97 43.50 -40.26 14.70
CA VAL G 97 42.73 -39.90 13.51
C VAL G 97 43.01 -40.86 12.36
N THR G 98 42.11 -40.85 11.37
CA THR G 98 42.31 -41.68 10.19
C THR G 98 42.00 -41.00 8.86
N LEU G 99 42.74 -41.44 7.84
CA LEU G 99 42.59 -41.05 6.45
C LEU G 99 42.23 -42.27 5.64
N GLN G 100 41.08 -42.25 5.00
CA GLN G 100 40.69 -43.41 4.23
C GLN G 100 40.64 -43.15 2.76
N MET G 101 41.33 -44.01 2.02
CA MET G 101 41.36 -43.92 0.58
C MET G 101 40.22 -44.81 0.10
N THR G 102 39.43 -44.32 -0.86
CA THR G 102 38.28 -45.08 -1.33
C THR G 102 38.69 -46.07 -2.41
N SER G 103 39.77 -45.75 -3.09
CA SER G 103 40.38 -46.59 -4.10
C SER G 103 41.80 -46.12 -4.25
N LEU G 104 42.71 -47.00 -4.66
CA LEU G 104 44.06 -46.56 -4.94
C LEU G 104 44.55 -46.86 -6.34
N THR G 105 45.35 -45.95 -6.87
CA THR G 105 45.99 -46.22 -8.15
C THR G 105 47.50 -46.07 -8.06
N VAL G 106 48.19 -46.39 -9.12
CA VAL G 106 49.65 -46.35 -9.10
C VAL G 106 50.19 -44.94 -8.91
N ALA G 107 49.43 -43.97 -9.35
CA ALA G 107 49.77 -42.56 -9.25
C ALA G 107 49.71 -42.06 -7.80
N ASP G 108 49.16 -42.87 -6.90
CA ASP G 108 49.03 -42.48 -5.51
C ASP G 108 50.20 -42.94 -4.68
N THR G 109 51.21 -43.54 -5.31
CA THR G 109 52.37 -43.90 -4.52
C THR G 109 52.95 -42.61 -3.99
N ALA G 110 53.11 -42.55 -2.68
CA ALA G 110 53.60 -41.33 -2.05
C ALA G 110 53.89 -41.52 -0.59
N THR G 111 54.62 -40.57 -0.02
CA THR G 111 54.76 -40.49 1.40
C THR G 111 53.54 -39.77 1.93
N TYR G 112 52.93 -40.28 2.98
CA TYR G 112 51.80 -39.60 3.57
C TYR G 112 52.18 -39.16 4.97
N PHE G 113 51.80 -37.93 5.31
CA PHE G 113 52.08 -37.38 6.63
C PHE G 113 50.81 -36.84 7.25
N CYS G 114 50.70 -36.89 8.61
CA CYS G 114 49.66 -36.14 9.32
C CYS G 114 50.44 -35.06 10.05
N ALA G 115 49.81 -33.91 10.24
CA ALA G 115 50.46 -32.86 10.97
C ALA G 115 49.47 -32.04 11.73
N ARG G 116 49.92 -31.48 12.83
CA ARG G 116 49.09 -30.65 13.65
C ARG G 116 49.40 -29.19 13.43
N PHE G 117 48.31 -28.47 13.23
CA PHE G 117 48.29 -27.04 13.03
C PHE G 117 47.64 -26.36 14.21
N SER G 118 48.48 -25.73 15.02
CA SER G 118 48.01 -25.09 16.22
C SER G 118 47.53 -23.66 15.99
N ASP G 119 46.88 -23.12 17.01
CA ASP G 119 46.23 -21.82 17.08
C ASP G 119 47.07 -20.57 17.37
N THR G 120 47.33 -19.72 16.35
CA THR G 120 48.05 -18.47 16.59
C THR G 120 47.23 -17.28 16.12
N GLY G 121 46.84 -16.42 17.03
CA GLY G 121 46.05 -15.27 16.63
C GLY G 121 44.81 -15.72 15.81
N PRO G 122 44.62 -15.20 14.58
CA PRO G 122 43.54 -15.45 13.63
C PRO G 122 43.79 -16.65 12.69
N ASP G 123 44.86 -17.40 12.93
CA ASP G 123 45.33 -18.38 11.97
C ASP G 123 45.78 -19.74 12.50
N TYR G 124 45.10 -20.86 12.16
CA TYR G 124 45.61 -22.14 12.66
C TYR G 124 46.70 -22.58 11.68
N GLY G 125 47.79 -21.84 11.70
CA GLY G 125 48.88 -21.99 10.78
C GLY G 125 50.13 -22.52 11.43
N LEU G 126 50.08 -22.91 12.69
CA LEU G 126 51.30 -23.35 13.32
C LEU G 126 51.55 -24.78 13.04
N GLY G 127 51.87 -25.07 11.79
CA GLY G 127 52.08 -26.41 11.29
C GLY G 127 53.45 -26.87 11.71
N ASN G 128 53.65 -26.99 13.01
CA ASN G 128 54.96 -27.33 13.48
C ASN G 128 55.11 -28.75 13.98
N LEU G 129 54.02 -29.51 14.07
CA LEU G 129 54.20 -30.88 14.51
C LEU G 129 53.86 -31.81 13.38
N TRP G 130 54.87 -32.40 12.79
CA TRP G 130 54.68 -33.31 11.68
C TRP G 130 55.16 -34.65 12.13
N GLY G 131 54.52 -35.71 11.69
CA GLY G 131 55.05 -37.01 12.02
C GLY G 131 56.13 -37.32 11.01
N PRO G 132 56.86 -38.43 11.14
CA PRO G 132 57.86 -38.89 10.21
C PRO G 132 57.24 -39.33 8.89
N GLY G 133 55.95 -39.65 8.92
CA GLY G 133 55.25 -40.07 7.74
C GLY G 133 55.37 -41.56 7.56
N SER G 134 54.64 -42.08 6.60
CA SER G 134 54.64 -43.49 6.26
C SER G 134 54.54 -43.60 4.76
N LEU G 135 54.96 -44.72 4.20
CA LEU G 135 54.87 -44.83 2.76
C LEU G 135 53.77 -45.74 2.31
N VAL G 136 53.12 -45.34 1.22
CA VAL G 136 52.14 -46.17 0.57
C VAL G 136 52.60 -46.39 -0.84
N THR G 137 52.75 -47.65 -1.21
CA THR G 137 53.20 -47.99 -2.56
C THR G 137 52.09 -48.78 -3.21
N VAL G 138 51.75 -48.48 -4.49
CA VAL G 138 50.64 -49.14 -5.20
C VAL G 138 51.19 -49.69 -6.51
N ILE H 22 43.74 -24.39 -2.79
CA ILE H 22 43.17 -23.83 -4.04
C ILE H 22 43.67 -22.39 -4.36
N VAL H 23 44.73 -21.92 -3.65
CA VAL H 23 45.27 -20.56 -3.73
C VAL H 23 46.71 -20.36 -4.27
N MET H 24 47.70 -21.11 -3.76
CA MET H 24 49.10 -20.72 -4.05
C MET H 24 49.78 -21.31 -5.28
N THR H 25 50.71 -20.51 -5.82
CA THR H 25 51.67 -20.88 -6.87
C THR H 25 53.05 -20.35 -6.47
N GLN H 26 54.11 -20.99 -6.94
CA GLN H 26 55.49 -20.57 -6.64
C GLN H 26 56.33 -20.56 -7.89
N THR H 27 57.16 -19.53 -8.08
CA THR H 27 57.87 -19.44 -9.35
C THR H 27 59.41 -19.59 -9.55
N PRO H 28 60.32 -19.42 -8.57
CA PRO H 28 61.76 -19.45 -8.82
C PRO H 28 62.37 -20.77 -9.28
N ALA H 29 61.73 -21.92 -8.99
CA ALA H 29 62.17 -23.26 -9.41
C ALA H 29 63.52 -23.76 -8.84
N SER H 30 64.61 -23.03 -9.12
CA SER H 30 65.94 -23.40 -8.65
C SER H 30 66.88 -22.22 -8.49
N VAL H 31 67.62 -22.17 -7.38
CA VAL H 31 68.57 -21.09 -7.17
C VAL H 31 69.88 -21.58 -6.55
N GLU H 32 70.99 -21.06 -7.02
CA GLU H 32 72.28 -21.42 -6.48
C GLU H 32 72.95 -20.23 -5.84
N ALA H 33 73.63 -20.45 -4.72
CA ALA H 33 74.35 -19.37 -4.08
C ALA H 33 75.63 -19.84 -3.40
N ALA H 34 76.55 -18.90 -3.26
CA ALA H 34 77.79 -19.12 -2.56
C ALA H 34 77.55 -19.10 -1.07
N VAL H 35 78.44 -19.73 -0.33
CA VAL H 35 78.32 -19.72 1.11
C VAL H 35 78.48 -18.28 1.57
N GLY H 36 77.55 -17.84 2.42
CA GLY H 36 77.51 -16.49 2.95
C GLY H 36 76.67 -15.55 2.09
N GLY H 37 76.13 -16.04 0.98
CA GLY H 37 75.34 -15.21 0.09
C GLY H 37 73.88 -15.15 0.49
N THR H 38 73.05 -14.58 -0.39
CA THR H 38 71.62 -14.43 -0.13
C THR H 38 70.79 -14.86 -1.32
N VAL H 39 69.70 -15.56 -1.06
CA VAL H 39 68.75 -15.88 -2.11
C VAL H 39 67.37 -15.47 -1.70
N THR H 40 66.50 -15.27 -2.67
CA THR H 40 65.12 -15.01 -2.35
C THR H 40 64.26 -15.89 -3.19
N ILE H 41 63.10 -16.20 -2.67
CA ILE H 41 62.10 -16.93 -3.42
C ILE H 41 60.78 -16.20 -3.33
N LYS H 42 59.89 -16.43 -4.30
CA LYS H 42 58.58 -15.77 -4.29
C LYS H 42 57.41 -16.68 -4.66
N CYS H 43 56.27 -16.46 -3.97
CA CYS H 43 54.97 -17.10 -4.15
C CYS H 43 53.89 -16.07 -4.43
N GLN H 44 52.86 -16.53 -5.12
CA GLN H 44 51.71 -15.68 -5.37
C GLN H 44 50.43 -16.39 -5.03
N ALA H 45 49.44 -15.63 -4.63
CA ALA H 45 48.13 -16.19 -4.38
C ALA H 45 47.18 -15.81 -5.50
N SER H 46 46.30 -16.72 -5.88
CA SER H 46 45.29 -16.46 -6.88
C SER H 46 44.11 -15.68 -6.31
N GLN H 47 44.04 -15.61 -5.00
CA GLN H 47 42.98 -14.93 -4.30
C GLN H 47 43.63 -14.12 -3.19
N ARG H 48 43.10 -12.97 -2.83
CA ARG H 48 43.74 -12.27 -1.73
C ARG H 48 43.55 -13.01 -0.42
N ILE H 49 44.65 -13.21 0.31
CA ILE H 49 44.63 -13.91 1.59
C ILE H 49 45.26 -13.14 2.74
N GLY H 50 45.20 -11.81 2.73
CA GLY H 50 45.75 -11.07 3.85
C GLY H 50 47.23 -11.35 4.02
N SER H 51 47.63 -11.76 5.22
CA SER H 51 49.00 -12.07 5.60
C SER H 51 49.12 -13.56 5.92
N HIS H 52 48.12 -14.33 5.52
CA HIS H 52 48.02 -15.74 5.84
C HIS H 52 48.86 -16.70 4.99
N VAL H 53 50.17 -16.52 5.04
CA VAL H 53 51.09 -17.40 4.33
C VAL H 53 52.20 -17.91 5.22
N SER H 54 52.31 -19.22 5.31
CA SER H 54 53.35 -19.82 6.13
C SER H 54 54.42 -20.33 5.21
N TRP H 55 55.61 -20.56 5.76
CA TRP H 55 56.72 -21.10 4.97
C TRP H 55 57.37 -22.27 5.64
N TYR H 56 57.78 -23.25 4.82
CA TYR H 56 58.44 -24.45 5.31
C TYR H 56 59.76 -24.75 4.66
N GLN H 57 60.64 -25.40 5.41
CA GLN H 57 61.93 -25.89 4.95
C GLN H 57 62.02 -27.40 5.00
N GLN H 58 62.15 -28.05 3.86
CA GLN H 58 62.24 -29.50 3.87
C GLN H 58 63.57 -30.02 3.40
N LYS H 59 64.30 -30.63 4.30
CA LYS H 59 65.60 -31.17 3.93
C LYS H 59 65.34 -32.55 3.33
N PRO H 60 66.18 -33.07 2.44
CA PRO H 60 65.99 -34.36 1.84
C PRO H 60 65.90 -35.45 2.87
N GLY H 61 64.91 -36.32 2.71
CA GLY H 61 64.75 -37.45 3.62
C GLY H 61 64.05 -37.11 4.94
N GLN H 62 63.59 -35.88 5.11
CA GLN H 62 62.99 -35.52 6.37
C GLN H 62 61.60 -34.88 6.25
N ARG H 63 60.82 -35.00 7.32
CA ARG H 63 59.54 -34.32 7.41
C ARG H 63 59.88 -32.84 7.44
N PRO H 64 59.02 -31.95 6.95
CA PRO H 64 59.29 -30.52 6.89
C PRO H 64 59.30 -29.83 8.24
N LYS H 65 60.09 -28.75 8.31
CA LYS H 65 60.16 -27.86 9.46
C LYS H 65 59.48 -26.52 9.20
N LEU H 66 58.75 -26.02 10.18
CA LEU H 66 58.12 -24.74 10.00
C LEU H 66 59.09 -23.61 10.26
N LEU H 67 59.16 -22.64 9.35
CA LEU H 67 60.02 -21.49 9.59
C LEU H 67 59.23 -20.27 9.95
N ILE H 68 58.16 -20.06 9.19
CA ILE H 68 57.34 -18.88 9.29
C ILE H 68 55.86 -19.17 9.49
N TYR H 69 55.24 -18.48 10.43
CA TYR H 69 53.82 -18.64 10.76
C TYR H 69 52.93 -17.92 9.78
N GLY H 70 53.14 -16.62 9.65
CA GLY H 70 52.37 -15.75 8.77
C GLY H 70 53.38 -14.99 7.96
N ALA H 71 52.95 -14.04 7.15
CA ALA H 71 53.91 -13.38 6.30
C ALA H 71 55.09 -12.75 7.04
N SER H 72 54.88 -12.18 8.23
CA SER H 72 55.95 -11.50 8.95
C SER H 72 56.43 -12.14 10.27
N ASN H 73 56.05 -13.37 10.57
CA ASN H 73 56.41 -13.93 11.90
C ASN H 73 57.18 -15.25 11.93
N LEU H 74 58.41 -15.22 12.48
CA LEU H 74 59.23 -16.43 12.57
C LEU H 74 58.86 -17.26 13.76
N GLU H 75 59.05 -18.57 13.64
CA GLU H 75 58.90 -19.45 14.77
C GLU H 75 60.13 -19.40 15.66
N SER H 76 59.94 -19.46 16.97
CA SER H 76 61.09 -19.47 17.84
C SER H 76 61.98 -20.65 17.49
N GLY H 77 63.29 -20.42 17.50
CA GLY H 77 64.24 -21.45 17.17
C GLY H 77 64.71 -21.33 15.72
N VAL H 78 64.03 -20.49 14.94
CA VAL H 78 64.41 -20.25 13.57
C VAL H 78 65.47 -19.17 13.53
N PRO H 79 66.63 -19.40 12.91
CA PRO H 79 67.71 -18.44 12.83
C PRO H 79 67.20 -17.13 12.23
N SER H 80 67.74 -16.03 12.75
CA SER H 80 67.37 -14.66 12.38
C SER H 80 67.69 -14.29 10.94
N ARG H 81 68.48 -15.13 10.30
CA ARG H 81 68.86 -14.94 8.90
C ARG H 81 67.67 -15.23 7.98
N PHE H 82 66.63 -15.90 8.51
CA PHE H 82 65.44 -16.14 7.71
C PHE H 82 64.47 -15.02 7.98
N SER H 83 63.93 -14.42 6.95
CA SER H 83 62.96 -13.35 7.15
C SER H 83 62.06 -13.24 5.94
N GLY H 84 60.95 -12.55 6.08
CA GLY H 84 60.10 -12.39 4.91
C GLY H 84 58.99 -11.41 5.17
N SER H 85 58.17 -11.24 4.15
CA SER H 85 57.06 -10.29 4.16
C SER H 85 56.09 -10.59 3.05
N GLY H 86 54.96 -9.89 3.06
CA GLY H 86 54.01 -10.02 1.98
C GLY H 86 52.60 -9.73 2.42
N SER H 87 51.75 -9.52 1.43
CA SER H 87 50.34 -9.27 1.69
C SER H 87 49.48 -9.45 0.45
N GLY H 88 48.19 -9.72 0.66
CA GLY H 88 47.30 -9.77 -0.48
C GLY H 88 47.65 -10.99 -1.27
N THR H 89 48.25 -10.77 -2.43
CA THR H 89 48.64 -11.87 -3.27
C THR H 89 50.14 -12.01 -3.49
N GLN H 90 50.97 -11.12 -2.94
CA GLN H 90 52.41 -11.18 -3.20
C GLN H 90 53.24 -11.52 -1.95
N PHE H 91 53.91 -12.69 -1.95
CA PHE H 91 54.66 -13.09 -0.75
C PHE H 91 56.09 -13.54 -1.02
N THR H 92 57.04 -13.10 -0.19
CA THR H 92 58.43 -13.52 -0.38
C THR H 92 59.15 -14.00 0.87
N LEU H 93 60.21 -14.77 0.62
CA LEU H 93 61.13 -15.26 1.65
C LEU H 93 62.57 -14.95 1.28
N THR H 94 63.28 -14.33 2.22
CA THR H 94 64.68 -13.99 2.03
C THR H 94 65.52 -14.83 2.96
N ILE H 95 66.53 -15.48 2.41
CA ILE H 95 67.39 -16.26 3.26
C ILE H 95 68.80 -15.71 3.14
N SER H 96 69.26 -15.00 4.17
CA SER H 96 70.57 -14.36 4.13
C SER H 96 71.60 -15.21 4.82
N ASP H 97 72.88 -14.85 4.66
CA ASP H 97 73.97 -15.51 5.35
C ASP H 97 73.88 -17.01 5.16
N LEU H 98 73.66 -17.45 3.94
CA LEU H 98 73.47 -18.85 3.71
C LEU H 98 74.62 -19.69 4.21
N GLU H 99 74.28 -20.70 4.97
CA GLU H 99 75.25 -21.60 5.53
C GLU H 99 75.59 -22.69 4.54
N CYS H 100 76.80 -23.20 4.63
CA CYS H 100 77.22 -24.26 3.75
C CYS H 100 76.36 -25.47 3.94
N ALA H 101 75.93 -26.04 2.82
CA ALA H 101 75.10 -27.23 2.79
C ALA H 101 73.71 -27.03 3.41
N ASP H 102 73.23 -25.78 3.55
CA ASP H 102 71.87 -25.56 3.99
C ASP H 102 70.96 -25.63 2.78
N ALA H 103 70.87 -26.82 2.23
CA ALA H 103 70.10 -27.08 1.04
C ALA H 103 68.75 -27.54 1.44
N ALA H 104 67.74 -27.05 0.75
CA ALA H 104 66.38 -27.46 1.06
C ALA H 104 65.39 -27.05 0.00
N THR H 105 64.25 -27.70 0.06
CA THR H 105 63.16 -27.30 -0.77
C THR H 105 62.26 -26.44 0.07
N TYR H 106 61.92 -25.27 -0.41
CA TYR H 106 61.07 -24.43 0.38
C TYR H 106 59.67 -24.42 -0.22
N TYR H 107 58.70 -24.26 0.67
CA TYR H 107 57.29 -24.26 0.29
C TYR H 107 56.47 -23.14 0.90
N CYS H 108 55.35 -22.79 0.23
CA CYS H 108 54.33 -21.85 0.70
C CYS H 108 53.04 -22.59 0.95
N GLN H 109 52.36 -22.15 1.99
CA GLN H 109 51.05 -22.66 2.29
C GLN H 109 50.08 -21.55 2.57
N ALA H 110 48.90 -21.65 1.97
CA ALA H 110 47.88 -20.68 2.28
C ALA H 110 47.27 -21.20 3.54
N THR H 111 47.15 -20.34 4.54
CA THR H 111 46.60 -20.79 5.79
C THR H 111 45.19 -20.29 5.94
N TYR H 112 44.72 -19.62 4.91
CA TYR H 112 43.38 -19.11 4.94
C TYR H 112 42.65 -19.49 3.70
N ASP H 113 41.47 -20.03 3.86
CA ASP H 113 40.64 -20.43 2.76
C ASP H 113 39.57 -19.35 2.56
N PRO H 114 39.67 -18.50 1.54
CA PRO H 114 38.81 -17.37 1.32
C PRO H 114 37.44 -17.77 0.85
N TYR H 115 37.23 -19.05 0.55
CA TYR H 115 35.97 -19.52 0.03
C TYR H 115 35.11 -20.08 1.14
N THR H 116 35.74 -20.86 2.03
CA THR H 116 34.98 -21.47 3.11
C THR H 116 35.04 -20.64 4.38
N GLY H 117 36.03 -19.76 4.46
CA GLY H 117 36.21 -18.91 5.62
C GLY H 117 37.04 -19.56 6.71
N GLY H 118 37.44 -20.80 6.50
CA GLY H 118 38.19 -21.46 7.55
C GLY H 118 39.58 -20.89 7.57
N SER H 119 40.29 -21.12 8.65
CA SER H 119 41.65 -20.61 8.71
C SER H 119 42.58 -21.71 9.14
N TYR H 120 42.99 -22.51 8.17
CA TYR H 120 43.76 -23.72 8.36
C TYR H 120 44.56 -23.96 7.10
N GLY H 121 45.57 -24.83 7.13
CA GLY H 121 46.29 -25.06 5.88
C GLY H 121 45.31 -25.51 4.83
N ALA H 122 45.25 -24.80 3.71
CA ALA H 122 44.28 -25.07 2.66
C ALA H 122 44.85 -24.82 1.29
N GLY H 123 45.73 -25.68 0.87
CA GLY H 123 46.43 -25.50 -0.39
C GLY H 123 47.89 -25.31 -0.08
N PHE H 124 48.72 -26.02 -0.81
CA PHE H 124 50.13 -26.02 -0.54
C PHE H 124 50.82 -26.17 -1.88
N GLY H 125 52.00 -25.60 -2.02
CA GLY H 125 52.77 -25.85 -3.24
C GLY H 125 54.14 -25.25 -3.11
N GLY H 126 54.99 -25.48 -4.11
CA GLY H 126 56.33 -24.97 -3.97
C GLY H 126 57.34 -25.67 -4.84
N GLY H 127 58.59 -25.69 -4.37
CA GLY H 127 59.74 -26.23 -5.09
C GLY H 127 60.71 -25.10 -5.40
N THR H 128 61.86 -25.13 -4.72
CA THR H 128 62.90 -24.12 -4.89
C THR H 128 64.29 -24.63 -5.15
N ALA H 129 64.58 -25.89 -4.83
CA ALA H 129 65.94 -26.40 -4.99
C ALA H 129 67.00 -25.40 -4.54
N VAL H 130 67.00 -24.97 -3.27
CA VAL H 130 68.03 -24.01 -2.94
C VAL H 130 69.27 -24.81 -2.64
N VAL H 131 70.34 -24.55 -3.37
CA VAL H 131 71.58 -25.27 -3.16
C VAL H 131 72.72 -24.29 -2.85
N VAL H 132 73.60 -24.63 -1.87
CA VAL H 132 74.70 -23.75 -1.41
C VAL H 132 75.96 -24.60 -1.21
N LEU I 39 16.20 -18.68 -40.34
CA LEU I 39 15.27 -17.74 -39.75
C LEU I 39 15.86 -17.24 -38.44
N TRP I 40 15.29 -16.14 -37.90
CA TRP I 40 15.73 -15.43 -36.69
C TRP I 40 14.60 -15.21 -35.71
N VAL I 41 14.97 -15.04 -34.45
CA VAL I 41 14.00 -14.75 -33.42
C VAL I 41 13.54 -13.31 -33.49
N THR I 42 12.22 -13.13 -33.54
CA THR I 42 11.61 -11.83 -33.50
C THR I 42 10.69 -11.78 -32.31
N VAL I 43 10.86 -10.73 -31.54
CA VAL I 43 10.13 -10.48 -30.32
C VAL I 43 8.91 -9.62 -30.61
N TYR I 44 7.77 -10.05 -30.09
CA TYR I 44 6.55 -9.31 -30.28
C TYR I 44 5.93 -8.93 -28.95
N TYR I 45 5.51 -7.68 -28.84
CA TYR I 45 4.91 -7.21 -27.61
C TYR I 45 3.51 -6.70 -27.79
N GLY I 46 2.61 -7.23 -26.97
CA GLY I 46 1.21 -6.91 -27.05
C GLY I 46 0.50 -8.07 -27.73
N VAL I 47 1.07 -9.26 -27.63
CA VAL I 47 0.46 -10.40 -28.27
C VAL I 47 -0.79 -10.80 -27.48
N PRO I 48 -1.89 -11.20 -28.14
CA PRO I 48 -3.14 -11.57 -27.54
C PRO I 48 -3.14 -12.97 -26.93
N VAL I 49 -2.37 -13.14 -25.89
CA VAL I 49 -2.22 -14.42 -25.23
C VAL I 49 -2.59 -14.38 -23.77
N TRP I 50 -3.35 -15.36 -23.32
CA TRP I 50 -3.74 -15.41 -21.93
C TRP I 50 -3.60 -16.80 -21.34
N LYS I 51 -3.42 -16.81 -20.03
CA LYS I 51 -3.30 -18.04 -19.24
C LYS I 51 -4.15 -17.95 -17.97
N ASP I 52 -4.53 -19.08 -17.40
CA ASP I 52 -5.35 -19.04 -16.19
C ASP I 52 -4.64 -18.33 -15.04
N ALA I 53 -5.39 -17.55 -14.24
CA ALA I 53 -4.75 -16.84 -13.14
C ALA I 53 -5.65 -16.56 -11.96
N GLU I 54 -5.04 -16.38 -10.79
CA GLU I 54 -5.79 -15.99 -9.63
C GLU I 54 -5.24 -14.69 -9.06
N THR I 55 -6.08 -13.67 -9.02
CA THR I 55 -5.72 -12.35 -8.53
C THR I 55 -6.84 -11.95 -7.65
N THR I 56 -6.66 -10.88 -6.90
CA THR I 56 -7.79 -10.36 -6.19
C THR I 56 -8.56 -9.54 -7.17
N LEU I 57 -9.83 -9.33 -6.91
CA LEU I 57 -10.64 -8.45 -7.76
C LEU I 57 -11.11 -7.19 -7.04
N PHE I 58 -11.28 -6.14 -7.83
CA PHE I 58 -11.79 -4.84 -7.37
C PHE I 58 -13.29 -4.86 -7.26
N CYS I 59 -13.86 -4.10 -6.30
CA CYS I 59 -15.30 -3.84 -6.23
C CYS I 59 -15.63 -2.55 -6.95
N ALA I 60 -16.65 -2.64 -7.79
CA ALA I 60 -17.17 -1.50 -8.49
C ALA I 60 -18.69 -1.47 -8.25
N SER I 61 -19.28 -0.23 -8.23
CA SER I 61 -20.72 0.01 -8.02
C SER I 61 -21.08 1.49 -8.20
N HIS I 71 -26.83 4.06 4.59
CA HIS I 71 -25.66 3.25 4.32
C HIS I 71 -26.05 1.75 4.42
N ASN I 72 -25.54 0.92 3.45
CA ASN I 72 -25.75 -0.53 3.38
C ASN I 72 -24.54 -1.36 3.81
N VAL I 73 -24.84 -2.42 4.57
CA VAL I 73 -23.88 -3.33 5.18
C VAL I 73 -22.88 -3.94 4.22
N TRP I 74 -23.28 -4.21 2.98
CA TRP I 74 -22.43 -4.81 1.97
C TRP I 74 -22.07 -3.82 0.90
N ALA I 75 -22.95 -2.86 0.63
CA ALA I 75 -22.68 -1.95 -0.47
C ALA I 75 -21.39 -1.25 -0.19
N THR I 76 -21.12 -0.97 1.10
CA THR I 76 -19.90 -0.35 1.61
C THR I 76 -19.79 1.13 1.30
N HIS I 77 -20.07 1.49 0.05
CA HIS I 77 -20.02 2.83 -0.49
C HIS I 77 -18.59 3.33 -0.55
N ALA I 78 -17.70 2.40 -0.87
CA ALA I 78 -16.26 2.65 -1.09
C ALA I 78 -15.73 1.85 -2.30
N CYS I 79 -16.58 1.62 -3.32
CA CYS I 79 -16.32 0.87 -4.54
C CYS I 79 -16.05 1.87 -5.65
N VAL I 80 -15.36 1.40 -6.66
CA VAL I 80 -15.05 2.21 -7.81
C VAL I 80 -16.34 2.41 -8.61
N PRO I 81 -16.74 3.61 -8.99
CA PRO I 81 -17.93 3.80 -9.78
C PRO I 81 -17.80 2.97 -11.04
N THR I 82 -18.88 2.33 -11.47
CA THR I 82 -18.81 1.52 -12.67
C THR I 82 -18.78 2.34 -13.92
N ASP I 83 -18.40 1.68 -14.99
CA ASP I 83 -18.39 2.24 -16.32
C ASP I 83 -19.83 2.28 -16.83
N PRO I 84 -20.42 3.46 -17.13
CA PRO I 84 -21.78 3.58 -17.60
C PRO I 84 -21.96 2.96 -18.99
N ASN I 85 -20.86 2.75 -19.72
CA ASN I 85 -20.92 2.18 -21.04
C ASN I 85 -19.83 1.11 -21.20
N PRO I 86 -19.92 -0.01 -20.47
CA PRO I 86 -18.91 -1.03 -20.36
C PRO I 86 -18.78 -1.74 -21.68
N GLN I 87 -17.60 -2.22 -21.97
CA GLN I 87 -17.42 -2.94 -23.21
C GLN I 87 -17.44 -4.43 -23.01
N GLU I 88 -17.85 -5.11 -24.07
CA GLU I 88 -17.83 -6.55 -24.15
C GLU I 88 -17.26 -6.88 -25.51
N ILE I 89 -16.19 -7.65 -25.53
CA ILE I 89 -15.53 -7.94 -26.76
C ILE I 89 -15.62 -9.39 -27.15
N HIS I 90 -16.29 -9.66 -28.24
CA HIS I 90 -16.47 -11.03 -28.67
C HIS I 90 -15.22 -11.64 -29.24
N LEU I 91 -14.93 -12.91 -28.89
CA LEU I 91 -13.77 -13.57 -29.47
C LEU I 91 -14.14 -14.66 -30.46
N GLU I 92 -13.99 -14.34 -31.72
CA GLU I 92 -14.35 -15.27 -32.78
C GLU I 92 -13.39 -16.43 -32.79
N ASN I 93 -13.87 -17.66 -33.06
CA ASN I 93 -13.09 -18.90 -33.17
C ASN I 93 -12.36 -19.29 -31.86
N VAL I 94 -12.74 -18.72 -30.68
CA VAL I 94 -12.15 -19.07 -29.37
C VAL I 94 -13.00 -20.00 -28.57
N THR I 95 -12.42 -21.13 -28.24
CA THR I 95 -13.05 -22.11 -27.40
C THR I 95 -12.25 -22.12 -26.14
N GLU I 96 -12.91 -22.03 -25.00
CA GLU I 96 -12.17 -21.99 -23.75
C GLU I 96 -12.87 -22.82 -22.69
N GLU I 97 -12.09 -23.37 -21.76
CA GLU I 97 -12.60 -24.22 -20.69
C GLU I 97 -12.84 -23.54 -19.36
N PHE I 98 -14.06 -23.73 -18.88
CA PHE I 98 -14.54 -23.16 -17.63
C PHE I 98 -14.89 -24.27 -16.64
N ASN I 99 -14.79 -23.97 -15.34
CA ASN I 99 -15.17 -24.94 -14.31
C ASN I 99 -15.73 -24.22 -13.10
N MET I 100 -17.04 -24.22 -12.96
CA MET I 100 -17.70 -23.44 -11.90
C MET I 100 -17.44 -23.97 -10.52
N TRP I 101 -16.95 -25.21 -10.41
CA TRP I 101 -16.78 -25.82 -9.11
C TRP I 101 -15.40 -25.53 -8.56
N LYS I 102 -14.53 -24.98 -9.39
CA LYS I 102 -13.13 -24.75 -9.02
C LYS I 102 -12.79 -23.30 -9.23
N ASN I 103 -13.81 -22.48 -9.33
CA ASN I 103 -13.72 -21.08 -9.64
C ASN I 103 -13.42 -20.25 -8.39
N ASN I 104 -12.24 -19.65 -8.32
CA ASN I 104 -11.82 -18.94 -7.12
C ASN I 104 -12.52 -17.61 -6.92
N MET I 105 -13.36 -17.22 -7.88
CA MET I 105 -14.11 -15.99 -7.73
C MET I 105 -15.18 -16.23 -6.68
N VAL I 106 -15.56 -17.50 -6.48
CA VAL I 106 -16.57 -17.87 -5.53
C VAL I 106 -15.98 -17.69 -4.16
N GLU I 107 -14.75 -18.13 -3.99
CA GLU I 107 -14.07 -18.02 -2.72
C GLU I 107 -13.85 -16.55 -2.37
N GLN I 108 -13.53 -15.71 -3.35
CA GLN I 108 -13.38 -14.30 -2.99
C GLN I 108 -14.69 -13.68 -2.60
N MET I 109 -15.78 -14.03 -3.28
CA MET I 109 -17.03 -13.41 -2.87
C MET I 109 -17.36 -13.78 -1.45
N HIS I 110 -17.12 -15.04 -1.11
CA HIS I 110 -17.41 -15.54 0.21
C HIS I 110 -16.55 -14.85 1.26
N THR I 111 -15.26 -14.78 1.02
CA THR I 111 -14.39 -14.16 2.00
C THR I 111 -14.72 -12.70 2.17
N ASP I 112 -14.95 -11.96 1.08
CA ASP I 112 -15.19 -10.55 1.27
C ASP I 112 -16.50 -10.28 1.93
N ILE I 113 -17.54 -11.04 1.62
CA ILE I 113 -18.82 -10.71 2.21
C ILE I 113 -18.78 -10.97 3.70
N ILE I 114 -18.06 -12.01 4.14
CA ILE I 114 -17.96 -12.26 5.55
C ILE I 114 -17.17 -11.16 6.23
N SER I 115 -16.06 -10.75 5.63
CA SER I 115 -15.27 -9.70 6.24
C SER I 115 -16.07 -8.42 6.34
N LEU I 116 -16.88 -8.10 5.34
CA LEU I 116 -17.69 -6.89 5.39
C LEU I 116 -18.74 -7.00 6.45
N TRP I 117 -19.35 -8.17 6.60
CA TRP I 117 -20.38 -8.33 7.61
C TRP I 117 -19.83 -7.86 8.94
N ASP I 118 -18.63 -8.32 9.29
CA ASP I 118 -18.07 -7.88 10.54
C ASP I 118 -17.55 -6.46 10.51
N GLN I 119 -16.94 -5.99 9.43
CA GLN I 119 -16.44 -4.64 9.49
C GLN I 119 -17.57 -3.64 9.68
N SER I 120 -18.72 -3.92 9.07
CA SER I 120 -19.90 -3.08 9.16
C SER I 120 -20.66 -3.21 10.49
N LEU I 121 -20.79 -4.43 11.04
CA LEU I 121 -21.56 -4.56 12.27
C LEU I 121 -20.73 -4.56 13.55
N LYS I 122 -19.42 -4.70 13.46
CA LYS I 122 -18.59 -4.66 14.65
C LYS I 122 -18.79 -3.43 15.54
N PRO I 123 -18.74 -2.16 15.04
CA PRO I 123 -18.86 -0.97 15.86
C PRO I 123 -20.32 -0.63 16.22
N CYS I 124 -20.96 -1.53 17.00
CA CYS I 124 -22.36 -1.47 17.42
C CYS I 124 -22.49 -1.87 18.89
N VAL I 125 -23.67 -1.64 19.45
CA VAL I 125 -23.96 -1.93 20.85
C VAL I 125 -24.00 -3.40 21.17
N LYS I 126 -23.29 -3.77 22.22
CA LYS I 126 -23.27 -5.16 22.66
C LYS I 126 -24.44 -5.40 23.57
N LEU I 127 -24.97 -6.62 23.56
CA LEU I 127 -26.09 -6.93 24.40
C LEU I 127 -25.78 -7.84 25.57
N THR I 128 -24.51 -7.92 25.95
CA THR I 128 -24.12 -8.77 27.07
C THR I 128 -25.05 -8.66 28.29
N PRO I 129 -25.49 -7.46 28.74
CA PRO I 129 -26.36 -7.27 29.89
C PRO I 129 -27.70 -8.00 29.79
N LEU I 130 -28.09 -8.47 28.62
CA LEU I 130 -29.36 -9.19 28.53
C LEU I 130 -29.26 -10.68 28.89
N CYS I 131 -28.05 -11.24 29.14
CA CYS I 131 -27.82 -12.62 29.54
C CYS I 131 -28.05 -12.73 31.04
N VAL I 132 -29.30 -12.55 31.39
CA VAL I 132 -29.78 -12.50 32.75
C VAL I 132 -30.95 -13.43 32.85
N THR I 133 -31.19 -14.00 34.01
CA THR I 133 -32.37 -14.84 34.11
C THR I 133 -33.57 -13.98 33.79
N LEU I 134 -34.43 -14.45 32.89
CA LEU I 134 -35.63 -13.72 32.54
C LEU I 134 -36.82 -14.38 33.21
N GLN I 135 -37.79 -13.60 33.65
CA GLN I 135 -39.03 -14.19 34.14
C GLN I 135 -39.89 -14.05 32.92
N CYS I 136 -40.62 -15.10 32.42
CA CYS I 136 -41.31 -14.94 31.14
C CYS I 136 -42.50 -15.89 30.99
N THR I 137 -43.63 -15.32 30.51
CA THR I 137 -44.87 -16.07 30.28
C THR I 137 -45.40 -15.85 28.85
N ASN I 138 -46.34 -16.69 28.37
CA ASN I 138 -46.93 -16.66 27.03
C ASN I 138 -47.78 -15.40 26.78
N VAL I 139 -47.76 -14.91 25.51
CA VAL I 139 -48.61 -13.81 25.04
C VAL I 139 -49.91 -14.42 24.58
N THR I 140 -51.00 -14.07 25.26
CA THR I 140 -52.29 -14.63 24.96
C THR I 140 -53.39 -13.61 24.68
N ASN I 141 -53.10 -12.32 24.82
CA ASN I 141 -54.14 -11.29 24.79
C ASN I 141 -54.99 -11.18 23.52
N ASN I 142 -54.40 -11.38 22.37
CA ASN I 142 -55.16 -11.27 21.12
C ASN I 142 -54.48 -12.06 20.03
N ILE I 143 -54.57 -13.38 20.11
CA ILE I 143 -53.80 -14.19 19.18
C ILE I 143 -54.66 -15.21 18.48
N THR I 144 -54.19 -15.66 17.32
CA THR I 144 -54.86 -16.77 16.66
C THR I 144 -54.28 -18.09 17.13
N ASP I 145 -54.90 -19.19 16.72
CA ASP I 145 -54.47 -20.52 17.15
C ASP I 145 -53.07 -20.89 16.69
N ASP I 146 -52.72 -20.43 15.52
CA ASP I 146 -51.45 -20.73 14.88
C ASP I 146 -50.28 -20.11 15.64
N MET I 147 -50.57 -19.10 16.45
CA MET I 147 -49.58 -18.37 17.21
C MET I 147 -49.54 -18.74 18.69
N ARG I 148 -50.25 -19.78 19.10
CA ARG I 148 -50.20 -20.07 20.51
C ARG I 148 -48.84 -20.61 20.84
N GLY I 149 -48.21 -19.99 21.82
CA GLY I 149 -46.88 -20.39 22.28
C GLY I 149 -45.76 -19.81 21.42
N GLU I 150 -46.10 -19.04 20.39
CA GLU I 150 -45.09 -18.48 19.49
C GLU I 150 -44.38 -17.28 20.10
N LEU I 151 -45.09 -16.47 20.87
CA LEU I 151 -44.51 -15.28 21.46
C LEU I 151 -44.58 -15.35 22.97
N LYS I 152 -43.55 -14.82 23.63
CA LYS I 152 -43.57 -14.75 25.07
C LYS I 152 -43.21 -13.35 25.57
N ASN I 153 -43.87 -12.90 26.66
CA ASN I 153 -43.69 -11.63 27.34
C ASN I 153 -42.71 -11.80 28.52
N CYS I 154 -41.44 -11.39 28.31
CA CYS I 154 -40.35 -11.58 29.25
C CYS I 154 -40.05 -10.26 29.94
N SER I 155 -39.67 -10.34 31.20
CA SER I 155 -39.27 -9.17 31.93
C SER I 155 -38.05 -9.46 32.77
N PHE I 156 -37.25 -8.44 32.96
CA PHE I 156 -36.00 -8.61 33.65
C PHE I 156 -35.42 -7.34 34.29
N ASN I 157 -34.47 -7.54 35.22
CA ASN I 157 -33.72 -6.50 35.92
C ASN I 157 -32.45 -6.17 35.13
N MET I 158 -32.36 -4.96 34.54
CA MET I 158 -31.24 -4.50 33.68
C MET I 158 -30.61 -3.17 34.12
N THR I 159 -29.33 -3.01 33.82
CA THR I 159 -28.55 -1.80 34.09
C THR I 159 -29.13 -0.57 33.44
N THR I 160 -29.16 0.53 34.18
CA THR I 160 -29.61 1.83 33.71
C THR I 160 -28.42 2.70 33.38
N GLU I 161 -28.65 3.96 33.03
CA GLU I 161 -27.57 4.86 32.67
C GLU I 161 -26.55 4.91 33.82
N LEU I 162 -27.03 4.81 35.05
CA LEU I 162 -26.13 4.79 36.18
C LEU I 162 -25.89 3.34 36.53
N ARG I 163 -24.65 3.01 36.86
CA ARG I 163 -24.34 1.62 37.21
C ARG I 163 -24.87 1.18 38.56
N ASP I 164 -25.25 2.11 39.42
CA ASP I 164 -25.79 1.73 40.71
C ASP I 164 -27.31 1.57 40.68
N LYS I 165 -27.93 1.73 39.51
CA LYS I 165 -29.37 1.58 39.44
C LYS I 165 -29.81 0.57 38.38
N LYS I 166 -30.91 -0.11 38.69
CA LYS I 166 -31.52 -1.08 37.79
C LYS I 166 -32.89 -0.62 37.38
N GLN I 167 -33.34 -1.14 36.25
CA GLN I 167 -34.67 -0.88 35.76
C GLN I 167 -35.35 -2.18 35.43
N LYS I 168 -36.67 -2.22 35.58
CA LYS I 168 -37.42 -3.39 35.21
C LYS I 168 -38.05 -3.14 33.87
N VAL I 169 -37.68 -3.94 32.90
CA VAL I 169 -38.14 -3.74 31.55
C VAL I 169 -38.71 -5.00 30.98
N TYR I 170 -39.43 -4.89 29.86
CA TYR I 170 -39.94 -6.09 29.23
C TYR I 170 -39.78 -6.00 27.73
N SER I 171 -39.82 -7.16 27.10
CA SER I 171 -39.75 -7.31 25.66
C SER I 171 -40.48 -8.58 25.24
N LEU I 172 -41.09 -8.56 24.06
CA LEU I 172 -41.74 -9.77 23.57
C LEU I 172 -40.77 -10.50 22.68
N PHE I 173 -40.46 -11.74 23.02
CA PHE I 173 -39.51 -12.54 22.28
C PHE I 173 -40.19 -13.65 21.53
N TYR I 174 -39.58 -14.03 20.44
CA TYR I 174 -40.08 -15.15 19.67
C TYR I 174 -39.62 -16.40 20.38
N ARG I 175 -40.42 -17.44 20.35
CA ARG I 175 -40.07 -18.70 20.99
C ARG I 175 -38.71 -19.23 20.59
N LEU I 176 -38.32 -19.01 19.34
CA LEU I 176 -37.07 -19.54 18.82
C LEU I 176 -35.82 -18.89 19.39
N ASP I 177 -35.97 -17.80 20.14
CA ASP I 177 -34.85 -17.10 20.76
C ASP I 177 -34.64 -17.39 22.25
N VAL I 178 -35.46 -18.24 22.89
CA VAL I 178 -35.22 -18.48 24.32
C VAL I 178 -35.11 -19.96 24.68
N VAL I 179 -34.50 -20.21 25.84
CA VAL I 179 -34.33 -21.55 26.38
C VAL I 179 -34.95 -21.66 27.75
N GLN I 180 -35.77 -22.65 27.98
CA GLN I 180 -36.32 -22.77 29.31
C GLN I 180 -35.24 -23.37 30.22
N ILE I 181 -35.01 -22.78 31.41
CA ILE I 181 -34.02 -23.21 32.41
C ILE I 181 -34.67 -24.32 33.23
N LYS I 194 -40.98 -20.82 34.75
CA LYS I 194 -41.09 -19.49 34.13
C LYS I 194 -39.73 -18.78 33.92
N GLU I 195 -38.57 -19.45 34.19
CA GLU I 195 -37.22 -18.88 34.03
C GLU I 195 -36.56 -19.26 32.72
N TYR I 196 -36.17 -18.22 31.97
CA TYR I 196 -35.58 -18.37 30.65
C TYR I 196 -34.25 -17.69 30.45
N ARG I 197 -33.46 -18.27 29.56
CA ARG I 197 -32.19 -17.73 29.12
C ARG I 197 -32.27 -17.39 27.65
N LEU I 198 -31.52 -16.40 27.19
CA LEU I 198 -31.52 -16.18 25.75
C LEU I 198 -30.64 -17.21 25.07
N ILE I 199 -31.00 -17.57 23.86
CA ILE I 199 -30.18 -18.48 23.11
C ILE I 199 -28.86 -17.86 22.81
N ASN I 200 -27.86 -18.69 22.97
CA ASN I 200 -26.44 -18.41 22.85
C ASN I 200 -25.76 -17.67 23.99
N CYS I 201 -26.42 -17.40 25.15
CA CYS I 201 -25.71 -16.78 26.30
C CYS I 201 -24.75 -17.78 26.93
N ASN I 202 -24.91 -19.04 26.58
CA ASN I 202 -24.00 -20.08 27.02
C ASN I 202 -22.95 -20.47 25.95
N THR I 203 -22.96 -19.85 24.74
CA THR I 203 -22.13 -20.18 23.57
C THR I 203 -21.31 -19.02 23.01
N SER I 204 -21.93 -17.86 22.81
CA SER I 204 -21.29 -16.74 22.15
C SER I 204 -21.76 -15.36 22.59
N ALA I 205 -20.96 -14.34 22.36
CA ALA I 205 -21.41 -12.99 22.67
C ALA I 205 -22.45 -12.54 21.65
N ILE I 206 -23.45 -11.78 22.10
CA ILE I 206 -24.48 -11.28 21.21
C ILE I 206 -24.34 -9.77 21.02
N THR I 207 -24.21 -9.32 19.76
CA THR I 207 -24.10 -7.88 19.47
C THR I 207 -25.29 -7.47 18.63
N GLN I 208 -25.98 -6.38 18.95
CA GLN I 208 -27.11 -6.05 18.07
C GLN I 208 -26.58 -5.37 16.85
N ALA I 209 -27.28 -5.52 15.76
CA ALA I 209 -26.92 -4.79 14.57
C ALA I 209 -27.33 -3.35 14.77
N CYS I 210 -26.56 -2.40 14.21
CA CYS I 210 -26.86 -0.97 14.21
C CYS I 210 -28.14 -0.74 13.36
N PRO I 211 -29.15 -0.03 13.90
CA PRO I 211 -30.47 0.18 13.32
C PRO I 211 -30.48 0.98 12.03
N LYS I 212 -29.38 1.68 11.75
CA LYS I 212 -29.29 2.50 10.55
C LYS I 212 -28.68 1.75 9.39
N VAL I 213 -28.24 0.52 9.62
CA VAL I 213 -27.59 -0.24 8.57
C VAL I 213 -28.58 -1.06 7.76
N SER I 214 -28.56 -0.88 6.45
CA SER I 214 -29.46 -1.63 5.59
C SER I 214 -28.88 -2.98 5.22
N PHE I 215 -29.75 -3.98 5.12
CA PHE I 215 -29.35 -5.32 4.71
C PHE I 215 -29.78 -5.65 3.29
N GLU I 216 -30.20 -4.65 2.55
CA GLU I 216 -30.64 -4.84 1.18
C GLU I 216 -29.47 -5.40 0.34
N PRO I 217 -29.69 -6.43 -0.47
CA PRO I 217 -28.69 -7.04 -1.32
C PRO I 217 -28.41 -6.23 -2.57
N ILE I 218 -27.77 -5.08 -2.37
CA ILE I 218 -27.40 -4.17 -3.45
C ILE I 218 -26.28 -4.81 -4.24
N PRO I 219 -26.36 -4.92 -5.57
CA PRO I 219 -25.40 -5.61 -6.40
C PRO I 219 -24.08 -4.93 -6.49
N ILE I 220 -23.05 -5.75 -6.67
CA ILE I 220 -21.70 -5.27 -6.89
C ILE I 220 -21.13 -5.90 -8.14
N HIS I 221 -20.09 -5.29 -8.69
CA HIS I 221 -19.43 -5.84 -9.86
C HIS I 221 -18.00 -6.14 -9.49
N TYR I 222 -17.44 -7.23 -10.01
CA TYR I 222 -16.02 -7.49 -9.76
C TYR I 222 -15.25 -7.07 -10.99
N CYS I 223 -14.08 -6.41 -10.83
CA CYS I 223 -13.27 -5.93 -11.94
C CYS I 223 -11.82 -6.41 -11.82
N ALA I 224 -11.26 -6.86 -12.94
CA ALA I 224 -9.87 -7.30 -12.94
C ALA I 224 -8.94 -6.07 -12.93
N PRO I 225 -7.73 -6.15 -12.34
CA PRO I 225 -6.67 -5.17 -12.40
C PRO I 225 -6.11 -5.08 -13.81
N ALA I 226 -5.48 -3.96 -14.16
CA ALA I 226 -4.88 -3.90 -15.50
C ALA I 226 -3.85 -5.01 -15.59
N GLY I 227 -3.74 -5.60 -16.78
CA GLY I 227 -2.84 -6.74 -16.97
C GLY I 227 -3.60 -8.06 -16.89
N PHE I 228 -4.87 -7.98 -16.45
CA PHE I 228 -5.76 -9.11 -16.30
C PHE I 228 -7.10 -8.84 -16.95
N ALA I 229 -7.82 -9.91 -17.21
CA ALA I 229 -9.14 -9.80 -17.82
C ALA I 229 -10.05 -10.91 -17.36
N ILE I 230 -11.35 -10.70 -17.51
CA ILE I 230 -12.27 -11.75 -17.13
C ILE I 230 -12.95 -12.28 -18.37
N LEU I 231 -12.92 -13.59 -18.54
CA LEU I 231 -13.59 -14.15 -19.70
C LEU I 231 -14.96 -14.63 -19.29
N LYS I 232 -15.92 -14.35 -20.14
CA LYS I 232 -17.29 -14.74 -19.90
C LYS I 232 -17.72 -15.80 -20.91
N CYS I 233 -18.39 -16.89 -20.45
CA CYS I 233 -18.89 -17.96 -21.31
C CYS I 233 -20.35 -17.67 -21.69
N LYS I 234 -20.51 -17.16 -22.89
CA LYS I 234 -21.81 -16.77 -23.39
C LYS I 234 -22.39 -17.91 -24.12
N ASP I 235 -22.76 -18.94 -23.41
CA ASP I 235 -23.19 -20.14 -24.10
C ASP I 235 -24.42 -20.74 -23.46
N LYS I 236 -25.49 -20.75 -24.21
CA LYS I 236 -26.73 -21.24 -23.70
C LYS I 236 -26.55 -22.71 -23.60
N LYS I 237 -27.17 -23.32 -22.61
CA LYS I 237 -27.09 -24.75 -22.39
C LYS I 237 -25.71 -25.21 -21.94
N PHE I 238 -24.84 -24.28 -21.54
CA PHE I 238 -23.58 -24.68 -20.96
C PHE I 238 -23.76 -25.10 -19.50
N ASN I 239 -23.29 -26.33 -19.16
CA ASN I 239 -23.36 -26.89 -17.81
C ASN I 239 -22.17 -26.38 -16.99
N GLY I 240 -21.94 -26.89 -15.78
CA GLY I 240 -20.89 -26.37 -14.88
C GLY I 240 -19.45 -26.46 -15.40
N THR I 241 -19.14 -27.47 -16.21
CA THR I 241 -17.78 -27.61 -16.67
C THR I 241 -17.61 -27.88 -18.15
N GLY I 242 -16.39 -27.63 -18.61
CA GLY I 242 -15.98 -28.00 -19.94
C GLY I 242 -15.82 -26.79 -20.84
N PRO I 243 -15.40 -27.01 -22.08
CA PRO I 243 -15.16 -26.02 -23.08
C PRO I 243 -16.48 -25.47 -23.57
N CYS I 244 -16.49 -24.21 -24.02
CA CYS I 244 -17.61 -23.59 -24.69
C CYS I 244 -17.01 -22.78 -25.84
N PRO I 245 -17.68 -22.75 -27.01
CA PRO I 245 -17.27 -22.06 -28.22
C PRO I 245 -17.66 -20.59 -28.29
N SER I 246 -18.22 -20.06 -27.21
CA SER I 246 -18.66 -18.69 -27.23
C SER I 246 -18.14 -17.96 -26.03
N VAL I 247 -17.14 -17.15 -26.27
CA VAL I 247 -16.46 -16.46 -25.21
C VAL I 247 -16.30 -14.99 -25.55
N SER I 248 -16.43 -14.15 -24.55
CA SER I 248 -16.17 -12.73 -24.73
C SER I 248 -15.34 -12.20 -23.58
N THR I 249 -14.65 -11.13 -23.82
CA THR I 249 -13.82 -10.52 -22.80
C THR I 249 -14.47 -9.29 -22.22
N VAL I 250 -14.46 -9.24 -20.91
CA VAL I 250 -14.99 -8.10 -20.20
C VAL I 250 -13.96 -7.67 -19.18
N GLN I 251 -14.04 -6.44 -18.70
CA GLN I 251 -13.16 -6.06 -17.61
C GLN I 251 -13.83 -6.28 -16.23
N CYS I 252 -15.18 -6.10 -16.18
CA CYS I 252 -16.02 -6.18 -14.98
C CYS I 252 -17.15 -7.19 -15.23
N THR I 253 -17.58 -7.85 -14.17
CA THR I 253 -18.70 -8.80 -14.22
C THR I 253 -20.00 -8.04 -14.19
N HIS I 254 -21.08 -8.77 -14.44
CA HIS I 254 -22.42 -8.24 -14.36
C HIS I 254 -22.65 -8.00 -12.88
N GLY I 255 -23.64 -7.21 -12.52
CA GLY I 255 -23.81 -6.98 -11.09
C GLY I 255 -24.42 -8.20 -10.44
N ILE I 256 -23.86 -8.60 -9.31
CA ILE I 256 -24.39 -9.73 -8.58
C ILE I 256 -24.92 -9.31 -7.26
N LYS I 257 -26.19 -9.64 -7.02
CA LYS I 257 -26.78 -9.28 -5.76
C LYS I 257 -26.36 -10.30 -4.71
N PRO I 258 -25.80 -9.90 -3.57
CA PRO I 258 -25.37 -10.75 -2.49
C PRO I 258 -26.55 -11.18 -1.69
N VAL I 259 -27.39 -11.98 -2.30
CA VAL I 259 -28.60 -12.46 -1.68
C VAL I 259 -28.23 -13.63 -0.82
N VAL I 260 -28.74 -13.66 0.39
CA VAL I 260 -28.44 -14.77 1.26
C VAL I 260 -29.69 -15.59 1.53
N SER I 261 -29.68 -16.84 1.13
CA SER I 261 -30.82 -17.73 1.31
C SER I 261 -30.40 -19.17 1.30
N THR I 262 -31.32 -20.02 1.71
CA THR I 262 -31.13 -21.47 1.65
C THR I 262 -32.30 -22.10 0.95
N GLN I 263 -32.10 -23.28 0.35
CA GLN I 263 -33.12 -24.10 -0.33
C GLN I 263 -33.62 -23.48 -1.64
N LEU I 264 -34.17 -22.29 -1.59
CA LEU I 264 -34.62 -21.62 -2.81
C LEU I 264 -33.77 -20.38 -3.02
N LEU I 265 -33.19 -20.30 -4.21
CA LEU I 265 -32.38 -19.18 -4.60
C LEU I 265 -33.28 -18.07 -5.05
N LEU I 266 -33.09 -16.89 -4.48
CA LEU I 266 -33.92 -15.76 -4.83
C LEU I 266 -33.13 -14.66 -5.52
N ASN I 267 -33.80 -13.92 -6.43
CA ASN I 267 -33.38 -12.71 -7.14
C ASN I 267 -32.04 -12.88 -7.90
N GLY I 268 -31.80 -14.06 -8.53
CA GLY I 268 -30.61 -14.34 -9.33
C GLY I 268 -30.92 -14.17 -10.80
N SER I 269 -30.01 -14.67 -11.62
CA SER I 269 -30.16 -14.59 -13.06
C SER I 269 -31.01 -15.74 -13.52
N LEU I 270 -31.63 -15.60 -14.67
CA LEU I 270 -32.37 -16.70 -15.26
C LEU I 270 -31.63 -17.35 -16.39
N ALA I 271 -31.94 -18.60 -16.64
CA ALA I 271 -31.42 -19.33 -17.77
C ALA I 271 -32.16 -18.80 -18.99
N GLU I 272 -31.56 -18.82 -20.17
CA GLU I 272 -32.32 -18.28 -21.30
C GLU I 272 -33.07 -19.27 -22.17
N GLU I 273 -32.61 -20.52 -22.26
CA GLU I 273 -33.30 -21.50 -23.12
C GLU I 273 -33.95 -22.65 -22.39
N GLU I 274 -33.36 -23.14 -21.33
CA GLU I 274 -33.98 -24.28 -20.67
C GLU I 274 -33.60 -24.29 -19.24
N VAL I 275 -34.34 -25.01 -18.43
CA VAL I 275 -33.93 -25.06 -17.05
C VAL I 275 -32.60 -25.78 -17.03
N MET I 276 -31.64 -25.18 -16.36
CA MET I 276 -30.33 -25.79 -16.33
C MET I 276 -30.08 -26.56 -15.09
N ILE I 277 -29.53 -27.73 -15.25
CA ILE I 277 -29.19 -28.54 -14.10
C ILE I 277 -27.70 -28.69 -14.03
N ARG I 278 -27.11 -28.07 -13.04
CA ARG I 278 -25.67 -28.11 -12.97
C ARG I 278 -25.19 -28.75 -11.70
N SER I 279 -24.35 -29.73 -11.83
CA SER I 279 -23.81 -30.40 -10.66
C SER I 279 -22.50 -31.00 -10.99
N GLU I 280 -21.73 -31.29 -9.98
CA GLU I 280 -20.52 -32.02 -10.16
C GLU I 280 -20.96 -33.47 -10.13
N ASN I 281 -20.47 -34.31 -11.05
CA ASN I 281 -20.75 -35.74 -11.13
C ASN I 281 -22.16 -36.19 -11.53
N ILE I 282 -23.19 -35.69 -10.85
CA ILE I 282 -24.61 -36.03 -10.99
C ILE I 282 -24.93 -37.36 -10.36
N THR I 283 -24.19 -38.40 -10.76
CA THR I 283 -24.39 -39.77 -10.30
C THR I 283 -23.92 -39.95 -8.86
N ASN I 284 -23.06 -39.06 -8.42
CA ASN I 284 -22.58 -39.03 -7.05
C ASN I 284 -23.60 -38.26 -6.24
N ASN I 285 -24.29 -38.93 -5.32
CA ASN I 285 -25.39 -38.28 -4.62
C ASN I 285 -24.94 -37.47 -3.41
N ALA I 286 -23.63 -37.32 -3.25
CA ALA I 286 -23.11 -36.51 -2.17
C ALA I 286 -22.99 -35.05 -2.59
N LYS I 287 -23.25 -34.76 -3.87
CA LYS I 287 -23.12 -33.39 -4.35
C LYS I 287 -24.45 -32.69 -4.51
N ASN I 288 -24.42 -31.36 -4.39
CA ASN I 288 -25.62 -30.56 -4.61
C ASN I 288 -25.88 -30.34 -6.08
N ILE I 289 -27.16 -30.24 -6.42
CA ILE I 289 -27.60 -29.93 -7.74
C ILE I 289 -28.16 -28.54 -7.78
N LEU I 290 -27.62 -27.70 -8.63
CA LEU I 290 -28.09 -26.35 -8.72
C LEU I 290 -29.02 -26.26 -9.91
N VAL I 291 -30.28 -25.92 -9.66
CA VAL I 291 -31.23 -25.87 -10.76
C VAL I 291 -31.59 -24.45 -11.06
N GLN I 292 -31.30 -23.99 -12.27
CA GLN I 292 -31.59 -22.62 -12.65
C GLN I 292 -32.80 -22.53 -13.54
N PHE I 293 -33.80 -21.82 -13.11
CA PHE I 293 -35.04 -21.71 -13.84
C PHE I 293 -34.85 -20.78 -15.02
N ASN I 294 -35.61 -20.97 -16.10
CA ASN I 294 -35.56 -20.01 -17.18
C ASN I 294 -36.71 -19.01 -17.10
N THR I 295 -37.52 -19.12 -16.07
CA THR I 295 -38.62 -18.22 -15.82
C THR I 295 -38.64 -17.98 -14.32
N PRO I 296 -39.04 -16.84 -13.80
CA PRO I 296 -39.15 -16.59 -12.38
C PRO I 296 -40.41 -17.19 -11.84
N VAL I 297 -40.42 -17.52 -10.56
CA VAL I 297 -41.68 -17.84 -9.90
C VAL I 297 -41.89 -16.79 -8.85
N GLN I 298 -43.00 -16.08 -8.88
CA GLN I 298 -43.12 -15.02 -7.90
C GLN I 298 -43.63 -15.55 -6.57
N ILE I 299 -42.93 -15.13 -5.51
CA ILE I 299 -43.22 -15.47 -4.12
C ILE I 299 -43.44 -14.17 -3.28
N ASN I 300 -44.60 -14.08 -2.58
CA ASN I 300 -45.02 -12.94 -1.75
C ASN I 300 -44.99 -13.30 -0.26
N CYS I 301 -44.05 -12.71 0.50
CA CYS I 301 -43.84 -12.99 1.92
C CYS I 301 -44.31 -11.84 2.79
N THR I 302 -44.89 -12.17 3.93
CA THR I 302 -45.32 -11.14 4.84
C THR I 302 -45.23 -11.45 6.31
N ARG I 303 -45.10 -10.38 7.07
CA ARG I 303 -45.10 -10.34 8.52
C ARG I 303 -46.21 -9.38 8.93
N PRO I 304 -47.46 -9.85 9.09
CA PRO I 304 -48.69 -9.08 9.24
C PRO I 304 -48.91 -8.28 10.52
N ASN I 305 -48.16 -8.56 11.57
CA ASN I 305 -48.39 -7.91 12.87
C ASN I 305 -47.83 -6.51 12.85
N ASN I 306 -48.55 -5.51 13.37
CA ASN I 306 -47.99 -4.18 13.36
C ASN I 306 -47.17 -3.96 14.61
N ASN I 307 -45.85 -3.99 14.47
CA ASN I 307 -44.99 -3.90 15.63
C ASN I 307 -44.59 -2.50 16.00
N THR I 308 -44.24 -2.37 17.27
CA THR I 308 -43.66 -1.16 17.80
C THR I 308 -42.38 -1.59 18.44
N ARG I 309 -41.52 -0.65 18.77
CA ARG I 309 -40.26 -0.97 19.42
C ARG I 309 -39.94 0.04 20.49
N LYS I 310 -39.06 -0.35 21.41
CA LYS I 310 -38.65 0.52 22.50
C LYS I 310 -37.15 0.69 22.55
N SER I 311 -36.69 1.87 22.93
CA SER I 311 -35.26 2.08 23.10
C SER I 311 -34.93 2.12 24.57
N ILE I 312 -34.17 1.14 25.03
CA ILE I 312 -33.87 1.05 26.44
C ILE I 312 -32.40 1.32 26.71
N ARG I 313 -32.10 2.33 27.50
CA ARG I 313 -30.70 2.62 27.76
C ARG I 313 -30.13 1.48 28.56
N ILE I 314 -28.94 1.01 28.21
CA ILE I 314 -28.32 -0.09 28.94
C ILE I 314 -27.04 0.35 29.63
N GLY I 315 -26.83 1.65 29.61
CA GLY I 315 -25.66 2.27 30.19
C GLY I 315 -25.30 3.45 29.32
N PRO I 316 -24.29 4.24 29.70
CA PRO I 316 -23.90 5.44 29.01
C PRO I 316 -23.56 5.18 27.57
N GLY I 317 -24.18 5.92 26.69
CA GLY I 317 -23.90 5.85 25.26
C GLY I 317 -24.51 4.67 24.52
N GLN I 318 -25.27 3.82 25.20
CA GLN I 318 -25.79 2.65 24.50
C GLN I 318 -27.25 2.36 24.78
N ALA I 319 -27.94 1.80 23.80
CA ALA I 319 -29.31 1.39 24.03
C ALA I 319 -29.63 0.16 23.23
N PHE I 320 -30.49 -0.63 23.83
CA PHE I 320 -31.03 -1.86 23.31
C PHE I 320 -32.33 -1.66 22.61
N TYR I 321 -32.50 -2.28 21.45
CA TYR I 321 -33.79 -2.19 20.83
C TYR I 321 -34.60 -3.40 21.17
N ALA I 322 -35.60 -3.13 21.97
CA ALA I 322 -36.49 -4.13 22.51
C ALA I 322 -37.69 -4.13 21.66
N THR I 323 -38.44 -5.20 21.67
CA THR I 323 -39.65 -5.15 20.89
C THR I 323 -40.64 -4.42 21.75
N GLY I 324 -41.69 -3.94 21.16
CA GLY I 324 -42.72 -3.25 21.90
C GLY I 324 -43.96 -4.07 21.94
N ASP I 325 -45.07 -3.38 21.89
CA ASP I 325 -46.38 -3.97 21.98
C ASP I 325 -46.84 -4.21 20.54
N ILE I 326 -47.79 -5.12 20.36
CA ILE I 326 -48.32 -5.36 19.03
C ILE I 326 -49.67 -4.72 18.82
N ILE I 327 -49.78 -4.01 17.71
CA ILE I 327 -50.97 -3.34 17.27
C ILE I 327 -51.78 -4.27 16.39
N GLY I 328 -53.04 -4.44 16.77
CA GLY I 328 -53.94 -5.33 16.06
C GLY I 328 -53.76 -6.73 16.60
N ASP I 329 -54.37 -7.68 15.93
CA ASP I 329 -54.30 -9.07 16.34
C ASP I 329 -53.00 -9.70 15.89
N ILE I 330 -52.61 -10.79 16.54
CA ILE I 330 -51.38 -11.49 16.23
C ILE I 330 -51.60 -12.71 15.34
N ARG I 331 -50.96 -12.67 14.18
CA ARG I 331 -51.06 -13.68 13.13
C ARG I 331 -49.70 -14.23 12.76
N GLN I 332 -49.70 -15.41 12.13
CA GLN I 332 -48.46 -16.04 11.71
C GLN I 332 -47.93 -15.52 10.38
N ALA I 333 -46.62 -15.34 10.31
CA ALA I 333 -45.94 -14.92 9.10
C ALA I 333 -46.05 -16.03 8.08
N HIS I 334 -46.10 -15.66 6.81
CA HIS I 334 -46.24 -16.66 5.76
C HIS I 334 -45.78 -16.17 4.39
N CYS I 335 -45.54 -17.11 3.45
CA CYS I 335 -45.22 -16.83 2.04
C CYS I 335 -46.21 -17.53 1.10
N ASN I 336 -46.64 -16.81 0.07
CA ASN I 336 -47.54 -17.28 -0.96
C ASN I 336 -46.84 -17.46 -2.30
N VAL I 337 -46.74 -18.71 -2.79
CA VAL I 337 -46.11 -19.07 -4.08
C VAL I 337 -47.22 -19.32 -5.08
N SER I 338 -47.23 -18.61 -6.21
CA SER I 338 -48.36 -18.84 -7.12
C SER I 338 -48.42 -20.33 -7.45
N LYS I 339 -49.59 -20.96 -7.33
CA LYS I 339 -49.64 -22.40 -7.51
C LYS I 339 -49.46 -22.91 -8.91
N ALA I 340 -50.16 -22.34 -9.88
CA ALA I 340 -50.01 -22.89 -11.21
C ALA I 340 -48.60 -22.67 -11.72
N THR I 341 -48.01 -21.52 -11.38
CA THR I 341 -46.70 -21.20 -11.86
C THR I 341 -45.72 -22.19 -11.28
N TRP I 342 -45.83 -22.48 -10.00
CA TRP I 342 -44.95 -23.44 -9.39
C TRP I 342 -45.04 -24.82 -10.04
N ASN I 343 -46.28 -25.31 -10.32
CA ASN I 343 -46.50 -26.64 -10.92
C ASN I 343 -45.86 -26.76 -12.31
N GLU I 344 -45.94 -25.69 -13.16
CA GLU I 344 -45.32 -25.67 -14.49
C GLU I 344 -43.81 -25.64 -14.35
N THR I 345 -43.32 -24.89 -13.37
CA THR I 345 -41.90 -24.78 -13.18
C THR I 345 -41.32 -26.12 -12.81
N LEU I 346 -41.94 -26.85 -11.90
CA LEU I 346 -41.36 -28.13 -11.59
C LEU I 346 -41.51 -29.08 -12.74
N GLY I 347 -42.60 -29.00 -13.51
CA GLY I 347 -42.69 -29.93 -14.62
C GLY I 347 -41.50 -29.76 -15.55
N LYS I 348 -41.06 -28.51 -15.77
CA LYS I 348 -39.88 -28.26 -16.59
C LYS I 348 -38.63 -28.83 -15.95
N VAL I 349 -38.50 -28.71 -14.62
CA VAL I 349 -37.32 -29.22 -13.94
C VAL I 349 -37.25 -30.72 -14.14
N VAL I 350 -38.39 -31.39 -14.02
CA VAL I 350 -38.45 -32.82 -14.19
C VAL I 350 -38.10 -33.26 -15.57
N LYS I 351 -38.63 -32.61 -16.59
CA LYS I 351 -38.30 -33.04 -17.92
C LYS I 351 -36.81 -32.97 -18.14
N GLN I 352 -36.15 -31.93 -17.61
CA GLN I 352 -34.71 -31.85 -17.75
C GLN I 352 -33.98 -32.87 -16.87
N LEU I 353 -34.48 -33.16 -15.65
CA LEU I 353 -33.79 -34.12 -14.81
C LEU I 353 -33.75 -35.48 -15.46
N ARG I 354 -34.82 -35.85 -16.14
CA ARG I 354 -34.89 -37.17 -16.77
C ARG I 354 -33.77 -37.42 -17.76
N LYS I 355 -33.16 -36.38 -18.32
CA LYS I 355 -32.10 -36.61 -19.29
C LYS I 355 -30.93 -37.39 -18.69
N HIS I 356 -30.76 -37.33 -17.37
CA HIS I 356 -29.68 -38.01 -16.70
C HIS I 356 -30.12 -39.24 -15.93
N PHE I 357 -31.43 -39.48 -15.85
CA PHE I 357 -31.95 -40.56 -15.02
C PHE I 357 -32.81 -41.60 -15.73
N GLY I 358 -33.27 -41.29 -16.94
CA GLY I 358 -34.14 -42.15 -17.73
C GLY I 358 -35.48 -41.51 -18.04
N ASN I 359 -35.94 -41.70 -19.27
CA ASN I 359 -37.16 -41.09 -19.79
C ASN I 359 -38.43 -41.56 -19.11
N ASN I 360 -38.38 -42.74 -18.51
CA ASN I 360 -39.51 -43.32 -17.83
C ASN I 360 -39.22 -43.55 -16.37
N THR I 361 -38.25 -42.80 -15.83
CA THR I 361 -37.87 -42.89 -14.43
C THR I 361 -38.74 -41.97 -13.62
N ILE I 362 -39.19 -42.46 -12.47
CA ILE I 362 -40.05 -41.67 -11.62
C ILE I 362 -39.25 -40.68 -10.81
N ILE I 363 -39.65 -39.42 -10.87
CA ILE I 363 -38.98 -38.41 -10.10
C ILE I 363 -39.84 -37.89 -8.99
N ARG I 364 -39.45 -38.23 -7.77
CA ARG I 364 -40.18 -37.88 -6.58
C ARG I 364 -39.55 -36.73 -5.83
N PHE I 365 -40.37 -35.77 -5.44
CA PHE I 365 -39.92 -34.65 -4.64
C PHE I 365 -40.47 -34.73 -3.23
N ALA I 366 -39.53 -34.71 -2.27
CA ALA I 366 -39.79 -34.77 -0.83
C ALA I 366 -39.52 -33.39 -0.23
N ASN I 367 -40.11 -33.09 0.97
CA ASN I 367 -40.00 -31.78 1.64
C ASN I 367 -38.58 -31.44 2.12
N SER I 368 -37.97 -32.27 3.00
CA SER I 368 -36.62 -32.05 3.52
C SER I 368 -36.09 -33.22 4.30
N SER I 369 -34.80 -33.20 4.55
CA SER I 369 -34.11 -34.11 5.44
C SER I 369 -34.30 -33.57 6.84
N GLY I 370 -33.95 -34.33 7.87
CA GLY I 370 -34.04 -33.75 9.20
C GLY I 370 -32.85 -32.82 9.40
N GLY I 371 -32.94 -31.91 10.36
CA GLY I 371 -31.83 -30.99 10.60
C GLY I 371 -32.31 -29.74 11.32
N ASP I 372 -31.44 -28.74 11.41
CA ASP I 372 -31.75 -27.50 12.10
C ASP I 372 -32.50 -26.55 11.19
N LEU I 373 -32.87 -25.37 11.65
CA LEU I 373 -33.67 -24.49 10.79
C LEU I 373 -32.93 -24.07 9.54
N GLU I 374 -31.64 -23.91 9.66
CA GLU I 374 -30.78 -23.48 8.57
C GLU I 374 -30.72 -24.52 7.44
N VAL I 375 -31.19 -25.73 7.71
CA VAL I 375 -31.22 -26.84 6.81
C VAL I 375 -32.64 -27.15 6.31
N THR I 376 -33.59 -27.22 7.25
CA THR I 376 -34.93 -27.70 6.94
C THR I 376 -35.89 -26.63 6.50
N THR I 377 -35.61 -25.37 6.79
CA THR I 377 -36.53 -24.33 6.35
C THR I 377 -35.86 -23.42 5.36
N HIS I 378 -36.66 -22.66 4.67
CA HIS I 378 -36.13 -21.71 3.74
C HIS I 378 -35.60 -20.56 4.51
N SER I 379 -34.41 -20.10 4.16
CA SER I 379 -33.85 -18.95 4.87
C SER I 379 -34.05 -17.73 4.03
N PHE I 380 -34.78 -16.77 4.59
CA PHE I 380 -35.15 -15.55 3.90
C PHE I 380 -34.89 -14.29 4.70
N ASN I 381 -34.10 -13.40 4.15
CA ASN I 381 -33.75 -12.15 4.84
C ASN I 381 -34.32 -10.96 4.07
N CYS I 382 -35.37 -10.29 4.59
CA CYS I 382 -36.03 -9.19 3.88
C CYS I 382 -36.50 -8.13 4.86
N GLY I 383 -36.07 -6.90 4.60
CA GLY I 383 -36.39 -5.73 5.40
C GLY I 383 -35.43 -5.65 6.58
N GLY I 384 -34.59 -6.67 6.71
CA GLY I 384 -33.68 -6.83 7.81
C GLY I 384 -34.27 -7.85 8.78
N GLU I 385 -35.47 -8.36 8.48
CA GLU I 385 -36.10 -9.35 9.33
C GLU I 385 -35.65 -10.74 8.87
N PHE I 386 -35.53 -11.68 9.80
CA PHE I 386 -35.09 -13.02 9.47
C PHE I 386 -36.15 -14.10 9.60
N PHE I 387 -36.51 -14.66 8.45
CA PHE I 387 -37.55 -15.65 8.32
C PHE I 387 -37.00 -17.04 8.07
N TYR I 388 -37.68 -18.02 8.65
CA TYR I 388 -37.40 -19.46 8.53
C TYR I 388 -38.70 -20.18 8.12
N CYS I 389 -38.94 -20.33 6.79
CA CYS I 389 -40.23 -20.77 6.24
C CYS I 389 -40.29 -22.29 6.02
N ASN I 390 -41.48 -22.83 6.29
CA ASN I 390 -41.79 -24.26 6.29
C ASN I 390 -41.31 -25.02 5.04
N THR I 391 -41.49 -24.45 3.82
CA THR I 391 -41.10 -25.03 2.51
C THR I 391 -41.49 -26.50 2.33
N SER I 392 -42.74 -26.78 2.58
CA SER I 392 -43.25 -28.11 2.46
C SER I 392 -44.60 -27.99 1.82
N GLY I 393 -44.81 -28.79 0.82
CA GLY I 393 -45.99 -28.74 -0.01
C GLY I 393 -45.57 -28.25 -1.37
N LEU I 394 -44.39 -27.63 -1.44
CA LEU I 394 -43.85 -27.22 -2.72
C LEU I 394 -43.19 -28.42 -3.36
N PHE I 395 -42.68 -29.31 -2.51
CA PHE I 395 -41.98 -30.51 -2.93
C PHE I 395 -42.73 -31.72 -2.37
N ASN I 396 -43.79 -32.14 -3.10
CA ASN I 396 -44.74 -33.17 -2.68
C ASN I 396 -45.40 -33.84 -3.91
N SER I 397 -44.59 -34.54 -4.77
CA SER I 397 -45.10 -35.18 -6.03
C SER I 397 -44.21 -36.27 -6.62
N THR I 398 -44.77 -37.08 -7.56
CA THR I 398 -44.03 -38.13 -8.27
C THR I 398 -43.86 -37.98 -9.79
N TRP I 399 -44.67 -37.13 -10.41
CA TRP I 399 -44.65 -36.86 -11.86
C TRP I 399 -44.88 -38.01 -12.88
N ILE I 400 -45.37 -39.19 -12.43
CA ILE I 400 -45.78 -40.33 -13.28
C ILE I 400 -46.93 -41.00 -12.55
N ASP I 415 -55.03 -19.94 -7.45
CA ASP I 415 -54.70 -20.16 -6.04
C ASP I 415 -53.18 -20.08 -5.82
N SER I 416 -52.74 -20.24 -4.55
CA SER I 416 -51.36 -20.19 -4.12
C SER I 416 -51.10 -21.20 -3.05
N ILE I 417 -49.84 -21.55 -2.90
CA ILE I 417 -49.43 -22.44 -1.86
C ILE I 417 -49.00 -21.59 -0.70
N THR I 418 -49.61 -21.79 0.45
CA THR I 418 -49.24 -20.99 1.60
C THR I 418 -48.28 -21.76 2.45
N LEU I 419 -47.16 -21.14 2.71
CA LEU I 419 -46.10 -21.70 3.50
C LEU I 419 -46.05 -20.98 4.84
N PRO I 420 -46.39 -21.62 5.97
CA PRO I 420 -46.33 -21.04 7.29
C PRO I 420 -44.88 -20.68 7.45
N CYS I 421 -44.55 -19.59 8.17
CA CYS I 421 -43.16 -19.16 8.35
C CYS I 421 -42.89 -18.61 9.76
N ARG I 422 -41.72 -18.94 10.30
CA ARG I 422 -41.32 -18.50 11.62
C ARG I 422 -40.32 -17.36 11.57
N ILE I 423 -40.25 -16.58 12.63
CA ILE I 423 -39.30 -15.47 12.74
C ILE I 423 -38.36 -15.63 13.92
N LYS I 424 -37.08 -15.39 13.69
CA LYS I 424 -36.07 -15.53 14.74
C LYS I 424 -35.16 -14.29 14.77
N GLN I 425 -34.87 -13.75 15.96
CA GLN I 425 -34.02 -12.56 16.05
C GLN I 425 -32.54 -12.84 16.35
N ILE I 426 -32.20 -13.97 16.97
CA ILE I 426 -30.78 -14.19 17.28
C ILE I 426 -30.20 -15.03 16.16
N ILE I 427 -29.27 -14.43 15.44
CA ILE I 427 -28.72 -15.01 14.25
C ILE I 427 -27.29 -15.47 14.34
N ASN I 428 -27.07 -16.70 13.91
CA ASN I 428 -25.75 -17.31 13.82
C ASN I 428 -25.69 -17.69 12.37
N MET I 429 -24.85 -17.02 11.58
CA MET I 429 -24.93 -17.26 10.15
C MET I 429 -23.66 -17.79 9.51
N TRP I 430 -22.76 -16.92 9.09
CA TRP I 430 -21.56 -17.41 8.43
C TRP I 430 -20.55 -18.01 9.38
N GLN I 431 -20.47 -17.42 10.56
CA GLN I 431 -19.59 -17.90 11.58
C GLN I 431 -20.54 -18.66 12.44
N ARG I 432 -20.53 -19.97 12.30
CA ARG I 432 -21.57 -20.77 12.91
C ARG I 432 -21.54 -20.73 14.43
N ILE I 433 -20.35 -20.69 15.00
CA ILE I 433 -20.22 -20.62 16.44
C ILE I 433 -19.25 -19.52 16.84
N GLY I 434 -19.39 -19.06 18.07
CA GLY I 434 -18.48 -18.08 18.66
C GLY I 434 -18.93 -16.64 18.51
N GLN I 435 -19.94 -16.42 17.68
CA GLN I 435 -20.46 -15.09 17.42
C GLN I 435 -21.95 -15.12 17.12
N ALA I 436 -22.70 -14.17 17.68
CA ALA I 436 -24.12 -14.04 17.38
C ALA I 436 -24.50 -12.60 17.16
N MET I 437 -25.50 -12.39 16.34
CA MET I 437 -26.00 -11.05 16.08
C MET I 437 -27.47 -10.95 16.42
N TYR I 438 -27.87 -9.82 16.97
CA TYR I 438 -29.28 -9.63 17.27
C TYR I 438 -29.94 -8.69 16.30
N ALA I 439 -30.99 -9.18 15.67
CA ALA I 439 -31.70 -8.39 14.71
C ALA I 439 -32.72 -7.55 15.46
N PRO I 440 -32.64 -6.22 15.42
CA PRO I 440 -33.52 -5.35 16.15
C PRO I 440 -34.86 -5.47 15.45
N PRO I 441 -35.96 -5.18 16.12
CA PRO I 441 -37.29 -5.16 15.57
C PRO I 441 -37.49 -4.03 14.63
N ILE I 442 -38.40 -4.25 13.71
CA ILE I 442 -38.83 -3.28 12.73
C ILE I 442 -40.29 -2.95 12.99
N GLN I 443 -40.57 -1.68 13.14
CA GLN I 443 -41.91 -1.23 13.42
C GLN I 443 -42.77 -1.32 12.17
N GLY I 444 -44.07 -1.47 12.36
CA GLY I 444 -44.98 -1.56 11.23
C GLY I 444 -45.09 -2.99 10.74
N VAL I 445 -45.50 -3.13 9.48
CA VAL I 445 -45.80 -4.40 8.82
C VAL I 445 -44.92 -4.60 7.60
N ILE I 446 -44.38 -5.80 7.41
CA ILE I 446 -43.52 -6.04 6.24
C ILE I 446 -44.16 -6.88 5.15
N ARG I 447 -44.09 -6.37 3.94
CA ARG I 447 -44.53 -7.08 2.75
C ARG I 447 -43.34 -7.08 1.81
N CYS I 448 -42.95 -8.26 1.27
CA CYS I 448 -41.77 -8.45 0.43
C CYS I 448 -42.07 -9.38 -0.74
N VAL I 449 -41.73 -8.93 -1.94
CA VAL I 449 -41.95 -9.76 -3.12
C VAL I 449 -40.66 -10.07 -3.80
N SER I 450 -40.40 -11.36 -3.98
CA SER I 450 -39.16 -11.85 -4.56
C SER I 450 -39.39 -12.79 -5.75
N ASN I 451 -38.33 -12.96 -6.58
CA ASN I 451 -38.27 -13.88 -7.72
C ASN I 451 -37.54 -15.17 -7.32
N ILE I 452 -38.19 -16.36 -7.42
CA ILE I 452 -37.49 -17.64 -7.19
C ILE I 452 -36.84 -17.90 -8.52
N THR I 453 -35.53 -18.01 -8.51
CA THR I 453 -34.77 -18.18 -9.73
C THR I 453 -34.14 -19.55 -9.81
N GLY I 454 -34.13 -20.28 -8.70
CA GLY I 454 -33.56 -21.61 -8.77
C GLY I 454 -33.63 -22.38 -7.47
N LEU I 455 -33.30 -23.64 -7.54
CA LEU I 455 -33.37 -24.55 -6.41
C LEU I 455 -32.05 -25.17 -6.02
N ILE I 456 -31.88 -25.50 -4.76
CA ILE I 456 -30.77 -26.33 -4.37
C ILE I 456 -31.35 -27.67 -4.05
N LEU I 457 -31.01 -28.68 -4.82
CA LEU I 457 -31.55 -30.01 -4.59
C LEU I 457 -30.48 -31.04 -4.30
N THR I 458 -30.84 -32.04 -3.54
CA THR I 458 -29.96 -33.17 -3.37
C THR I 458 -30.74 -34.38 -3.79
N ARG I 459 -30.02 -35.45 -4.09
CA ARG I 459 -30.65 -36.68 -4.51
C ARG I 459 -30.35 -37.76 -3.47
N ASP I 460 -31.31 -38.68 -3.27
CA ASP I 460 -31.24 -39.83 -2.37
C ASP I 460 -30.83 -41.07 -3.17
N THR I 467 -35.65 -47.42 -10.46
CA THR I 467 -37.05 -47.20 -10.82
C THR I 467 -37.49 -45.75 -10.48
N THR I 468 -37.22 -45.31 -9.21
CA THR I 468 -37.56 -43.99 -8.68
C THR I 468 -36.37 -43.31 -8.06
N GLU I 469 -36.18 -42.06 -8.43
CA GLU I 469 -35.17 -41.23 -7.83
C GLU I 469 -35.89 -40.27 -6.92
N THR I 470 -35.32 -39.98 -5.76
CA THR I 470 -35.95 -39.01 -4.87
C THR I 470 -35.03 -37.83 -4.67
N PHE I 471 -35.62 -36.66 -4.83
CA PHE I 471 -34.95 -35.39 -4.69
C PHE I 471 -35.60 -34.59 -3.59
N ARG I 472 -34.82 -33.76 -2.95
CA ARG I 472 -35.39 -32.89 -1.95
C ARG I 472 -34.55 -31.64 -1.82
N PRO I 473 -35.07 -30.53 -1.30
CA PRO I 473 -34.35 -29.32 -1.03
C PRO I 473 -33.15 -29.58 -0.17
N GLY I 474 -32.06 -28.97 -0.54
CA GLY I 474 -30.82 -29.08 0.18
C GLY I 474 -30.39 -27.74 0.71
N GLY I 475 -29.13 -27.65 1.07
CA GLY I 475 -28.57 -26.45 1.62
C GLY I 475 -27.10 -26.71 1.80
N GLY I 476 -26.41 -25.77 2.41
CA GLY I 476 -24.98 -25.90 2.56
C GLY I 476 -24.42 -24.52 2.74
N ASP I 477 -23.11 -24.38 2.54
CA ASP I 477 -22.53 -23.08 2.72
C ASP I 477 -22.96 -22.24 1.56
N MET I 478 -22.88 -20.93 1.74
CA MET I 478 -23.30 -19.97 0.73
C MET I 478 -22.54 -20.03 -0.57
N ARG I 479 -21.38 -20.60 -0.54
CA ARG I 479 -20.59 -20.72 -1.73
C ARG I 479 -21.37 -21.44 -2.84
N ASP I 480 -22.24 -22.40 -2.51
CA ASP I 480 -22.95 -23.09 -3.57
C ASP I 480 -24.08 -22.27 -4.14
N ASN I 481 -24.44 -21.19 -3.49
CA ASN I 481 -25.49 -20.36 -3.99
C ASN I 481 -24.87 -19.27 -4.82
N TRP I 482 -23.75 -18.74 -4.37
CA TRP I 482 -23.09 -17.67 -5.08
C TRP I 482 -22.40 -18.12 -6.32
N ARG I 483 -22.01 -19.37 -6.37
CA ARG I 483 -21.37 -19.83 -7.57
C ARG I 483 -22.37 -19.87 -8.72
N SER I 484 -23.68 -19.84 -8.45
CA SER I 484 -24.65 -19.92 -9.53
C SER I 484 -24.70 -18.65 -10.35
N GLU I 485 -24.11 -17.56 -9.84
CA GLU I 485 -24.06 -16.29 -10.56
C GLU I 485 -22.70 -16.05 -11.21
N LEU I 486 -21.72 -16.90 -10.87
CA LEU I 486 -20.33 -16.77 -11.31
C LEU I 486 -19.87 -17.90 -12.19
N TYR I 487 -20.80 -18.76 -12.61
CA TYR I 487 -20.46 -19.94 -13.41
C TYR I 487 -20.00 -19.53 -14.80
N LYS I 488 -20.34 -18.33 -15.16
CA LYS I 488 -20.00 -17.81 -16.45
C LYS I 488 -18.64 -17.14 -16.48
N TYR I 489 -17.98 -16.96 -15.34
CA TYR I 489 -16.72 -16.22 -15.40
C TYR I 489 -15.45 -16.93 -15.01
N LYS I 490 -14.37 -16.54 -15.69
CA LYS I 490 -13.05 -17.03 -15.37
C LYS I 490 -12.02 -15.90 -15.37
N VAL I 491 -11.08 -15.93 -14.43
CA VAL I 491 -10.03 -14.91 -14.43
C VAL I 491 -8.79 -15.41 -15.12
N VAL I 492 -8.28 -14.60 -16.05
CA VAL I 492 -7.07 -14.95 -16.76
C VAL I 492 -6.08 -13.78 -16.69
N LYS I 493 -4.81 -14.08 -16.96
CA LYS I 493 -3.78 -13.08 -17.00
C LYS I 493 -3.31 -12.94 -18.40
N ILE I 494 -2.85 -11.76 -18.73
CA ILE I 494 -2.35 -11.49 -20.05
C ILE I 494 -0.85 -11.58 -20.07
N GLU I 495 -0.33 -12.31 -21.04
CA GLU I 495 1.08 -12.53 -21.24
C GLU I 495 1.47 -11.97 -22.60
N PRO I 496 1.70 -10.65 -22.70
CA PRO I 496 1.87 -9.90 -23.92
C PRO I 496 3.20 -10.08 -24.59
N LEU I 497 4.16 -10.73 -23.95
CA LEU I 497 5.47 -10.80 -24.55
C LEU I 497 5.82 -12.21 -24.98
N GLY I 498 6.21 -12.38 -26.25
CA GLY I 498 6.58 -13.70 -26.76
C GLY I 498 7.33 -13.62 -28.10
N VAL I 499 7.71 -14.79 -28.63
CA VAL I 499 8.51 -14.84 -29.87
C VAL I 499 8.01 -15.79 -30.94
N ALA I 500 8.49 -15.58 -32.17
CA ALA I 500 8.24 -16.47 -33.32
C ALA I 500 9.38 -16.31 -34.34
N PRO I 501 9.71 -17.33 -35.16
CA PRO I 501 10.68 -17.24 -36.24
C PRO I 501 10.19 -16.42 -37.39
N THR I 502 11.05 -15.57 -37.92
CA THR I 502 10.73 -14.76 -39.08
C THR I 502 11.88 -14.63 -40.07
N ARG I 503 11.55 -14.25 -41.31
CA ARG I 503 12.61 -13.98 -42.28
C ARG I 503 13.09 -12.51 -42.25
N CYS I 504 13.79 -12.13 -41.16
CA CYS I 504 14.41 -10.82 -40.93
C CYS I 504 15.55 -11.01 -39.97
N LYS I 505 16.39 -9.99 -39.80
CA LYS I 505 17.44 -10.09 -38.81
C LYS I 505 17.93 -8.69 -38.44
N ARG I 506 18.58 -8.56 -37.27
CA ARG I 506 19.25 -7.34 -36.81
C ARG I 506 20.64 -7.25 -37.43
N PHE J 11 -10.94 -6.18 -25.72
CA PHE J 11 -9.76 -5.57 -26.31
C PHE J 11 -8.73 -6.61 -26.85
N LEU J 12 -8.91 -7.90 -26.49
CA LEU J 12 -8.06 -9.04 -26.85
C LEU J 12 -8.32 -9.53 -28.24
N GLY J 13 -7.27 -10.08 -28.81
CA GLY J 13 -7.29 -10.68 -30.12
C GLY J 13 -7.25 -12.18 -29.96
N ALA J 14 -6.53 -12.84 -30.87
CA ALA J 14 -6.43 -14.30 -30.99
C ALA J 14 -7.80 -14.88 -31.30
N ALA J 15 -8.64 -14.01 -31.81
CA ALA J 15 -9.99 -14.31 -32.21
C ALA J 15 -10.01 -14.86 -33.60
N GLY J 16 -9.37 -15.99 -33.79
CA GLY J 16 -9.26 -16.63 -35.10
C GLY J 16 -8.16 -15.97 -35.90
N SER J 17 -7.49 -15.05 -35.24
CA SER J 17 -6.45 -14.27 -35.82
C SER J 17 -5.14 -14.98 -35.70
N THR J 18 -4.62 -15.31 -36.87
CA THR J 18 -3.39 -16.04 -36.98
C THR J 18 -2.30 -15.09 -36.68
N MET J 19 -1.13 -15.60 -36.47
CA MET J 19 -0.07 -14.71 -36.07
C MET J 19 0.16 -13.56 -37.02
N GLY J 20 0.02 -13.77 -38.32
CA GLY J 20 0.24 -12.65 -39.23
C GLY J 20 -0.67 -11.47 -38.87
N ALA J 21 -1.98 -11.70 -38.90
CA ALA J 21 -2.95 -10.66 -38.58
C ALA J 21 -2.83 -10.16 -37.14
N ALA J 22 -2.53 -11.06 -36.22
CA ALA J 22 -2.44 -10.76 -34.82
C ALA J 22 -1.30 -9.82 -34.51
N SER J 23 -0.23 -9.89 -35.29
CA SER J 23 0.94 -9.06 -35.06
C SER J 23 0.63 -7.60 -35.33
N MET J 24 -0.49 -7.31 -36.00
CA MET J 24 -0.86 -5.94 -36.32
C MET J 24 -1.77 -5.27 -35.27
N THR J 25 -2.20 -5.99 -34.20
CA THR J 25 -3.16 -5.45 -33.22
C THR J 25 -2.52 -5.13 -31.87
N LEU J 26 -1.21 -5.17 -31.87
CA LEU J 26 -0.37 -5.08 -30.69
C LEU J 26 -0.54 -3.77 -29.91
N THR J 27 -1.00 -2.69 -30.56
CA THR J 27 -1.18 -1.41 -29.86
C THR J 27 -2.36 -1.46 -28.90
N VAL J 28 -3.24 -2.41 -29.08
CA VAL J 28 -4.38 -2.49 -28.21
C VAL J 28 -4.05 -3.32 -27.00
N GLN J 29 -3.50 -4.50 -27.25
CA GLN J 29 -3.25 -5.36 -26.13
C GLN J 29 -2.13 -4.81 -25.26
N ALA J 30 -1.24 -4.02 -25.84
CA ALA J 30 -0.12 -3.42 -25.12
C ALA J 30 -0.57 -2.28 -24.17
N ARG J 31 -1.80 -1.77 -24.32
CA ARG J 31 -2.25 -0.65 -23.48
C ARG J 31 -3.09 -1.06 -22.31
N ASN J 32 -3.70 -2.23 -22.41
CA ASN J 32 -4.62 -2.70 -21.39
C ASN J 32 -3.89 -3.46 -20.29
N LEU J 33 -2.57 -3.38 -20.38
CA LEU J 33 -1.64 -3.92 -19.42
C LEU J 33 -1.43 -2.92 -18.31
N LEU J 34 -1.56 -1.62 -18.62
CA LEU J 34 -1.35 -0.59 -17.61
C LEU J 34 -2.68 0.09 -17.19
N SER J 35 -3.64 0.30 -18.16
CA SER J 35 -4.98 0.91 -18.03
C SER J 35 -5.48 1.17 -16.59
N LEU J 57 -8.85 1.88 5.11
CA LEU J 57 -8.52 0.49 5.43
C LEU J 57 -9.80 -0.41 5.52
N THR J 58 -10.71 -0.23 4.55
CA THR J 58 -11.93 -1.02 4.40
C THR J 58 -11.62 -2.30 3.63
N VAL J 59 -12.53 -3.25 3.67
CA VAL J 59 -12.32 -4.50 2.94
C VAL J 59 -12.09 -4.23 1.46
N TRP J 60 -12.84 -3.31 0.91
CA TRP J 60 -12.71 -2.96 -0.50
C TRP J 60 -11.92 -1.69 -0.72
N GLY J 61 -11.10 -1.36 0.26
CA GLY J 61 -10.19 -0.22 0.26
C GLY J 61 -8.77 -0.75 0.10
N ILE J 62 -8.30 -1.50 1.10
CA ILE J 62 -6.93 -1.97 1.05
C ILE J 62 -6.69 -2.86 -0.16
N LYS J 63 -7.71 -3.59 -0.59
CA LYS J 63 -7.59 -4.43 -1.75
C LYS J 63 -7.30 -3.62 -3.01
N GLN J 64 -7.80 -2.38 -3.12
CA GLN J 64 -7.56 -1.62 -4.32
C GLN J 64 -6.12 -1.17 -4.35
N LEU J 65 -5.56 -0.90 -3.17
CA LEU J 65 -4.18 -0.44 -3.14
C LEU J 65 -3.28 -1.59 -3.54
N GLN J 66 -3.58 -2.78 -3.06
CA GLN J 66 -2.77 -3.94 -3.38
C GLN J 66 -2.88 -4.26 -4.87
N ALA J 67 -4.08 -4.14 -5.43
CA ALA J 67 -4.28 -4.41 -6.84
C ALA J 67 -3.54 -3.42 -7.74
N ARG J 68 -3.50 -2.13 -7.35
CA ARG J 68 -2.78 -1.17 -8.16
C ARG J 68 -1.29 -1.48 -8.19
N VAL J 69 -0.75 -1.90 -7.06
CA VAL J 69 0.66 -2.24 -7.01
C VAL J 69 0.93 -3.43 -7.92
N LEU J 70 0.06 -4.45 -7.91
CA LEU J 70 0.26 -5.60 -8.77
C LEU J 70 0.26 -5.22 -10.24
N ALA J 71 -0.67 -4.37 -10.65
CA ALA J 71 -0.72 -4.01 -12.06
C ALA J 71 0.59 -3.33 -12.49
N VAL J 72 1.13 -2.48 -11.62
CA VAL J 72 2.39 -1.81 -11.93
C VAL J 72 3.53 -2.80 -12.03
N GLU J 73 3.59 -3.73 -11.09
CA GLU J 73 4.66 -4.70 -11.10
C GLU J 73 4.71 -5.48 -12.40
N ARG J 74 3.55 -5.97 -12.87
CA ARG J 74 3.59 -6.75 -14.10
C ARG J 74 4.05 -5.92 -15.29
N TYR J 75 3.57 -4.67 -15.35
CA TYR J 75 3.95 -3.80 -16.45
C TYR J 75 5.46 -3.64 -16.50
N LEU J 76 6.06 -3.34 -15.35
CA LEU J 76 7.49 -3.11 -15.34
C LEU J 76 8.30 -4.33 -15.65
N ARG J 77 7.86 -5.52 -15.23
CA ARG J 77 8.66 -6.70 -15.54
C ARG J 77 8.78 -6.90 -17.06
N ASP J 78 7.69 -6.66 -17.80
CA ASP J 78 7.79 -6.84 -19.24
C ASP J 78 8.65 -5.75 -19.87
N GLN J 79 8.55 -4.54 -19.34
CA GLN J 79 9.35 -3.47 -19.90
C GLN J 79 10.82 -3.71 -19.65
N GLN J 80 11.17 -4.29 -18.51
CA GLN J 80 12.57 -4.57 -18.24
C GLN J 80 13.12 -5.56 -19.25
N LEU J 81 12.35 -6.59 -19.59
CA LEU J 81 12.85 -7.55 -20.58
C LEU J 81 13.02 -6.91 -21.94
N LEU J 82 12.10 -6.05 -22.35
CA LEU J 82 12.26 -5.42 -23.64
C LEU J 82 13.50 -4.54 -23.62
N GLY J 83 13.74 -3.88 -22.50
CA GLY J 83 14.91 -3.02 -22.39
C GLY J 83 16.21 -3.81 -22.55
N ILE J 84 16.36 -4.88 -21.78
CA ILE J 84 17.62 -5.63 -21.80
C ILE J 84 17.87 -6.31 -23.15
N TRP J 85 16.82 -6.65 -23.91
CA TRP J 85 16.96 -7.25 -25.23
C TRP J 85 17.09 -6.22 -26.36
N GLY J 86 17.00 -4.93 -26.03
CA GLY J 86 17.04 -3.89 -27.05
C GLY J 86 15.75 -3.70 -27.89
N CYS J 87 14.57 -4.11 -27.32
CA CYS J 87 13.25 -4.08 -27.94
C CYS J 87 12.39 -2.97 -27.33
N SER J 88 13.01 -2.12 -26.53
CA SER J 88 12.26 -1.06 -25.90
C SER J 88 11.74 -0.11 -26.94
N GLY J 89 10.49 0.30 -26.79
CA GLY J 89 9.86 1.25 -27.69
C GLY J 89 9.32 0.61 -28.96
N LYS J 90 9.43 -0.71 -29.09
CA LYS J 90 8.96 -1.36 -30.30
C LYS J 90 7.91 -2.41 -30.00
N LEU J 91 7.04 -2.63 -30.98
CA LEU J 91 6.06 -3.70 -30.88
C LEU J 91 6.59 -4.94 -31.60
N ILE J 92 7.37 -4.69 -32.65
CA ILE J 92 7.99 -5.76 -33.44
C ILE J 92 9.50 -5.53 -33.40
N CYS J 93 10.28 -6.52 -32.91
CA CYS J 93 11.74 -6.42 -32.71
C CYS J 93 12.55 -7.61 -33.30
N CYS J 94 13.27 -7.35 -34.40
CA CYS J 94 14.09 -8.40 -35.01
C CYS J 94 15.40 -8.37 -34.21
N THR J 95 15.96 -9.54 -33.88
CA THR J 95 17.18 -9.59 -33.08
C THR J 95 18.33 -10.35 -33.74
N ASN J 96 19.44 -10.52 -33.00
CA ASN J 96 20.62 -11.23 -33.47
C ASN J 96 20.62 -12.72 -33.11
N VAL J 97 19.54 -13.22 -32.53
CA VAL J 97 19.51 -14.63 -32.18
C VAL J 97 18.89 -15.41 -33.33
N PRO J 98 19.58 -16.38 -33.93
CA PRO J 98 19.10 -17.20 -35.02
C PRO J 98 18.09 -18.14 -34.45
N TRP J 99 17.16 -18.61 -35.26
CA TRP J 99 16.21 -19.56 -34.76
C TRP J 99 16.85 -20.94 -34.80
N ASN J 100 16.80 -21.62 -33.69
CA ASN J 100 17.31 -22.96 -33.59
C ASN J 100 16.19 -23.90 -33.95
N SER J 101 16.41 -24.75 -34.94
CA SER J 101 15.37 -25.64 -35.44
C SER J 101 14.85 -26.61 -34.38
N SER J 102 15.60 -26.81 -33.28
CA SER J 102 15.19 -27.72 -32.21
C SER J 102 13.97 -27.16 -31.47
N TRP J 103 13.66 -25.89 -31.70
CA TRP J 103 12.58 -25.18 -31.08
C TRP J 103 11.25 -25.34 -31.82
N SER J 104 11.25 -25.87 -33.04
CA SER J 104 9.98 -25.98 -33.77
C SER J 104 10.00 -27.03 -34.86
N ASN J 105 8.82 -27.43 -35.30
CA ASN J 105 8.69 -28.39 -36.38
C ASN J 105 7.91 -27.85 -37.57
N ARG J 106 7.88 -26.52 -37.72
CA ARG J 106 7.14 -25.86 -38.79
C ARG J 106 7.87 -24.70 -39.44
N ASN J 107 7.53 -24.48 -40.72
CA ASN J 107 8.02 -23.38 -41.54
C ASN J 107 7.31 -22.09 -41.20
N LEU J 108 7.91 -20.94 -41.50
CA LEU J 108 7.21 -19.70 -41.19
C LEU J 108 5.95 -19.61 -42.03
N SER J 109 5.96 -20.22 -43.23
CA SER J 109 4.83 -20.20 -44.15
C SER J 109 3.65 -21.00 -43.64
N GLU J 110 3.89 -21.81 -42.62
CA GLU J 110 2.85 -22.62 -42.04
C GLU J 110 2.30 -21.95 -40.79
N ILE J 111 3.18 -21.38 -39.96
CA ILE J 111 2.69 -20.87 -38.69
C ILE J 111 2.08 -19.48 -38.80
N TRP J 112 2.64 -18.60 -39.64
CA TRP J 112 2.11 -17.25 -39.68
C TRP J 112 0.73 -17.19 -40.32
N ASP J 113 0.45 -18.12 -41.23
CA ASP J 113 -0.83 -18.19 -41.87
C ASP J 113 -1.85 -19.15 -41.25
N ASN J 114 -1.42 -20.27 -40.64
CA ASN J 114 -2.42 -21.19 -40.11
C ASN J 114 -2.59 -21.21 -38.60
N MET J 115 -1.66 -20.66 -37.81
CA MET J 115 -1.79 -20.77 -36.36
C MET J 115 -2.20 -19.49 -35.67
N THR J 116 -3.06 -19.66 -34.69
CA THR J 116 -3.57 -18.61 -33.82
C THR J 116 -2.41 -18.23 -32.94
N TRP J 117 -2.22 -16.94 -32.66
CA TRP J 117 -1.06 -16.57 -31.80
C TRP J 117 -1.06 -17.45 -30.55
N LEU J 118 -2.22 -17.62 -29.96
CA LEU J 118 -2.38 -18.38 -28.73
C LEU J 118 -1.88 -19.83 -28.87
N GLN J 119 -2.11 -20.46 -30.03
CA GLN J 119 -1.69 -21.84 -30.23
C GLN J 119 -0.19 -21.91 -30.30
N TRP J 120 0.38 -20.93 -30.98
CA TRP J 120 1.81 -20.86 -31.15
C TRP J 120 2.52 -20.73 -29.83
N ASP J 121 2.02 -19.84 -28.99
CA ASP J 121 2.66 -19.61 -27.71
C ASP J 121 2.66 -20.88 -26.89
N LYS J 122 1.58 -21.66 -26.95
CA LYS J 122 1.57 -22.89 -26.21
C LYS J 122 2.58 -23.90 -26.77
N GLU J 123 2.68 -24.00 -28.10
CA GLU J 123 3.55 -25.00 -28.71
C GLU J 123 5.03 -24.84 -28.41
N ILE J 124 5.51 -23.61 -28.26
CA ILE J 124 6.94 -23.43 -27.97
C ILE J 124 7.17 -22.91 -26.56
N SER J 125 6.23 -23.10 -25.66
CA SER J 125 6.36 -22.53 -24.33
C SER J 125 7.54 -23.04 -23.54
N ASN J 126 7.99 -24.26 -23.80
CA ASN J 126 9.08 -24.83 -23.02
C ASN J 126 10.46 -24.36 -23.43
N TYR J 127 10.54 -23.47 -24.40
CA TYR J 127 11.82 -22.94 -24.84
C TYR J 127 11.95 -21.47 -24.46
N THR J 128 10.98 -20.93 -23.72
CA THR J 128 10.97 -19.50 -23.46
C THR J 128 12.25 -19.00 -22.81
N GLN J 129 12.72 -19.72 -21.81
CA GLN J 129 13.88 -19.37 -21.03
C GLN J 129 15.18 -19.49 -21.80
N ILE J 130 15.17 -20.23 -22.90
CA ILE J 130 16.37 -20.42 -23.68
C ILE J 130 16.50 -19.22 -24.54
N ILE J 131 15.40 -18.87 -25.16
CA ILE J 131 15.41 -17.78 -26.07
C ILE J 131 15.71 -16.50 -25.32
N TYR J 132 15.10 -16.30 -24.16
CA TYR J 132 15.36 -15.08 -23.45
C TYR J 132 16.82 -14.94 -23.04
N GLY J 133 17.46 -16.02 -22.58
CA GLY J 133 18.87 -15.88 -22.21
C GLY J 133 19.73 -15.51 -23.43
N LEU J 134 19.42 -16.09 -24.58
CA LEU J 134 20.18 -15.79 -25.79
C LEU J 134 20.00 -14.36 -26.20
N LEU J 135 18.79 -13.83 -26.04
CA LEU J 135 18.52 -12.47 -26.42
C LEU J 135 19.32 -11.48 -25.58
N GLU J 136 19.51 -11.77 -24.30
CA GLU J 136 20.30 -10.86 -23.46
C GLU J 136 21.78 -10.81 -23.90
N GLU J 137 22.35 -11.97 -24.24
CA GLU J 137 23.76 -12.05 -24.65
C GLU J 137 24.01 -11.35 -25.97
N SER J 138 22.99 -11.43 -26.82
CA SER J 138 22.96 -10.85 -28.14
C SER J 138 22.99 -9.34 -28.11
N GLN J 139 22.78 -8.76 -26.93
CA GLN J 139 22.86 -7.33 -26.79
C GLN J 139 24.11 -6.99 -26.03
N ASN J 140 24.24 -7.52 -24.83
CA ASN J 140 25.36 -7.14 -23.98
C ASN J 140 26.69 -7.32 -24.67
N GLN J 141 26.87 -8.45 -25.33
CA GLN J 141 28.12 -8.65 -25.98
C GLN J 141 28.07 -8.09 -27.38
N GLN J 142 27.16 -8.60 -28.18
CA GLN J 142 27.24 -8.26 -29.59
C GLN J 142 27.02 -6.79 -29.96
N GLU J 143 26.14 -6.10 -29.23
CA GLU J 143 25.83 -4.71 -29.54
C GLU J 143 26.52 -3.72 -28.63
N LYS J 144 27.31 -4.18 -27.65
CA LYS J 144 27.89 -3.23 -26.71
C LYS J 144 29.34 -3.51 -26.37
N ASN J 145 29.65 -4.67 -25.80
CA ASN J 145 31.03 -4.94 -25.42
C ASN J 145 31.89 -4.93 -26.67
N GLU J 146 31.30 -5.38 -27.79
CA GLU J 146 31.97 -5.44 -29.09
C GLU J 146 31.85 -4.14 -29.91
N GLN J 147 31.13 -3.16 -29.40
CA GLN J 147 30.95 -1.89 -30.12
C GLN J 147 31.72 -0.70 -29.49
N ASP J 148 31.92 -0.71 -28.14
CA ASP J 148 32.59 0.30 -27.31
C ASP J 148 34.04 0.56 -27.79
N GLN K 21 -48.51 -30.13 -38.58
CA GLN K 21 -49.36 -29.56 -37.54
C GLN K 21 -49.35 -28.03 -37.52
N LEU K 22 -48.23 -27.36 -37.94
CA LEU K 22 -48.17 -25.89 -37.98
C LEU K 22 -48.88 -25.38 -39.21
N VAL K 23 -49.79 -24.46 -38.99
CA VAL K 23 -50.54 -23.91 -40.10
C VAL K 23 -50.49 -22.40 -40.17
N GLU K 24 -49.93 -21.88 -41.24
CA GLU K 24 -49.82 -20.45 -41.48
C GLU K 24 -51.09 -19.85 -42.04
N SER K 25 -51.33 -18.60 -41.69
CA SER K 25 -52.42 -17.79 -42.22
C SER K 25 -52.06 -16.32 -42.22
N GLY K 26 -53.01 -15.49 -42.67
CA GLY K 26 -52.80 -14.03 -42.71
C GLY K 26 -52.12 -13.54 -43.99
N GLY K 27 -51.92 -14.42 -44.96
CA GLY K 27 -51.24 -14.05 -46.20
C GLY K 27 -52.22 -13.45 -47.19
N GLY K 28 -51.79 -13.31 -48.44
CA GLY K 28 -52.60 -12.68 -49.46
C GLY K 28 -51.85 -11.56 -50.17
N LEU K 29 -52.55 -10.86 -51.04
CA LEU K 29 -52.00 -9.75 -51.80
C LEU K 29 -52.24 -8.44 -51.09
N VAL K 30 -51.17 -7.69 -50.86
CA VAL K 30 -51.25 -6.42 -50.17
C VAL K 30 -50.60 -5.34 -51.00
N LYS K 31 -50.88 -4.09 -50.68
CA LYS K 31 -50.28 -3.00 -51.43
C LYS K 31 -48.92 -2.59 -50.86
N PRO K 32 -47.97 -2.15 -51.68
CA PRO K 32 -46.69 -1.65 -51.25
C PRO K 32 -46.88 -0.51 -50.29
N GLY K 33 -46.04 -0.47 -49.26
CA GLY K 33 -46.08 0.59 -48.26
C GLY K 33 -46.89 0.22 -47.01
N THR K 34 -47.63 -0.87 -47.04
CA THR K 34 -48.43 -1.24 -45.86
C THR K 34 -47.69 -2.12 -44.90
N SER K 35 -48.37 -2.49 -43.82
CA SER K 35 -47.85 -3.38 -42.76
C SER K 35 -48.56 -4.73 -42.87
N LEU K 36 -48.04 -5.77 -42.23
CA LEU K 36 -48.71 -7.07 -42.32
C LEU K 36 -48.43 -8.01 -41.16
N SER K 37 -49.47 -8.60 -40.59
CA SER K 37 -49.23 -9.56 -39.53
C SER K 37 -49.59 -10.96 -39.97
N LEU K 38 -48.61 -11.86 -39.96
CA LEU K 38 -48.83 -13.25 -40.33
C LEU K 38 -48.86 -14.04 -39.06
N THR K 39 -49.67 -15.07 -39.01
CA THR K 39 -49.71 -15.88 -37.82
C THR K 39 -49.69 -17.35 -38.18
N CYS K 40 -49.41 -18.23 -37.19
CA CYS K 40 -49.57 -19.67 -37.34
C CYS K 40 -49.92 -20.30 -36.00
N LYS K 41 -50.53 -21.45 -36.08
CA LYS K 41 -50.93 -22.19 -34.91
C LYS K 41 -50.43 -23.59 -34.92
N ALA K 42 -50.21 -24.16 -33.74
CA ALA K 42 -49.81 -25.56 -33.68
C ALA K 42 -50.98 -26.46 -33.36
N SER K 43 -51.46 -27.17 -34.35
CA SER K 43 -52.63 -27.98 -34.10
C SER K 43 -52.20 -29.22 -33.36
N GLY K 44 -52.70 -29.38 -32.14
CA GLY K 44 -52.31 -30.50 -31.32
C GLY K 44 -51.19 -30.19 -30.31
N PHE K 45 -50.60 -29.01 -30.39
CA PHE K 45 -49.53 -28.76 -29.43
C PHE K 45 -49.63 -27.48 -28.66
N ASP K 46 -49.23 -27.56 -27.41
CA ASP K 46 -49.05 -26.38 -26.60
C ASP K 46 -47.63 -25.95 -26.92
N PHE K 47 -47.32 -24.66 -26.92
CA PHE K 47 -45.94 -24.29 -27.17
C PHE K 47 -45.13 -24.18 -25.90
N SER K 48 -45.70 -24.50 -24.74
CA SER K 48 -44.97 -24.40 -23.47
C SER K 48 -44.07 -25.62 -23.24
N ASP K 49 -43.07 -25.73 -24.08
CA ASP K 49 -42.11 -26.81 -24.11
C ASP K 49 -40.80 -26.22 -24.62
N ASN K 50 -39.76 -27.00 -24.75
CA ASN K 50 -38.47 -26.43 -25.11
C ASN K 50 -38.38 -26.22 -26.61
N TYR K 51 -39.08 -25.23 -27.11
CA TYR K 51 -39.09 -25.03 -28.56
C TYR K 51 -38.70 -23.67 -29.06
N TYR K 52 -38.08 -23.68 -30.22
CA TYR K 52 -37.93 -22.47 -30.98
C TYR K 52 -38.86 -22.50 -32.15
N ILE K 53 -39.57 -21.40 -32.38
CA ILE K 53 -40.38 -21.31 -33.58
C ILE K 53 -39.70 -20.25 -34.42
N CYS K 54 -39.34 -20.57 -35.68
CA CYS K 54 -38.60 -19.66 -36.55
C CYS K 54 -39.36 -19.37 -37.82
N TRP K 55 -39.20 -18.16 -38.30
CA TRP K 55 -39.77 -17.74 -39.55
C TRP K 55 -38.69 -17.71 -40.62
N VAL K 56 -39.01 -18.37 -41.72
CA VAL K 56 -38.16 -18.54 -42.89
C VAL K 56 -38.85 -18.08 -44.16
N ARG K 57 -38.14 -17.33 -44.97
CA ARG K 57 -38.67 -16.79 -46.20
C ARG K 57 -38.12 -17.44 -47.45
N GLN K 58 -38.95 -17.55 -48.49
CA GLN K 58 -38.45 -18.02 -49.77
C GLN K 58 -39.09 -17.35 -50.97
N ALA K 59 -38.38 -16.41 -51.59
CA ALA K 59 -38.92 -15.74 -52.75
C ALA K 59 -38.93 -16.78 -53.86
N PRO K 60 -39.84 -16.78 -54.82
CA PRO K 60 -39.85 -17.73 -55.90
C PRO K 60 -38.52 -17.71 -56.62
N GLY K 61 -37.97 -18.90 -56.88
CA GLY K 61 -36.70 -19.03 -57.59
C GLY K 61 -35.48 -18.88 -56.70
N LYS K 62 -35.68 -18.59 -55.42
CA LYS K 62 -34.60 -18.36 -54.48
C LYS K 62 -34.54 -19.46 -53.43
N GLY K 63 -33.45 -19.49 -52.70
CA GLY K 63 -33.30 -20.46 -51.63
C GLY K 63 -33.99 -19.96 -50.37
N LEU K 64 -33.82 -20.69 -49.29
CA LEU K 64 -34.43 -20.37 -48.01
C LEU K 64 -33.58 -19.34 -47.27
N GLU K 65 -34.24 -18.34 -46.69
CA GLU K 65 -33.62 -17.26 -45.93
C GLU K 65 -34.17 -17.12 -44.51
N TRP K 66 -33.29 -16.99 -43.55
CA TRP K 66 -33.74 -16.86 -42.16
C TRP K 66 -34.22 -15.44 -41.84
N ILE K 67 -35.39 -15.29 -41.18
CA ILE K 67 -35.88 -13.97 -40.75
C ILE K 67 -35.60 -13.73 -39.29
N GLY K 68 -35.97 -14.71 -38.46
CA GLY K 68 -35.82 -14.60 -37.01
C GLY K 68 -36.51 -15.76 -36.27
N CYS K 69 -36.24 -15.88 -34.94
CA CYS K 69 -36.75 -16.94 -34.06
C CYS K 69 -37.22 -16.43 -32.71
N ILE K 70 -38.24 -17.11 -32.19
CA ILE K 70 -38.75 -16.87 -30.85
C ILE K 70 -38.65 -18.12 -29.99
N PHE K 71 -38.13 -17.95 -28.78
CA PHE K 71 -38.09 -19.07 -27.86
C PHE K 71 -39.38 -18.96 -27.09
N THR K 72 -40.15 -20.05 -27.00
CA THR K 72 -41.46 -19.97 -26.41
C THR K 72 -41.66 -20.10 -24.89
N GLN K 73 -40.72 -20.63 -24.11
CA GLN K 73 -41.01 -20.72 -22.66
C GLN K 73 -40.73 -19.41 -21.99
N ASN K 74 -39.75 -18.74 -22.52
CA ASN K 74 -39.24 -17.50 -22.05
C ASN K 74 -39.18 -16.67 -23.29
N VAL K 75 -40.10 -15.74 -23.45
CA VAL K 75 -40.09 -15.13 -24.73
C VAL K 75 -38.97 -14.19 -24.90
N ARG K 76 -38.11 -14.65 -25.79
CA ARG K 76 -36.90 -13.97 -26.20
C ARG K 76 -36.78 -14.16 -27.68
N THR K 77 -36.31 -13.15 -28.39
CA THR K 77 -36.19 -13.30 -29.83
C THR K 77 -34.83 -12.97 -30.38
N TYR K 78 -34.59 -13.52 -31.57
CA TYR K 78 -33.38 -13.32 -32.32
C TYR K 78 -33.73 -12.97 -33.75
N TYR K 79 -32.98 -12.08 -34.38
CA TYR K 79 -33.30 -11.72 -35.76
C TYR K 79 -32.13 -11.77 -36.69
N ALA K 80 -32.43 -12.01 -37.96
CA ALA K 80 -31.44 -11.93 -39.01
C ALA K 80 -31.05 -10.48 -39.10
N ASN K 81 -29.81 -10.16 -39.39
CA ASN K 81 -29.47 -8.74 -39.42
C ASN K 81 -30.27 -7.94 -40.44
N TRP K 82 -30.56 -8.53 -41.59
CA TRP K 82 -31.29 -7.82 -42.65
C TRP K 82 -32.73 -7.51 -42.26
N ALA K 83 -33.25 -8.26 -41.31
CA ALA K 83 -34.62 -8.16 -40.86
C ALA K 83 -34.80 -7.13 -39.73
N LYS K 84 -33.71 -6.58 -39.20
CA LYS K 84 -33.90 -5.72 -38.05
C LYS K 84 -34.61 -4.44 -38.42
N GLY K 85 -35.67 -4.15 -37.65
CA GLY K 85 -36.48 -2.95 -37.83
C GLY K 85 -37.57 -3.16 -38.89
N ARG K 86 -37.54 -4.32 -39.53
CA ARG K 86 -38.48 -4.64 -40.57
C ARG K 86 -39.41 -5.72 -40.10
N PHE K 87 -38.91 -6.60 -39.25
CA PHE K 87 -39.72 -7.67 -38.74
C PHE K 87 -39.61 -7.70 -37.23
N THR K 88 -40.71 -8.06 -36.59
CA THR K 88 -40.72 -8.34 -35.16
C THR K 88 -41.43 -9.68 -34.98
N ILE K 89 -41.10 -10.39 -33.90
CA ILE K 89 -41.74 -11.66 -33.61
C ILE K 89 -42.26 -11.66 -32.20
N SER K 90 -43.45 -12.19 -32.00
CA SER K 90 -44.03 -12.29 -30.68
C SER K 90 -44.93 -13.51 -30.54
N LYS K 91 -45.25 -13.86 -29.30
CA LYS K 91 -46.13 -14.97 -29.01
C LYS K 91 -47.41 -14.38 -28.48
N THR K 92 -48.54 -15.01 -28.76
CA THR K 92 -49.80 -14.50 -28.24
C THR K 92 -50.48 -15.57 -27.39
N SER K 93 -51.27 -16.41 -28.03
CA SER K 93 -51.97 -17.47 -27.35
C SER K 93 -50.97 -18.58 -27.08
N SER K 94 -51.27 -19.48 -26.16
CA SER K 94 -50.32 -20.56 -25.85
C SER K 94 -50.04 -21.49 -27.01
N THR K 95 -50.92 -21.48 -28.00
CA THR K 95 -50.82 -22.31 -29.19
C THR K 95 -50.52 -21.52 -30.46
N THR K 96 -50.30 -20.19 -30.37
CA THR K 96 -50.05 -19.44 -31.62
C THR K 96 -48.92 -18.42 -31.51
N VAL K 97 -48.31 -18.12 -32.66
CA VAL K 97 -47.28 -17.09 -32.76
C VAL K 97 -47.55 -16.15 -33.92
N THR K 98 -46.88 -15.00 -33.89
CA THR K 98 -47.01 -14.04 -34.98
C THR K 98 -45.70 -13.39 -35.43
N LEU K 99 -45.68 -13.08 -36.73
CA LEU K 99 -44.60 -12.35 -37.40
C LEU K 99 -45.16 -11.06 -37.94
N GLN K 100 -44.63 -9.94 -37.50
CA GLN K 100 -45.16 -8.69 -37.99
C GLN K 100 -44.18 -7.92 -38.82
N MET K 101 -44.63 -7.53 -40.00
CA MET K 101 -43.83 -6.75 -40.92
C MET K 101 -44.15 -5.30 -40.59
N THR K 102 -43.12 -4.46 -40.50
CA THR K 102 -43.35 -3.06 -40.14
C THR K 102 -43.68 -2.22 -41.36
N SER K 103 -43.24 -2.70 -42.51
CA SER K 103 -43.53 -2.11 -43.81
C SER K 103 -43.28 -3.19 -44.83
N LEU K 104 -43.94 -3.13 -45.97
CA LEU K 104 -43.66 -4.07 -47.03
C LEU K 104 -43.26 -3.44 -48.36
N THR K 105 -42.34 -4.09 -49.05
CA THR K 105 -42.01 -3.65 -50.40
C THR K 105 -42.17 -4.76 -51.40
N VAL K 106 -41.99 -4.45 -52.66
CA VAL K 106 -42.21 -5.44 -53.72
C VAL K 106 -41.20 -6.58 -53.65
N ALA K 107 -40.02 -6.28 -53.12
CA ALA K 107 -38.95 -7.24 -52.95
C ALA K 107 -39.27 -8.27 -51.88
N ASP K 108 -40.32 -8.05 -51.10
CA ASP K 108 -40.68 -8.95 -50.03
C ASP K 108 -41.68 -9.99 -50.48
N THR K 109 -42.02 -10.01 -51.77
CA THR K 109 -42.92 -11.07 -52.22
C THR K 109 -42.19 -12.37 -51.99
N ALA K 110 -42.82 -13.27 -51.26
CA ALA K 110 -42.21 -14.53 -50.93
C ALA K 110 -43.15 -15.49 -50.26
N THR K 111 -42.76 -16.74 -50.21
CA THR K 111 -43.45 -17.71 -49.40
C THR K 111 -42.91 -17.55 -47.98
N TYR K 112 -43.79 -17.52 -47.00
CA TYR K 112 -43.35 -17.44 -45.63
C TYR K 112 -43.74 -18.72 -44.91
N PHE K 113 -42.82 -19.24 -44.12
CA PHE K 113 -43.07 -20.46 -43.35
C PHE K 113 -42.74 -20.25 -41.90
N CYS K 114 -43.45 -20.93 -40.96
CA CYS K 114 -43.03 -21.01 -39.57
C CYS K 114 -42.61 -22.47 -39.41
N ALA K 115 -41.65 -22.70 -38.54
CA ALA K 115 -41.23 -24.06 -38.30
C ALA K 115 -40.78 -24.24 -36.89
N ARG K 116 -40.95 -25.45 -36.39
CA ARG K 116 -40.53 -25.77 -35.05
C ARG K 116 -39.25 -26.53 -35.06
N PHE K 117 -38.36 -26.05 -34.21
CA PHE K 117 -37.04 -26.59 -33.97
C PHE K 117 -36.96 -27.18 -32.57
N SER K 118 -36.98 -28.50 -32.52
CA SER K 118 -36.99 -29.20 -31.26
C SER K 118 -35.59 -29.43 -30.70
N ASP K 119 -35.56 -29.85 -29.45
CA ASP K 119 -34.39 -30.07 -28.60
C ASP K 119 -33.61 -31.39 -28.73
N THR K 120 -32.42 -31.37 -29.35
CA THR K 120 -31.60 -32.58 -29.42
C THR K 120 -30.22 -32.33 -28.82
N GLY K 121 -29.90 -33.01 -27.74
CA GLY K 121 -28.60 -32.80 -27.13
C GLY K 121 -28.37 -31.30 -26.85
N PRO K 122 -27.26 -30.71 -27.35
CA PRO K 122 -26.83 -29.32 -27.23
C PRO K 122 -27.39 -28.37 -28.30
N ASP K 123 -28.31 -28.86 -29.12
CA ASP K 123 -28.72 -28.15 -30.31
C ASP K 123 -30.21 -28.10 -30.64
N TYR K 124 -30.88 -26.92 -30.64
CA TYR K 124 -32.29 -26.95 -31.02
C TYR K 124 -32.34 -26.89 -32.54
N GLY K 125 -31.89 -27.96 -33.15
CA GLY K 125 -31.72 -28.08 -34.57
C GLY K 125 -32.69 -29.03 -35.21
N LEU K 126 -33.66 -29.54 -34.47
CA LEU K 126 -34.54 -30.51 -35.08
C LEU K 126 -35.65 -29.82 -35.79
N GLY K 127 -35.30 -29.18 -36.89
CA GLY K 127 -36.21 -28.39 -37.69
C GLY K 127 -37.03 -29.31 -38.55
N ASN K 128 -37.83 -30.15 -37.91
CA ASN K 128 -38.56 -31.13 -38.65
C ASN K 128 -40.03 -30.84 -38.80
N LEU K 129 -40.55 -29.82 -38.13
CA LEU K 129 -41.96 -29.53 -38.32
C LEU K 129 -42.12 -28.20 -39.02
N TRP K 130 -42.47 -28.26 -40.28
CA TRP K 130 -42.63 -27.05 -41.07
C TRP K 130 -44.06 -26.99 -41.47
N GLY K 131 -44.64 -25.81 -41.53
CA GLY K 131 -45.99 -25.73 -42.03
C GLY K 131 -45.91 -25.70 -43.55
N PRO K 132 -47.02 -25.74 -44.27
CA PRO K 132 -47.08 -25.63 -45.71
C PRO K 132 -46.68 -24.25 -46.19
N GLY K 133 -46.78 -23.27 -45.32
CA GLY K 133 -46.42 -21.92 -45.64
C GLY K 133 -47.60 -21.18 -46.22
N SER K 134 -47.42 -19.89 -46.42
CA SER K 134 -48.44 -19.04 -46.98
C SER K 134 -47.76 -18.04 -47.88
N LEU K 135 -48.48 -17.46 -48.82
CA LEU K 135 -47.82 -16.51 -49.69
C LEU K 135 -48.18 -15.08 -49.38
N VAL K 136 -47.19 -14.22 -49.50
CA VAL K 136 -47.41 -12.79 -49.40
C VAL K 136 -46.94 -12.18 -50.69
N THR K 137 -47.83 -11.45 -51.33
CA THR K 137 -47.50 -10.81 -52.60
C THR K 137 -47.66 -9.32 -52.39
N VAL K 138 -46.69 -8.49 -52.87
CA VAL K 138 -46.71 -7.04 -52.67
C VAL K 138 -46.59 -6.38 -54.04
N ILE L 22 -25.98 -15.64 -39.95
CA ILE L 22 -24.79 -14.80 -40.18
C ILE L 22 -23.48 -15.64 -40.39
N VAL L 23 -23.61 -16.98 -40.61
CA VAL L 23 -22.50 -17.93 -40.72
C VAL L 23 -22.29 -18.67 -42.07
N MET L 24 -23.33 -19.25 -42.66
CA MET L 24 -23.07 -20.19 -43.77
C MET L 24 -23.04 -19.65 -45.20
N THR L 25 -22.24 -20.33 -46.03
CA THR L 25 -22.16 -20.18 -47.49
C THR L 25 -22.14 -21.57 -48.12
N GLN L 26 -22.60 -21.70 -49.34
CA GLN L 26 -22.61 -22.97 -50.07
C GLN L 26 -22.09 -22.80 -51.47
N THR L 27 -21.26 -23.74 -51.95
CA THR L 27 -20.64 -23.50 -53.25
C THR L 27 -20.90 -24.34 -54.54
N PRO L 28 -21.40 -25.59 -54.55
CA PRO L 28 -21.52 -26.38 -55.78
C PRO L 28 -22.50 -25.88 -56.84
N ALA L 29 -23.52 -25.09 -56.47
CA ALA L 29 -24.51 -24.50 -57.40
C ALA L 29 -25.42 -25.48 -58.15
N SER L 30 -24.84 -26.39 -58.95
CA SER L 30 -25.60 -27.36 -59.72
C SER L 30 -24.83 -28.64 -60.02
N VAL L 31 -25.48 -29.79 -59.84
CA VAL L 31 -24.82 -31.06 -60.15
C VAL L 31 -25.76 -32.04 -60.84
N GLU L 32 -25.25 -32.75 -61.82
CA GLU L 32 -26.03 -33.75 -62.51
C GLU L 32 -25.46 -35.13 -62.31
N ALA L 33 -26.32 -36.12 -62.15
CA ALA L 33 -25.85 -37.49 -62.02
C ALA L 33 -26.80 -38.50 -62.65
N ALA L 34 -26.23 -39.63 -63.00
CA ALA L 34 -26.96 -40.76 -63.52
C ALA L 34 -27.67 -41.48 -62.41
N VAL L 35 -28.72 -42.21 -62.75
CA VAL L 35 -29.43 -42.95 -61.74
C VAL L 35 -28.47 -44.02 -61.21
N GLY L 36 -28.39 -44.11 -59.89
CA GLY L 36 -27.52 -45.04 -59.19
C GLY L 36 -26.15 -44.43 -58.87
N GLY L 37 -25.91 -43.20 -59.31
CA GLY L 37 -24.64 -42.54 -59.09
C GLY L 37 -24.56 -41.83 -57.74
N THR L 38 -23.50 -41.05 -57.55
CA THR L 38 -23.29 -40.33 -56.30
C THR L 38 -22.91 -38.88 -56.55
N VAL L 39 -23.46 -37.99 -55.75
CA VAL L 39 -23.04 -36.59 -55.80
C VAL L 39 -22.69 -36.12 -54.42
N THR L 40 -21.90 -35.08 -54.34
CA THR L 40 -21.62 -34.48 -53.06
C THR L 40 -21.80 -33.00 -53.17
N ILE L 41 -22.14 -32.38 -52.06
CA ILE L 41 -22.23 -30.95 -51.99
C ILE L 41 -21.44 -30.47 -50.78
N LYS L 42 -21.00 -29.22 -50.80
CA LYS L 42 -20.25 -28.67 -49.67
C LYS L 42 -20.65 -27.25 -49.27
N CYS L 43 -20.63 -27.01 -47.94
CA CYS L 43 -20.89 -25.73 -47.26
C CYS L 43 -19.70 -25.34 -46.38
N GLN L 44 -19.57 -24.04 -46.18
CA GLN L 44 -18.56 -23.55 -45.28
C GLN L 44 -19.12 -22.56 -44.30
N ALA L 45 -18.52 -22.50 -43.13
CA ALA L 45 -18.93 -21.51 -42.14
C ALA L 45 -17.88 -20.42 -42.06
N SER L 46 -18.32 -19.19 -41.88
CA SER L 46 -17.42 -18.07 -41.70
C SER L 46 -16.88 -17.99 -40.29
N GLN L 47 -17.48 -18.73 -39.39
CA GLN L 47 -17.09 -18.76 -38.00
C GLN L 47 -17.10 -20.22 -37.58
N ARG L 48 -16.22 -20.63 -36.67
CA ARG L 48 -16.29 -22.03 -36.27
C ARG L 48 -17.56 -22.31 -35.50
N ILE L 49 -18.26 -23.36 -35.89
CA ILE L 49 -19.51 -23.77 -35.24
C ILE L 49 -19.56 -25.23 -34.80
N GLY L 50 -18.42 -25.80 -34.43
CA GLY L 50 -18.46 -27.17 -33.94
C GLY L 50 -19.01 -28.11 -34.99
N SER L 51 -20.03 -28.88 -34.62
CA SER L 51 -20.71 -29.85 -35.47
C SER L 51 -22.14 -29.41 -35.72
N HIS L 52 -22.43 -28.15 -35.43
CA HIS L 52 -23.78 -27.61 -35.51
C HIS L 52 -24.27 -27.21 -36.89
N VAL L 53 -24.35 -28.19 -37.78
CA VAL L 53 -24.89 -27.96 -39.13
C VAL L 53 -25.94 -28.97 -39.51
N SER L 54 -27.10 -28.48 -39.85
CA SER L 54 -28.20 -29.35 -40.25
C SER L 54 -28.31 -29.29 -41.74
N TRP L 55 -28.99 -30.28 -42.33
CA TRP L 55 -29.20 -30.29 -43.77
C TRP L 55 -30.65 -30.56 -44.13
N TYR L 56 -31.10 -29.89 -45.18
CA TYR L 56 -32.48 -30.03 -45.66
C TYR L 56 -32.60 -30.39 -47.11
N GLN L 57 -33.67 -31.10 -47.44
CA GLN L 57 -34.04 -31.45 -48.80
C GLN L 57 -35.36 -30.81 -49.21
N GLN L 58 -35.35 -29.93 -50.19
CA GLN L 58 -36.59 -29.30 -50.61
C GLN L 58 -36.99 -29.66 -52.01
N LYS L 59 -38.10 -30.38 -52.14
CA LYS L 59 -38.56 -30.76 -53.45
C LYS L 59 -39.37 -29.58 -53.98
N PRO L 60 -39.49 -29.37 -55.29
CA PRO L 60 -40.24 -28.29 -55.85
C PRO L 60 -41.67 -28.30 -55.40
N GLY L 61 -42.18 -27.16 -55.00
CA GLY L 61 -43.57 -27.04 -54.58
C GLY L 61 -43.85 -27.51 -53.15
N GLN L 62 -42.83 -27.89 -52.40
CA GLN L 62 -43.07 -28.40 -51.06
C GLN L 62 -42.26 -27.72 -49.97
N ARG L 63 -42.78 -27.76 -48.75
CA ARG L 63 -42.06 -27.29 -47.58
C ARG L 63 -40.87 -28.23 -47.44
N PRO L 64 -39.73 -27.82 -46.90
CA PRO L 64 -38.54 -28.62 -46.78
C PRO L 64 -38.65 -29.75 -45.77
N LYS L 65 -37.90 -30.83 -46.04
CA LYS L 65 -37.75 -31.97 -45.15
C LYS L 65 -36.38 -32.00 -44.48
N LEU L 66 -36.36 -32.32 -43.20
CA LEU L 66 -35.07 -32.41 -42.52
C LEU L 66 -34.41 -33.75 -42.81
N LEU L 67 -33.13 -33.72 -43.18
CA LEU L 67 -32.42 -34.97 -43.39
C LEU L 67 -31.45 -35.24 -42.27
N ILE L 68 -30.72 -34.19 -41.92
CA ILE L 68 -29.64 -34.28 -40.95
C ILE L 68 -29.76 -33.27 -39.82
N TYR L 69 -29.56 -33.75 -38.59
CA TYR L 69 -29.64 -32.92 -37.38
C TYR L 69 -28.39 -32.09 -37.16
N GLY L 70 -27.27 -32.79 -37.08
CA GLY L 70 -25.97 -32.19 -36.86
C GLY L 70 -25.06 -32.73 -37.92
N ALA L 71 -23.78 -32.43 -37.88
CA ALA L 71 -22.94 -32.88 -38.96
C ALA L 71 -22.96 -34.39 -39.20
N SER L 72 -23.06 -35.21 -38.16
CA SER L 72 -23.02 -36.67 -38.32
C SER L 72 -24.32 -37.45 -38.01
N ASN L 73 -25.45 -36.78 -37.83
CA ASN L 73 -26.67 -37.53 -37.40
C ASN L 73 -27.91 -37.44 -38.27
N LEU L 74 -28.35 -38.57 -38.82
CA LEU L 74 -29.55 -38.59 -39.67
C LEU L 74 -30.81 -38.64 -38.85
N GLU L 75 -31.87 -38.08 -39.38
CA GLU L 75 -33.18 -38.23 -38.78
C GLU L 75 -33.78 -39.57 -39.12
N SER L 76 -34.48 -40.18 -38.16
CA SER L 76 -35.11 -41.45 -38.46
C SER L 76 -36.07 -41.26 -39.62
N GLY L 77 -36.08 -42.24 -40.52
CA GLY L 77 -36.94 -42.19 -41.69
C GLY L 77 -36.16 -41.72 -42.92
N VAL L 78 -34.95 -41.21 -42.71
CA VAL L 78 -34.10 -40.77 -43.79
C VAL L 78 -33.33 -41.97 -44.32
N PRO L 79 -33.38 -42.26 -45.63
CA PRO L 79 -32.70 -43.37 -46.23
C PRO L 79 -31.21 -43.33 -45.91
N SER L 80 -30.63 -44.51 -45.71
CA SER L 80 -29.23 -44.70 -45.33
C SER L 80 -28.23 -44.25 -46.38
N ARG L 81 -28.73 -44.00 -47.58
CA ARG L 81 -27.91 -43.52 -48.69
C ARG L 81 -27.50 -42.06 -48.47
N PHE L 82 -28.17 -41.36 -47.54
CA PHE L 82 -27.78 -40.00 -47.23
C PHE L 82 -26.83 -40.05 -46.06
N SER L 83 -25.70 -39.38 -46.17
CA SER L 83 -24.77 -39.36 -45.08
C SER L 83 -23.91 -38.12 -45.14
N GLY L 84 -23.22 -37.79 -44.07
CA GLY L 84 -22.36 -36.63 -44.14
C GLY L 84 -21.48 -36.51 -42.91
N SER L 85 -20.68 -35.46 -42.92
CA SER L 85 -19.72 -35.19 -41.86
C SER L 85 -19.25 -33.76 -41.92
N GLY L 86 -18.49 -33.35 -40.91
CA GLY L 86 -17.90 -32.03 -40.93
C GLY L 86 -17.66 -31.50 -39.55
N SER L 87 -16.85 -30.46 -39.49
CA SER L 87 -16.54 -29.79 -38.23
C SER L 87 -15.92 -28.43 -38.42
N GLY L 88 -16.06 -27.57 -37.41
CA GLY L 88 -15.38 -26.29 -37.49
C GLY L 88 -16.06 -25.48 -38.55
N THR L 89 -15.37 -25.31 -39.66
CA THR L 89 -15.93 -24.56 -40.76
C THR L 89 -16.17 -25.35 -42.03
N GLN L 90 -15.83 -26.64 -42.07
CA GLN L 90 -15.98 -27.41 -43.31
C GLN L 90 -17.03 -28.51 -43.21
N PHE L 91 -18.12 -28.41 -44.00
CA PHE L 91 -19.19 -29.40 -43.89
C PHE L 91 -19.66 -29.98 -45.22
N THR L 92 -19.86 -31.30 -45.29
CA THR L 92 -20.33 -31.92 -46.54
C THR L 92 -21.49 -32.90 -46.39
N LEU L 93 -22.17 -33.08 -47.52
CA LEU L 93 -23.27 -34.05 -47.67
C LEU L 93 -23.04 -34.93 -48.88
N THR L 94 -23.10 -36.23 -48.66
CA THR L 94 -22.94 -37.21 -49.72
C THR L 94 -24.25 -37.92 -49.96
N ILE L 95 -24.69 -37.95 -51.21
CA ILE L 95 -25.90 -38.64 -51.49
C ILE L 95 -25.60 -39.77 -52.47
N SER L 96 -25.60 -41.00 -51.99
CA SER L 96 -25.25 -42.14 -52.81
C SER L 96 -26.48 -42.83 -53.35
N ASP L 97 -26.28 -43.75 -54.30
CA ASP L 97 -27.38 -44.56 -54.84
C ASP L 97 -28.53 -43.67 -55.25
N LEU L 98 -28.23 -42.62 -55.97
CA LEU L 98 -29.27 -41.68 -56.32
C LEU L 98 -30.42 -42.33 -57.06
N GLU L 99 -31.60 -42.07 -56.58
CA GLU L 99 -32.81 -42.61 -57.16
C GLU L 99 -33.28 -41.74 -58.31
N CYS L 100 -33.94 -42.35 -59.27
CA CYS L 100 -34.44 -41.61 -60.40
C CYS L 100 -35.43 -40.58 -59.94
N ALA L 101 -35.27 -39.37 -60.47
CA ALA L 101 -36.12 -38.24 -60.18
C ALA L 101 -36.06 -37.78 -58.72
N ASP L 102 -35.01 -38.14 -57.97
CA ASP L 102 -34.83 -37.60 -56.63
C ASP L 102 -34.13 -36.27 -56.75
N ALA L 103 -34.85 -35.32 -57.33
CA ALA L 103 -34.33 -34.00 -57.57
C ALA L 103 -34.71 -33.11 -56.44
N ALA L 104 -33.78 -32.28 -56.02
CA ALA L 104 -34.08 -31.38 -54.92
C ALA L 104 -33.04 -30.30 -54.76
N THR L 105 -33.44 -29.27 -54.05
CA THR L 105 -32.50 -28.26 -53.67
C THR L 105 -32.07 -28.56 -52.26
N TYR L 106 -30.78 -28.61 -52.02
CA TYR L 106 -30.34 -28.91 -50.69
C TYR L 106 -29.81 -27.65 -50.04
N TYR L 107 -29.98 -27.60 -48.73
CA TYR L 107 -29.56 -26.44 -47.93
C TYR L 107 -28.81 -26.79 -46.67
N CYS L 108 -27.99 -25.83 -46.18
CA CYS L 108 -27.28 -25.88 -44.90
C CYS L 108 -27.82 -24.82 -43.97
N GLN L 109 -27.88 -25.19 -42.71
CA GLN L 109 -28.27 -24.25 -41.69
C GLN L 109 -27.32 -24.30 -40.52
N ALA L 110 -26.91 -23.13 -40.06
CA ALA L 110 -26.10 -23.09 -38.87
C ALA L 110 -27.08 -23.19 -37.76
N THR L 111 -26.85 -24.09 -36.83
CA THR L 111 -27.79 -24.24 -35.74
C THR L 111 -27.22 -23.64 -34.49
N TYR L 112 -26.06 -23.04 -34.63
CA TYR L 112 -25.43 -22.41 -33.50
C TYR L 112 -25.00 -21.03 -33.84
N ASP L 113 -25.36 -20.09 -33.00
CA ASP L 113 -25.00 -18.71 -33.19
C ASP L 113 -23.82 -18.41 -32.26
N PRO L 114 -22.59 -18.29 -32.76
CA PRO L 114 -21.39 -18.12 -31.99
C PRO L 114 -21.27 -16.75 -31.37
N TYR L 115 -22.16 -15.83 -31.74
CA TYR L 115 -22.10 -14.48 -31.25
C TYR L 115 -23.02 -14.29 -30.06
N THR L 116 -24.22 -14.85 -30.15
CA THR L 116 -25.18 -14.69 -29.06
C THR L 116 -25.13 -15.86 -28.10
N GLY L 117 -24.59 -16.99 -28.56
CA GLY L 117 -24.50 -18.19 -27.75
C GLY L 117 -25.73 -19.04 -27.83
N GLY L 118 -26.73 -18.61 -28.56
CA GLY L 118 -27.94 -19.40 -28.62
C GLY L 118 -27.70 -20.59 -29.49
N SER L 119 -28.55 -21.59 -29.38
CA SER L 119 -28.36 -22.76 -30.21
C SER L 119 -29.66 -23.10 -30.90
N TYR L 120 -29.90 -22.44 -32.01
CA TYR L 120 -31.14 -22.47 -32.76
C TYR L 120 -30.82 -22.16 -34.21
N GLY L 121 -31.72 -22.42 -35.14
CA GLY L 121 -31.40 -22.07 -36.52
C GLY L 121 -31.08 -20.58 -36.57
N ALA L 122 -29.89 -20.23 -37.05
CA ALA L 122 -29.43 -18.86 -37.08
C ALA L 122 -28.61 -18.55 -38.30
N GLY L 123 -29.26 -18.47 -39.43
CA GLY L 123 -28.58 -18.29 -40.69
C GLY L 123 -28.80 -19.53 -41.51
N PHE L 124 -29.15 -19.31 -42.76
CA PHE L 124 -29.51 -20.40 -43.62
C PHE L 124 -29.06 -20.01 -45.02
N GLY L 125 -28.69 -20.97 -45.84
CA GLY L 125 -28.38 -20.66 -47.22
C GLY L 125 -28.16 -21.91 -48.01
N GLY L 126 -27.98 -21.79 -49.32
CA GLY L 126 -27.83 -23.01 -50.10
C GLY L 126 -28.13 -22.82 -51.56
N GLY L 127 -28.59 -23.90 -52.19
CA GLY L 127 -28.84 -23.99 -53.61
C GLY L 127 -27.89 -24.99 -54.24
N THR L 128 -28.44 -26.13 -54.67
CA THR L 128 -27.66 -27.20 -55.29
C THR L 128 -28.18 -27.72 -56.60
N ALA L 129 -29.45 -27.50 -56.93
CA ALA L 129 -30.01 -28.06 -58.15
C ALA L 129 -29.56 -29.51 -58.40
N VAL L 130 -29.84 -30.44 -57.49
CA VAL L 130 -29.37 -31.78 -57.80
C VAL L 130 -30.40 -32.39 -58.72
N VAL L 131 -29.96 -32.80 -59.90
CA VAL L 131 -30.88 -33.40 -60.87
C VAL L 131 -30.38 -34.79 -61.26
N VAL L 132 -31.31 -35.79 -61.38
CA VAL L 132 -30.97 -37.18 -61.67
C VAL L 132 -32.00 -37.73 -62.69
C1 NAG M . 2.89 37.39 18.08
C2 NAG M . 3.78 36.07 18.06
C3 NAG M . 5.29 36.48 18.18
C4 NAG M . 5.68 37.43 16.99
C5 NAG M . 4.74 38.70 17.04
C6 NAG M . 4.96 39.69 15.89
C7 NAG M . 2.74 34.02 18.98
C8 NAG M . 2.30 33.20 20.15
N2 NAG M . 3.36 35.20 19.18
O3 NAG M . 6.09 35.28 18.14
O4 NAG M . 7.07 37.83 17.18
O5 NAG M . 3.32 38.25 16.97
O6 NAG M . 4.75 39.12 14.61
O7 NAG M . 2.50 33.60 17.83
C1 NAG M . 7.96 37.69 15.97
C2 NAG M . 9.26 38.57 16.22
C3 NAG M . 10.18 38.44 14.96
C4 NAG M . 10.53 36.93 14.70
C5 NAG M . 9.19 36.13 14.50
C6 NAG M . 9.44 34.62 14.33
C7 NAG M . 8.76 40.57 17.62
C8 NAG M . 8.34 42.02 17.72
N2 NAG M . 8.86 39.99 16.42
O3 NAG M . 11.40 39.18 15.18
O4 NAG M . 11.35 36.83 13.52
O5 NAG M . 8.33 36.30 15.70
O6 NAG M . 8.25 33.95 13.93
O7 NAG M . 9.00 39.95 18.67
C1 NAG N . 0.02 30.44 21.31
C2 NAG N . -0.57 29.21 22.14
C3 NAG N . 0.08 29.20 23.56
C4 NAG N . 1.64 29.09 23.44
C5 NAG N . 2.15 30.32 22.61
C6 NAG N . 3.66 30.31 22.36
C7 NAG N . -2.96 28.47 22.13
C8 NAG N . -4.41 28.76 22.34
N2 NAG N . -2.04 29.43 22.31
O3 NAG N . -0.41 28.04 24.24
O4 NAG N . 2.22 29.18 24.79
O5 NAG N . 1.48 30.32 21.27
O6 NAG N . 4.13 29.11 21.76
O7 NAG N . -2.63 27.32 21.78
C1 NAG N . 2.96 27.95 25.30
C2 NAG N . 4.08 28.39 26.33
C3 NAG N . 4.83 27.09 26.79
C4 NAG N . 3.82 26.08 27.44
C5 NAG N . 2.70 25.76 26.40
C6 NAG N . 1.58 24.88 26.96
C7 NAG N . 5.34 30.54 26.09
C8 NAG N . 6.33 31.40 25.36
N2 NAG N . 5.05 29.31 25.65
O3 NAG N . 5.85 27.47 27.74
O4 NAG N . 4.56 24.84 27.71
O5 NAG N . 2.06 27.00 25.92
O6 NAG N . 0.85 25.51 28.01
O7 NAG N . 4.81 31.01 27.12
C1 BMA N . 4.65 24.39 29.15
C2 BMA N . 4.89 22.82 29.15
C3 BMA N . 4.99 22.34 30.64
C4 BMA N . 6.14 23.11 31.38
C5 BMA N . 5.85 24.66 31.31
C6 BMA N . 6.98 25.50 31.91
O2 BMA N . 6.07 22.48 28.42
O3 BMA N . 5.23 20.92 30.68
O4 BMA N . 6.21 22.69 32.74
O5 BMA N . 5.72 25.07 29.88
O6 BMA N . 6.59 26.87 32.07
C1 NAG O . 0.88 40.12 29.15
C2 NAG O . 0.58 41.61 29.58
C3 NAG O . 1.75 42.51 29.08
C4 NAG O . 3.14 42.00 29.65
C5 NAG O . 3.33 40.51 29.18
C6 NAG O . 4.60 39.82 29.69
C7 NAG O . -1.82 42.31 29.60
C8 NAG O . -3.05 42.71 28.85
N2 NAG O . -0.69 42.02 28.94
O3 NAG O . 1.52 43.86 29.52
O4 NAG O . 4.17 42.86 29.09
O5 NAG O . 2.19 39.70 29.67
O6 NAG O . 4.65 38.43 29.32
O7 NAG O . -1.85 42.25 30.84
C1 NAG O . 5.31 43.25 30.02
C2 NAG O . 6.56 43.64 29.13
C3 NAG O . 7.74 44.02 30.09
C4 NAG O . 7.30 45.21 31.03
C5 NAG O . 6.03 44.76 31.84
C6 NAG O . 5.47 45.88 32.73
C7 NAG O . 6.72 42.38 26.97
C8 NAG O . 7.15 41.15 26.22
N2 NAG O . 6.96 42.46 28.29
O3 NAG O . 8.88 44.43 29.31
O4 NAG O . 8.36 45.53 31.92
O5 NAG O . 4.95 44.36 30.90
O6 NAG O . 4.45 45.43 33.59
O7 NAG O . 6.16 43.30 26.35
C1 NAG P . 6.23 39.00 -19.54
C2 NAG P . 7.61 38.31 -19.97
C3 NAG P . 8.61 39.44 -20.39
C4 NAG P . 8.04 40.27 -21.58
C5 NAG P . 6.62 40.83 -21.19
C6 NAG P . 5.97 41.51 -22.41
C7 NAG P . 8.89 36.42 -19.03
C8 NAG P . 9.49 35.70 -17.86
N2 NAG P . 8.19 37.55 -18.84
O3 NAG P . 9.86 38.86 -20.78
O4 NAG P . 8.89 41.44 -21.72
O5 NAG P . 5.72 39.74 -20.73
O6 NAG P . 4.59 41.82 -22.24
O7 NAG P . 9.07 35.95 -20.16
C1 NAG P . 9.73 41.52 -22.97
C2 NAG P . 10.59 42.85 -22.91
C3 NAG P . 11.44 42.93 -24.24
C4 NAG P . 12.35 41.65 -24.36
C5 NAG P . 11.44 40.37 -24.37
C6 NAG P . 12.24 39.06 -24.37
C7 NAG P . 9.89 45.04 -21.90
C8 NAG P . 8.94 46.20 -21.81
N2 NAG P . 9.68 44.03 -22.78
O3 NAG P . 12.27 44.11 -24.22
O4 NAG P . 13.10 41.72 -25.57
O5 NAG P . 10.60 40.36 -23.13
O6 NAG P . 11.42 37.94 -24.69
O7 NAG P . 10.88 45.03 -21.14
C1 NAG Q . -25.06 40.93 26.18
C2 NAG Q . -25.42 39.60 26.99
C3 NAG Q . -26.85 39.76 27.62
C4 NAG Q . -26.88 41.01 28.58
C5 NAG Q . -26.50 42.27 27.72
C6 NAG Q . -26.42 43.59 28.53
C7 NAG Q . -24.48 37.46 26.12
C8 NAG Q . -24.58 36.28 25.19
N2 NAG Q . -25.43 38.42 26.09
O3 NAG Q . -27.19 38.54 28.30
O4 NAG Q . -28.21 41.18 29.15
O5 NAG Q . -25.16 42.09 27.10
O6 NAG Q . -25.55 43.49 29.65
O7 NAG Q . -23.53 37.54 26.91
C1 NAG Q . -28.31 41.19 30.67
C2 NAG Q . -28.62 39.73 31.20
C3 NAG Q . -28.76 39.79 32.77
C4 NAG Q . -27.45 40.38 33.40
C5 NAG Q . -27.20 41.82 32.82
C6 NAG Q . -25.88 42.44 33.32
C7 NAG Q . -30.10 37.98 30.20
C8 NAG Q . -31.41 37.60 29.57
N2 NAG Q . -29.88 39.26 30.57
O3 NAG Q . -28.95 38.45 33.26
O4 NAG Q . -27.55 40.43 34.83
O5 NAG Q . -27.11 41.74 31.34
O6 NAG Q . -25.74 43.80 32.93
O7 NAG Q . -29.24 37.10 30.38
C1 NAG R . 21.84 -30.20 18.55
C2 NAG R . 20.61 -30.15 17.56
C3 NAG R . 20.64 -31.40 16.62
C4 NAG R . 22.00 -31.42 15.82
C5 NAG R . 23.19 -31.44 16.86
C6 NAG R . 24.58 -31.39 16.21
C7 NAG R . 18.57 -29.01 18.40
C8 NAG R . 17.34 -29.02 19.25
N2 NAG R . 19.36 -30.11 18.36
O3 NAG R . 19.53 -31.34 15.72
O4 NAG R . 22.02 -32.64 15.02
O5 NAG R . 23.08 -30.25 17.74
O6 NAG R . 24.79 -30.23 15.42
O7 NAG R . 18.83 -28.00 17.74
C1 NAG R . 22.39 -32.46 13.57
C2 NAG R . 22.80 -33.88 12.98
C3 NAG R . 23.19 -33.69 11.48
C4 NAG R . 22.00 -33.06 10.69
C5 NAG R . 21.62 -31.68 11.34
C6 NAG R . 20.41 -31.01 10.69
C7 NAG R . 23.85 -35.32 14.74
C8 NAG R . 25.08 -35.79 15.46
N2 NAG R . 23.97 -34.41 13.76
O3 NAG R . 23.52 -34.98 10.91
O4 NAG R . 22.38 -32.86 9.31
O5 NAG R . 21.30 -31.88 12.78
O6 NAG R . 20.23 -29.68 11.14
O7 NAG R . 22.75 -35.80 15.07
C1 NAG S . 14.76 -26.88 20.98
C2 NAG S . 13.40 -26.38 21.63
C3 NAG S . 12.55 -27.63 22.04
C4 NAG S . 12.28 -28.56 20.80
C5 NAG S . 13.67 -28.98 20.20
C6 NAG S . 13.55 -29.83 18.93
C7 NAG S . 13.15 -24.46 23.20
C8 NAG S . 13.51 -23.76 24.47
N2 NAG S . 13.72 -25.62 22.87
O3 NAG S . 11.30 -27.15 22.55
O4 NAG S . 11.57 -29.76 21.25
O5 NAG S . 14.46 -27.77 19.85
O6 NAG S . 12.77 -29.21 17.91
O7 NAG S . 12.31 -23.93 22.45
C1 NAG S . 10.17 -29.96 20.72
C2 NAG S . 9.83 -31.51 20.65
C3 NAG S . 8.39 -31.65 20.07
C4 NAG S . 7.35 -30.89 20.97
C5 NAG S . 7.79 -29.38 21.06
C6 NAG S . 6.93 -28.55 22.02
C7 NAG S . 11.57 -33.23 20.11
C8 NAG S . 12.52 -33.85 19.13
N2 NAG S . 10.80 -32.18 19.74
O3 NAG S . 8.05 -33.05 20.02
O4 NAG S . 6.06 -30.93 20.30
O5 NAG S . 9.19 -29.28 21.54
O6 NAG S . 7.04 -28.99 23.37
O7 NAG S . 11.52 -33.69 21.27
C1 BMA S . 4.91 -31.62 21.03
C2 BMA S . 3.56 -31.04 20.46
C3 BMA S . 2.37 -31.74 21.21
C4 BMA S . 2.46 -33.30 21.02
C5 BMA S . 3.85 -33.80 21.57
C6 BMA S . 4.08 -35.29 21.33
O2 BMA S . 3.45 -31.23 19.04
O3 BMA S . 1.11 -31.25 20.70
O4 BMA S . 1.40 -33.94 21.72
O5 BMA S . 4.95 -33.08 20.87
O6 BMA S . 5.21 -35.78 22.05
C1 NAG T . 18.78 -36.61 27.69
C2 NAG T . 19.86 -37.38 28.55
C3 NAG T . 20.70 -38.28 27.60
C4 NAG T . 19.77 -39.28 26.81
C5 NAG T . 18.71 -38.43 26.01
C6 NAG T . 17.68 -39.23 25.23
C7 NAG T . 20.81 -36.14 30.50
C8 NAG T . 21.73 -35.07 31.03
N2 NAG T . 20.74 -36.36 29.18
O3 NAG T . 21.65 -39.03 28.38
O4 NAG T . 20.62 -40.05 25.91
O5 NAG T . 17.95 -37.57 26.95
O6 NAG T . 16.69 -38.40 24.61
O7 NAG T . 20.14 -36.79 31.30
C1 NAG T . 20.30 -41.53 25.76
C2 NAG T . 20.88 -42.02 24.37
C3 NAG T . 20.53 -43.54 24.21
C4 NAG T . 21.12 -44.35 25.42
C5 NAG T . 20.52 -43.79 26.76
C6 NAG T . 21.11 -44.46 28.01
C7 NAG T . 20.90 -40.27 22.58
C8 NAG T . 20.18 -39.54 21.49
N2 NAG T . 20.27 -41.24 23.26
O3 NAG T . 21.09 -44.04 22.98
O4 NAG T . 20.76 -45.73 25.28
O5 NAG T . 20.83 -42.33 26.86
O6 NAG T . 20.43 -44.06 29.19
O7 NAG T . 22.08 -39.97 22.84
C1 NAG U . 41.97 -11.27 -7.25
C2 NAG U . 41.39 -11.61 -8.70
C3 NAG U . 42.41 -12.57 -9.42
C4 NAG U . 43.81 -11.88 -9.55
C5 NAG U . 44.31 -11.45 -8.13
C6 NAG U . 45.61 -10.63 -8.25
C7 NAG U . 39.11 -12.11 -9.53
C8 NAG U . 37.82 -12.84 -9.41
N2 NAG U . 40.09 -12.29 -8.60
O3 NAG U . 41.92 -12.89 -10.74
O4 NAG U . 44.73 -12.92 -9.98
O5 NAG U . 43.28 -10.60 -7.44
O6 NAG U . 46.00 -9.97 -7.05
O7 NAG U . 39.27 -11.34 -10.49
C1 NAG U . 45.31 -12.79 -11.37
C2 NAG U . 46.28 -14.02 -11.63
C3 NAG U . 46.89 -13.86 -13.08
C4 NAG U . 45.73 -13.78 -14.14
C5 NAG U . 44.79 -12.55 -13.79
C6 NAG U . 43.56 -12.47 -14.71
C7 NAG U . 47.72 -15.20 -9.94
C8 NAG U . 48.79 -15.17 -8.89
N2 NAG U . 47.35 -14.06 -10.59
O3 NAG U . 47.75 -14.97 -13.38
O4 NAG U . 46.29 -13.59 -15.44
O5 NAG U . 44.28 -12.72 -12.40
O6 NAG U . 42.91 -11.21 -14.58
O7 NAG U . 47.16 -16.28 -10.19
C1 NAG V . 25.04 -18.14 45.08
C2 NAG V . 23.55 -17.75 45.53
C3 NAG V . 23.59 -17.25 47.02
C4 NAG V . 24.15 -18.39 47.95
C5 NAG V . 25.61 -18.74 47.45
C6 NAG V . 26.29 -19.88 48.22
C7 NAG V . 22.05 -16.85 43.76
C8 NAG V . 21.54 -15.69 42.95
N2 NAG V . 23.02 -16.65 44.67
O3 NAG V . 22.27 -16.84 47.39
O4 NAG V . 24.22 -17.92 49.33
O5 NAG V . 25.55 -19.16 46.02
O6 NAG V . 25.50 -21.07 48.26
O7 NAG V . 21.57 -17.97 43.58
C1 NAG V . 23.46 -18.75 50.38
C2 NAG V . 22.00 -18.15 50.56
C3 NAG V . 21.27 -19.00 51.68
C4 NAG V . 21.25 -20.52 51.26
C5 NAG V . 22.72 -21.02 51.07
C6 NAG V . 22.78 -22.48 50.56
C7 NAG V . 21.27 -15.76 50.60
C8 NAG V . 21.47 -14.34 51.07
N2 NAG V . 22.12 -16.72 50.98
O3 NAG V . 19.92 -18.53 51.79
O4 NAG V . 20.57 -21.30 52.25
O5 NAG V . 23.40 -20.18 50.05
O6 NAG V . 24.11 -22.98 50.55
O7 NAG V . 20.31 -16.02 49.86
C1 NAG W . -38.42 -10.86 -11.82
C2 NAG W . -37.66 -9.48 -11.53
C3 NAG W . -38.25 -8.37 -12.46
C4 NAG W . -38.07 -8.79 -13.96
C5 NAG W . -38.80 -10.17 -14.19
C6 NAG W . -38.65 -10.73 -15.60
C7 NAG W . -36.83 -9.17 -9.22
C8 NAG W . -37.07 -8.85 -7.78
N2 NAG W . -37.85 -9.15 -10.09
O3 NAG W . -37.56 -7.14 -12.20
O4 NAG W . -38.69 -7.76 -14.79
O5 NAG W . -38.23 -11.18 -13.25
O6 NAG W . -37.29 -10.96 -15.97
O7 NAG W . -35.68 -9.44 -9.58
C1 NAG W . -37.86 -7.23 -15.93
C2 NAG W . -38.82 -6.50 -16.95
C3 NAG W . -37.95 -5.97 -18.14
C4 NAG W . -36.82 -5.02 -17.61
C5 NAG W . -35.93 -5.81 -16.58
C6 NAG W . -34.85 -4.95 -15.94
C7 NAG W . -41.09 -7.52 -16.98
C8 NAG W . -42.05 -8.54 -17.54
N2 NAG W . -39.84 -7.46 -17.45
O3 NAG W . -38.79 -5.25 -19.06
O4 NAG W . -36.01 -4.57 -18.71
O5 NAG W . -36.79 -6.34 -15.49
O6 NAG W . -33.92 -5.72 -15.18
O7 NAG W . -41.49 -6.77 -16.07
C1 NAG X . -35.76 -9.17 -4.27
C2 NAG X . -35.46 -8.89 -2.73
C3 NAG X . -36.59 -7.97 -2.16
C4 NAG X . -36.69 -6.63 -2.97
C5 NAG X . -36.95 -7.00 -4.47
C6 NAG X . -37.00 -5.78 -5.40
C7 NAG X . -34.59 -10.54 -1.08
C8 NAG X . -34.71 -11.86 -0.37
N2 NAG X . -35.50 -10.18 -2.00
O3 NAG X . -36.26 -7.67 -0.80
O4 NAG X . -37.82 -5.85 -2.46
O5 NAG X . -35.88 -7.89 -4.97
O6 NAG X . -35.84 -4.96 -5.31
O7 NAG X . -33.64 -9.81 -0.80
C1 NAG X . -37.51 -4.52 -1.82
C2 NAG X . -38.73 -3.53 -2.00
C3 NAG X . -38.32 -2.17 -1.33
C4 NAG X . -37.98 -2.36 0.19
C5 NAG X . -36.82 -3.42 0.29
C6 NAG X . -36.48 -3.81 1.73
C7 NAG X . -40.17 -3.55 -4.04
C8 NAG X . -40.34 -3.31 -5.51
N2 NAG X . -38.98 -3.32 -3.46
O3 NAG X . -39.42 -1.25 -1.47
O4 NAG X . -37.46 -1.10 0.71
O5 NAG X . -37.19 -4.68 -0.40
O6 NAG X . -37.55 -4.46 2.40
O7 NAG X . -41.14 -3.96 -3.38
C1 BMA X . -38.24 -0.44 1.83
C2 BMA X . -37.25 0.50 2.61
C3 BMA X . -38.04 1.19 3.79
C4 BMA X . -39.27 1.97 3.21
C5 BMA X . -40.20 0.97 2.41
C6 BMA X . -41.37 1.67 1.72
O2 BMA X . -36.66 1.48 1.75
O3 BMA X . -37.17 2.06 4.51
O4 BMA X . -40.00 2.57 4.28
O5 BMA X . -39.40 0.31 1.34
O6 BMA X . -42.33 0.74 1.23
C1 NAG Y . -48.03 -11.10 -5.39
C2 NAG Y . -49.29 -11.96 -5.83
C3 NAG Y . -49.70 -11.52 -7.27
C4 NAG Y . -49.99 -9.97 -7.33
C5 NAG Y . -48.69 -9.22 -6.85
C6 NAG Y . -48.82 -7.69 -6.79
C7 NAG Y . -49.40 -14.30 -4.99
C8 NAG Y . -48.91 -15.73 -5.08
N2 NAG Y . -48.90 -13.39 -5.83
O3 NAG Y . -50.88 -12.25 -7.66
O4 NAG Y . -50.31 -9.65 -8.71
O5 NAG Y . -48.33 -9.67 -5.49
O6 NAG Y . -47.64 -7.08 -6.24
O7 NAG Y . -50.26 -14.01 -4.16
C1 NAG Y . -51.43 -8.64 -8.94
C2 NAG Y . -51.23 -7.99 -10.37
C3 NAG Y . -52.38 -6.94 -10.59
C4 NAG Y . -53.77 -7.64 -10.46
C5 NAG Y . -53.89 -8.29 -9.04
C6 NAG Y . -55.19 -9.09 -8.85
C7 NAG Y . -48.84 -7.79 -11.08
C8 NAG Y . -47.54 -7.03 -11.06
N2 NAG Y . -49.90 -7.31 -10.42
O3 NAG Y . -52.25 -6.36 -11.90
O4 NAG Y . -54.81 -6.67 -10.63
O5 NAG Y . -52.76 -9.25 -8.84
O6 NAG Y . -55.36 -9.52 -7.51
O7 NAG Y . -48.90 -8.86 -11.71
C1 NAG Z . -12.34 -18.12 -38.22
C2 NAG Z . -11.79 -16.73 -38.79
C3 NAG Z . -12.39 -16.53 -40.23
C4 NAG Z . -11.96 -17.70 -41.17
C5 NAG Z . -12.40 -19.07 -40.53
C6 NAG Z . -11.86 -20.25 -41.36
C7 NAG Z . -11.44 -14.51 -37.76
C8 NAG Z . -11.92 -13.37 -36.91
N2 NAG Z . -12.21 -15.60 -37.94
O3 NAG Z . -11.90 -15.28 -40.78
O4 NAG Z . -12.77 -17.57 -42.38
O5 NAG Z . -11.88 -19.20 -39.14
O6 NAG Z . -11.97 -21.51 -40.72
O7 NAG Z . -10.33 -14.42 -38.30
C1 NAG Z . -12.03 -17.21 -43.65
C2 NAG Z . -13.09 -17.11 -44.83
C3 NAG Z . -12.30 -16.76 -46.15
C4 NAG Z . -11.51 -15.40 -45.95
C5 NAG Z . -10.52 -15.57 -44.74
C6 NAG Z . -9.78 -14.27 -44.39
C7 NAG Z . -15.18 -18.47 -45.11
C8 NAG Z . -15.86 -19.82 -45.24
N2 NAG Z . -13.83 -18.40 -44.96
O3 NAG Z . -13.22 -16.60 -47.24
O4 NAG Z . -10.78 -15.10 -47.14
O5 NAG Z . -11.29 -15.97 -43.53
O6 NAG Z . -8.68 -14.51 -43.52
O7 NAG Z . -15.88 -17.45 -45.13
C1 NAG AA . -42.35 -34.13 5.56
C2 NAG AA . -42.01 -33.60 7.03
C3 NAG AA . -42.35 -34.73 8.07
C4 NAG AA . -43.88 -35.10 7.97
C5 NAG AA . -44.14 -35.60 6.49
C6 NAG AA . -45.61 -35.95 6.20
C7 NAG AA . -40.10 -32.01 7.25
C8 NAG AA . -38.63 -31.75 7.39
N2 NAG AA . -40.56 -33.26 7.16
O3 NAG AA . -42.00 -34.27 9.38
O4 NAG AA . -44.20 -36.17 8.91
O5 NAG AA . -43.76 -34.54 5.52
O6 NAG AA . -46.51 -34.89 6.51
O7 NAG AA . -40.88 -31.05 7.21
C1 NAG AA . -45.32 -35.88 9.91
C2 NAG AA . -44.69 -35.31 11.25
C3 NAG AA . -45.86 -35.08 12.28
C4 NAG AA . -46.91 -34.10 11.67
C5 NAG AA . -47.48 -34.71 10.33
C6 NAG AA . -48.46 -33.77 9.61
C7 NAG AA . -42.57 -35.98 12.41
C8 NAG AA . -41.64 -37.06 12.90
N2 NAG AA . -43.71 -36.32 11.78
O3 NAG AA . -45.31 -34.48 13.46
O4 NAG AA . -47.98 -33.85 12.59
O5 NAG AA . -46.35 -34.96 9.40
O6 NAG AA . -49.09 -34.40 8.50
O7 NAG AA . -42.26 -34.79 12.58
C1 NAG BA . -5.43 41.19 34.89
C2 NAG BA . -4.26 40.29 35.47
C3 NAG BA . -4.39 40.25 37.03
C4 NAG BA . -4.34 41.70 37.61
C5 NAG BA . -5.49 42.54 36.98
C6 NAG BA . -5.49 44.00 37.42
C7 NAG BA . -3.60 38.45 33.91
C8 NAG BA . -3.80 37.08 33.35
N2 NAG BA . -4.40 38.93 34.89
O3 NAG BA . -3.29 39.48 37.56
O4 NAG BA . -4.48 41.65 39.04
O5 NAG BA . -5.36 42.53 35.49
O6 NAG BA . -6.63 44.71 36.94
O7 NAG BA . -2.67 39.13 33.47
C1 NAG CA . -13.01 39.82 -4.48
C2 NAG CA . -14.55 40.19 -4.22
C3 NAG CA . -15.34 39.95 -5.56
C4 NAG CA . -14.73 40.84 -6.69
C5 NAG CA . -13.21 40.49 -6.88
C6 NAG CA . -12.52 41.39 -7.91
C7 NAG CA . -16.00 39.73 -2.24
C8 NAG CA . -16.51 38.77 -1.20
N2 NAG CA . -15.10 39.32 -3.15
O3 NAG CA . -16.73 40.29 -5.39
O4 NAG CA . -15.43 40.60 -7.92
O5 NAG CA . -12.50 40.67 -5.57
O6 NAG CA . -11.14 41.06 -8.08
O7 NAG CA . -16.43 40.89 -2.25
C1 NAG DA . -20.86 37.64 30.21
C2 NAG DA . -22.08 36.62 30.35
C3 NAG DA . -23.38 37.45 30.59
C4 NAG DA . -23.22 38.36 31.85
C5 NAG DA . -22.01 39.34 31.60
C6 NAG DA . -21.72 40.30 32.75
C7 NAG DA . -21.84 34.63 28.85
C8 NAG DA . -21.98 34.03 27.48
N2 NAG DA . -22.19 35.91 29.04
O3 NAG DA . -24.46 36.53 30.82
O4 NAG DA . -24.40 39.13 32.08
O5 NAG DA . -20.80 38.52 31.38
O6 NAG DA . -21.10 41.49 32.28
O7 NAG DA . -21.38 33.95 29.79
C1 NAG EA . -14.15 17.31 50.56
C2 NAG EA . -13.33 18.41 51.35
C3 NAG EA . -12.19 17.70 52.15
C4 NAG EA . -12.81 16.64 53.13
C5 NAG EA . -13.63 15.60 52.29
C6 NAG EA . -14.33 14.55 53.15
C7 NAG EA . -13.22 20.61 50.16
C8 NAG EA . -12.58 21.50 49.13
N2 NAG EA . -12.75 19.36 50.35
O3 NAG EA . -11.49 18.70 52.92
O4 NAG EA . -11.77 15.99 53.86
O5 NAG EA . -14.67 16.31 51.51
O6 NAG EA . -14.93 13.52 52.37
O7 NAG EA . -14.19 21.04 50.80
C1 NAG FA . -22.21 3.70 49.45
C2 NAG FA . -22.99 5.10 49.48
C3 NAG FA . -23.80 5.18 50.83
C4 NAG FA . -24.78 3.97 50.96
C5 NAG FA . -23.93 2.65 50.91
C6 NAG FA . -24.79 1.38 50.96
C7 NAG FA . -21.76 7.03 48.47
C8 NAG FA . -20.73 8.13 48.64
N2 NAG FA . -22.00 6.21 49.50
O3 NAG FA . -24.56 6.41 50.83
O4 NAG FA . -25.48 4.08 52.20
O5 NAG FA . -23.17 2.60 49.64
O6 NAG FA . -25.36 1.16 52.25
O7 NAG FA . -22.35 6.93 47.40
C1 NAG GA . -21.03 48.59 27.49
C2 NAG GA . -20.64 47.80 28.81
C3 NAG GA . -21.54 48.30 29.99
C4 NAG GA . -21.35 49.85 30.18
C5 NAG GA . -21.73 50.57 28.84
C6 NAG GA . -21.50 52.08 28.88
C7 NAG GA . -19.91 45.41 28.79
C8 NAG GA . -20.21 43.96 28.51
N2 NAG GA . -20.84 46.35 28.57
O3 NAG GA . -21.15 47.63 31.21
O4 NAG GA . -22.21 50.31 31.23
O5 NAG GA . -20.87 50.04 27.73
O6 NAG GA . -21.97 52.74 27.71
O7 NAG GA . -18.79 45.71 29.26
C1 NAG HA . -29.46 14.16 29.44
C2 NAG HA . -30.33 14.13 28.11
C3 NAG HA . -30.56 15.61 27.62
C4 NAG HA . -31.27 16.45 28.74
C5 NAG HA . -30.38 16.41 30.03
C6 NAG HA . -31.01 17.12 31.24
C7 NAG HA . -30.17 12.47 26.26
C8 NAG HA . -29.32 11.75 25.24
N2 NAG HA . -29.58 13.37 27.07
O3 NAG HA . -31.39 15.61 26.44
O4 NAG HA . -31.45 17.79 28.30
O5 NAG HA . -30.15 15.00 30.45
O6 NAG HA . -31.03 18.53 31.09
O7 NAG HA . -31.37 12.23 26.32
C1 NAG IA . -12.28 53.69 21.80
C2 NAG IA . -11.67 54.88 22.67
C3 NAG IA . -12.84 55.80 23.14
C4 NAG IA . -13.63 56.34 21.89
C5 NAG IA . -14.18 55.14 21.06
C6 NAG IA . -14.92 55.56 19.78
C7 NAG IA . -9.61 54.08 23.84
C8 NAG IA . -8.94 53.43 25.03
N2 NAG IA . -10.95 54.28 23.83
O3 NAG IA . -12.29 56.91 23.88
O4 NAG IA . -14.72 57.16 22.33
O5 NAG IA . -13.03 54.26 20.65
O6 NAG IA . -15.50 54.45 19.10
O7 NAG IA . -8.90 54.40 22.88
C1 NAG JA . -24.90 25.81 46.59
C2 NAG JA . -25.44 26.48 47.92
C3 NAG JA . -27.00 26.66 47.78
C4 NAG JA . -27.31 27.56 46.53
C5 NAG JA . -26.70 26.88 45.25
C6 NAG JA . -26.87 27.73 43.99
C7 NAG JA . -24.26 25.97 50.05
C8 NAG JA . -23.93 25.00 51.16
N2 NAG JA . -25.09 25.60 49.07
O3 NAG JA . -27.51 27.30 48.97
O4 NAG JA . -28.73 27.69 46.38
O5 NAG JA . -25.23 26.66 45.44
O6 NAG JA . -26.26 29.02 44.09
O7 NAG JA . -23.74 27.10 50.08
C1 NAG KA . 17.73 -36.29 36.22
C2 NAG KA . 16.50 -36.98 35.50
C3 NAG KA . 15.67 -37.78 36.56
C4 NAG KA . 16.59 -38.85 37.26
C5 NAG KA . 17.81 -38.11 37.92
C6 NAG KA . 18.82 -39.07 38.56
C7 NAG KA . 15.64 -35.64 33.58
C8 NAG KA . 14.80 -34.52 33.03
N2 NAG KA . 15.66 -35.89 34.90
O3 NAG KA . 14.58 -38.45 35.91
O4 NAG KA . 15.84 -39.55 38.25
O5 NAG KA . 18.55 -37.33 36.88
O6 NAG KA . 19.83 -38.36 39.27
O7 NAG KA . 16.29 -36.32 32.78
C1 NAG LA . 37.95 -7.74 16.60
C2 NAG LA . 38.36 -7.05 17.98
C3 NAG LA . 38.97 -5.63 17.66
C4 NAG LA . 40.21 -5.80 16.72
C5 NAG LA . 39.77 -6.53 15.40
C6 NAG LA . 40.95 -6.81 14.47
C7 NAG LA . 37.18 -7.02 20.19
C8 NAG LA . 35.92 -6.84 20.98
N2 NAG LA . 37.16 -6.89 18.85
O3 NAG LA . 39.38 -4.97 18.87
O4 NAG LA . 40.75 -4.51 16.40
O5 NAG LA . 39.14 -7.84 15.75
O6 NAG LA . 40.54 -7.45 13.26
O7 NAG LA . 38.24 -7.28 20.78
C1 NAG MA . 19.53 -21.70 43.72
C2 NAG MA . 18.80 -20.49 44.46
C3 NAG MA . 19.57 -20.16 45.77
C4 NAG MA . 19.68 -21.44 46.67
C5 NAG MA . 20.43 -22.56 45.87
C6 NAG MA . 20.62 -23.88 46.62
C7 NAG MA . 17.84 -18.83 42.84
C8 NAG MA . 18.06 -17.65 41.93
N2 NAG MA . 18.88 -19.32 43.54
O3 NAG MA . 18.85 -19.15 46.48
O4 NAG MA . 20.39 -21.16 47.88
O5 NAG MA . 19.67 -22.84 44.64
O6 NAG MA . 21.76 -24.59 46.16
O7 NAG MA . 16.72 -19.35 42.93
C1 NAG NA . -9.10 -28.30 46.61
C2 NAG NA . -8.71 -29.83 46.77
C3 NAG NA . -9.89 -30.72 46.26
C4 NAG NA . -11.20 -30.37 47.07
C5 NAG NA . -11.52 -28.84 46.89
C6 NAG NA . -12.74 -28.39 47.68
C7 NAG NA . -6.26 -30.25 46.48
C8 NAG NA . -5.08 -30.51 45.59
N2 NAG NA . -7.48 -30.09 45.95
O3 NAG NA . -9.57 -32.10 46.48
O4 NAG NA . -12.29 -31.17 46.61
O5 NAG NA . -10.36 -28.04 47.34
O6 NAG NA . -13.11 -27.05 47.38
O7 NAG NA . -6.08 -30.20 47.71
C1 NAG OA . -18.76 -15.88 48.46
C2 NAG OA . -17.49 -16.04 49.39
C3 NAG OA . -17.98 -16.34 50.86
C4 NAG OA . -18.92 -15.19 51.36
C5 NAG OA . -20.13 -15.09 50.39
C6 NAG OA . -21.10 -13.95 50.73
C7 NAG OA . -15.53 -17.19 48.33
C8 NAG OA . -14.85 -18.48 47.95
N2 NAG OA . -16.70 -17.23 48.96
O3 NAG OA . -16.83 -16.41 51.73
O4 NAG OA . -19.35 -15.50 52.69
O5 NAG OA . -19.64 -14.83 49.02
O6 NAG OA . -21.86 -14.22 51.91
O7 NAG OA . -14.98 -16.12 48.06
C1 NAG PA . 30.20 -25.21 44.85
C2 NAG PA . 28.80 -25.87 45.19
C3 NAG PA . 28.76 -26.20 46.73
C4 NAG PA . 29.94 -27.16 47.10
C5 NAG PA . 31.30 -26.48 46.70
C6 NAG PA . 32.52 -27.38 46.93
C7 NAG PA . 26.67 -25.20 44.05
C8 NAG PA . 25.65 -24.15 43.74
N2 NAG PA . 27.73 -24.90 44.83
O3 NAG PA . 27.50 -26.84 47.04
O4 NAG PA . 29.92 -27.44 48.50
O5 NAG PA . 31.28 -26.14 45.25
O6 NAG PA . 33.74 -26.69 46.70
O7 NAG PA . 26.52 -26.35 43.60
C1 NAG QA . 1.46 -4.42 43.74
C2 NAG QA . 2.25 -3.06 43.54
C3 NAG QA . 3.78 -3.32 43.75
C4 NAG QA . 4.01 -3.90 45.19
C5 NAG QA . 3.19 -5.23 45.35
C6 NAG QA . 3.27 -5.85 46.75
C7 NAG QA . 1.77 -1.30 41.84
C8 NAG QA . 1.55 -0.91 40.40
N2 NAG QA . 2.01 -2.58 42.14
O3 NAG QA . 4.51 -2.09 43.63
O4 NAG QA . 5.42 -4.16 45.39
O5 NAG QA . 1.75 -4.95 45.09
O6 NAG QA . 4.54 -6.43 47.02
O7 NAG QA . 1.71 -0.42 42.70
C1 NAG RA . 36.07 -30.10 36.09
C2 NAG RA . 36.52 -31.57 36.48
C3 NAG RA . 37.24 -31.51 37.86
C4 NAG RA . 38.46 -30.53 37.79
C5 NAG RA . 37.96 -29.09 37.37
C6 NAG RA . 39.08 -28.07 37.21
C7 NAG RA . 34.92 -33.23 35.51
C8 NAG RA . 33.67 -34.06 35.61
N2 NAG RA . 35.31 -32.43 36.53
O3 NAG RA . 37.71 -32.83 38.20
O4 NAG RA . 39.10 -30.45 39.08
O5 NAG RA . 37.25 -29.21 36.05
O6 NAG RA . 38.59 -26.77 36.93
O7 NAG RA . 35.58 -33.30 34.46
C1 NAG SA . 1.78 -22.95 54.10
C2 NAG SA . 1.75 -23.68 55.51
C3 NAG SA . 2.22 -22.66 56.61
C4 NAG SA . 3.66 -22.16 56.27
C5 NAG SA . 3.65 -21.49 54.84
C6 NAG SA . 5.05 -21.04 54.39
C7 NAG SA . 0.04 -25.46 55.86
C8 NAG SA . -1.39 -25.86 56.08
N2 NAG SA . 0.36 -24.15 55.75
O3 NAG SA . 2.22 -23.32 57.89
O4 NAG SA . 4.07 -21.19 57.25
O5 NAG SA . 3.14 -22.46 53.83
O6 NAG SA . 5.98 -22.12 54.32
O7 NAG SA . 0.90 -26.35 55.77
C1 NAG TA . -51.97 -15.52 0.84
C2 NAG TA . -51.99 -13.97 1.13
C3 NAG TA . -53.09 -13.66 2.21
C4 NAG TA . -54.49 -14.17 1.70
C5 NAG TA . -54.39 -15.71 1.41
C6 NAG TA . -55.68 -16.28 0.84
C7 NAG TA . -49.74 -12.92 0.88
C8 NAG TA . -48.39 -12.58 1.42
N2 NAG TA . -50.64 -13.58 1.63
O3 NAG TA . -53.15 -12.24 2.43
O4 NAG TA . -55.48 -13.92 2.71
O5 NAG TA . -53.32 -15.95 0.41
O6 NAG TA . -55.62 -17.71 0.71
O7 NAG TA . -50.01 -12.56 -0.27
C1 NAG UA . -20.97 -31.02 -19.33
C2 NAG UA . -21.15 -32.43 -18.59
C3 NAG UA . -19.88 -33.32 -18.89
C4 NAG UA . -19.74 -33.51 -20.44
C5 NAG UA . -19.61 -32.11 -21.12
C6 NAG UA . -19.55 -32.21 -22.65
C7 NAG UA . -22.08 -32.94 -16.32
C8 NAG UA . -22.14 -32.66 -14.85
N2 NAG UA . -21.28 -32.22 -17.12
O3 NAG UA . -20.01 -34.61 -18.26
O4 NAG UA . -18.56 -34.29 -20.71
O5 NAG UA . -20.79 -31.27 -20.76
O6 NAG UA . -19.42 -30.93 -23.27
O7 NAG UA . -22.77 -33.86 -16.79
C1 NAG VA . -43.78 -28.02 7.87
C2 NAG VA . -43.03 -28.54 9.17
C3 NAG VA . -43.55 -29.97 9.52
C4 NAG VA . -45.10 -29.95 9.69
C5 NAG VA . -45.76 -29.45 8.35
C6 NAG VA . -47.28 -29.38 8.36
C7 NAG VA . -40.65 -27.76 9.26
C8 NAG VA . -39.22 -27.92 8.82
N2 NAG VA . -41.58 -28.61 8.82
O3 NAG VA . -42.94 -30.38 10.74
O4 NAG VA . -45.59 -31.25 9.99
O5 NAG VA . -45.24 -28.09 8.07
O6 NAG VA . -47.82 -29.53 7.05
O7 NAG VA . -40.96 -26.81 10.02
C1 NAG WA . -46.37 -7.65 29.10
C2 NAG WA . -47.81 -7.28 28.54
C3 NAG WA . -48.11 -5.79 28.87
C4 NAG WA . -48.03 -5.57 30.42
C5 NAG WA . -46.61 -5.96 30.92
C6 NAG WA . -46.44 -5.84 32.43
C7 NAG WA . -48.39 -8.53 26.45
C8 NAG WA . -48.34 -8.68 24.95
N2 NAG WA . -47.79 -7.49 27.05
O3 NAG WA . -49.45 -5.48 28.42
O4 NAG WA . -48.30 -4.19 30.74
O5 NAG WA . -46.33 -7.39 30.55
O6 NAG WA . -45.08 -6.06 32.85
O7 NAG WA . -49.01 -9.39 27.10
C1 NAG XA . -35.33 -8.26 40.45
C2 NAG XA . -36.14 -9.58 40.06
C3 NAG XA . -37.07 -9.97 41.27
C4 NAG XA . -36.22 -10.18 42.56
C5 NAG XA . -35.43 -8.86 42.87
C6 NAG XA . -34.50 -8.96 44.08
C7 NAG XA . -36.87 -9.71 37.66
C8 NAG XA . -37.88 -9.31 36.61
N2 NAG XA . -37.04 -9.27 38.91
O3 NAG XA . -37.76 -11.19 40.95
O4 NAG XA . -37.09 -10.52 43.65
O5 NAG XA . -34.59 -8.51 41.70
O6 NAG XA . -35.21 -9.02 45.32
O7 NAG XA . -35.91 -10.42 37.35
C1 NAG YA . -48.99 -34.05 -0.13
C2 NAG YA . -49.51 -33.00 0.96
C3 NAG YA . -50.56 -33.71 1.87
C4 NAG YA . -51.75 -34.24 1.00
C5 NAG YA . -51.18 -35.24 -0.08
C6 NAG YA . -52.25 -35.74 -1.05
C7 NAG YA . -48.02 -31.25 1.96
C8 NAG YA . -46.82 -30.90 2.77
N2 NAG YA . -48.33 -32.55 1.75
O3 NAG YA . -51.07 -32.77 2.83
O4 NAG YA . -52.69 -34.92 1.83
O5 NAG YA . -50.14 -34.54 -0.90
O6 NAG YA . -51.75 -36.75 -1.93
O7 NAG YA . -48.74 -30.34 1.51
C1 NAG ZA . -26.39 -24.31 25.45
C2 NAG ZA . -25.25 -25.37 25.08
C3 NAG ZA . -25.83 -26.38 24.02
C4 NAG ZA . -27.10 -27.09 24.61
C5 NAG ZA . -28.17 -26.01 24.99
C6 NAG ZA . -29.42 -26.58 25.66
C7 NAG ZA . -22.83 -24.89 24.79
C8 NAG ZA . -21.73 -24.09 24.13
N2 NAG ZA . -24.10 -24.62 24.49
O3 NAG ZA . -24.83 -27.37 23.71
O4 NAG ZA . -27.63 -27.99 23.64
O5 NAG ZA . -27.57 -25.03 25.95
O6 NAG ZA . -30.25 -27.30 24.75
O7 NAG ZA . -22.52 -25.78 25.59
C1 NAG AB . -49.53 -30.50 -11.18
C2 NAG AB . -51.05 -30.32 -11.63
C3 NAG AB . -51.83 -31.63 -11.28
C4 NAG AB . -51.15 -32.87 -11.98
C5 NAG AB . -49.65 -32.96 -11.52
C6 NAG AB . -48.88 -34.10 -12.19
C7 NAG AB . -51.71 -27.91 -11.48
C8 NAG AB . -52.26 -26.75 -10.70
N2 NAG AB . -51.62 -29.14 -10.92
O3 NAG AB . -53.19 -31.51 -11.74
O4 NAG AB . -51.84 -34.07 -11.61
O5 NAG AB . -48.96 -31.67 -11.85
O6 NAG AB . -47.55 -34.23 -11.68
O7 NAG AB . -51.33 -27.70 -12.65
C1 NAG BB . -47.39 -21.74 27.16
C2 NAG BB . -48.73 -22.20 27.89
C3 NAG BB . -48.51 -23.63 28.49
C4 NAG BB . -48.13 -24.62 27.34
C5 NAG BB . -46.84 -24.11 26.61
C6 NAG BB . -46.44 -24.98 25.41
C7 NAG BB . -50.14 -20.43 28.92
C8 NAG BB . -50.37 -19.42 30.02
N2 NAG BB . -49.04 -21.20 28.95
O3 NAG BB . -49.72 -24.07 29.14
O4 NAG BB . -47.88 -25.92 27.90
O5 NAG BB . -47.06 -22.72 26.10
O6 NAG BB . -47.46 -25.04 24.41
O7 NAG BB . -50.99 -20.53 28.02
#